data_4MHI
#
_entry.id   4MHI
#
_cell.length_a   72.482
_cell.length_b   225.728
_cell.length_c   211.633
_cell.angle_alpha   90.00
_cell.angle_beta   98.97
_cell.angle_gamma   90.00
#
_symmetry.space_group_name_H-M   'P 1 21 1'
#
loop_
_entity.id
_entity.type
_entity.pdbx_description
1 polymer 'Hemagglutinin HA1 chain'
2 polymer 'Hemagglutinin HA2 chain'
3 branched 2-acetamido-2-deoxy-beta-D-glucopyranose-(1-4)-2-acetamido-2-deoxy-beta-D-glucopyranose
4 branched alpha-D-mannopyranose-(1-4)-2-acetamido-2-deoxy-beta-D-glucopyranose-(1-4)-2-acetamido-2-deoxy-beta-D-glucopyranose
5 non-polymer 2-acetamido-2-deoxy-beta-D-glucopyranose
6 water water
#
loop_
_entity_poly.entity_id
_entity_poly.type
_entity_poly.pdbx_seq_one_letter_code
_entity_poly.pdbx_strand_id
1 'polypeptide(L)'
;ADPGDQICIGYHANNSTEQVDTIMEKNVTVTHAQDILEKTHNGKLCDLNGVKPLILRDCSVAGWLLGNPMCDEFINVPEW
SYIVEKASPANDLCYPGDFNDYEELKHLLSRTNHFEKIQIIPKSSWSNHDASSGVSSACPYHGRSSFFRNVVWLIKKNSA
YPTIKRSYNNTNQEDLLVLWGIHHPNDAAEQTKLYQNPTTYISVGTSTLNQRLVPEIATRPKVNGQSGRMEFFWTILKPN
DAINFESNGNFIAPEYAYKIVKKGDSAIMKSELEYGNCNTKCQTPMGAINSSMPFHNIHPLTIGECPKYVKSNRLVLATG
LRNTPQRERRRKKR
;
A,C,E,G,I,K,M,O,Q
2 'polypeptide(L)'
;GLFGAIAGFIEGGWQGMVDGWYGYHHSNEQGSGYAADKESTQKAIDGVTNKVNSIIDKMNTQFEAVGREFNNLERRIENL
NKQMEDGFLDVWTYNAELLVLMENERTLDFHDSNVKNLYDKVRLQLRDNAKELGNGCFEFYHKCDNECMESVKNGTYDYP
QYSEEARLNREEISGSGRLVPR
;
B,D,F,H,J,L,N,P,R
#
loop_
_chem_comp.id
_chem_comp.type
_chem_comp.name
_chem_comp.formula
MAN D-saccharide, alpha linking alpha-D-mannopyranose 'C6 H12 O6'
NAG D-saccharide, beta linking 2-acetamido-2-deoxy-beta-D-glucopyranose 'C8 H15 N O6'
#
# COMPACT_ATOMS: atom_id res chain seq x y z
N PRO A 3 -91.21 -34.47 -55.90
CA PRO A 3 -90.97 -35.78 -56.45
C PRO A 3 -90.08 -36.63 -55.53
N GLY A 4 -89.25 -35.97 -54.72
CA GLY A 4 -88.26 -36.71 -53.93
C GLY A 4 -88.38 -36.49 -52.40
N ASP A 5 -87.87 -37.48 -51.64
CA ASP A 5 -87.87 -37.40 -50.19
C ASP A 5 -87.03 -36.23 -49.72
N GLN A 6 -87.51 -35.53 -48.70
CA GLN A 6 -86.75 -34.41 -48.20
C GLN A 6 -86.77 -34.23 -46.69
N ILE A 7 -85.73 -33.59 -46.17
CA ILE A 7 -85.69 -33.26 -44.76
C ILE A 7 -85.44 -31.78 -44.57
N CYS A 8 -86.14 -31.18 -43.61
CA CYS A 8 -86.03 -29.74 -43.38
C CYS A 8 -85.56 -29.40 -41.99
N ILE A 9 -84.72 -28.38 -41.89
CA ILE A 9 -84.29 -27.87 -40.60
C ILE A 9 -85.09 -26.62 -40.34
N GLY A 10 -85.63 -26.50 -39.13
CA GLY A 10 -86.43 -25.35 -38.80
C GLY A 10 -86.52 -25.12 -37.31
N TYR A 11 -87.26 -24.09 -36.93
CA TYR A 11 -87.29 -23.71 -35.52
C TYR A 11 -88.69 -23.37 -35.02
N HIS A 12 -88.86 -23.40 -33.70
CA HIS A 12 -90.17 -23.24 -33.05
C HIS A 12 -90.83 -21.87 -33.27
N ALA A 13 -92.16 -21.91 -33.26
CA ALA A 13 -92.93 -20.68 -33.31
C ALA A 13 -94.26 -20.91 -32.60
N ASN A 14 -94.83 -19.85 -32.05
CA ASN A 14 -96.11 -19.96 -31.34
C ASN A 14 -96.92 -18.67 -31.36
N ASN A 15 -98.02 -18.67 -30.62
CA ASN A 15 -98.96 -17.55 -30.58
C ASN A 15 -98.62 -16.48 -29.52
N SER A 16 -97.36 -16.46 -29.11
CA SER A 16 -96.86 -15.51 -28.12
C SER A 16 -96.81 -14.06 -28.61
N THR A 17 -97.09 -13.14 -27.71
CA THR A 17 -97.10 -11.74 -28.08
C THR A 17 -96.07 -11.03 -27.21
N GLU A 18 -95.44 -11.79 -26.33
CA GLU A 18 -94.42 -11.28 -25.45
C GLU A 18 -93.31 -10.65 -26.27
N GLN A 19 -92.94 -9.42 -25.90
CA GLN A 19 -91.91 -8.62 -26.57
C GLN A 19 -90.72 -8.39 -25.64
N VAL A 20 -89.57 -8.09 -26.22
CA VAL A 20 -88.34 -8.03 -25.48
C VAL A 20 -87.48 -6.94 -26.13
N ASP A 21 -86.55 -6.33 -25.41
CA ASP A 21 -85.71 -5.28 -26.02
C ASP A 21 -84.23 -5.63 -26.14
N THR A 22 -83.56 -5.04 -27.13
CA THR A 22 -82.12 -5.25 -27.30
C THR A 22 -81.46 -3.95 -27.69
N ILE A 23 -80.15 -3.99 -27.88
CA ILE A 23 -79.42 -2.79 -28.24
C ILE A 23 -79.83 -2.23 -29.60
N MET A 24 -79.94 -3.12 -30.58
CA MET A 24 -80.22 -2.68 -31.94
C MET A 24 -81.72 -2.63 -32.23
N GLU A 25 -82.53 -3.36 -31.46
CA GLU A 25 -83.95 -3.43 -31.79
C GLU A 25 -84.86 -3.40 -30.55
N LYS A 26 -86.01 -2.72 -30.69
CA LYS A 26 -86.99 -2.65 -29.60
C LYS A 26 -88.30 -3.34 -29.98
N ASN A 27 -89.01 -3.85 -28.98
CA ASN A 27 -90.28 -4.56 -29.17
C ASN A 27 -90.14 -5.75 -30.12
N VAL A 28 -89.31 -6.71 -29.71
CA VAL A 28 -89.07 -7.90 -30.49
C VAL A 28 -89.96 -9.01 -29.95
N THR A 29 -90.95 -9.40 -30.74
CA THR A 29 -91.81 -10.49 -30.32
C THR A 29 -90.98 -11.74 -30.34
N VAL A 30 -91.20 -12.53 -29.32
CA VAL A 30 -90.29 -13.60 -28.98
C VAL A 30 -91.16 -14.78 -28.55
N THR A 31 -90.67 -16.00 -28.59
CA THR A 31 -91.54 -17.13 -28.27
C THR A 31 -91.71 -17.35 -26.77
N HIS A 32 -90.66 -17.04 -26.01
CA HIS A 32 -90.68 -17.23 -24.57
C HIS A 32 -89.83 -16.16 -23.89
N ALA A 33 -90.37 -15.55 -22.85
CA ALA A 33 -89.61 -14.53 -22.12
C ALA A 33 -89.83 -14.64 -20.62
N GLN A 34 -88.89 -14.15 -19.82
CA GLN A 34 -89.05 -14.16 -18.37
C GLN A 34 -89.03 -12.76 -17.78
N ASP A 35 -90.13 -12.38 -17.12
CA ASP A 35 -90.18 -11.10 -16.44
C ASP A 35 -89.38 -11.23 -15.14
N ILE A 36 -88.50 -10.27 -14.87
CA ILE A 36 -87.68 -10.35 -13.68
C ILE A 36 -87.81 -9.13 -12.77
N LEU A 37 -88.88 -8.36 -12.99
CA LEU A 37 -89.17 -7.15 -12.23
C LEU A 37 -90.53 -7.23 -11.58
N GLU A 38 -90.53 -7.22 -10.25
CA GLU A 38 -91.76 -7.23 -9.46
C GLU A 38 -92.29 -5.83 -9.34
N LYS A 39 -93.58 -5.65 -9.63
CA LYS A 39 -94.19 -4.32 -9.64
C LYS A 39 -95.44 -4.16 -8.76
N THR A 40 -95.70 -5.11 -7.87
CA THR A 40 -96.92 -5.03 -7.06
C THR A 40 -96.62 -5.31 -5.60
N HIS A 41 -97.38 -4.61 -4.75
CA HIS A 41 -97.31 -4.75 -3.31
C HIS A 41 -98.73 -4.71 -2.77
N ASN A 42 -98.92 -5.15 -1.54
CA ASN A 42 -100.27 -5.20 -0.96
C ASN A 42 -100.78 -3.89 -0.30
N GLY A 43 -100.02 -2.80 -0.41
CA GLY A 43 -100.44 -1.48 0.03
C GLY A 43 -100.67 -1.37 1.54
N LYS A 44 -100.05 -2.29 2.25
CA LYS A 44 -100.24 -2.41 3.69
C LYS A 44 -98.93 -2.59 4.46
N LEU A 45 -98.93 -2.16 5.71
CA LEU A 45 -97.80 -2.41 6.59
C LEU A 45 -98.05 -3.73 7.28
N CYS A 46 -97.07 -4.62 7.29
CA CYS A 46 -97.36 -5.94 7.81
C CYS A 46 -96.30 -6.42 8.78
N ASP A 47 -96.68 -7.49 9.45
CA ASP A 47 -95.83 -8.18 10.39
C ASP A 47 -94.67 -8.81 9.57
N LEU A 48 -93.48 -8.90 10.17
CA LEU A 48 -92.31 -9.45 9.47
C LEU A 48 -91.84 -10.75 10.07
N ASN A 49 -92.17 -11.87 9.41
CA ASN A 49 -91.80 -13.21 9.89
C ASN A 49 -92.28 -13.47 11.30
N GLY A 50 -93.56 -13.21 11.55
CA GLY A 50 -94.16 -13.50 12.83
C GLY A 50 -93.75 -12.56 13.95
N VAL A 51 -93.09 -11.44 13.60
CA VAL A 51 -92.72 -10.42 14.59
C VAL A 51 -93.35 -9.08 14.24
N LYS A 52 -94.36 -8.66 14.99
CA LYS A 52 -95.13 -7.46 14.67
C LYS A 52 -94.28 -6.17 14.74
N PRO A 53 -94.52 -5.22 13.81
CA PRO A 53 -93.78 -3.97 13.93
C PRO A 53 -94.35 -3.08 15.04
N LEU A 54 -93.56 -2.11 15.51
CA LEU A 54 -94.03 -1.12 16.48
C LEU A 54 -94.58 0.05 15.70
N ILE A 55 -95.90 0.20 15.65
CA ILE A 55 -96.50 1.32 14.93
C ILE A 55 -96.79 2.50 15.86
N LEU A 56 -96.11 3.61 15.63
CA LEU A 56 -96.20 4.74 16.56
C LEU A 56 -97.48 5.58 16.42
N ARG A 57 -98.30 5.24 15.43
CA ARG A 57 -99.47 6.06 15.07
C ARG A 57 -99.11 7.54 15.01
N ASP A 58 -99.71 8.31 15.90
CA ASP A 58 -99.52 9.75 15.87
C ASP A 58 -98.42 10.17 16.84
N CYS A 59 -97.70 9.20 17.39
CA CYS A 59 -96.57 9.51 18.26
C CYS A 59 -95.21 9.49 17.55
N SER A 60 -94.31 10.32 18.05
CA SER A 60 -92.94 10.35 17.58
C SER A 60 -92.08 9.48 18.51
N VAL A 61 -90.87 9.17 18.09
CA VAL A 61 -89.96 8.40 18.94
C VAL A 61 -89.66 9.12 20.26
N ALA A 62 -89.46 10.44 20.18
CA ALA A 62 -89.26 11.24 21.38
C ALA A 62 -90.44 11.09 22.32
N GLY A 63 -91.65 11.30 21.75
CA GLY A 63 -92.88 11.23 22.50
C GLY A 63 -93.05 9.90 23.17
N TRP A 64 -92.67 8.86 22.45
CA TRP A 64 -92.72 7.52 22.97
C TRP A 64 -91.74 7.37 24.12
N LEU A 65 -90.46 7.64 23.87
CA LEU A 65 -89.44 7.35 24.87
C LEU A 65 -89.56 8.26 26.10
N LEU A 66 -89.82 9.54 25.92
CA LEU A 66 -89.96 10.47 27.05
C LEU A 66 -91.29 10.19 27.78
N GLY A 67 -92.27 9.65 27.05
CA GLY A 67 -93.54 9.30 27.65
C GLY A 67 -94.61 10.39 27.60
N ASN A 68 -94.78 10.97 26.43
CA ASN A 68 -95.87 11.91 26.22
C ASN A 68 -97.17 11.27 26.67
N PRO A 69 -97.92 11.97 27.54
CA PRO A 69 -99.17 11.41 28.07
C PRO A 69 -100.13 11.01 26.96
N MET A 70 -100.07 11.65 25.80
CA MET A 70 -100.93 11.24 24.68
C MET A 70 -100.42 9.97 23.98
N CYS A 71 -99.35 9.41 24.52
CA CYS A 71 -98.73 8.21 23.95
C CYS A 71 -98.82 7.00 24.89
N ASP A 72 -99.93 6.85 25.59
CA ASP A 72 -100.02 5.80 26.60
C ASP A 72 -100.05 4.40 26.02
N GLU A 73 -100.36 4.30 24.73
CA GLU A 73 -100.43 3.00 24.08
C GLU A 73 -99.11 2.23 24.22
N PHE A 74 -98.02 2.99 24.33
CA PHE A 74 -96.69 2.42 24.26
C PHE A 74 -95.97 2.39 25.61
N ILE A 75 -96.73 2.34 26.70
CA ILE A 75 -96.12 2.32 28.02
C ILE A 75 -95.25 1.07 28.21
N ASN A 76 -95.68 -0.05 27.65
CA ASN A 76 -94.89 -1.27 27.70
C ASN A 76 -95.08 -2.11 26.43
N VAL A 77 -94.29 -1.76 25.42
CA VAL A 77 -94.40 -2.35 24.09
C VAL A 77 -93.57 -3.63 23.97
N PRO A 78 -94.12 -4.60 23.23
CA PRO A 78 -93.38 -5.86 23.07
C PRO A 78 -92.29 -5.74 22.02
N GLU A 79 -91.52 -6.83 21.87
CA GLU A 79 -90.46 -6.88 20.89
C GLU A 79 -91.01 -6.48 19.52
N TRP A 80 -90.20 -5.78 18.73
CA TRP A 80 -90.66 -5.40 17.40
C TRP A 80 -89.69 -5.88 16.32
N SER A 81 -90.20 -5.95 15.10
CA SER A 81 -89.37 -6.31 13.96
C SER A 81 -88.78 -5.03 13.40
N TYR A 82 -89.64 -4.12 12.97
CA TYR A 82 -89.21 -2.81 12.51
C TYR A 82 -90.09 -1.76 13.18
N ILE A 83 -89.76 -0.48 13.00
CA ILE A 83 -90.55 0.58 13.63
C ILE A 83 -91.15 1.48 12.55
N VAL A 84 -92.41 1.84 12.73
CA VAL A 84 -93.08 2.73 11.80
C VAL A 84 -93.40 4.07 12.46
N GLU A 85 -92.95 5.16 11.84
CA GLU A 85 -93.20 6.52 12.33
C GLU A 85 -93.72 7.38 11.18
N LYS A 86 -94.74 8.19 11.44
CA LYS A 86 -95.27 9.09 10.43
C LYS A 86 -94.26 10.21 10.11
N ALA A 87 -94.52 10.94 9.03
CA ALA A 87 -93.58 11.97 8.62
C ALA A 87 -93.52 13.05 9.66
N SER A 88 -94.67 13.59 10.01
CA SER A 88 -94.74 14.69 10.94
C SER A 88 -95.77 14.40 12.02
N PRO A 89 -95.41 13.53 12.98
CA PRO A 89 -96.31 13.07 14.05
C PRO A 89 -96.78 14.24 14.90
N ALA A 90 -98.03 14.22 15.37
CA ALA A 90 -98.57 15.33 16.16
C ALA A 90 -98.01 15.33 17.57
N ASN A 91 -97.95 14.15 18.15
CA ASN A 91 -97.53 13.97 19.53
C ASN A 91 -96.02 13.80 19.61
N ASP A 92 -95.31 14.91 19.65
CA ASP A 92 -93.87 14.89 19.83
C ASP A 92 -93.53 15.35 21.25
N LEU A 93 -92.81 16.47 21.37
CA LEU A 93 -92.52 17.05 22.68
C LEU A 93 -93.70 17.96 23.07
N CYS A 94 -94.60 17.47 23.92
CA CYS A 94 -95.80 18.24 24.30
C CYS A 94 -95.43 19.61 24.92
N TYR A 95 -94.45 19.60 25.83
CA TYR A 95 -93.79 20.83 26.29
C TYR A 95 -92.64 21.09 25.34
N PRO A 96 -92.59 22.29 24.73
CA PRO A 96 -91.61 22.59 23.70
C PRO A 96 -90.16 22.60 24.18
N GLY A 97 -89.28 22.19 23.27
CA GLY A 97 -87.84 22.13 23.53
C GLY A 97 -87.11 21.25 22.52
N ASP A 98 -85.97 20.70 22.94
CA ASP A 98 -85.11 19.98 22.02
C ASP A 98 -84.70 18.63 22.57
N PHE A 99 -84.35 17.72 21.67
CA PHE A 99 -83.86 16.43 22.07
C PHE A 99 -82.47 16.31 21.46
N ASN A 100 -81.43 16.46 22.27
CA ASN A 100 -80.06 16.48 21.74
C ASN A 100 -79.63 15.18 21.12
N ASP A 101 -78.93 15.26 19.99
CA ASP A 101 -78.45 14.08 19.30
C ASP A 101 -79.61 13.11 19.08
N TYR A 102 -80.76 13.68 18.72
CA TYR A 102 -81.96 12.90 18.53
C TYR A 102 -81.76 11.90 17.39
N GLU A 103 -81.19 12.38 16.29
CA GLU A 103 -81.02 11.54 15.12
C GLU A 103 -80.12 10.39 15.48
N GLU A 104 -79.05 10.65 16.23
CA GLU A 104 -78.17 9.59 16.66
C GLU A 104 -78.92 8.60 17.56
N LEU A 105 -79.96 9.06 18.24
CA LEU A 105 -80.77 8.18 19.09
C LEU A 105 -81.71 7.33 18.25
N LYS A 106 -82.30 7.93 17.23
CA LYS A 106 -83.13 7.14 16.31
C LYS A 106 -82.27 6.04 15.64
N HIS A 107 -81.03 6.38 15.35
CA HIS A 107 -80.14 5.43 14.72
C HIS A 107 -79.92 4.24 15.64
N LEU A 108 -79.69 4.52 16.91
CA LEU A 108 -79.48 3.47 17.90
C LEU A 108 -80.69 2.56 17.98
N LEU A 109 -81.86 3.16 17.83
CA LEU A 109 -83.12 2.43 17.89
C LEU A 109 -83.19 1.45 16.75
N SER A 110 -82.84 1.93 15.58
CA SER A 110 -82.91 1.15 14.36
C SER A 110 -81.98 -0.04 14.42
N ARG A 111 -81.08 -0.07 15.39
CA ARG A 111 -80.22 -1.23 15.59
C ARG A 111 -80.72 -2.04 16.79
N THR A 112 -82.01 -1.86 17.11
CA THR A 112 -82.61 -2.43 18.31
C THR A 112 -84.03 -3.00 18.12
N ASN A 113 -84.33 -4.12 18.79
CA ASN A 113 -85.64 -4.78 18.66
C ASN A 113 -86.49 -4.80 19.91
N HIS A 114 -85.85 -4.70 21.07
CA HIS A 114 -86.56 -4.82 22.34
C HIS A 114 -86.07 -3.95 23.48
N PHE A 115 -86.97 -3.09 23.95
CA PHE A 115 -86.79 -2.26 25.13
C PHE A 115 -87.65 -2.82 26.24
N GLU A 116 -87.04 -3.02 27.40
CA GLU A 116 -87.79 -3.34 28.59
C GLU A 116 -87.70 -2.12 29.52
N LYS A 117 -88.82 -1.45 29.77
CA LYS A 117 -88.80 -0.25 30.62
C LYS A 117 -88.57 -0.62 32.08
N ILE A 118 -87.68 0.10 32.77
CA ILE A 118 -87.47 -0.14 34.20
C ILE A 118 -87.37 1.15 35.05
N GLN A 119 -87.96 1.10 36.24
CA GLN A 119 -87.94 2.26 37.12
C GLN A 119 -86.56 2.37 37.73
N ILE A 120 -85.88 3.48 37.46
CA ILE A 120 -84.49 3.64 37.82
C ILE A 120 -84.38 4.56 39.03
N ILE A 121 -85.28 5.54 39.08
CA ILE A 121 -85.48 6.40 40.23
C ILE A 121 -86.96 6.60 40.49
N PRO A 122 -87.48 5.96 41.55
CA PRO A 122 -88.89 6.00 41.94
C PRO A 122 -89.38 7.43 42.18
N LYS A 123 -90.55 7.79 41.65
CA LYS A 123 -91.07 9.14 41.86
C LYS A 123 -91.30 9.36 43.37
N SER A 124 -91.59 8.28 44.09
CA SER A 124 -91.88 8.32 45.51
C SER A 124 -90.68 8.76 46.36
N SER A 125 -89.48 8.60 45.82
CA SER A 125 -88.28 8.87 46.60
C SER A 125 -87.95 10.35 46.67
N TRP A 126 -88.79 11.20 46.07
CA TRP A 126 -88.52 12.63 46.12
C TRP A 126 -89.23 13.24 47.33
N SER A 127 -88.62 13.05 48.49
CA SER A 127 -89.20 13.47 49.77
C SER A 127 -89.10 14.99 49.99
N ASN A 128 -88.00 15.60 49.59
CA ASN A 128 -87.79 17.03 49.86
C ASN A 128 -87.93 17.92 48.63
N HIS A 129 -88.55 17.40 47.58
CA HIS A 129 -88.88 18.21 46.43
C HIS A 129 -90.31 17.83 46.04
N ASP A 130 -90.96 18.66 45.25
CA ASP A 130 -92.31 18.39 44.76
C ASP A 130 -92.29 17.69 43.39
N ALA A 131 -92.69 16.41 43.38
CA ALA A 131 -92.71 15.63 42.14
C ALA A 131 -94.12 15.50 41.62
N SER A 132 -94.98 16.41 42.04
CA SER A 132 -96.41 16.31 41.76
C SER A 132 -96.91 17.54 41.04
N SER A 133 -96.23 18.66 41.26
CA SER A 133 -96.60 19.91 40.60
C SER A 133 -95.86 20.14 39.29
N GLY A 134 -94.91 19.25 38.98
CA GLY A 134 -94.19 19.31 37.72
C GLY A 134 -95.12 18.90 36.59
N VAL A 135 -96.00 19.80 36.21
CA VAL A 135 -97.13 19.46 35.35
C VAL A 135 -97.51 20.71 34.56
N SER A 136 -98.00 20.51 33.35
CA SER A 136 -98.28 21.65 32.47
C SER A 136 -99.52 21.39 31.62
N SER A 137 -100.18 22.46 31.17
CA SER A 137 -101.36 22.29 30.32
C SER A 137 -100.92 22.03 28.91
N ALA A 138 -99.63 22.18 28.66
CA ALA A 138 -99.08 21.88 27.34
C ALA A 138 -99.01 20.38 27.19
N CYS A 139 -98.96 19.68 28.32
CA CYS A 139 -98.89 18.23 28.30
C CYS A 139 -100.12 17.60 28.92
N PRO A 140 -101.27 17.77 28.26
CA PRO A 140 -102.53 17.27 28.84
C PRO A 140 -102.64 15.75 28.77
N TYR A 141 -103.14 15.20 29.85
CA TYR A 141 -103.45 13.79 29.92
C TYR A 141 -104.91 13.62 29.51
N HIS A 142 -105.77 13.26 30.46
CA HIS A 142 -107.20 13.15 30.16
C HIS A 142 -107.83 14.51 30.44
N GLY A 143 -107.46 15.50 29.63
CA GLY A 143 -107.95 16.86 29.78
C GLY A 143 -107.31 17.62 30.92
N ARG A 144 -106.62 16.92 31.82
CA ARG A 144 -106.01 17.53 32.99
C ARG A 144 -104.53 17.76 32.70
N SER A 145 -103.96 18.84 33.24
CA SER A 145 -102.55 19.13 33.01
C SER A 145 -101.68 18.01 33.56
N SER A 146 -100.68 17.62 32.79
CA SER A 146 -99.84 16.49 33.14
C SER A 146 -98.43 16.74 32.63
N PHE A 147 -97.68 15.67 32.36
CA PHE A 147 -96.28 15.77 31.95
C PHE A 147 -95.78 14.44 31.43
N PHE A 148 -94.59 14.46 30.80
CA PHE A 148 -93.94 13.23 30.33
C PHE A 148 -93.89 12.21 31.45
N ARG A 149 -94.16 10.96 31.14
CA ARG A 149 -94.35 9.96 32.16
C ARG A 149 -93.09 9.26 32.69
N ASN A 150 -91.99 9.32 31.95
CA ASN A 150 -90.82 8.52 32.32
C ASN A 150 -89.77 9.38 32.94
N VAL A 151 -90.14 10.63 33.08
CA VAL A 151 -89.21 11.63 33.47
C VAL A 151 -89.94 12.60 34.41
N VAL A 152 -89.26 13.11 35.43
CA VAL A 152 -89.95 13.84 36.51
C VAL A 152 -89.54 15.31 36.60
N TRP A 153 -90.53 16.20 36.50
CA TRP A 153 -90.26 17.64 36.61
C TRP A 153 -90.26 18.04 38.08
N LEU A 154 -89.11 17.92 38.73
CA LEU A 154 -88.99 18.27 40.14
C LEU A 154 -89.12 19.76 40.36
N ILE A 155 -89.97 20.12 41.33
CA ILE A 155 -90.22 21.52 41.71
C ILE A 155 -89.96 21.76 43.20
N LYS A 156 -89.60 23.00 43.56
CA LYS A 156 -89.28 23.34 44.95
C LYS A 156 -90.40 22.97 45.90
N LYS A 157 -90.03 22.67 47.14
CA LYS A 157 -90.99 22.29 48.17
C LYS A 157 -90.71 23.15 49.38
N ASN A 158 -91.74 23.76 49.98
CA ASN A 158 -91.57 24.65 51.12
C ASN A 158 -90.58 25.75 50.82
N SER A 159 -90.72 26.32 49.61
CA SER A 159 -89.86 27.40 49.15
C SER A 159 -88.38 27.04 49.24
N ALA A 160 -88.08 25.76 49.06
CA ALA A 160 -86.71 25.29 49.11
C ALA A 160 -86.50 24.21 48.07
N TYR A 161 -85.36 24.30 47.38
CA TYR A 161 -84.92 23.27 46.45
C TYR A 161 -83.54 22.82 46.87
N PRO A 162 -83.47 21.86 47.79
CA PRO A 162 -82.21 21.30 48.30
C PRO A 162 -81.43 20.68 47.15
N THR A 163 -80.11 20.66 47.27
CA THR A 163 -79.29 20.02 46.26
C THR A 163 -79.57 18.52 46.17
N ILE A 164 -79.82 18.06 44.96
CA ILE A 164 -80.08 16.66 44.64
C ILE A 164 -78.81 15.92 44.28
N LYS A 165 -78.62 14.76 44.90
CA LYS A 165 -77.52 13.88 44.56
C LYS A 165 -78.06 12.47 44.48
N ARG A 166 -78.47 12.05 43.29
CA ARG A 166 -78.94 10.69 43.09
C ARG A 166 -77.94 10.02 42.17
N SER A 167 -77.80 8.73 42.35
CA SER A 167 -76.82 7.94 41.65
C SER A 167 -77.47 6.61 41.31
N TYR A 168 -77.24 6.11 40.12
CA TYR A 168 -77.75 4.79 39.77
C TYR A 168 -76.69 3.90 39.11
N ASN A 169 -76.50 2.71 39.67
CA ASN A 169 -75.56 1.72 39.18
C ASN A 169 -76.30 0.68 38.37
N ASN A 170 -76.00 0.61 37.08
CA ASN A 170 -76.61 -0.41 36.23
C ASN A 170 -76.12 -1.79 36.62
N THR A 171 -77.00 -2.58 37.21
CA THR A 171 -76.65 -3.90 37.67
C THR A 171 -77.12 -4.94 36.67
N ASN A 172 -77.78 -4.49 35.62
CA ASN A 172 -78.25 -5.43 34.63
C ASN A 172 -77.11 -5.94 33.74
N GLN A 173 -77.44 -6.84 32.82
CA GLN A 173 -76.40 -7.39 31.98
C GLN A 173 -76.42 -6.69 30.64
N GLU A 174 -77.39 -5.78 30.47
CA GLU A 174 -77.60 -5.07 29.21
C GLU A 174 -77.14 -3.61 29.30
N ASP A 175 -76.94 -2.99 28.13
CA ASP A 175 -76.74 -1.56 28.06
C ASP A 175 -78.06 -0.99 28.55
N LEU A 176 -78.04 0.19 29.15
CA LEU A 176 -79.31 0.79 29.56
C LEU A 176 -79.43 2.22 29.05
N LEU A 177 -80.56 2.54 28.41
CA LEU A 177 -80.76 3.90 27.87
C LEU A 177 -81.41 4.82 28.90
N VAL A 178 -80.67 5.82 29.36
CA VAL A 178 -81.19 6.75 30.36
C VAL A 178 -81.43 8.15 29.78
N LEU A 179 -82.64 8.68 30.02
CA LEU A 179 -83.05 10.01 29.56
C LEU A 179 -83.24 10.98 30.71
N TRP A 180 -82.82 12.21 30.50
CA TRP A 180 -83.06 13.26 31.48
C TRP A 180 -83.20 14.62 30.81
N GLY A 181 -83.44 15.66 31.60
CA GLY A 181 -83.66 16.96 31.01
C GLY A 181 -83.36 18.15 31.89
N ILE A 182 -83.35 19.30 31.23
CA ILE A 182 -83.14 20.56 31.89
C ILE A 182 -84.24 21.51 31.47
N HIS A 183 -84.67 22.36 32.40
CA HIS A 183 -85.71 23.33 32.08
C HIS A 183 -85.10 24.71 31.90
N HIS A 184 -85.46 25.35 30.80
CA HIS A 184 -85.02 26.70 30.49
C HIS A 184 -86.22 27.66 30.65
N PRO A 185 -86.28 28.40 31.77
CA PRO A 185 -87.41 29.30 32.09
C PRO A 185 -87.43 30.60 31.27
N ASN A 186 -88.47 31.38 31.46
CA ASN A 186 -88.66 32.64 30.73
C ASN A 186 -87.92 33.82 31.31
N ASP A 187 -87.87 33.86 32.63
CA ASP A 187 -87.29 34.98 33.36
C ASP A 187 -86.79 34.55 34.72
N ALA A 188 -86.08 35.45 35.39
CA ALA A 188 -85.51 35.15 36.68
C ALA A 188 -86.63 34.89 37.68
N ALA A 189 -87.79 35.49 37.42
CA ALA A 189 -88.96 35.31 38.28
C ALA A 189 -89.42 33.84 38.24
N GLU A 190 -89.71 33.33 37.04
CA GLU A 190 -90.18 31.95 36.87
C GLU A 190 -89.18 31.03 37.49
N GLN A 191 -87.90 31.36 37.29
CA GLN A 191 -86.82 30.60 37.89
C GLN A 191 -87.07 30.46 39.37
N THR A 192 -87.28 31.60 40.03
CA THR A 192 -87.48 31.62 41.48
C THR A 192 -88.74 30.89 41.94
N LYS A 193 -89.82 31.05 41.18
CA LYS A 193 -91.11 30.45 41.52
C LYS A 193 -91.02 28.92 41.55
N LEU A 194 -90.28 28.34 40.62
CA LEU A 194 -90.21 26.88 40.48
C LEU A 194 -89.13 26.20 41.32
N TYR A 195 -87.92 26.74 41.24
CA TYR A 195 -86.80 26.23 42.01
C TYR A 195 -86.33 27.45 42.75
N GLN A 196 -86.15 27.37 44.05
CA GLN A 196 -85.97 28.60 44.83
C GLN A 196 -84.71 29.32 44.37
N ASN A 197 -83.66 28.53 44.20
CA ASN A 197 -82.32 29.03 43.93
C ASN A 197 -82.18 29.70 42.56
N PRO A 198 -81.51 30.86 42.53
CA PRO A 198 -81.44 31.73 41.34
C PRO A 198 -80.46 31.26 40.26
N THR A 199 -79.33 30.67 40.65
CA THR A 199 -78.36 30.16 39.68
C THR A 199 -78.17 28.68 39.92
N THR A 200 -78.41 27.90 38.87
CA THR A 200 -78.48 26.47 39.02
C THR A 200 -77.65 25.74 37.97
N TYR A 201 -77.51 24.45 38.20
CA TYR A 201 -76.71 23.60 37.36
C TYR A 201 -77.28 22.19 37.43
N ILE A 202 -76.89 21.37 36.45
CA ILE A 202 -77.16 19.95 36.48
C ILE A 202 -75.91 19.25 35.99
N SER A 203 -75.31 18.42 36.83
CA SER A 203 -74.11 17.73 36.42
C SER A 203 -74.42 16.25 36.38
N VAL A 204 -73.99 15.60 35.31
CA VAL A 204 -74.17 14.18 35.11
C VAL A 204 -72.81 13.57 34.90
N GLY A 205 -72.57 12.43 35.55
CA GLY A 205 -71.28 11.76 35.52
C GLY A 205 -71.40 10.27 35.22
N THR A 206 -70.47 9.78 34.40
CA THR A 206 -70.45 8.40 33.96
C THR A 206 -68.98 8.08 33.71
N SER A 207 -68.63 6.80 33.51
CA SER A 207 -67.27 6.44 33.12
C SER A 207 -66.83 7.25 31.93
N THR A 208 -67.77 7.48 31.03
CA THR A 208 -67.45 8.16 29.79
C THR A 208 -68.09 9.52 29.72
N LEU A 209 -69.23 9.68 30.38
CA LEU A 209 -69.96 10.95 30.25
C LEU A 209 -69.55 11.95 31.33
N ASN A 210 -69.40 13.20 30.94
CA ASN A 210 -69.17 14.28 31.88
C ASN A 210 -69.77 15.54 31.33
N GLN A 211 -70.86 16.00 31.95
CA GLN A 211 -71.45 17.28 31.56
C GLN A 211 -72.01 18.06 32.73
N ARG A 212 -72.01 19.38 32.55
CA ARG A 212 -72.63 20.28 33.51
C ARG A 212 -73.43 21.30 32.73
N LEU A 213 -74.73 21.20 32.84
CA LEU A 213 -75.64 22.06 32.12
C LEU A 213 -76.09 23.21 32.98
N VAL A 214 -76.15 24.39 32.40
CA VAL A 214 -76.68 25.54 33.10
C VAL A 214 -77.84 26.07 32.28
N PRO A 215 -78.98 26.25 32.94
CA PRO A 215 -80.18 26.71 32.24
C PRO A 215 -79.97 28.11 31.63
N GLU A 216 -80.39 28.23 30.39
CA GLU A 216 -80.28 29.46 29.64
C GLU A 216 -81.60 30.20 29.59
N ILE A 217 -81.78 31.11 30.54
CA ILE A 217 -83.02 31.90 30.62
C ILE A 217 -83.12 32.93 29.49
N ALA A 218 -84.27 32.95 28.82
CA ALA A 218 -84.53 33.88 27.73
C ALA A 218 -86.03 33.94 27.54
N THR A 219 -86.50 34.96 26.82
CA THR A 219 -87.90 35.03 26.50
C THR A 219 -88.08 34.55 25.07
N ARG A 220 -88.87 33.51 24.91
CA ARG A 220 -89.06 32.88 23.61
C ARG A 220 -90.53 32.91 23.26
N PRO A 221 -90.84 32.80 21.97
CA PRO A 221 -92.25 32.75 21.59
C PRO A 221 -92.97 31.57 22.26
N LYS A 222 -94.28 31.71 22.38
CA LYS A 222 -95.08 30.67 23.00
C LYS A 222 -95.29 29.59 21.95
N VAL A 223 -95.04 28.36 22.37
CA VAL A 223 -95.28 27.18 21.56
C VAL A 223 -96.13 26.28 22.45
N ASN A 224 -97.33 25.92 22.01
CA ASN A 224 -98.29 25.24 22.89
C ASN A 224 -98.50 25.99 24.19
N GLY A 225 -98.55 27.32 24.11
CA GLY A 225 -98.81 28.13 25.28
C GLY A 225 -97.57 28.43 26.11
N GLN A 226 -96.57 27.55 26.04
CA GLN A 226 -95.38 27.67 26.85
C GLN A 226 -94.31 28.46 26.12
N SER A 227 -93.60 29.29 26.87
CA SER A 227 -92.53 30.14 26.35
C SER A 227 -91.17 29.77 26.95
N GLY A 228 -91.20 28.81 27.87
CA GLY A 228 -90.00 28.22 28.40
C GLY A 228 -89.64 27.08 27.46
N ARG A 229 -88.53 26.41 27.70
CA ARG A 229 -88.12 25.30 26.85
C ARG A 229 -87.54 24.20 27.70
N MET A 230 -87.68 22.95 27.24
CA MET A 230 -87.05 21.84 27.94
C MET A 230 -86.08 21.16 26.98
N GLU A 231 -84.88 20.85 27.45
CA GLU A 231 -83.85 20.26 26.62
C GLU A 231 -83.54 18.90 27.18
N PHE A 232 -83.67 17.86 26.35
CA PHE A 232 -83.48 16.50 26.82
C PHE A 232 -82.20 15.85 26.34
N PHE A 233 -81.65 14.97 27.18
CA PHE A 233 -80.36 14.35 26.91
C PHE A 233 -80.46 12.86 27.15
N TRP A 234 -79.53 12.10 26.60
CA TRP A 234 -79.54 10.67 26.79
C TRP A 234 -78.13 10.16 26.82
N THR A 235 -77.96 8.96 27.34
CA THR A 235 -76.65 8.35 27.34
C THR A 235 -76.90 6.86 27.48
N ILE A 236 -75.89 6.07 27.17
CA ILE A 236 -76.05 4.66 27.37
C ILE A 236 -75.21 4.28 28.56
N LEU A 237 -75.84 3.63 29.52
CA LEU A 237 -75.11 3.28 30.71
C LEU A 237 -74.72 1.81 30.55
N LYS A 238 -73.42 1.57 30.42
CA LYS A 238 -72.85 0.21 30.31
C LYS A 238 -73.09 -0.61 31.61
N PRO A 239 -73.19 -1.94 31.48
CA PRO A 239 -73.54 -2.92 32.52
C PRO A 239 -72.94 -2.88 33.93
N ASN A 240 -71.77 -2.32 34.17
CA ASN A 240 -71.37 -2.21 35.58
C ASN A 240 -71.00 -0.81 35.92
N ASP A 241 -71.46 0.12 35.09
CA ASP A 241 -71.15 1.52 35.22
C ASP A 241 -72.28 2.16 36.02
N ALA A 242 -72.08 3.41 36.44
CA ALA A 242 -73.10 4.11 37.20
C ALA A 242 -73.24 5.53 36.70
N ILE A 243 -74.44 6.09 36.82
CA ILE A 243 -74.68 7.46 36.40
C ILE A 243 -74.94 8.31 37.65
N ASN A 244 -74.29 9.46 37.72
CA ASN A 244 -74.38 10.36 38.88
C ASN A 244 -75.00 11.68 38.52
N PHE A 245 -76.17 11.97 39.10
CA PHE A 245 -76.80 13.27 38.89
C PHE A 245 -76.57 14.14 40.11
N GLU A 246 -76.20 15.39 39.89
CA GLU A 246 -76.20 16.35 40.98
C GLU A 246 -76.79 17.63 40.46
N SER A 247 -77.84 18.10 41.14
CA SER A 247 -78.53 19.30 40.71
C SER A 247 -79.16 20.09 41.84
N ASN A 248 -79.23 21.41 41.66
CA ASN A 248 -79.88 22.26 42.64
C ASN A 248 -81.04 23.03 41.99
N GLY A 249 -81.48 22.57 40.81
CA GLY A 249 -82.65 23.16 40.15
C GLY A 249 -82.77 22.93 38.64
N ASN A 250 -83.98 23.19 38.12
CA ASN A 250 -84.27 23.04 36.70
C ASN A 250 -84.06 21.62 36.16
N PHE A 251 -83.99 20.65 37.06
CA PHE A 251 -83.66 19.26 36.72
C PHE A 251 -84.89 18.50 36.28
N ILE A 252 -84.87 17.89 35.11
CA ILE A 252 -85.99 17.00 34.76
C ILE A 252 -85.50 15.58 34.87
N ALA A 253 -85.90 14.91 35.95
CA ALA A 253 -85.24 13.71 36.40
C ALA A 253 -85.71 12.43 35.75
N PRO A 254 -84.79 11.49 35.56
CA PRO A 254 -85.30 10.24 35.05
C PRO A 254 -86.07 9.53 36.16
N GLU A 255 -87.18 8.89 35.81
CA GLU A 255 -87.84 7.90 36.67
C GLU A 255 -87.66 6.53 36.00
N TYR A 256 -88.05 6.41 34.72
CA TYR A 256 -87.91 5.15 33.98
C TYR A 256 -86.80 5.20 32.94
N ALA A 257 -86.02 4.14 32.85
CA ALA A 257 -85.04 3.99 31.79
C ALA A 257 -85.33 2.72 30.97
N TYR A 258 -84.59 2.51 29.89
CA TYR A 258 -84.87 1.41 28.99
C TYR A 258 -83.69 0.44 28.84
N LYS A 259 -83.93 -0.82 29.23
CA LYS A 259 -82.95 -1.87 29.01
C LYS A 259 -82.96 -2.27 27.53
N ILE A 260 -81.79 -2.23 26.89
CA ILE A 260 -81.68 -2.69 25.51
C ILE A 260 -81.54 -4.20 25.57
N VAL A 261 -82.67 -4.89 25.40
CA VAL A 261 -82.75 -6.35 25.54
C VAL A 261 -82.30 -7.08 24.27
N LYS A 262 -82.92 -6.71 23.16
CA LYS A 262 -82.52 -7.30 21.92
C LYS A 262 -81.99 -6.28 20.93
N LYS A 263 -80.71 -6.39 20.60
CA LYS A 263 -80.12 -5.64 19.49
C LYS A 263 -80.23 -6.52 18.26
N GLY A 264 -80.64 -5.95 17.13
CA GLY A 264 -80.68 -6.70 15.90
C GLY A 264 -80.73 -5.77 14.71
N ASP A 265 -81.08 -6.27 13.53
CA ASP A 265 -81.18 -5.34 12.43
C ASP A 265 -82.64 -4.98 12.29
N SER A 266 -82.88 -3.68 12.40
CA SER A 266 -84.22 -3.15 12.34
C SER A 266 -84.17 -1.83 11.60
N ALA A 267 -85.25 -1.07 11.68
CA ALA A 267 -85.32 0.18 10.95
C ALA A 267 -86.46 1.06 11.43
N ILE A 268 -86.35 2.35 11.18
CA ILE A 268 -87.46 3.25 11.42
C ILE A 268 -87.98 3.68 10.07
N MET A 269 -89.08 3.09 9.67
CA MET A 269 -89.66 3.32 8.37
C MET A 269 -90.58 4.53 8.45
N LYS A 270 -90.35 5.53 7.60
CA LYS A 270 -91.24 6.68 7.59
C LYS A 270 -92.41 6.33 6.68
N SER A 271 -93.60 6.17 7.26
CA SER A 271 -94.79 5.84 6.49
C SER A 271 -96.05 6.39 7.12
N GLU A 272 -97.07 6.62 6.31
CA GLU A 272 -98.28 7.23 6.83
C GLU A 272 -99.35 6.20 7.04
N LEU A 273 -99.01 4.96 6.77
CA LEU A 273 -100.00 3.91 6.79
C LEU A 273 -100.02 3.20 8.15
N GLU A 274 -101.03 2.37 8.38
CA GLU A 274 -101.08 1.60 9.61
C GLU A 274 -101.22 0.10 9.40
N TYR A 275 -101.27 -0.63 10.50
CA TYR A 275 -101.23 -2.10 10.49
C TYR A 275 -102.23 -2.76 9.54
N GLY A 276 -101.96 -3.99 9.13
CA GLY A 276 -102.84 -4.68 8.19
C GLY A 276 -103.20 -6.10 8.58
N ASN A 277 -102.65 -6.55 9.70
CA ASN A 277 -102.93 -7.87 10.30
C ASN A 277 -102.43 -9.02 9.45
N CYS A 278 -101.63 -8.68 8.45
CA CYS A 278 -101.06 -9.64 7.53
C CYS A 278 -99.63 -9.94 7.93
N ASN A 279 -98.97 -10.79 7.15
CA ASN A 279 -97.58 -11.14 7.40
C ASN A 279 -96.84 -11.04 6.08
N THR A 280 -95.55 -10.75 6.14
CA THR A 280 -94.73 -10.70 4.93
C THR A 280 -93.28 -11.01 5.27
N LYS A 281 -92.49 -11.22 4.22
CA LYS A 281 -91.08 -11.58 4.32
C LYS A 281 -90.23 -10.41 3.85
N CYS A 282 -90.91 -9.43 3.26
CA CYS A 282 -90.27 -8.25 2.71
C CYS A 282 -91.23 -7.08 2.81
N GLN A 283 -90.80 -6.01 3.46
CA GLN A 283 -91.68 -4.86 3.70
C GLN A 283 -91.09 -3.55 3.20
N THR A 284 -91.96 -2.69 2.65
CA THR A 284 -91.57 -1.37 2.16
C THR A 284 -92.57 -0.39 2.73
N PRO A 285 -92.19 0.89 2.81
CA PRO A 285 -93.08 1.95 3.32
C PRO A 285 -94.37 2.15 2.54
N MET A 286 -94.54 1.50 1.39
CA MET A 286 -95.76 1.64 0.59
C MET A 286 -96.61 0.41 0.71
N GLY A 287 -95.98 -0.67 1.17
CA GLY A 287 -96.64 -1.96 1.27
C GLY A 287 -95.63 -3.11 1.28
N ALA A 288 -96.15 -4.32 1.46
CA ALA A 288 -95.29 -5.50 1.55
C ALA A 288 -95.17 -6.20 0.19
N ILE A 289 -94.13 -7.01 0.03
CA ILE A 289 -93.85 -7.64 -1.26
C ILE A 289 -93.94 -9.17 -1.20
N ASN A 290 -94.78 -9.76 -2.04
CA ASN A 290 -94.82 -11.21 -2.14
C ASN A 290 -94.36 -11.62 -3.54
N SER A 291 -93.08 -11.88 -3.66
CA SER A 291 -92.47 -12.06 -4.97
C SER A 291 -91.25 -12.96 -4.97
N SER A 292 -90.97 -13.54 -6.14
CA SER A 292 -89.82 -14.38 -6.35
C SER A 292 -88.93 -13.71 -7.39
N MET A 293 -89.41 -12.59 -7.91
CA MET A 293 -88.62 -11.81 -8.84
C MET A 293 -87.33 -11.39 -8.18
N PRO A 294 -86.25 -11.27 -8.95
CA PRO A 294 -84.96 -10.83 -8.41
C PRO A 294 -84.91 -9.32 -8.33
N PHE A 295 -85.89 -8.66 -8.94
CA PHE A 295 -85.88 -7.20 -8.93
C PHE A 295 -87.26 -6.64 -8.57
N HIS A 296 -87.29 -5.45 -8.01
CA HIS A 296 -88.55 -4.77 -7.80
C HIS A 296 -88.34 -3.26 -7.93
N ASN A 297 -89.44 -2.56 -8.15
CA ASN A 297 -89.37 -1.14 -8.33
C ASN A 297 -90.39 -0.43 -7.44
N ILE A 298 -90.71 -1.07 -6.32
CA ILE A 298 -91.74 -0.54 -5.43
C ILE A 298 -91.26 0.69 -4.69
N HIS A 299 -90.15 0.54 -3.97
CA HIS A 299 -89.54 1.58 -3.16
C HIS A 299 -88.12 1.16 -2.71
N PRO A 300 -87.16 2.09 -2.71
CA PRO A 300 -85.78 1.71 -2.38
C PRO A 300 -85.56 1.24 -0.94
N LEU A 301 -86.32 1.78 0.01
CA LEU A 301 -86.02 1.48 1.39
C LEU A 301 -86.86 0.30 1.84
N THR A 302 -86.25 -0.88 1.98
CA THR A 302 -87.02 -2.07 2.34
C THR A 302 -86.37 -2.82 3.52
N ILE A 303 -87.08 -3.76 4.12
CA ILE A 303 -86.49 -4.57 5.17
C ILE A 303 -86.98 -5.99 5.03
N GLY A 304 -86.08 -6.95 5.23
CA GLY A 304 -86.41 -8.36 5.10
C GLY A 304 -85.75 -8.94 3.87
N GLU A 305 -86.02 -10.21 3.58
CA GLU A 305 -85.50 -10.82 2.35
C GLU A 305 -86.21 -10.23 1.12
N CYS A 306 -85.54 -9.35 0.38
CA CYS A 306 -86.20 -8.56 -0.67
C CYS A 306 -85.58 -8.66 -2.03
N PRO A 307 -86.38 -8.40 -3.06
CA PRO A 307 -85.76 -8.32 -4.36
C PRO A 307 -84.91 -7.07 -4.38
N LYS A 308 -83.99 -6.99 -5.33
CA LYS A 308 -83.16 -5.82 -5.42
C LYS A 308 -83.93 -4.70 -6.11
N TYR A 309 -83.96 -3.54 -5.47
CA TYR A 309 -84.67 -2.40 -6.02
C TYR A 309 -83.97 -1.85 -7.22
N VAL A 310 -84.75 -1.37 -8.17
CA VAL A 310 -84.23 -0.81 -9.41
C VAL A 310 -85.21 0.25 -9.92
N LYS A 311 -84.75 1.25 -10.67
CA LYS A 311 -85.67 2.28 -11.14
C LYS A 311 -86.34 1.96 -12.49
N SER A 312 -86.45 0.69 -12.85
CA SER A 312 -87.00 0.40 -14.15
C SER A 312 -88.51 0.22 -14.08
N ASN A 313 -89.16 0.55 -15.19
CA ASN A 313 -90.55 0.22 -15.37
C ASN A 313 -90.71 -1.21 -15.88
N ARG A 314 -89.61 -1.78 -16.42
CA ARG A 314 -89.67 -3.06 -17.12
C ARG A 314 -88.31 -3.73 -17.19
N LEU A 315 -88.25 -5.01 -16.80
CA LEU A 315 -87.04 -5.82 -17.01
C LEU A 315 -87.50 -7.22 -17.45
N VAL A 316 -87.41 -7.47 -18.75
CA VAL A 316 -87.82 -8.76 -19.28
C VAL A 316 -86.74 -9.34 -20.16
N LEU A 317 -86.30 -10.53 -19.78
CA LEU A 317 -85.27 -11.28 -20.52
C LEU A 317 -85.89 -12.12 -21.65
N ALA A 318 -85.26 -12.10 -22.81
CA ALA A 318 -85.62 -13.04 -23.86
C ALA A 318 -85.11 -14.36 -23.41
N THR A 319 -85.95 -15.40 -23.47
CA THR A 319 -85.48 -16.77 -23.22
C THR A 319 -85.67 -17.66 -24.44
N GLY A 320 -86.81 -17.50 -25.10
CA GLY A 320 -87.10 -18.21 -26.32
C GLY A 320 -86.41 -17.51 -27.48
N LEU A 321 -86.94 -17.68 -28.68
CA LEU A 321 -86.28 -17.10 -29.84
C LEU A 321 -87.25 -16.15 -30.52
N ARG A 322 -86.76 -15.46 -31.55
CA ARG A 322 -87.59 -14.51 -32.29
C ARG A 322 -88.79 -15.21 -32.90
N ASN A 323 -89.98 -14.72 -32.56
CA ASN A 323 -91.21 -15.36 -33.02
C ASN A 323 -91.54 -14.85 -34.39
N THR A 324 -92.10 -15.72 -35.22
CA THR A 324 -92.48 -15.35 -36.58
C THR A 324 -93.99 -15.08 -36.62
N PRO A 325 -94.39 -14.00 -37.31
CA PRO A 325 -95.76 -13.47 -37.37
C PRO A 325 -96.78 -14.41 -38.00
N GLY B 1 -80.81 -12.22 -38.48
CA GLY B 1 -79.92 -12.10 -37.35
C GLY B 1 -78.47 -12.30 -37.73
N LEU B 2 -77.62 -12.47 -36.71
CA LEU B 2 -76.17 -12.52 -36.91
C LEU B 2 -75.70 -13.69 -37.75
N PHE B 3 -76.47 -14.76 -37.75
CA PHE B 3 -76.03 -15.99 -38.37
C PHE B 3 -76.84 -16.42 -39.60
N GLY B 4 -77.78 -15.57 -40.01
CA GLY B 4 -78.52 -15.74 -41.25
C GLY B 4 -79.58 -16.83 -41.32
N ALA B 5 -79.80 -17.57 -40.22
CA ALA B 5 -80.79 -18.66 -40.19
C ALA B 5 -82.22 -18.25 -39.80
N ILE B 6 -82.44 -18.00 -38.51
CA ILE B 6 -83.75 -17.56 -38.04
C ILE B 6 -84.13 -16.28 -38.77
N ALA B 7 -85.30 -16.29 -39.42
CA ALA B 7 -85.75 -15.19 -40.28
C ALA B 7 -84.70 -14.82 -41.32
N GLY B 8 -84.01 -15.84 -41.81
CA GLY B 8 -82.95 -15.65 -42.77
C GLY B 8 -83.17 -16.60 -43.92
N PHE B 9 -82.24 -17.52 -44.14
CA PHE B 9 -82.43 -18.46 -45.22
C PHE B 9 -83.54 -19.44 -44.90
N ILE B 10 -83.81 -19.62 -43.60
CA ILE B 10 -85.04 -20.32 -43.20
C ILE B 10 -86.08 -19.27 -42.86
N GLU B 11 -86.90 -18.88 -43.84
CA GLU B 11 -87.82 -17.76 -43.65
C GLU B 11 -89.10 -18.11 -42.88
N GLY B 12 -89.00 -18.27 -41.57
CA GLY B 12 -90.19 -18.54 -40.79
C GLY B 12 -90.03 -19.72 -39.88
N GLY B 13 -90.75 -19.70 -38.77
CA GLY B 13 -90.75 -20.81 -37.84
C GLY B 13 -91.99 -21.66 -38.05
N TRP B 14 -92.03 -22.79 -37.36
CA TRP B 14 -93.11 -23.73 -37.51
C TRP B 14 -94.00 -23.74 -36.27
N GLN B 15 -95.24 -23.32 -36.42
CA GLN B 15 -96.21 -23.48 -35.35
C GLN B 15 -96.31 -24.99 -35.02
N GLY B 16 -96.06 -25.84 -36.03
CA GLY B 16 -96.25 -27.28 -35.93
C GLY B 16 -95.30 -28.01 -35.01
N MET B 17 -94.05 -27.56 -34.93
CA MET B 17 -93.12 -28.19 -34.00
C MET B 17 -93.30 -27.62 -32.62
N VAL B 18 -93.71 -28.44 -31.66
CA VAL B 18 -94.09 -27.89 -30.37
C VAL B 18 -93.34 -28.51 -29.22
N ASP B 19 -92.57 -29.57 -29.49
CA ASP B 19 -91.88 -30.26 -28.43
C ASP B 19 -90.44 -29.75 -28.28
N GLY B 20 -90.15 -28.60 -28.89
CA GLY B 20 -88.79 -28.04 -28.82
C GLY B 20 -88.64 -26.76 -29.60
N TRP B 21 -87.45 -26.18 -29.54
CA TRP B 21 -87.12 -24.91 -30.19
C TRP B 21 -86.63 -25.12 -31.63
N TYR B 22 -85.75 -26.09 -31.81
CA TYR B 22 -85.17 -26.42 -33.11
C TYR B 22 -85.47 -27.86 -33.43
N GLY B 23 -85.64 -28.14 -34.73
CA GLY B 23 -85.86 -29.51 -35.13
C GLY B 23 -86.03 -29.72 -36.62
N TYR B 24 -86.72 -30.81 -36.97
CA TYR B 24 -86.80 -31.24 -38.36
C TYR B 24 -88.25 -31.38 -38.80
N HIS B 25 -88.48 -31.16 -40.09
CA HIS B 25 -89.72 -31.66 -40.71
C HIS B 25 -89.31 -32.59 -41.85
N HIS B 26 -89.67 -33.87 -41.72
CA HIS B 26 -89.34 -34.80 -42.78
C HIS B 26 -90.55 -35.06 -43.66
N SER B 27 -90.28 -35.65 -44.82
CA SER B 27 -91.32 -36.00 -45.79
C SER B 27 -90.86 -37.14 -46.68
N ASN B 28 -91.34 -38.34 -46.39
CA ASN B 28 -91.11 -39.50 -47.24
C ASN B 28 -92.41 -40.23 -47.63
N GLU B 29 -92.27 -41.45 -48.12
CA GLU B 29 -93.38 -42.27 -48.58
C GLU B 29 -94.25 -42.76 -47.42
N GLN B 30 -93.60 -43.04 -46.30
CA GLN B 30 -94.28 -43.49 -45.08
C GLN B 30 -95.09 -42.35 -44.43
N GLY B 31 -94.81 -41.12 -44.83
CA GLY B 31 -95.53 -39.97 -44.35
C GLY B 31 -94.64 -38.89 -43.78
N SER B 32 -95.23 -37.73 -43.49
CA SER B 32 -94.49 -36.56 -42.99
C SER B 32 -94.83 -36.26 -41.52
N GLY B 33 -94.03 -35.38 -40.90
CA GLY B 33 -94.25 -34.97 -39.52
C GLY B 33 -93.11 -34.14 -38.94
N TYR B 34 -93.39 -33.39 -37.87
CA TYR B 34 -92.38 -32.57 -37.17
C TYR B 34 -91.72 -33.36 -36.03
N ALA B 35 -90.48 -33.02 -35.73
CA ALA B 35 -89.78 -33.61 -34.58
C ALA B 35 -88.69 -32.67 -34.14
N ALA B 36 -88.54 -32.55 -32.83
CA ALA B 36 -87.57 -31.64 -32.27
C ALA B 36 -86.23 -32.32 -32.12
N ASP B 37 -85.13 -31.62 -32.38
CA ASP B 37 -83.82 -32.16 -32.08
C ASP B 37 -83.59 -32.00 -30.58
N LYS B 38 -83.70 -33.10 -29.84
CA LYS B 38 -83.65 -33.07 -28.39
C LYS B 38 -82.32 -32.55 -27.88
N GLU B 39 -81.26 -32.93 -28.58
CA GLU B 39 -79.92 -32.59 -28.14
C GLU B 39 -79.66 -31.08 -28.22
N SER B 40 -79.92 -30.49 -29.38
CA SER B 40 -79.59 -29.09 -29.54
C SER B 40 -80.55 -28.23 -28.73
N THR B 41 -81.76 -28.77 -28.53
CA THR B 41 -82.74 -28.04 -27.74
C THR B 41 -82.31 -28.04 -26.29
N GLN B 42 -81.90 -29.20 -25.78
CA GLN B 42 -81.53 -29.25 -24.38
C GLN B 42 -80.30 -28.38 -24.13
N LYS B 43 -79.35 -28.38 -25.07
CA LYS B 43 -78.18 -27.53 -24.93
C LYS B 43 -78.58 -26.05 -24.78
N ALA B 44 -79.53 -25.61 -25.59
CA ALA B 44 -79.95 -24.23 -25.58
C ALA B 44 -80.67 -23.91 -24.28
N ILE B 45 -81.55 -24.83 -23.86
CA ILE B 45 -82.25 -24.69 -22.60
C ILE B 45 -81.29 -24.56 -21.43
N ASP B 46 -80.26 -25.40 -21.42
CA ASP B 46 -79.25 -25.33 -20.38
C ASP B 46 -78.51 -23.99 -20.43
N GLY B 47 -78.22 -23.52 -21.64
CA GLY B 47 -77.44 -22.30 -21.82
C GLY B 47 -78.21 -21.07 -21.36
N VAL B 48 -79.48 -21.00 -21.76
CA VAL B 48 -80.33 -19.88 -21.43
C VAL B 48 -80.68 -19.90 -19.94
N THR B 49 -80.89 -21.09 -19.40
CA THR B 49 -81.20 -21.20 -17.99
C THR B 49 -80.02 -20.79 -17.11
N ASN B 50 -78.83 -21.25 -17.46
CA ASN B 50 -77.63 -20.81 -16.77
C ASN B 50 -77.42 -19.31 -16.90
N LYS B 51 -77.78 -18.77 -18.06
CA LYS B 51 -77.66 -17.34 -18.31
C LYS B 51 -78.58 -16.56 -17.40
N VAL B 52 -79.83 -17.00 -17.33
CA VAL B 52 -80.79 -16.33 -16.48
C VAL B 52 -80.35 -16.41 -15.03
N ASN B 53 -79.95 -17.61 -14.61
CA ASN B 53 -79.50 -17.81 -13.25
C ASN B 53 -78.21 -17.03 -12.96
N SER B 54 -77.33 -16.89 -13.94
CA SER B 54 -76.11 -16.10 -13.76
C SER B 54 -76.39 -14.61 -13.62
N ILE B 55 -77.41 -14.11 -14.29
CA ILE B 55 -77.75 -12.70 -14.21
C ILE B 55 -78.28 -12.33 -12.83
N ILE B 56 -79.22 -13.15 -12.35
CA ILE B 56 -79.79 -13.04 -11.01
C ILE B 56 -78.74 -13.25 -9.92
N ASP B 57 -77.75 -14.11 -10.19
CA ASP B 57 -76.67 -14.38 -9.23
C ASP B 57 -75.73 -13.18 -9.10
N LYS B 58 -75.31 -12.61 -10.22
CA LYS B 58 -74.38 -11.48 -10.22
C LYS B 58 -74.92 -10.25 -9.50
N MET B 59 -76.21 -10.25 -9.23
CA MET B 59 -76.86 -9.10 -8.62
C MET B 59 -77.11 -9.21 -7.11
N ASN B 60 -76.57 -10.23 -6.45
CA ASN B 60 -76.87 -10.41 -5.02
C ASN B 60 -76.12 -9.43 -4.11
N THR B 61 -74.98 -8.95 -4.60
CA THR B 61 -74.23 -7.96 -3.85
C THR B 61 -74.60 -6.54 -4.31
N GLN B 62 -75.86 -6.33 -4.67
CA GLN B 62 -76.29 -5.01 -5.12
C GLN B 62 -76.49 -4.03 -3.94
N PHE B 63 -76.49 -2.73 -4.22
CA PHE B 63 -76.72 -1.72 -3.18
C PHE B 63 -78.12 -1.81 -2.56
N GLU B 64 -78.20 -1.60 -1.24
CA GLU B 64 -79.47 -1.59 -0.50
C GLU B 64 -79.59 -0.29 0.32
N ALA B 65 -80.55 0.53 -0.04
CA ALA B 65 -80.74 1.83 0.58
C ALA B 65 -81.19 1.70 2.00
N VAL B 66 -80.68 2.59 2.85
CA VAL B 66 -80.99 2.59 4.29
C VAL B 66 -81.58 3.92 4.71
N GLY B 67 -82.62 3.88 5.53
CA GLY B 67 -83.18 5.11 6.06
C GLY B 67 -82.20 5.79 7.00
N ARG B 68 -81.92 7.07 6.73
CA ARG B 68 -81.10 7.85 7.66
C ARG B 68 -81.67 9.24 7.84
N GLU B 69 -81.66 9.70 9.08
CA GLU B 69 -82.25 10.98 9.38
C GLU B 69 -81.24 12.06 9.71
N PHE B 70 -81.58 13.28 9.34
CA PHE B 70 -80.71 14.42 9.59
C PHE B 70 -81.48 15.70 9.98
N ASN B 71 -80.86 16.59 10.74
CA ASN B 71 -81.53 17.82 11.17
C ASN B 71 -81.21 19.05 10.30
N ASN B 72 -81.80 20.20 10.63
CA ASN B 72 -81.68 21.41 9.81
C ASN B 72 -80.29 21.93 9.68
N LEU B 73 -79.37 21.47 10.53
CA LEU B 73 -78.01 21.95 10.38
C LEU B 73 -77.07 20.86 9.87
N GLU B 74 -77.68 19.82 9.31
CA GLU B 74 -76.98 18.71 8.69
C GLU B 74 -77.45 18.56 7.24
N ARG B 75 -77.76 19.68 6.60
CA ARG B 75 -78.29 19.63 5.25
C ARG B 75 -77.26 19.13 4.24
N ARG B 76 -76.00 19.41 4.50
CA ARG B 76 -74.91 19.01 3.62
C ARG B 76 -74.73 17.51 3.59
N ILE B 77 -74.64 16.87 4.74
CA ILE B 77 -74.44 15.45 4.73
C ILE B 77 -75.76 14.77 4.39
N GLU B 78 -76.86 15.47 4.58
CA GLU B 78 -78.15 14.91 4.18
C GLU B 78 -78.15 14.72 2.67
N ASN B 79 -77.71 15.77 1.99
CA ASN B 79 -77.66 15.86 0.55
C ASN B 79 -76.60 14.91 0.03
N LEU B 80 -75.45 14.87 0.70
CA LEU B 80 -74.38 13.92 0.35
C LEU B 80 -74.94 12.50 0.38
N ASN B 81 -75.65 12.19 1.46
CA ASN B 81 -76.27 10.88 1.67
C ASN B 81 -77.29 10.58 0.59
N LYS B 82 -78.04 11.59 0.17
CA LYS B 82 -79.04 11.39 -0.84
C LYS B 82 -78.36 11.09 -2.17
N GLN B 83 -77.30 11.85 -2.49
CA GLN B 83 -76.59 11.75 -3.75
C GLN B 83 -75.93 10.38 -3.79
N MET B 84 -75.49 9.91 -2.64
CA MET B 84 -74.84 8.63 -2.56
C MET B 84 -75.85 7.56 -2.87
N GLU B 85 -77.03 7.67 -2.26
CA GLU B 85 -78.07 6.65 -2.48
C GLU B 85 -78.58 6.63 -3.91
N ASP B 86 -78.92 7.81 -4.42
CA ASP B 86 -79.38 7.90 -5.78
C ASP B 86 -78.25 7.46 -6.71
N GLY B 87 -77.02 7.76 -6.30
CA GLY B 87 -75.86 7.46 -7.10
C GLY B 87 -75.77 6.00 -7.38
N PHE B 88 -75.89 5.20 -6.33
CA PHE B 88 -75.80 3.76 -6.48
C PHE B 88 -77.06 3.19 -7.12
N LEU B 89 -78.21 3.79 -6.82
CA LEU B 89 -79.46 3.33 -7.39
C LEU B 89 -79.40 3.51 -8.91
N ASP B 90 -78.84 4.63 -9.37
CA ASP B 90 -78.74 4.88 -10.79
C ASP B 90 -77.73 3.95 -11.46
N VAL B 91 -76.64 3.64 -10.76
CA VAL B 91 -75.63 2.74 -11.31
C VAL B 91 -76.20 1.34 -11.49
N TRP B 92 -76.84 0.84 -10.46
CA TRP B 92 -77.36 -0.51 -10.50
C TRP B 92 -78.56 -0.67 -11.43
N THR B 93 -79.28 0.43 -11.66
CA THR B 93 -80.39 0.39 -12.60
C THR B 93 -79.82 0.30 -14.01
N TYR B 94 -78.79 1.08 -14.27
CA TYR B 94 -78.06 0.98 -15.52
C TYR B 94 -77.53 -0.46 -15.68
N ASN B 95 -76.87 -0.99 -14.67
CA ASN B 95 -76.31 -2.31 -14.79
C ASN B 95 -77.33 -3.42 -15.12
N ALA B 96 -78.51 -3.32 -14.55
CA ALA B 96 -79.55 -4.31 -14.76
C ALA B 96 -80.18 -4.12 -16.14
N GLU B 97 -80.49 -2.88 -16.48
CA GLU B 97 -81.06 -2.59 -17.78
C GLU B 97 -80.14 -2.97 -18.95
N LEU B 98 -78.86 -2.68 -18.79
CA LEU B 98 -77.90 -2.89 -19.85
C LEU B 98 -77.58 -4.35 -20.02
N LEU B 99 -77.48 -5.03 -18.89
CA LEU B 99 -77.16 -6.43 -18.89
C LEU B 99 -78.27 -7.17 -19.60
N VAL B 100 -79.51 -6.79 -19.31
CA VAL B 100 -80.65 -7.44 -19.95
C VAL B 100 -80.67 -7.14 -21.43
N LEU B 101 -80.47 -5.88 -21.81
CA LEU B 101 -80.41 -5.53 -23.23
C LEU B 101 -79.30 -6.30 -23.99
N MET B 102 -78.11 -6.37 -23.39
CA MET B 102 -76.97 -6.99 -24.05
C MET B 102 -77.16 -8.49 -24.18
N GLU B 103 -77.59 -9.14 -23.11
CA GLU B 103 -77.74 -10.58 -23.15
C GLU B 103 -78.99 -11.02 -23.94
N ASN B 104 -79.96 -10.14 -24.07
CA ASN B 104 -81.10 -10.41 -24.92
C ASN B 104 -80.64 -10.53 -26.35
N GLU B 105 -79.83 -9.57 -26.78
CA GLU B 105 -79.31 -9.53 -28.12
C GLU B 105 -78.47 -10.79 -28.36
N ARG B 106 -77.66 -11.16 -27.39
CA ARG B 106 -76.84 -12.34 -27.59
C ARG B 106 -77.69 -13.61 -27.63
N THR B 107 -78.79 -13.61 -26.88
CA THR B 107 -79.67 -14.77 -26.81
C THR B 107 -80.37 -15.01 -28.12
N LEU B 108 -80.85 -13.95 -28.75
CA LEU B 108 -81.51 -14.10 -30.03
C LEU B 108 -80.50 -14.65 -31.07
N ASP B 109 -79.28 -14.13 -31.06
CA ASP B 109 -78.24 -14.57 -31.98
C ASP B 109 -77.77 -15.99 -31.61
N PHE B 110 -77.89 -16.36 -30.34
CA PHE B 110 -77.54 -17.70 -29.86
C PHE B 110 -78.46 -18.74 -30.47
N HIS B 111 -79.76 -18.42 -30.48
CA HIS B 111 -80.72 -19.31 -31.09
C HIS B 111 -80.43 -19.41 -32.60
N ASP B 112 -80.17 -18.25 -33.23
CA ASP B 112 -79.86 -18.18 -34.64
C ASP B 112 -78.68 -19.12 -34.92
N SER B 113 -77.67 -19.06 -34.06
CA SER B 113 -76.48 -19.89 -34.21
C SER B 113 -76.76 -21.38 -34.02
N ASN B 114 -77.67 -21.73 -33.11
CA ASN B 114 -77.97 -23.13 -32.85
C ASN B 114 -78.65 -23.72 -34.08
N VAL B 115 -79.50 -22.90 -34.70
CA VAL B 115 -80.23 -23.35 -35.87
C VAL B 115 -79.26 -23.55 -37.03
N LYS B 116 -78.45 -22.53 -37.30
CA LYS B 116 -77.50 -22.60 -38.39
C LYS B 116 -76.54 -23.79 -38.21
N ASN B 117 -76.22 -24.13 -36.96
CA ASN B 117 -75.36 -25.28 -36.68
C ASN B 117 -76.12 -26.60 -36.96
N LEU B 118 -77.42 -26.59 -36.69
CA LEU B 118 -78.22 -27.80 -36.87
C LEU B 118 -78.33 -28.08 -38.35
N TYR B 119 -78.56 -27.02 -39.11
CA TYR B 119 -78.65 -27.14 -40.56
C TYR B 119 -77.33 -27.67 -41.10
N ASP B 120 -76.22 -27.11 -40.60
CA ASP B 120 -74.90 -27.54 -41.05
C ASP B 120 -74.61 -28.98 -40.65
N LYS B 121 -75.17 -29.43 -39.53
CA LYS B 121 -74.97 -30.80 -39.01
C LYS B 121 -75.53 -31.84 -40.01
N VAL B 122 -76.69 -31.52 -40.56
CA VAL B 122 -77.35 -32.33 -41.55
C VAL B 122 -76.64 -32.24 -42.88
N ARG B 123 -76.39 -30.99 -43.31
CA ARG B 123 -75.71 -30.75 -44.57
C ARG B 123 -74.40 -31.49 -44.64
N LEU B 124 -73.61 -31.46 -43.57
CA LEU B 124 -72.28 -32.07 -43.62
C LEU B 124 -72.35 -33.58 -43.64
N GLN B 125 -73.49 -34.10 -43.23
CA GLN B 125 -73.72 -35.53 -43.30
C GLN B 125 -74.16 -35.91 -44.72
N LEU B 126 -75.12 -35.18 -45.26
CA LEU B 126 -75.71 -35.58 -46.52
C LEU B 126 -74.79 -35.40 -47.71
N ARG B 127 -74.03 -34.30 -47.74
CA ARG B 127 -73.11 -34.01 -48.84
C ARG B 127 -73.82 -34.10 -50.19
N ASP B 128 -73.23 -34.84 -51.11
CA ASP B 128 -73.85 -34.97 -52.44
C ASP B 128 -75.00 -35.99 -52.50
N ASN B 129 -75.28 -36.64 -51.37
CA ASN B 129 -76.43 -37.55 -51.31
C ASN B 129 -77.80 -36.85 -51.27
N ALA B 130 -77.77 -35.52 -51.24
CA ALA B 130 -78.99 -34.71 -51.23
C ALA B 130 -78.69 -33.33 -51.80
N LYS B 131 -79.76 -32.63 -52.18
CA LYS B 131 -79.68 -31.33 -52.85
C LYS B 131 -80.10 -30.22 -51.88
N GLU B 132 -79.31 -29.15 -51.77
CA GLU B 132 -79.69 -28.03 -50.91
C GLU B 132 -80.77 -27.20 -51.57
N LEU B 133 -82.01 -27.28 -51.09
CA LEU B 133 -83.07 -26.48 -51.69
C LEU B 133 -82.87 -25.01 -51.39
N GLY B 134 -82.18 -24.71 -50.28
CA GLY B 134 -81.82 -23.34 -49.97
C GLY B 134 -82.82 -22.63 -49.07
N ASN B 135 -83.65 -23.40 -48.39
CA ASN B 135 -84.69 -22.88 -47.53
C ASN B 135 -84.70 -23.66 -46.21
N GLY B 136 -83.61 -24.37 -45.96
CA GLY B 136 -83.52 -25.17 -44.75
C GLY B 136 -83.84 -26.62 -45.09
N CYS B 137 -84.24 -26.86 -46.34
CA CYS B 137 -84.60 -28.21 -46.76
C CYS B 137 -83.57 -28.84 -47.70
N PHE B 138 -83.39 -30.13 -47.52
CA PHE B 138 -82.51 -30.89 -48.37
C PHE B 138 -83.39 -31.89 -49.08
N GLU B 139 -83.36 -31.91 -50.42
CA GLU B 139 -84.06 -32.93 -51.22
C GLU B 139 -83.09 -34.06 -51.46
N PHE B 140 -83.49 -35.26 -51.03
CA PHE B 140 -82.64 -36.44 -51.14
C PHE B 140 -82.50 -36.97 -52.55
N TYR B 141 -81.30 -37.48 -52.87
CA TYR B 141 -81.06 -38.17 -54.14
C TYR B 141 -81.28 -39.68 -54.00
N HIS B 142 -81.90 -40.10 -52.91
CA HIS B 142 -82.17 -41.53 -52.70
C HIS B 142 -83.41 -41.73 -51.84
N LYS B 143 -83.67 -42.98 -51.49
CA LYS B 143 -84.87 -43.26 -50.71
C LYS B 143 -84.48 -43.15 -49.27
N CYS B 144 -85.23 -42.35 -48.54
CA CYS B 144 -84.94 -42.21 -47.13
C CYS B 144 -86.16 -42.62 -46.34
N ASP B 145 -86.16 -43.86 -45.86
CA ASP B 145 -87.29 -44.29 -45.04
C ASP B 145 -87.22 -43.65 -43.66
N ASN B 146 -88.22 -43.93 -42.84
CA ASN B 146 -88.28 -43.41 -41.48
C ASN B 146 -87.01 -43.71 -40.69
N GLU B 147 -86.44 -44.90 -40.86
CA GLU B 147 -85.21 -45.23 -40.11
C GLU B 147 -84.03 -44.42 -40.60
N CYS B 148 -84.01 -44.14 -41.90
CA CYS B 148 -82.99 -43.30 -42.52
C CYS B 148 -83.17 -41.86 -42.02
N MET B 149 -84.42 -41.41 -41.98
CA MET B 149 -84.71 -40.08 -41.42
C MET B 149 -84.18 -40.00 -40.00
N GLU B 150 -84.39 -41.06 -39.23
CA GLU B 150 -83.91 -41.07 -37.84
C GLU B 150 -82.38 -41.04 -37.77
N SER B 151 -81.68 -41.58 -38.78
CA SER B 151 -80.22 -41.58 -38.73
C SER B 151 -79.69 -40.17 -39.03
N VAL B 152 -80.43 -39.42 -39.83
CA VAL B 152 -79.96 -38.09 -40.12
C VAL B 152 -80.17 -37.29 -38.86
N LYS B 153 -81.31 -37.50 -38.20
CA LYS B 153 -81.65 -36.74 -37.00
C LYS B 153 -80.72 -37.05 -35.81
N ASN B 154 -80.22 -38.29 -35.69
CA ASN B 154 -79.32 -38.57 -34.55
C ASN B 154 -77.82 -38.68 -34.90
N GLY B 155 -77.46 -38.15 -36.08
CA GLY B 155 -76.07 -38.05 -36.49
C GLY B 155 -75.38 -39.37 -36.82
N THR B 156 -76.13 -40.34 -37.32
CA THR B 156 -75.59 -41.65 -37.65
C THR B 156 -75.84 -42.04 -39.12
N TYR B 157 -76.02 -41.03 -39.96
CA TYR B 157 -76.25 -41.22 -41.38
C TYR B 157 -75.08 -42.01 -41.96
N ASP B 158 -75.39 -43.09 -42.69
CA ASP B 158 -74.34 -43.88 -43.31
C ASP B 158 -74.21 -43.38 -44.73
N TYR B 159 -73.42 -42.33 -44.94
CA TYR B 159 -73.29 -41.76 -46.27
C TYR B 159 -72.98 -42.79 -47.38
N PRO B 160 -71.92 -43.62 -47.20
CA PRO B 160 -71.60 -44.51 -48.32
C PRO B 160 -72.68 -45.56 -48.65
N GLN B 161 -73.52 -45.93 -47.69
CA GLN B 161 -74.61 -46.89 -47.92
C GLN B 161 -75.56 -46.43 -49.02
N TYR B 162 -75.77 -45.13 -49.10
CA TYR B 162 -76.71 -44.57 -50.06
C TYR B 162 -75.94 -43.88 -51.17
N SER B 163 -74.62 -43.89 -51.04
CA SER B 163 -73.75 -43.15 -51.97
C SER B 163 -74.01 -43.55 -53.41
N GLU B 164 -74.08 -44.85 -53.67
CA GLU B 164 -74.22 -45.34 -55.03
C GLU B 164 -75.60 -45.01 -55.59
N GLU B 165 -76.67 -45.32 -54.84
CA GLU B 165 -77.98 -45.02 -55.39
C GLU B 165 -78.15 -43.52 -55.51
N ALA B 166 -77.44 -42.74 -54.69
CA ALA B 166 -77.55 -41.30 -54.84
C ALA B 166 -76.87 -40.86 -56.12
N ARG B 167 -75.62 -41.30 -56.29
CA ARG B 167 -74.82 -40.92 -57.46
C ARG B 167 -75.53 -41.27 -58.77
N LEU B 168 -76.13 -42.45 -58.82
CA LEU B 168 -76.85 -42.83 -60.02
C LEU B 168 -78.01 -41.86 -60.29
N ASN B 169 -78.74 -41.48 -59.23
CA ASN B 169 -79.90 -40.57 -59.41
C ASN B 169 -79.46 -39.18 -59.76
N ARG B 170 -78.24 -38.79 -59.38
CA ARG B 170 -77.76 -37.45 -59.73
C ARG B 170 -77.48 -37.41 -61.21
N GLU B 171 -76.88 -38.48 -61.72
CA GLU B 171 -76.39 -38.48 -63.09
C GLU B 171 -77.47 -38.66 -64.20
N GLU B 172 -78.67 -39.18 -63.90
CA GLU B 172 -79.69 -39.21 -64.97
C GLU B 172 -80.24 -37.77 -65.02
N ILE B 173 -79.97 -36.99 -63.96
CA ILE B 173 -80.26 -35.55 -63.91
C ILE B 173 -79.03 -34.78 -64.47
N PRO C 3 -64.45 -17.02 -70.15
CA PRO C 3 -65.10 -15.74 -69.88
C PRO C 3 -66.61 -15.86 -69.70
N GLY C 4 -67.07 -15.73 -68.47
CA GLY C 4 -68.51 -15.86 -68.18
C GLY C 4 -69.03 -14.63 -67.42
N ASP C 5 -70.35 -14.40 -67.45
CA ASP C 5 -70.95 -13.32 -66.67
C ASP C 5 -70.80 -13.53 -65.16
N GLN C 6 -70.53 -12.46 -64.42
CA GLN C 6 -70.43 -12.62 -62.98
C GLN C 6 -70.97 -11.48 -62.14
N ILE C 7 -71.36 -11.82 -60.92
CA ILE C 7 -71.80 -10.82 -59.97
C ILE C 7 -70.99 -10.98 -58.70
N CYS C 8 -70.60 -9.84 -58.12
CA CYS C 8 -69.74 -9.83 -56.95
C CYS C 8 -70.45 -9.19 -55.77
N ILE C 9 -70.24 -9.75 -54.59
CA ILE C 9 -70.73 -9.15 -53.37
C ILE C 9 -69.59 -8.46 -52.69
N GLY C 10 -69.81 -7.21 -52.28
CA GLY C 10 -68.77 -6.44 -51.62
C GLY C 10 -69.31 -5.31 -50.78
N TYR C 11 -68.39 -4.59 -50.17
CA TYR C 11 -68.78 -3.59 -49.20
C TYR C 11 -68.08 -2.26 -49.39
N HIS C 12 -68.65 -1.24 -48.77
CA HIS C 12 -68.23 0.16 -48.95
C HIS C 12 -66.80 0.45 -48.49
N ALA C 13 -66.20 1.44 -49.13
CA ALA C 13 -64.88 1.89 -48.73
C ALA C 13 -64.73 3.36 -49.10
N ASN C 14 -63.91 4.07 -48.35
CA ASN C 14 -63.68 5.48 -48.63
C ASN C 14 -62.32 5.96 -48.13
N ASN C 15 -62.06 7.25 -48.29
CA ASN C 15 -60.77 7.83 -47.93
C ASN C 15 -60.73 8.26 -46.46
N SER C 16 -61.66 7.74 -45.68
CA SER C 16 -61.79 8.10 -44.28
C SER C 16 -60.58 7.62 -43.46
N THR C 17 -60.23 8.41 -42.46
CA THR C 17 -59.08 8.09 -41.61
C THR C 17 -59.50 7.97 -40.16
N GLU C 18 -60.78 8.19 -39.89
CA GLU C 18 -61.29 8.15 -38.54
C GLU C 18 -61.02 6.78 -37.94
N GLN C 19 -60.47 6.78 -36.72
CA GLN C 19 -60.13 5.52 -36.05
C GLN C 19 -61.03 5.26 -34.84
N VAL C 20 -61.04 4.02 -34.40
CA VAL C 20 -61.95 3.59 -33.36
C VAL C 20 -61.26 2.48 -32.56
N ASP C 21 -61.62 2.29 -31.30
CA ASP C 21 -61.00 1.24 -30.49
C ASP C 21 -62.03 0.18 -30.16
N THR C 22 -61.56 -1.04 -29.92
CA THR C 22 -62.39 -2.17 -29.50
C THR C 22 -61.61 -2.90 -28.42
N ILE C 23 -62.18 -3.94 -27.83
CA ILE C 23 -61.39 -4.69 -26.84
C ILE C 23 -60.15 -5.36 -27.47
N MET C 24 -60.26 -6.01 -28.63
CA MET C 24 -59.12 -6.75 -29.15
C MET C 24 -58.17 -5.92 -29.99
N GLU C 25 -58.66 -4.81 -30.52
CA GLU C 25 -57.83 -4.09 -31.47
C GLU C 25 -57.96 -2.59 -31.26
N LYS C 26 -56.85 -1.90 -31.42
CA LYS C 26 -56.83 -0.46 -31.25
C LYS C 26 -56.53 0.23 -32.57
N ASN C 27 -56.98 1.48 -32.70
CA ASN C 27 -56.73 2.26 -33.91
C ASN C 27 -57.17 1.57 -35.19
N VAL C 28 -58.46 1.27 -35.27
CA VAL C 28 -59.02 0.60 -36.43
C VAL C 28 -59.62 1.64 -37.35
N THR C 29 -59.02 1.82 -38.52
CA THR C 29 -59.51 2.80 -39.49
C THR C 29 -60.86 2.32 -39.97
N VAL C 30 -61.78 3.26 -40.08
CA VAL C 30 -63.18 2.92 -40.25
C VAL C 30 -63.84 3.90 -41.24
N THR C 31 -64.94 3.51 -41.86
CA THR C 31 -65.54 4.33 -42.92
C THR C 31 -66.37 5.49 -42.40
N HIS C 32 -67.00 5.28 -41.26
CA HIS C 32 -67.88 6.26 -40.63
C HIS C 32 -67.81 6.16 -39.12
N ALA C 33 -67.70 7.30 -38.44
CA ALA C 33 -67.66 7.27 -36.98
C ALA C 33 -68.41 8.44 -36.34
N GLN C 34 -68.84 8.23 -35.10
CA GLN C 34 -69.48 9.29 -34.34
C GLN C 34 -68.71 9.60 -33.06
N ASP C 35 -68.28 10.84 -32.96
CA ASP C 35 -67.69 11.32 -31.72
C ASP C 35 -68.84 11.59 -30.76
N ILE C 36 -68.71 11.10 -29.52
CA ILE C 36 -69.77 11.34 -28.55
C ILE C 36 -69.22 12.09 -27.32
N LEU C 37 -68.03 12.69 -27.48
CA LEU C 37 -67.38 13.43 -26.39
C LEU C 37 -67.09 14.86 -26.80
N GLU C 38 -67.72 15.77 -26.06
CA GLU C 38 -67.57 17.19 -26.21
C GLU C 38 -66.36 17.67 -25.43
N LYS C 39 -65.44 18.40 -26.07
CA LYS C 39 -64.21 18.80 -25.39
C LYS C 39 -63.97 20.31 -25.42
N THR C 40 -64.99 21.09 -25.78
CA THR C 40 -64.78 22.53 -25.97
C THR C 40 -65.80 23.38 -25.22
N HIS C 41 -65.32 24.51 -24.70
CA HIS C 41 -66.15 25.46 -24.00
C HIS C 41 -65.71 26.88 -24.37
N ASN C 42 -66.59 27.85 -24.15
CA ASN C 42 -66.30 29.22 -24.54
C ASN C 42 -65.51 30.05 -23.52
N GLY C 43 -65.13 29.43 -22.42
CA GLY C 43 -64.28 30.05 -21.42
C GLY C 43 -64.90 31.25 -20.73
N LYS C 44 -66.23 31.30 -20.75
CA LYS C 44 -66.97 32.44 -20.23
C LYS C 44 -68.10 32.03 -19.28
N LEU C 45 -68.39 32.87 -18.28
CA LEU C 45 -69.55 32.64 -17.41
C LEU C 45 -70.74 33.34 -18.04
N CYS C 46 -71.86 32.66 -18.16
CA CYS C 46 -72.97 33.21 -18.93
C CYS C 46 -74.25 33.15 -18.16
N ASP C 47 -75.28 33.81 -18.69
CA ASP C 47 -76.61 33.71 -18.14
C ASP C 47 -77.06 32.27 -18.34
N LEU C 48 -77.94 31.81 -17.47
CA LEU C 48 -78.49 30.49 -17.62
C LEU C 48 -79.94 30.59 -17.98
N ASN C 49 -80.24 30.40 -19.28
CA ASN C 49 -81.62 30.45 -19.75
C ASN C 49 -82.30 31.76 -19.38
N GLY C 50 -81.63 32.85 -19.71
CA GLY C 50 -82.22 34.17 -19.54
C GLY C 50 -82.33 34.65 -18.11
N VAL C 51 -81.67 33.96 -17.18
CA VAL C 51 -81.58 34.43 -15.79
C VAL C 51 -80.09 34.60 -15.43
N LYS C 52 -79.71 35.86 -15.23
CA LYS C 52 -78.32 36.27 -15.01
C LYS C 52 -77.72 35.62 -13.76
N PRO C 53 -76.41 35.30 -13.79
CA PRO C 53 -75.71 34.80 -12.58
C PRO C 53 -75.23 35.90 -11.60
N LEU C 54 -75.09 35.56 -10.32
CA LEU C 54 -74.53 36.46 -9.31
C LEU C 54 -73.03 36.26 -9.17
N ILE C 55 -72.23 37.16 -9.72
CA ILE C 55 -70.78 37.00 -9.57
C ILE C 55 -70.24 37.86 -8.42
N LEU C 56 -69.72 37.22 -7.39
CA LEU C 56 -69.29 37.92 -6.18
C LEU C 56 -67.94 38.65 -6.28
N ARG C 57 -67.28 38.55 -7.43
CA ARG C 57 -65.92 39.09 -7.58
C ARG C 57 -65.02 38.74 -6.40
N ASP C 58 -64.57 39.77 -5.69
CA ASP C 58 -63.66 39.60 -4.57
C ASP C 58 -64.35 39.62 -3.20
N CYS C 59 -65.67 39.62 -3.22
CA CYS C 59 -66.43 39.52 -1.99
C CYS C 59 -66.76 38.05 -1.78
N SER C 60 -66.83 37.63 -0.52
CA SER C 60 -67.25 36.29 -0.19
C SER C 60 -68.73 36.35 0.17
N VAL C 61 -69.35 35.18 0.33
CA VAL C 61 -70.75 35.14 0.76
C VAL C 61 -70.88 35.86 2.10
N ALA C 62 -69.93 35.65 3.02
CA ALA C 62 -69.94 36.37 4.28
C ALA C 62 -69.91 37.89 4.06
N GLY C 63 -68.94 38.33 3.27
CA GLY C 63 -68.77 39.74 2.93
C GLY C 63 -70.01 40.33 2.29
N TRP C 64 -70.65 39.53 1.45
CA TRP C 64 -71.87 39.96 0.80
C TRP C 64 -72.99 40.13 1.84
N LEU C 65 -73.25 39.04 2.55
CA LEU C 65 -74.42 38.97 3.41
C LEU C 65 -74.31 39.88 4.63
N LEU C 66 -73.12 39.91 5.24
CA LEU C 66 -72.90 40.77 6.39
C LEU C 66 -72.83 42.21 5.92
N GLY C 67 -72.39 42.41 4.68
CA GLY C 67 -72.31 43.76 4.16
C GLY C 67 -70.97 44.43 4.43
N ASN C 68 -69.89 43.70 4.15
CA ASN C 68 -68.56 44.28 4.19
C ASN C 68 -68.56 45.54 3.33
N PRO C 69 -68.11 46.66 3.91
CA PRO C 69 -68.15 47.98 3.28
C PRO C 69 -67.53 47.99 1.89
N MET C 70 -66.59 47.09 1.61
CA MET C 70 -66.03 47.01 0.26
C MET C 70 -66.92 46.21 -0.73
N CYS C 71 -68.08 45.76 -0.26
CA CYS C 71 -68.99 44.95 -1.06
C CYS C 71 -70.30 45.65 -1.41
N ASP C 72 -70.23 46.94 -1.71
CA ASP C 72 -71.44 47.72 -1.94
C ASP C 72 -72.16 47.33 -3.20
N GLU C 73 -71.43 46.66 -4.08
CA GLU C 73 -71.99 46.26 -5.35
C GLU C 73 -73.21 45.36 -5.10
N PHE C 74 -73.20 44.68 -3.96
CA PHE C 74 -74.21 43.66 -3.70
C PHE C 74 -75.23 44.05 -2.65
N ILE C 75 -75.42 45.36 -2.46
CA ILE C 75 -76.41 45.86 -1.51
C ILE C 75 -77.84 45.43 -1.88
N ASN C 76 -78.12 45.32 -3.19
CA ASN C 76 -79.45 44.90 -3.68
C ASN C 76 -79.38 44.06 -4.95
N VAL C 77 -79.20 42.75 -4.77
CA VAL C 77 -79.01 41.84 -5.90
C VAL C 77 -80.33 41.31 -6.44
N PRO C 78 -80.47 41.26 -7.78
CA PRO C 78 -81.72 40.67 -8.28
C PRO C 78 -81.65 39.15 -8.28
N GLU C 79 -82.75 38.55 -8.72
CA GLU C 79 -82.85 37.09 -8.82
C GLU C 79 -81.65 36.63 -9.61
N TRP C 80 -81.10 35.50 -9.21
CA TRP C 80 -79.94 34.92 -9.88
C TRP C 80 -80.18 33.48 -10.33
N SER C 81 -79.36 33.02 -11.25
CA SER C 81 -79.43 31.63 -11.65
C SER C 81 -78.51 30.88 -10.71
N TYR C 82 -77.22 31.21 -10.78
CA TYR C 82 -76.23 30.67 -9.87
C TYR C 82 -75.34 31.76 -9.31
N ILE C 83 -74.46 31.36 -8.41
CA ILE C 83 -73.52 32.24 -7.74
C ILE C 83 -72.08 31.80 -8.02
N VAL C 84 -71.22 32.76 -8.32
CA VAL C 84 -69.80 32.50 -8.56
C VAL C 84 -68.97 33.20 -7.47
N GLU C 85 -68.15 32.44 -6.78
CA GLU C 85 -67.30 32.94 -5.71
C GLU C 85 -65.90 32.45 -6.02
N LYS C 86 -64.90 33.31 -5.81
CA LYS C 86 -63.51 32.95 -6.02
C LYS C 86 -62.99 31.97 -4.96
N ALA C 87 -61.81 31.41 -5.19
CA ALA C 87 -61.21 30.43 -4.26
C ALA C 87 -60.93 31.11 -2.95
N SER C 88 -60.26 32.25 -3.03
CA SER C 88 -59.95 33.05 -1.84
C SER C 88 -60.30 34.52 -2.06
N PRO C 89 -61.59 34.86 -1.93
CA PRO C 89 -62.07 36.23 -2.16
C PRO C 89 -61.35 37.18 -1.21
N ALA C 90 -61.05 38.38 -1.65
CA ALA C 90 -60.29 39.26 -0.78
C ALA C 90 -61.17 39.80 0.36
N ASN C 91 -62.37 40.26 0.03
CA ASN C 91 -63.26 40.87 1.02
C ASN C 91 -64.16 39.87 1.70
N ASP C 92 -63.65 39.29 2.79
CA ASP C 92 -64.40 38.35 3.61
C ASP C 92 -64.86 39.04 4.90
N LEU C 93 -64.42 38.53 6.06
CA LEU C 93 -64.69 39.18 7.33
C LEU C 93 -63.61 40.23 7.58
N CYS C 94 -63.94 41.48 7.29
CA CYS C 94 -63.01 42.60 7.46
C CYS C 94 -62.57 42.74 8.92
N TYR C 95 -63.51 42.70 9.84
CA TYR C 95 -63.14 42.58 11.25
C TYR C 95 -62.96 41.09 11.50
N PRO C 96 -61.78 40.69 12.00
CA PRO C 96 -61.47 39.27 12.11
C PRO C 96 -62.43 38.52 13.05
N GLY C 97 -62.69 37.26 12.73
CA GLY C 97 -63.59 36.45 13.52
C GLY C 97 -64.12 35.25 12.78
N ASP C 98 -65.30 34.78 13.18
CA ASP C 98 -65.84 33.53 12.69
C ASP C 98 -67.29 33.66 12.23
N PHE C 99 -67.69 32.76 11.35
CA PHE C 99 -69.07 32.69 10.91
C PHE C 99 -69.59 31.31 11.21
N ASN C 100 -70.48 31.24 12.20
CA ASN C 100 -71.06 30.00 12.67
C ASN C 100 -71.89 29.25 11.62
N ASP C 101 -71.71 27.92 11.53
CA ASP C 101 -72.41 27.08 10.55
C ASP C 101 -72.36 27.68 9.16
N TYR C 102 -71.19 28.20 8.78
CA TYR C 102 -71.07 28.93 7.52
C TYR C 102 -71.40 28.03 6.34
N GLU C 103 -70.86 26.82 6.36
CA GLU C 103 -71.08 25.90 5.26
C GLU C 103 -72.55 25.57 5.12
N GLU C 104 -73.25 25.39 6.23
CA GLU C 104 -74.68 25.13 6.12
C GLU C 104 -75.38 26.36 5.51
N LEU C 105 -74.84 27.56 5.76
CA LEU C 105 -75.48 28.76 5.21
C LEU C 105 -75.21 28.86 3.74
N LYS C 106 -73.97 28.56 3.33
CA LYS C 106 -73.64 28.53 1.90
C LYS C 106 -74.52 27.50 1.20
N HIS C 107 -74.78 26.39 1.88
CA HIS C 107 -75.61 25.36 1.29
C HIS C 107 -77.03 25.86 1.11
N LEU C 108 -77.59 26.47 2.14
CA LEU C 108 -78.96 26.96 2.05
C LEU C 108 -79.03 27.95 0.91
N LEU C 109 -77.95 28.70 0.72
CA LEU C 109 -77.92 29.68 -0.35
C LEU C 109 -78.07 29.00 -1.67
N SER C 110 -77.36 27.90 -1.84
CA SER C 110 -77.35 27.19 -3.11
C SER C 110 -78.72 26.65 -3.47
N ARG C 111 -79.64 26.71 -2.51
CA ARG C 111 -81.01 26.29 -2.76
C ARG C 111 -81.90 27.52 -2.88
N THR C 112 -81.31 28.63 -3.29
CA THR C 112 -82.04 29.90 -3.26
C THR C 112 -81.74 30.73 -4.51
N ASN C 113 -82.76 31.41 -5.04
CA ASN C 113 -82.59 32.22 -6.23
C ASN C 113 -82.75 33.71 -6.00
N HIS C 114 -83.43 34.08 -4.92
CA HIS C 114 -83.69 35.49 -4.71
C HIS C 114 -83.66 35.93 -3.24
N PHE C 115 -82.77 36.89 -2.95
CA PHE C 115 -82.77 37.57 -1.65
C PHE C 115 -83.28 38.99 -1.82
N GLU C 116 -84.26 39.34 -1.02
CA GLU C 116 -84.73 40.71 -0.93
C GLU C 116 -84.34 41.24 0.44
N LYS C 117 -83.40 42.20 0.46
CA LYS C 117 -82.92 42.73 1.75
C LYS C 117 -83.99 43.60 2.40
N ILE C 118 -84.15 43.44 3.71
CA ILE C 118 -85.16 44.20 4.46
C ILE C 118 -84.60 44.75 5.77
N GLN C 119 -84.97 46.00 6.10
CA GLN C 119 -84.56 46.61 7.37
C GLN C 119 -85.45 46.10 8.49
N ILE C 120 -84.89 45.39 9.46
CA ILE C 120 -85.75 44.69 10.40
C ILE C 120 -85.84 45.47 11.70
N ILE C 121 -84.72 46.04 12.13
CA ILE C 121 -84.72 47.00 13.22
C ILE C 121 -83.76 48.13 12.79
N PRO C 122 -84.34 49.29 12.46
CA PRO C 122 -83.60 50.46 11.98
C PRO C 122 -82.50 50.87 12.96
N LYS C 123 -81.35 51.27 12.40
CA LYS C 123 -80.18 51.70 13.16
C LYS C 123 -80.46 52.90 14.07
N SER C 124 -81.39 53.75 13.65
CA SER C 124 -81.76 54.96 14.38
C SER C 124 -82.45 54.62 15.69
N SER C 125 -83.02 53.43 15.76
CA SER C 125 -83.87 53.07 16.87
C SER C 125 -83.11 52.70 18.14
N TRP C 126 -81.79 52.79 18.14
CA TRP C 126 -81.05 52.48 19.36
C TRP C 126 -80.85 53.75 20.17
N SER C 127 -81.91 54.17 20.86
CA SER C 127 -81.93 55.45 21.54
C SER C 127 -81.06 55.45 22.79
N ASN C 128 -81.01 54.32 23.49
CA ASN C 128 -80.25 54.27 24.74
C ASN C 128 -78.91 53.52 24.63
N HIS C 129 -78.41 53.35 23.41
CA HIS C 129 -77.06 52.83 23.18
C HIS C 129 -76.39 53.61 22.06
N ASP C 130 -75.07 53.47 21.95
CA ASP C 130 -74.38 54.15 20.85
C ASP C 130 -74.23 53.26 19.62
N ALA C 131 -74.96 53.61 18.57
CA ALA C 131 -74.92 52.83 17.36
C ALA C 131 -74.10 53.54 16.33
N SER C 132 -73.21 54.42 16.77
CA SER C 132 -72.51 55.26 15.80
C SER C 132 -70.99 55.14 15.86
N SER C 133 -70.45 54.86 17.04
CA SER C 133 -68.99 54.71 17.16
C SER C 133 -68.64 53.26 16.92
N GLY C 134 -69.67 52.45 16.72
CA GLY C 134 -69.48 51.06 16.38
C GLY C 134 -68.91 50.94 14.98
N VAL C 135 -67.62 51.24 14.88
CA VAL C 135 -66.96 51.40 13.61
C VAL C 135 -65.50 51.05 13.87
N SER C 136 -64.82 50.54 12.86
CA SER C 136 -63.46 50.09 13.01
C SER C 136 -62.59 50.39 11.79
N SER C 137 -61.28 50.44 12.01
CA SER C 137 -60.32 50.65 10.93
C SER C 137 -60.04 49.35 10.15
N ALA C 138 -60.50 48.22 10.70
CA ALA C 138 -60.32 46.93 10.04
C ALA C 138 -61.28 46.81 8.89
N CYS C 139 -62.35 47.57 8.95
CA CYS C 139 -63.35 47.58 7.91
C CYS C 139 -63.40 48.97 7.30
N PRO C 140 -62.31 49.37 6.61
CA PRO C 140 -62.35 50.73 6.08
C PRO C 140 -63.35 50.80 4.95
N TYR C 141 -64.05 51.92 4.84
CA TYR C 141 -64.89 52.13 3.68
C TYR C 141 -63.99 52.83 2.68
N HIS C 142 -64.27 54.07 2.29
CA HIS C 142 -63.34 54.69 1.35
C HIS C 142 -62.28 55.47 2.11
N GLY C 143 -61.45 54.68 2.80
CA GLY C 143 -60.39 55.21 3.65
C GLY C 143 -60.92 55.64 4.99
N ARG C 144 -62.23 55.77 5.10
CA ARG C 144 -62.85 56.21 6.34
C ARG C 144 -63.28 54.97 7.09
N SER C 145 -63.09 54.96 8.41
CA SER C 145 -63.48 53.80 9.19
C SER C 145 -64.99 53.59 9.17
N SER C 146 -65.36 52.31 9.01
CA SER C 146 -66.74 51.88 8.88
C SER C 146 -66.91 50.47 9.48
N PHE C 147 -67.92 49.74 9.01
CA PHE C 147 -68.26 48.43 9.57
C PHE C 147 -69.26 47.72 8.68
N PHE C 148 -69.53 46.46 9.00
CA PHE C 148 -70.55 45.68 8.30
C PHE C 148 -71.85 46.47 8.22
N ARG C 149 -72.49 46.44 7.06
CA ARG C 149 -73.61 47.34 6.78
C ARG C 149 -74.98 46.82 7.21
N ASN C 150 -75.09 45.51 7.42
CA ASN C 150 -76.38 44.92 7.72
C ASN C 150 -76.50 44.52 9.17
N VAL C 151 -75.44 44.80 9.91
CA VAL C 151 -75.35 44.37 11.29
C VAL C 151 -74.67 45.54 12.03
N VAL C 152 -75.16 45.86 13.22
CA VAL C 152 -74.70 47.09 13.87
C VAL C 152 -73.95 46.84 15.19
N TRP C 153 -72.75 47.39 15.28
CA TRP C 153 -71.93 47.20 16.47
C TRP C 153 -72.33 48.16 17.61
N LEU C 154 -73.31 47.77 18.40
CA LEU C 154 -73.79 48.59 19.51
C LEU C 154 -72.74 48.70 20.62
N ILE C 155 -72.46 49.95 21.00
CA ILE C 155 -71.50 50.29 22.06
C ILE C 155 -72.15 51.19 23.14
N LYS C 156 -71.61 51.16 24.37
CA LYS C 156 -72.19 51.89 25.51
C LYS C 156 -72.41 53.39 25.27
N LYS C 157 -73.43 53.94 25.93
CA LYS C 157 -73.73 55.35 25.74
C LYS C 157 -73.80 56.00 27.09
N ASN C 158 -73.08 57.12 27.23
CA ASN C 158 -73.02 57.85 28.49
C ASN C 158 -72.56 56.94 29.63
N SER C 159 -71.51 56.16 29.36
CA SER C 159 -70.96 55.22 30.33
C SER C 159 -72.02 54.26 30.85
N ALA C 160 -72.98 53.89 30.00
CA ALA C 160 -74.03 52.95 30.37
C ALA C 160 -74.45 52.07 29.20
N TYR C 161 -74.62 50.77 29.46
CA TYR C 161 -75.14 49.81 28.49
C TYR C 161 -76.35 49.12 29.12
N PRO C 162 -77.52 49.77 29.00
CA PRO C 162 -78.77 49.21 29.54
C PRO C 162 -79.03 47.89 28.85
N THR C 163 -79.74 46.99 29.55
CA THR C 163 -80.08 45.69 28.98
C THR C 163 -80.98 45.87 27.75
N ILE C 164 -80.63 45.19 26.66
CA ILE C 164 -81.40 45.25 25.42
C ILE C 164 -82.47 44.18 25.40
N LYS C 165 -83.69 44.59 25.09
CA LYS C 165 -84.82 43.68 24.93
C LYS C 165 -85.57 44.10 23.67
N ARG C 166 -85.15 43.56 22.52
CA ARG C 166 -85.80 43.83 21.23
C ARG C 166 -86.37 42.55 20.61
N SER C 167 -87.43 42.71 19.83
CA SER C 167 -88.12 41.58 19.26
C SER C 167 -88.64 41.92 17.86
N TYR C 168 -88.61 40.94 16.95
CA TYR C 168 -89.19 41.12 15.62
C TYR C 168 -90.03 39.92 15.17
N ASN C 169 -91.26 40.22 14.77
CA ASN C 169 -92.23 39.25 14.28
C ASN C 169 -92.29 39.29 12.78
N ASN C 170 -91.90 38.20 12.14
CA ASN C 170 -91.96 38.09 10.70
C ASN C 170 -93.40 38.09 10.22
N THR C 171 -93.81 39.16 9.53
CA THR C 171 -95.18 39.22 9.05
C THR C 171 -95.24 38.89 7.55
N ASN C 172 -94.09 38.71 6.92
CA ASN C 172 -94.06 38.43 5.49
C ASN C 172 -94.48 37.00 5.19
N GLN C 173 -94.57 36.67 3.90
CA GLN C 173 -95.05 35.34 3.51
C GLN C 173 -93.86 34.44 3.23
N GLU C 174 -92.67 35.03 3.26
CA GLU C 174 -91.45 34.32 2.91
C GLU C 174 -90.60 34.04 4.16
N ASP C 175 -89.71 33.04 4.08
CA ASP C 175 -88.71 32.82 5.13
C ASP C 175 -87.83 34.05 5.19
N LEU C 176 -87.25 34.29 6.35
CA LEU C 176 -86.36 35.40 6.48
C LEU C 176 -85.04 34.98 7.12
N LEU C 177 -83.94 35.37 6.48
CA LEU C 177 -82.62 35.05 7.00
C LEU C 177 -82.16 36.20 7.90
N VAL C 178 -81.94 35.90 9.17
CA VAL C 178 -81.49 36.90 10.10
C VAL C 178 -80.09 36.63 10.61
N LEU C 179 -79.22 37.65 10.52
CA LEU C 179 -77.83 37.59 10.94
C LEU C 179 -77.60 38.51 12.14
N TRP C 180 -76.80 38.05 13.11
CA TRP C 180 -76.32 38.88 14.24
C TRP C 180 -74.96 38.35 14.71
N GLY C 181 -74.37 38.98 15.71
CA GLY C 181 -73.04 38.57 16.12
C GLY C 181 -72.66 38.91 17.54
N ILE C 182 -71.52 38.41 17.97
CA ILE C 182 -70.98 38.72 19.30
C ILE C 182 -69.51 39.14 19.19
N HIS C 183 -69.09 40.08 20.03
CA HIS C 183 -67.72 40.60 20.02
C HIS C 183 -66.94 39.99 21.16
N HIS C 184 -65.74 39.51 20.83
CA HIS C 184 -64.81 38.92 21.77
C HIS C 184 -63.61 39.85 21.94
N PRO C 185 -63.60 40.65 23.02
CA PRO C 185 -62.55 41.64 23.28
C PRO C 185 -61.20 41.03 23.71
N ASN C 186 -60.19 41.88 23.87
CA ASN C 186 -58.83 41.41 24.21
C ASN C 186 -58.57 41.15 25.68
N ASP C 187 -59.13 42.00 26.54
CA ASP C 187 -58.91 41.89 27.96
C ASP C 187 -60.11 42.46 28.68
N ALA C 188 -60.16 42.27 29.99
CA ALA C 188 -61.32 42.74 30.76
C ALA C 188 -61.40 44.26 30.68
N ALA C 189 -60.25 44.89 30.46
CA ALA C 189 -60.23 46.33 30.37
C ALA C 189 -61.08 46.77 29.21
N GLU C 190 -60.72 46.32 28.01
CA GLU C 190 -61.43 46.75 26.81
C GLU C 190 -62.92 46.48 26.90
N GLN C 191 -63.27 45.36 27.53
CA GLN C 191 -64.69 45.03 27.73
C GLN C 191 -65.42 46.21 28.34
N THR C 192 -64.96 46.66 29.49
CA THR C 192 -65.65 47.74 30.19
C THR C 192 -65.62 49.02 29.36
N LYS C 193 -64.52 49.23 28.64
CA LYS C 193 -64.34 50.43 27.82
C LYS C 193 -65.45 50.57 26.80
N LEU C 194 -65.85 49.42 26.22
CA LEU C 194 -66.83 49.40 25.14
C LEU C 194 -68.26 49.20 25.65
N TYR C 195 -68.45 48.20 26.51
CA TYR C 195 -69.75 47.86 27.07
C TYR C 195 -69.55 47.92 28.55
N GLN C 196 -70.41 48.61 29.27
CA GLN C 196 -70.11 48.93 30.66
C GLN C 196 -69.99 47.69 31.52
N ASN C 197 -70.96 46.80 31.36
CA ASN C 197 -71.07 45.65 32.23
C ASN C 197 -69.91 44.72 32.01
N PRO C 198 -69.34 44.23 33.11
CA PRO C 198 -68.11 43.45 33.03
C PRO C 198 -68.36 42.01 32.59
N THR C 199 -69.49 41.47 33.00
CA THR C 199 -69.83 40.11 32.65
C THR C 199 -71.18 40.11 31.92
N THR C 200 -71.20 39.58 30.70
CA THR C 200 -72.33 39.73 29.79
C THR C 200 -72.84 38.45 29.09
N TYR C 201 -73.97 38.60 28.40
CA TYR C 201 -74.63 37.50 27.69
C TYR C 201 -75.40 38.01 26.47
N ILE C 202 -75.68 37.13 25.52
CA ILE C 202 -76.59 37.47 24.43
C ILE C 202 -77.49 36.28 24.23
N SER C 203 -78.79 36.49 24.40
CA SER C 203 -79.72 35.41 24.28
C SER C 203 -80.65 35.66 23.11
N VAL C 204 -80.88 34.64 22.30
CA VAL C 204 -81.75 34.73 21.13
C VAL C 204 -82.83 33.66 21.26
N GLY C 205 -84.08 34.04 20.96
CA GLY C 205 -85.21 33.15 21.10
C GLY C 205 -86.09 33.16 19.88
N THR C 206 -86.55 31.96 19.49
CA THR C 206 -87.39 31.79 18.31
C THR C 206 -88.28 30.60 18.65
N SER C 207 -89.34 30.35 17.86
CA SER C 207 -90.15 29.14 18.07
C SER C 207 -89.28 27.89 18.14
N THR C 208 -88.20 27.88 17.38
CA THR C 208 -87.36 26.70 17.27
C THR C 208 -85.98 26.91 17.87
N LEU C 209 -85.50 28.16 17.86
CA LEU C 209 -84.15 28.48 18.36
C LEU C 209 -84.16 28.90 19.83
N ASN C 210 -83.14 28.48 20.56
CA ASN C 210 -82.87 28.98 21.92
C ASN C 210 -81.39 28.94 22.18
N GLN C 211 -80.76 30.10 22.27
CA GLN C 211 -79.35 30.12 22.55
C GLN C 211 -78.98 31.25 23.50
N ARG C 212 -77.91 31.05 24.24
CA ARG C 212 -77.40 32.12 25.07
C ARG C 212 -75.88 32.15 24.95
N LEU C 213 -75.38 33.18 24.28
CA LEU C 213 -73.96 33.33 24.01
C LEU C 213 -73.30 34.23 25.03
N VAL C 214 -72.11 33.83 25.46
CA VAL C 214 -71.31 34.62 26.39
C VAL C 214 -69.97 34.87 25.73
N PRO C 215 -69.52 36.13 25.76
CA PRO C 215 -68.25 36.50 25.12
C PRO C 215 -67.05 35.77 25.72
N GLU C 216 -66.20 35.23 24.86
CA GLU C 216 -65.01 34.53 25.32
C GLU C 216 -63.78 35.41 25.11
N ILE C 217 -63.36 36.12 26.15
CA ILE C 217 -62.19 36.99 26.06
C ILE C 217 -60.84 36.23 26.01
N ALA C 218 -59.95 36.69 25.13
CA ALA C 218 -58.61 36.14 24.98
C ALA C 218 -57.72 37.20 24.35
N THR C 219 -56.41 37.03 24.45
CA THR C 219 -55.51 37.93 23.77
C THR C 219 -55.04 37.18 22.54
N ARG C 220 -55.28 37.76 21.36
CA ARG C 220 -54.96 37.08 20.12
C ARG C 220 -54.04 37.90 19.26
N PRO C 221 -53.33 37.25 18.34
CA PRO C 221 -52.53 38.06 17.43
C PRO C 221 -53.42 39.02 16.68
N LYS C 222 -52.86 40.12 16.19
CA LYS C 222 -53.68 41.06 15.46
C LYS C 222 -53.83 40.57 14.03
N VAL C 223 -55.08 40.54 13.59
CA VAL C 223 -55.44 40.21 12.22
C VAL C 223 -56.21 41.39 11.67
N ASN C 224 -55.72 41.95 10.56
CA ASN C 224 -56.20 43.24 10.07
C ASN C 224 -56.15 44.31 11.16
N GLY C 225 -55.07 44.27 11.93
CA GLY C 225 -54.83 45.29 12.92
C GLY C 225 -55.57 45.01 14.21
N GLN C 226 -56.68 44.29 14.13
CA GLN C 226 -57.49 44.07 15.32
C GLN C 226 -57.05 42.80 16.02
N SER C 227 -57.13 42.81 17.33
CA SER C 227 -56.76 41.66 18.12
C SER C 227 -58.03 41.04 18.72
N GLY C 228 -59.17 41.71 18.51
CA GLY C 228 -60.45 41.16 18.91
C GLY C 228 -61.09 40.23 17.88
N ARG C 229 -62.22 39.65 18.22
CA ARG C 229 -62.87 38.73 17.28
C ARG C 229 -64.37 38.90 17.32
N MET C 230 -65.01 38.72 16.17
CA MET C 230 -66.45 38.77 16.08
C MET C 230 -66.99 37.46 15.55
N GLU C 231 -68.01 36.91 16.20
CA GLU C 231 -68.55 35.62 15.83
C GLU C 231 -69.97 35.84 15.35
N PHE C 232 -70.27 35.40 14.14
CA PHE C 232 -71.57 35.70 13.56
C PHE C 232 -72.47 34.48 13.55
N PHE C 233 -73.76 34.73 13.69
CA PHE C 233 -74.72 33.65 13.78
C PHE C 233 -75.87 33.93 12.83
N TRP C 234 -76.65 32.90 12.55
CA TRP C 234 -77.77 33.06 11.64
C TRP C 234 -78.87 32.11 12.03
N THR C 235 -80.04 32.36 11.49
CA THR C 235 -81.21 31.53 11.66
C THR C 235 -82.16 31.88 10.53
N ILE C 236 -83.16 31.04 10.30
CA ILE C 236 -84.21 31.37 9.35
C ILE C 236 -85.46 31.60 10.16
N LEU C 237 -86.11 32.74 9.98
CA LEU C 237 -87.27 33.02 10.80
C LEU C 237 -88.52 32.68 10.02
N LYS C 238 -89.23 31.66 10.49
CA LYS C 238 -90.43 31.21 9.78
C LYS C 238 -91.48 32.33 9.75
N PRO C 239 -92.28 32.39 8.67
CA PRO C 239 -93.23 33.43 8.33
C PRO C 239 -94.16 33.95 9.40
N ASN C 240 -94.45 33.21 10.47
CA ASN C 240 -95.30 33.79 11.50
C ASN C 240 -94.61 33.70 12.86
N ASP C 241 -93.29 33.50 12.82
CA ASP C 241 -92.52 33.34 14.03
C ASP C 241 -91.96 34.71 14.39
N ALA C 242 -91.38 34.81 15.58
CA ALA C 242 -90.76 36.06 16.00
C ALA C 242 -89.42 35.75 16.64
N ILE C 243 -88.47 36.67 16.51
CA ILE C 243 -87.14 36.48 17.09
C ILE C 243 -86.93 37.47 18.23
N ASN C 244 -86.45 36.96 19.36
CA ASN C 244 -86.29 37.78 20.56
C ASN C 244 -84.85 37.94 20.98
N PHE C 245 -84.33 39.16 20.89
CA PHE C 245 -82.98 39.42 21.35
C PHE C 245 -83.02 40.05 22.73
N GLU C 246 -82.16 39.54 23.62
CA GLU C 246 -81.91 40.19 24.91
C GLU C 246 -80.42 40.16 25.25
N SER C 247 -79.83 41.33 25.43
CA SER C 247 -78.40 41.37 25.73
C SER C 247 -78.02 42.54 26.57
N ASN C 248 -76.93 42.38 27.31
CA ASN C 248 -76.43 43.44 28.16
C ASN C 248 -75.03 43.83 27.74
N GLY C 249 -74.62 43.45 26.54
CA GLY C 249 -73.33 43.85 26.04
C GLY C 249 -72.79 42.93 24.97
N ASN C 250 -71.77 43.38 24.24
CA ASN C 250 -71.08 42.60 23.21
C ASN C 250 -71.99 42.14 22.08
N PHE C 251 -73.17 42.74 21.99
CA PHE C 251 -74.19 42.38 21.01
C PHE C 251 -73.90 43.08 19.69
N ILE C 252 -73.80 42.31 18.61
CA ILE C 252 -73.75 42.93 17.30
C ILE C 252 -75.10 42.67 16.68
N ALA C 253 -75.94 43.70 16.64
CA ALA C 253 -77.36 43.55 16.35
C ALA C 253 -77.66 43.55 14.87
N PRO C 254 -78.74 42.86 14.47
CA PRO C 254 -79.20 42.94 13.06
C PRO C 254 -79.85 44.29 12.75
N GLU C 255 -79.58 44.86 11.58
CA GLU C 255 -80.38 45.98 11.04
C GLU C 255 -81.12 45.45 9.81
N TYR C 256 -80.38 44.86 8.88
CA TYR C 256 -81.01 44.32 7.68
C TYR C 256 -81.04 42.78 7.66
N ALA C 257 -82.17 42.22 7.26
CA ALA C 257 -82.31 40.77 7.11
C ALA C 257 -82.68 40.44 5.65
N TYR C 258 -82.72 39.15 5.32
CA TYR C 258 -82.95 38.78 3.92
C TYR C 258 -84.23 37.98 3.72
N LYS C 259 -85.16 38.52 2.92
CA LYS C 259 -86.36 37.77 2.53
C LYS C 259 -86.01 36.78 1.43
N ILE C 260 -86.37 35.51 1.65
CA ILE C 260 -86.20 34.49 0.63
C ILE C 260 -87.40 34.57 -0.28
N VAL C 261 -87.26 35.31 -1.39
CA VAL C 261 -88.37 35.50 -2.32
C VAL C 261 -88.56 34.27 -3.19
N LYS C 262 -87.48 33.83 -3.83
CA LYS C 262 -87.54 32.66 -4.69
C LYS C 262 -86.63 31.50 -4.24
N LYS C 263 -87.26 30.37 -3.91
CA LYS C 263 -86.52 29.13 -3.68
C LYS C 263 -86.45 28.30 -4.98
N GLY C 264 -85.26 27.80 -5.29
CA GLY C 264 -85.12 26.98 -6.46
C GLY C 264 -83.84 26.18 -6.42
N ASP C 265 -83.44 25.68 -7.58
CA ASP C 265 -82.22 24.90 -7.67
C ASP C 265 -81.12 25.82 -8.18
N SER C 266 -80.05 25.89 -7.39
CA SER C 266 -78.93 26.77 -7.71
C SER C 266 -77.62 26.15 -7.29
N ALA C 267 -76.56 26.95 -7.26
CA ALA C 267 -75.24 26.45 -6.90
C ALA C 267 -74.30 27.55 -6.51
N ILE C 268 -73.24 27.21 -5.77
CA ILE C 268 -72.18 28.18 -5.54
C ILE C 268 -70.95 27.68 -6.31
N MET C 269 -70.69 28.32 -7.43
CA MET C 269 -69.61 27.87 -8.28
C MET C 269 -68.29 28.52 -7.87
N LYS C 270 -67.28 27.69 -7.67
CA LYS C 270 -65.92 28.20 -7.45
C LYS C 270 -65.22 28.35 -8.78
N SER C 271 -64.97 29.59 -9.18
CA SER C 271 -64.26 29.89 -10.42
C SER C 271 -63.59 31.24 -10.30
N GLU C 272 -62.51 31.46 -11.05
CA GLU C 272 -61.82 32.74 -10.94
C GLU C 272 -62.16 33.69 -12.08
N LEU C 273 -62.99 33.25 -13.02
CA LEU C 273 -63.26 34.08 -14.18
C LEU C 273 -64.56 34.85 -14.00
N GLU C 274 -64.81 35.83 -14.87
CA GLU C 274 -66.02 36.64 -14.77
C GLU C 274 -66.92 36.63 -16.00
N TYR C 275 -67.97 37.42 -15.91
CA TYR C 275 -69.06 37.45 -16.89
C TYR C 275 -68.60 37.56 -18.35
N GLY C 276 -69.43 37.08 -19.28
CA GLY C 276 -69.09 37.04 -20.69
C GLY C 276 -70.24 37.60 -21.51
N ASN C 277 -71.30 37.99 -20.81
CA ASN C 277 -72.47 38.68 -21.35
C ASN C 277 -73.32 37.82 -22.30
N CYS C 278 -73.07 36.51 -22.27
CA CYS C 278 -73.75 35.53 -23.12
C CYS C 278 -74.88 34.78 -22.43
N ASN C 279 -75.52 33.87 -23.15
CA ASN C 279 -76.59 33.05 -22.60
C ASN C 279 -76.31 31.60 -22.93
N THR C 280 -76.73 30.68 -22.05
CA THR C 280 -76.57 29.25 -22.29
C THR C 280 -77.54 28.40 -21.49
N LYS C 281 -77.56 27.10 -21.79
CA LYS C 281 -78.38 26.13 -21.08
C LYS C 281 -77.47 25.28 -20.22
N CYS C 282 -76.16 25.43 -20.40
CA CYS C 282 -75.23 24.61 -19.65
C CYS C 282 -73.97 25.39 -19.31
N GLN C 283 -73.67 25.47 -18.03
CA GLN C 283 -72.53 26.27 -17.54
C GLN C 283 -71.57 25.45 -16.68
N THR C 284 -70.27 25.71 -16.87
CA THR C 284 -69.21 25.03 -16.11
C THR C 284 -68.26 26.11 -15.53
N PRO C 285 -67.55 25.81 -14.41
CA PRO C 285 -66.63 26.78 -13.78
C PRO C 285 -65.43 27.16 -14.64
N MET C 286 -65.23 26.46 -15.76
CA MET C 286 -64.15 26.77 -16.68
C MET C 286 -64.67 27.45 -17.95
N GLY C 287 -65.97 27.35 -18.18
CA GLY C 287 -66.62 27.90 -19.38
C GLY C 287 -67.97 27.26 -19.68
N ALA C 288 -68.66 27.76 -20.70
CA ALA C 288 -70.00 27.26 -21.02
C ALA C 288 -69.96 26.22 -22.13
N ILE C 289 -71.02 25.44 -22.21
CA ILE C 289 -71.11 24.36 -23.17
C ILE C 289 -72.29 24.53 -24.12
N ASN C 290 -72.00 24.49 -25.42
CA ASN C 290 -73.06 24.44 -26.40
C ASN C 290 -72.87 23.12 -27.12
N SER C 291 -73.58 22.08 -26.71
CA SER C 291 -73.28 20.78 -27.28
C SER C 291 -74.47 19.83 -27.35
N SER C 292 -74.38 18.86 -28.26
CA SER C 292 -75.41 17.85 -28.42
C SER C 292 -74.81 16.50 -28.09
N MET C 293 -73.51 16.53 -27.83
CA MET C 293 -72.81 15.32 -27.41
C MET C 293 -73.45 14.82 -26.12
N PRO C 294 -73.43 13.50 -25.92
CA PRO C 294 -73.96 12.94 -24.67
C PRO C 294 -72.93 13.00 -23.53
N PHE C 295 -71.68 13.29 -23.85
CA PHE C 295 -70.60 13.35 -22.86
C PHE C 295 -69.73 14.56 -23.09
N HIS C 296 -69.06 14.98 -22.03
CA HIS C 296 -68.03 16.03 -22.08
C HIS C 296 -66.99 15.73 -21.01
N ASN C 297 -65.81 16.31 -21.13
CA ASN C 297 -64.77 16.01 -20.17
C ASN C 297 -64.11 17.24 -19.54
N ILE C 298 -64.81 18.37 -19.55
CA ILE C 298 -64.21 19.62 -19.12
C ILE C 298 -64.11 19.75 -17.59
N HIS C 299 -65.24 19.58 -16.90
CA HIS C 299 -65.26 19.67 -15.45
C HIS C 299 -66.53 19.07 -14.85
N PRO C 300 -66.40 18.29 -13.77
CA PRO C 300 -67.50 17.53 -13.15
C PRO C 300 -68.61 18.39 -12.57
N LEU C 301 -68.26 19.60 -12.13
CA LEU C 301 -69.22 20.46 -11.46
C LEU C 301 -69.88 21.35 -12.50
N THR C 302 -71.11 21.03 -12.88
CA THR C 302 -71.80 21.80 -13.91
C THR C 302 -73.20 22.17 -13.44
N ILE C 303 -73.83 23.09 -14.16
CA ILE C 303 -75.19 23.46 -13.85
C ILE C 303 -75.97 23.67 -15.16
N GLY C 304 -77.20 23.16 -15.20
CA GLY C 304 -78.03 23.26 -16.39
C GLY C 304 -78.16 21.94 -17.14
N GLU C 305 -78.87 21.96 -18.27
CA GLU C 305 -79.00 20.79 -19.13
C GLU C 305 -77.64 20.47 -19.75
N CYS C 306 -76.93 19.49 -19.22
CA CYS C 306 -75.54 19.26 -19.65
C CYS C 306 -75.25 17.86 -20.15
N PRO C 307 -74.18 17.73 -20.94
CA PRO C 307 -73.79 16.36 -21.25
C PRO C 307 -73.26 15.74 -19.96
N LYS C 308 -73.18 14.42 -19.91
CA LYS C 308 -72.71 13.78 -18.69
C LYS C 308 -71.20 13.86 -18.60
N TYR C 309 -70.70 14.31 -17.46
CA TYR C 309 -69.26 14.45 -17.33
C TYR C 309 -68.62 13.12 -17.29
N VAL C 310 -67.45 13.03 -17.90
CA VAL C 310 -66.72 11.78 -17.89
C VAL C 310 -65.25 12.13 -17.98
N LYS C 311 -64.37 11.30 -17.41
CA LYS C 311 -62.93 11.61 -17.39
C LYS C 311 -62.16 11.12 -18.62
N SER C 312 -62.81 10.93 -19.77
CA SER C 312 -62.13 10.35 -20.94
C SER C 312 -61.44 11.38 -21.85
N ASN C 313 -60.36 10.97 -22.49
CA ASN C 313 -59.74 11.80 -23.48
C ASN C 313 -60.41 11.59 -24.83
N ARG C 314 -61.13 10.47 -24.97
CA ARG C 314 -61.68 10.11 -26.28
C ARG C 314 -62.84 9.12 -26.12
N LEU C 315 -63.96 9.43 -26.77
CA LEU C 315 -65.07 8.49 -26.87
C LEU C 315 -65.62 8.56 -28.26
N VAL C 316 -65.29 7.56 -29.06
CA VAL C 316 -65.80 7.52 -30.43
C VAL C 316 -66.38 6.17 -30.77
N LEU C 317 -67.65 6.18 -31.18
CA LEU C 317 -68.36 5.00 -31.62
C LEU C 317 -68.14 4.73 -33.12
N ALA C 318 -67.88 3.48 -33.45
CA ALA C 318 -67.91 3.10 -34.85
C ALA C 318 -69.37 3.04 -35.23
N THR C 319 -69.69 3.64 -36.37
CA THR C 319 -71.01 3.48 -36.95
C THR C 319 -70.86 2.76 -38.29
N GLY C 320 -69.85 3.16 -39.07
CA GLY C 320 -69.56 2.49 -40.33
C GLY C 320 -68.80 1.20 -40.13
N LEU C 321 -68.07 0.76 -41.15
CA LEU C 321 -67.35 -0.51 -41.07
C LEU C 321 -65.87 -0.32 -41.28
N ARG C 322 -65.12 -1.40 -41.09
CA ARG C 322 -63.67 -1.38 -41.20
C ARG C 322 -63.27 -0.95 -42.58
N ASN C 323 -62.50 0.13 -42.68
CA ASN C 323 -62.07 0.69 -43.96
C ASN C 323 -60.81 0.00 -44.47
N THR C 324 -60.70 -0.07 -45.78
CA THR C 324 -59.58 -0.72 -46.43
C THR C 324 -58.53 0.29 -46.92
N PRO C 325 -57.24 -0.05 -46.75
CA PRO C 325 -56.08 0.81 -47.07
C PRO C 325 -56.00 1.19 -48.54
N GLY D 1 -62.57 -10.74 -39.69
CA GLY D 1 -63.32 -10.57 -38.47
C GLY D 1 -64.03 -11.83 -38.03
N LEU D 2 -65.03 -11.68 -37.17
CA LEU D 2 -65.72 -12.86 -36.64
C LEU D 2 -66.37 -13.70 -37.71
N PHE D 3 -66.78 -13.08 -38.79
CA PHE D 3 -67.63 -13.77 -39.77
C PHE D 3 -66.92 -14.06 -41.10
N GLY D 4 -65.63 -13.75 -41.15
CA GLY D 4 -64.77 -14.14 -42.25
C GLY D 4 -65.00 -13.44 -43.58
N ALA D 5 -65.98 -12.54 -43.65
CA ALA D 5 -66.29 -11.86 -44.91
C ALA D 5 -65.49 -10.57 -45.10
N ILE D 6 -65.85 -9.52 -44.37
CA ILE D 6 -65.13 -8.26 -44.40
C ILE D 6 -63.67 -8.52 -44.02
N ALA D 7 -62.76 -8.08 -44.88
CA ALA D 7 -61.32 -8.36 -44.76
C ALA D 7 -61.03 -9.87 -44.61
N GLY D 8 -61.83 -10.69 -45.29
CA GLY D 8 -61.73 -12.14 -45.24
C GLY D 8 -61.78 -12.77 -46.62
N PHE D 9 -62.79 -13.59 -46.90
CA PHE D 9 -62.87 -14.18 -48.22
C PHE D 9 -63.21 -13.08 -49.22
N ILE D 10 -63.83 -12.01 -48.76
CA ILE D 10 -63.94 -10.82 -49.60
C ILE D 10 -62.84 -9.85 -49.19
N GLU D 11 -61.69 -9.94 -49.84
CA GLU D 11 -60.55 -9.10 -49.49
C GLU D 11 -60.71 -7.70 -50.09
N GLY D 12 -60.93 -6.71 -49.23
CA GLY D 12 -61.06 -5.32 -49.64
C GLY D 12 -62.46 -4.82 -49.96
N GLY D 13 -62.70 -3.53 -49.72
CA GLY D 13 -63.97 -2.87 -50.03
C GLY D 13 -63.89 -2.09 -51.33
N TRP D 14 -65.02 -1.56 -51.78
CA TRP D 14 -65.06 -0.87 -53.07
C TRP D 14 -65.23 0.64 -52.94
N GLN D 15 -64.22 1.37 -53.38
CA GLN D 15 -64.28 2.82 -53.46
C GLN D 15 -65.43 3.24 -54.38
N GLY D 16 -65.69 2.40 -55.39
CA GLY D 16 -66.64 2.72 -56.44
C GLY D 16 -68.08 2.73 -55.98
N MET D 17 -68.37 1.91 -54.99
CA MET D 17 -69.70 1.85 -54.46
C MET D 17 -69.89 2.92 -53.40
N VAL D 18 -70.82 3.86 -53.60
CA VAL D 18 -70.86 4.99 -52.68
C VAL D 18 -72.25 5.22 -52.08
N ASP D 19 -73.26 4.56 -52.62
CA ASP D 19 -74.63 4.79 -52.18
C ASP D 19 -75.14 3.79 -51.13
N GLY D 20 -74.22 3.06 -50.49
CA GLY D 20 -74.60 2.07 -49.50
C GLY D 20 -73.42 1.39 -48.81
N TRP D 21 -73.72 0.54 -47.84
CA TRP D 21 -72.69 -0.18 -47.10
C TRP D 21 -72.32 -1.52 -47.76
N TYR D 22 -73.34 -2.29 -48.14
CA TYR D 22 -73.14 -3.59 -48.78
C TYR D 22 -73.85 -3.62 -50.11
N GLY D 23 -73.27 -4.31 -51.07
CA GLY D 23 -73.94 -4.41 -52.35
C GLY D 23 -73.22 -5.26 -53.38
N TYR D 24 -73.50 -4.97 -54.63
CA TYR D 24 -73.08 -5.84 -55.70
C TYR D 24 -72.25 -5.13 -56.77
N HIS D 25 -71.35 -5.90 -57.38
CA HIS D 25 -70.75 -5.47 -58.63
C HIS D 25 -71.02 -6.54 -59.67
N HIS D 26 -71.78 -6.21 -60.72
CA HIS D 26 -72.08 -7.20 -61.76
C HIS D 26 -71.20 -6.96 -62.97
N SER D 27 -71.12 -7.96 -63.84
CA SER D 27 -70.31 -7.84 -65.05
C SER D 27 -70.85 -8.79 -66.12
N ASN D 28 -71.62 -8.22 -67.06
CA ASN D 28 -72.13 -8.99 -68.20
C ASN D 28 -71.76 -8.36 -69.54
N GLU D 29 -72.42 -8.79 -70.61
CA GLU D 29 -72.09 -8.26 -71.92
C GLU D 29 -72.57 -6.82 -72.03
N GLN D 30 -73.71 -6.55 -71.39
CA GLN D 30 -74.33 -5.24 -71.40
C GLN D 30 -73.55 -4.18 -70.62
N GLY D 31 -72.59 -4.63 -69.80
CA GLY D 31 -71.73 -3.72 -69.07
C GLY D 31 -71.67 -4.01 -67.59
N SER D 32 -70.73 -3.37 -66.89
CA SER D 32 -70.55 -3.58 -65.46
C SER D 32 -70.89 -2.32 -64.65
N GLY D 33 -70.96 -2.49 -63.33
CA GLY D 33 -71.26 -1.39 -62.42
C GLY D 33 -71.46 -1.80 -60.98
N TYR D 34 -71.27 -0.84 -60.08
CA TYR D 34 -71.51 -1.07 -58.66
C TYR D 34 -72.97 -0.70 -58.41
N ALA D 35 -73.59 -1.34 -57.44
CA ALA D 35 -74.95 -1.00 -57.05
C ALA D 35 -75.17 -1.41 -55.61
N ALA D 36 -75.85 -0.55 -54.86
CA ALA D 36 -76.06 -0.81 -53.46
C ALA D 36 -77.31 -1.63 -53.23
N ASP D 37 -77.20 -2.60 -52.32
CA ASP D 37 -78.36 -3.34 -51.86
C ASP D 37 -79.13 -2.52 -50.83
N LYS D 38 -80.29 -2.00 -51.24
CA LYS D 38 -81.05 -1.08 -50.38
C LYS D 38 -81.52 -1.73 -49.07
N GLU D 39 -81.95 -2.98 -49.15
CA GLU D 39 -82.53 -3.66 -48.01
C GLU D 39 -81.54 -3.85 -46.89
N SER D 40 -80.40 -4.43 -47.22
CA SER D 40 -79.42 -4.78 -46.20
C SER D 40 -78.70 -3.55 -45.67
N THR D 41 -78.52 -2.53 -46.49
CA THR D 41 -77.84 -1.32 -46.02
C THR D 41 -78.75 -0.61 -45.05
N GLN D 42 -80.01 -0.51 -45.42
CA GLN D 42 -80.97 0.21 -44.59
C GLN D 42 -81.17 -0.48 -43.25
N LYS D 43 -81.26 -1.81 -43.29
CA LYS D 43 -81.43 -2.61 -42.08
C LYS D 43 -80.29 -2.36 -41.13
N ALA D 44 -79.10 -2.20 -41.69
CA ALA D 44 -77.90 -1.94 -40.90
C ALA D 44 -77.95 -0.53 -40.32
N ILE D 45 -78.37 0.43 -41.14
CA ILE D 45 -78.50 1.81 -40.73
C ILE D 45 -79.45 1.91 -39.54
N ASP D 46 -80.56 1.17 -39.61
CA ASP D 46 -81.52 1.13 -38.51
C ASP D 46 -80.89 0.52 -37.24
N GLY D 47 -80.07 -0.50 -37.41
CA GLY D 47 -79.48 -1.18 -36.26
C GLY D 47 -78.48 -0.35 -35.51
N VAL D 48 -77.58 0.32 -36.24
CA VAL D 48 -76.53 1.17 -35.67
C VAL D 48 -77.14 2.48 -35.13
N THR D 49 -78.14 2.99 -35.83
CA THR D 49 -78.82 4.18 -35.38
C THR D 49 -79.53 3.90 -34.07
N ASN D 50 -80.23 2.79 -34.00
CA ASN D 50 -80.87 2.38 -32.77
C ASN D 50 -79.80 2.19 -31.70
N LYS D 51 -78.64 1.63 -32.06
CA LYS D 51 -77.57 1.38 -31.09
C LYS D 51 -77.01 2.67 -30.48
N VAL D 52 -76.69 3.64 -31.33
CA VAL D 52 -76.15 4.90 -30.86
C VAL D 52 -77.17 5.56 -29.94
N ASN D 53 -78.44 5.57 -30.34
CA ASN D 53 -79.49 6.14 -29.48
C ASN D 53 -79.66 5.40 -28.15
N SER D 54 -79.59 4.06 -28.16
CA SER D 54 -79.70 3.26 -26.95
C SER D 54 -78.54 3.52 -26.00
N ILE D 55 -77.38 3.79 -26.55
CA ILE D 55 -76.22 4.12 -25.73
C ILE D 55 -76.39 5.52 -25.12
N ILE D 56 -76.81 6.47 -25.95
CA ILE D 56 -77.09 7.83 -25.48
C ILE D 56 -78.22 7.87 -24.45
N ASP D 57 -79.21 7.00 -24.63
CA ASP D 57 -80.35 6.96 -23.73
C ASP D 57 -79.99 6.38 -22.35
N LYS D 58 -79.33 5.23 -22.32
CA LYS D 58 -78.99 4.56 -21.06
C LYS D 58 -78.09 5.39 -20.14
N MET D 59 -77.48 6.45 -20.67
CA MET D 59 -76.56 7.27 -19.88
C MET D 59 -77.16 8.58 -19.32
N ASN D 60 -78.47 8.78 -19.44
CA ASN D 60 -79.07 10.03 -18.94
C ASN D 60 -79.34 10.02 -17.41
N THR D 61 -79.46 8.83 -16.83
CA THR D 61 -79.63 8.70 -15.38
C THR D 61 -78.26 8.58 -14.71
N GLN D 62 -77.30 9.29 -15.27
CA GLN D 62 -75.94 9.33 -14.74
C GLN D 62 -75.77 10.30 -13.53
N PHE D 63 -74.71 10.06 -12.74
CA PHE D 63 -74.33 10.88 -11.59
C PHE D 63 -73.99 12.33 -11.92
N GLU D 64 -74.38 13.26 -11.05
CA GLU D 64 -74.09 14.67 -11.27
C GLU D 64 -73.39 15.27 -10.05
N ALA D 65 -72.14 15.69 -10.19
CA ALA D 65 -71.38 16.20 -9.05
C ALA D 65 -71.87 17.57 -8.55
N VAL D 66 -71.94 17.73 -7.22
CA VAL D 66 -72.44 18.97 -6.62
C VAL D 66 -71.43 19.58 -5.66
N GLY D 67 -71.28 20.89 -5.71
CA GLY D 67 -70.38 21.56 -4.79
C GLY D 67 -70.82 21.48 -3.34
N ARG D 68 -69.91 21.02 -2.50
CA ARG D 68 -70.16 21.02 -1.07
C ARG D 68 -68.93 21.46 -0.33
N GLU D 69 -69.15 22.33 0.65
CA GLU D 69 -68.06 22.93 1.36
C GLU D 69 -67.90 22.30 2.70
N PHE D 70 -66.66 22.23 3.16
CA PHE D 70 -66.36 21.69 4.47
C PHE D 70 -65.26 22.52 5.11
N ASN D 71 -65.24 22.59 6.43
CA ASN D 71 -64.20 23.38 7.11
C ASN D 71 -63.03 22.55 7.67
N ASN D 72 -62.08 23.19 8.34
CA ASN D 72 -60.85 22.53 8.81
C ASN D 72 -61.03 21.40 9.80
N LEU D 73 -62.20 21.34 10.44
CA LEU D 73 -62.50 20.26 11.37
C LEU D 73 -63.56 19.36 10.76
N GLU D 74 -63.72 19.45 9.46
CA GLU D 74 -64.63 18.58 8.73
C GLU D 74 -63.88 17.87 7.62
N ARG D 75 -62.61 17.57 7.89
CA ARG D 75 -61.72 16.98 6.91
C ARG D 75 -62.11 15.55 6.57
N ARG D 76 -62.57 14.80 7.56
CA ARG D 76 -62.94 13.42 7.31
C ARG D 76 -64.09 13.34 6.30
N ILE D 77 -65.18 14.07 6.56
CA ILE D 77 -66.35 14.05 5.68
C ILE D 77 -66.08 14.77 4.37
N GLU D 78 -65.16 15.73 4.36
CA GLU D 78 -64.79 16.37 3.08
C GLU D 78 -64.19 15.27 2.19
N ASN D 79 -63.34 14.45 2.81
CA ASN D 79 -62.60 13.42 2.14
C ASN D 79 -63.56 12.33 1.65
N LEU D 80 -64.51 11.97 2.50
CA LEU D 80 -65.56 11.01 2.19
C LEU D 80 -66.35 11.51 0.99
N ASN D 81 -66.68 12.79 1.02
CA ASN D 81 -67.43 13.42 -0.05
C ASN D 81 -66.65 13.39 -1.37
N LYS D 82 -65.35 13.61 -1.32
CA LYS D 82 -64.51 13.65 -2.52
C LYS D 82 -64.38 12.25 -3.09
N GLN D 83 -64.24 11.27 -2.20
CA GLN D 83 -64.06 9.88 -2.56
C GLN D 83 -65.33 9.40 -3.28
N MET D 84 -66.47 9.85 -2.79
CA MET D 84 -67.78 9.49 -3.34
C MET D 84 -67.97 10.09 -4.71
N GLU D 85 -67.63 11.36 -4.87
CA GLU D 85 -67.77 12.01 -6.16
C GLU D 85 -66.79 11.42 -7.16
N ASP D 86 -65.54 11.24 -6.74
CA ASP D 86 -64.55 10.60 -7.59
C ASP D 86 -64.97 9.16 -7.85
N GLY D 87 -65.57 8.52 -6.86
CA GLY D 87 -65.96 7.14 -7.01
C GLY D 87 -66.93 6.95 -8.15
N PHE D 88 -67.98 7.78 -8.16
CA PHE D 88 -69.02 7.68 -9.16
C PHE D 88 -68.49 8.16 -10.50
N LEU D 89 -67.63 9.17 -10.48
CA LEU D 89 -67.09 9.63 -11.76
C LEU D 89 -66.27 8.51 -12.39
N ASP D 90 -65.54 7.76 -11.57
CA ASP D 90 -64.74 6.67 -12.09
C ASP D 90 -65.63 5.54 -12.61
N VAL D 91 -66.76 5.30 -11.94
CA VAL D 91 -67.66 4.24 -12.36
C VAL D 91 -68.28 4.55 -13.71
N TRP D 92 -68.74 5.78 -13.88
CA TRP D 92 -69.39 6.16 -15.14
C TRP D 92 -68.39 6.33 -16.27
N THR D 93 -67.14 6.58 -15.93
CA THR D 93 -66.13 6.65 -16.98
C THR D 93 -65.85 5.26 -17.51
N TYR D 94 -65.69 4.29 -16.61
CA TYR D 94 -65.55 2.89 -16.96
C TYR D 94 -66.76 2.46 -17.76
N ASN D 95 -67.94 2.79 -17.24
CA ASN D 95 -69.15 2.39 -17.93
C ASN D 95 -69.24 2.89 -19.39
N ALA D 96 -68.80 4.12 -19.65
CA ALA D 96 -68.88 4.68 -21.01
C ALA D 96 -67.80 4.13 -21.90
N GLU D 97 -66.55 4.16 -21.40
CA GLU D 97 -65.40 3.67 -22.17
C GLU D 97 -65.57 2.21 -22.56
N LEU D 98 -66.04 1.40 -21.61
CA LEU D 98 -66.15 -0.01 -21.83
C LEU D 98 -67.30 -0.29 -22.78
N LEU D 99 -68.41 0.41 -22.58
CA LEU D 99 -69.60 0.20 -23.40
C LEU D 99 -69.23 0.57 -24.83
N VAL D 100 -68.47 1.65 -24.98
CA VAL D 100 -68.05 2.05 -26.31
C VAL D 100 -67.12 1.01 -26.95
N LEU D 101 -66.12 0.50 -26.22
CA LEU D 101 -65.22 -0.53 -26.74
C LEU D 101 -66.02 -1.79 -27.19
N MET D 102 -66.95 -2.22 -26.35
CA MET D 102 -67.72 -3.42 -26.59
C MET D 102 -68.67 -3.30 -27.78
N GLU D 103 -69.41 -2.20 -27.88
CA GLU D 103 -70.36 -2.10 -28.97
C GLU D 103 -69.63 -1.81 -30.28
N ASN D 104 -68.44 -1.21 -30.18
CA ASN D 104 -67.59 -0.98 -31.33
C ASN D 104 -67.16 -2.29 -31.94
N GLU D 105 -66.76 -3.24 -31.10
CA GLU D 105 -66.40 -4.54 -31.59
C GLU D 105 -67.61 -5.20 -32.28
N ARG D 106 -68.77 -5.12 -31.64
CA ARG D 106 -69.98 -5.73 -32.21
C ARG D 106 -70.48 -4.99 -33.45
N THR D 107 -70.22 -3.69 -33.52
CA THR D 107 -70.66 -2.92 -34.68
C THR D 107 -69.91 -3.43 -35.90
N LEU D 108 -68.62 -3.63 -35.72
CA LEU D 108 -67.74 -4.12 -36.75
C LEU D 108 -68.17 -5.51 -37.20
N ASP D 109 -68.48 -6.37 -36.22
CA ASP D 109 -68.90 -7.75 -36.49
C ASP D 109 -70.30 -7.80 -37.09
N PHE D 110 -71.11 -6.82 -36.76
CA PHE D 110 -72.45 -6.75 -37.29
C PHE D 110 -72.36 -6.51 -38.82
N HIS D 111 -71.44 -5.65 -39.22
CA HIS D 111 -71.25 -5.40 -40.63
C HIS D 111 -70.71 -6.65 -41.30
N ASP D 112 -69.69 -7.27 -40.69
CA ASP D 112 -69.09 -8.48 -41.24
C ASP D 112 -70.18 -9.50 -41.46
N SER D 113 -71.05 -9.65 -40.48
CA SER D 113 -72.14 -10.60 -40.57
C SER D 113 -73.10 -10.21 -41.67
N ASN D 114 -73.32 -8.92 -41.84
CA ASN D 114 -74.29 -8.46 -42.84
C ASN D 114 -73.81 -8.82 -44.26
N VAL D 115 -72.49 -8.74 -44.45
CA VAL D 115 -71.89 -9.07 -45.74
C VAL D 115 -72.00 -10.57 -46.01
N LYS D 116 -71.58 -11.37 -45.04
CA LYS D 116 -71.69 -12.81 -45.18
C LYS D 116 -73.14 -13.24 -45.44
N ASN D 117 -74.11 -12.54 -44.86
CA ASN D 117 -75.51 -12.88 -45.11
C ASN D 117 -75.95 -12.52 -46.53
N LEU D 118 -75.46 -11.38 -47.02
CA LEU D 118 -75.84 -10.93 -48.35
C LEU D 118 -75.26 -11.88 -49.39
N TYR D 119 -74.03 -12.29 -49.16
CA TYR D 119 -73.36 -13.25 -50.03
C TYR D 119 -74.13 -14.55 -50.06
N ASP D 120 -74.53 -15.03 -48.89
CA ASP D 120 -75.26 -16.29 -48.82
C ASP D 120 -76.64 -16.17 -49.47
N LYS D 121 -77.24 -14.98 -49.40
CA LYS D 121 -78.57 -14.78 -49.97
C LYS D 121 -78.50 -15.09 -51.47
N VAL D 122 -77.43 -14.62 -52.09
CA VAL D 122 -77.22 -14.81 -53.51
C VAL D 122 -76.79 -16.25 -53.78
N ARG D 123 -75.86 -16.75 -52.98
CA ARG D 123 -75.39 -18.12 -53.14
C ARG D 123 -76.58 -19.11 -53.12
N LEU D 124 -77.50 -18.93 -52.19
CA LEU D 124 -78.62 -19.86 -51.98
C LEU D 124 -79.67 -19.77 -53.07
N GLN D 125 -79.63 -18.65 -53.80
CA GLN D 125 -80.52 -18.49 -54.93
C GLN D 125 -79.99 -19.19 -56.16
N LEU D 126 -78.71 -18.96 -56.44
CA LEU D 126 -78.06 -19.41 -57.66
C LEU D 126 -77.79 -20.92 -57.67
N ARG D 127 -77.38 -21.48 -56.54
CA ARG D 127 -77.06 -22.90 -56.46
C ARG D 127 -76.07 -23.33 -57.55
N ASP D 128 -76.37 -24.39 -58.29
CA ASP D 128 -75.42 -24.88 -59.29
C ASP D 128 -75.44 -24.10 -60.61
N ASN D 129 -76.28 -23.06 -60.68
CA ASN D 129 -76.33 -22.24 -61.88
C ASN D 129 -75.14 -21.29 -61.98
N ALA D 130 -74.25 -21.35 -60.98
CA ALA D 130 -73.08 -20.49 -60.96
C ALA D 130 -71.96 -21.13 -60.18
N LYS D 131 -70.73 -20.64 -60.38
CA LYS D 131 -69.58 -21.20 -59.69
C LYS D 131 -69.04 -20.17 -58.68
N GLU D 132 -68.75 -20.60 -57.46
CA GLU D 132 -68.16 -19.74 -56.43
C GLU D 132 -66.67 -19.53 -56.69
N LEU D 133 -66.24 -18.35 -57.14
CA LEU D 133 -64.80 -18.13 -57.36
C LEU D 133 -64.00 -18.07 -56.04
N GLY D 134 -64.66 -17.71 -54.93
CA GLY D 134 -64.01 -17.70 -53.62
C GLY D 134 -63.46 -16.36 -53.17
N ASN D 135 -63.91 -15.30 -53.84
CA ASN D 135 -63.44 -13.96 -53.55
C ASN D 135 -64.63 -13.03 -53.45
N GLY D 136 -65.80 -13.63 -53.31
CA GLY D 136 -67.04 -12.89 -53.22
C GLY D 136 -67.83 -12.88 -54.51
N CYS D 137 -67.25 -13.43 -55.57
CA CYS D 137 -67.92 -13.43 -56.87
C CYS D 137 -68.47 -14.80 -57.22
N PHE D 138 -69.55 -14.75 -58.00
CA PHE D 138 -70.15 -15.92 -58.62
C PHE D 138 -70.05 -15.76 -60.12
N GLU D 139 -69.37 -16.69 -60.77
CA GLU D 139 -69.33 -16.72 -62.21
C GLU D 139 -70.50 -17.59 -62.68
N PHE D 140 -71.39 -17.01 -63.47
CA PHE D 140 -72.59 -17.71 -63.92
C PHE D 140 -72.30 -18.81 -64.95
N TYR D 141 -73.06 -19.89 -64.85
CA TYR D 141 -73.00 -20.98 -65.82
C TYR D 141 -73.92 -20.69 -66.98
N HIS D 142 -74.37 -19.44 -67.04
CA HIS D 142 -75.18 -19.00 -68.15
C HIS D 142 -74.99 -17.52 -68.37
N LYS D 143 -75.78 -16.95 -69.28
CA LYS D 143 -75.72 -15.54 -69.52
C LYS D 143 -76.76 -14.89 -68.63
N CYS D 144 -76.33 -13.86 -67.91
CA CYS D 144 -77.21 -13.14 -67.01
C CYS D 144 -77.26 -11.70 -67.47
N ASP D 145 -78.34 -11.33 -68.16
CA ASP D 145 -78.49 -9.96 -68.64
C ASP D 145 -78.79 -9.04 -67.48
N ASN D 146 -78.86 -7.75 -67.75
CA ASN D 146 -79.15 -6.77 -66.73
C ASN D 146 -80.42 -7.06 -65.93
N GLU D 147 -81.46 -7.57 -66.59
CA GLU D 147 -82.69 -7.83 -65.86
C GLU D 147 -82.56 -9.07 -64.97
N CYS D 148 -81.77 -10.04 -65.42
CA CYS D 148 -81.48 -11.23 -64.61
C CYS D 148 -80.67 -10.82 -63.39
N MET D 149 -79.67 -9.95 -63.60
CA MET D 149 -78.90 -9.40 -62.49
C MET D 149 -79.86 -8.76 -61.50
N GLU D 150 -80.79 -7.98 -62.05
CA GLU D 150 -81.73 -7.26 -61.20
C GLU D 150 -82.59 -8.24 -60.39
N SER D 151 -82.75 -9.43 -60.94
CA SER D 151 -83.51 -10.51 -60.34
C SER D 151 -82.77 -11.11 -59.17
N VAL D 152 -81.45 -11.10 -59.28
CA VAL D 152 -80.62 -11.67 -58.25
C VAL D 152 -80.57 -10.71 -57.08
N LYS D 153 -80.47 -9.42 -57.43
CA LYS D 153 -80.34 -8.37 -56.44
C LYS D 153 -81.60 -8.25 -55.59
N ASN D 154 -82.77 -8.49 -56.17
CA ASN D 154 -84.01 -8.37 -55.39
C ASN D 154 -84.66 -9.69 -54.96
N GLY D 155 -83.89 -10.78 -55.00
CA GLY D 155 -84.31 -12.06 -54.45
C GLY D 155 -85.42 -12.78 -55.20
N THR D 156 -85.49 -12.58 -56.50
CA THR D 156 -86.53 -13.20 -57.29
C THR D 156 -85.94 -14.08 -58.41
N TYR D 157 -84.70 -14.54 -58.21
CA TYR D 157 -84.01 -15.36 -59.20
C TYR D 157 -84.80 -16.59 -59.57
N ASP D 158 -84.98 -16.79 -60.87
CA ASP D 158 -85.74 -17.94 -61.36
C ASP D 158 -84.76 -19.06 -61.70
N TYR D 159 -84.44 -19.87 -60.70
CA TYR D 159 -83.48 -20.95 -60.88
C TYR D 159 -83.85 -21.86 -62.06
N PRO D 160 -85.09 -22.38 -62.10
CA PRO D 160 -85.42 -23.28 -63.21
C PRO D 160 -85.40 -22.62 -64.59
N GLN D 161 -85.61 -21.30 -64.67
CA GLN D 161 -85.54 -20.60 -65.94
C GLN D 161 -84.18 -20.79 -66.64
N TYR D 162 -83.11 -20.82 -65.85
CA TYR D 162 -81.77 -20.92 -66.41
C TYR D 162 -81.13 -22.28 -66.11
N SER D 163 -81.88 -23.13 -65.42
CA SER D 163 -81.43 -24.43 -64.94
C SER D 163 -80.85 -25.26 -66.08
N GLU D 164 -81.59 -25.35 -67.18
CA GLU D 164 -81.16 -26.18 -68.28
C GLU D 164 -79.92 -25.63 -68.98
N GLU D 165 -79.87 -24.34 -69.30
CA GLU D 165 -78.65 -23.86 -69.96
C GLU D 165 -77.46 -23.87 -69.02
N ALA D 166 -77.72 -23.83 -67.71
CA ALA D 166 -76.64 -23.91 -66.75
C ALA D 166 -76.08 -25.34 -66.74
N ARG D 167 -76.97 -26.32 -66.68
CA ARG D 167 -76.56 -27.73 -66.69
C ARG D 167 -75.73 -28.06 -67.91
N LEU D 168 -76.17 -27.55 -69.06
CA LEU D 168 -75.48 -27.82 -70.33
C LEU D 168 -74.05 -27.29 -70.25
N ASN D 169 -73.88 -26.08 -69.72
CA ASN D 169 -72.54 -25.50 -69.62
C ASN D 169 -71.72 -26.19 -68.52
N ARG D 170 -72.39 -26.79 -67.54
CA ARG D 170 -71.67 -27.52 -66.49
C ARG D 170 -71.06 -28.78 -67.05
N GLU D 171 -71.84 -29.50 -67.87
CA GLU D 171 -71.43 -30.81 -68.34
C GLU D 171 -70.40 -30.73 -69.49
N GLU D 172 -70.32 -29.58 -70.15
CA GLU D 172 -69.36 -29.47 -71.24
C GLU D 172 -67.97 -29.23 -70.66
N ILE D 173 -67.90 -28.68 -69.45
CA ILE D 173 -66.61 -28.52 -68.80
C ILE D 173 -66.40 -29.79 -67.96
N PRO E 3 -58.03 -44.23 -50.60
CA PRO E 3 -57.65 -44.11 -52.00
C PRO E 3 -57.00 -42.76 -52.25
N GLY E 4 -57.35 -41.77 -51.44
CA GLY E 4 -56.89 -40.42 -51.73
C GLY E 4 -56.10 -39.72 -50.61
N ASP E 5 -55.28 -38.75 -51.01
CA ASP E 5 -54.56 -37.87 -50.10
C ASP E 5 -55.56 -36.94 -49.43
N GLN E 6 -55.35 -36.62 -48.15
CA GLN E 6 -56.29 -35.71 -47.51
C GLN E 6 -55.63 -34.69 -46.58
N ILE E 7 -56.29 -33.54 -46.42
CA ILE E 7 -55.86 -32.51 -45.50
C ILE E 7 -56.97 -32.18 -44.49
N CYS E 8 -56.59 -32.04 -43.23
CA CYS E 8 -57.56 -31.80 -42.17
C CYS E 8 -57.26 -30.51 -41.43
N ILE E 9 -58.29 -29.76 -41.07
CA ILE E 9 -58.12 -28.55 -40.28
C ILE E 9 -58.51 -28.88 -38.85
N GLY E 10 -57.70 -28.47 -37.89
CA GLY E 10 -57.99 -28.80 -36.52
C GLY E 10 -57.38 -27.81 -35.56
N TYR E 11 -57.56 -28.07 -34.28
CA TYR E 11 -57.15 -27.10 -33.27
C TYR E 11 -56.46 -27.74 -32.08
N HIS E 12 -55.76 -26.92 -31.31
CA HIS E 12 -54.93 -27.43 -30.23
C HIS E 12 -55.71 -28.17 -29.14
N ALA E 13 -55.01 -29.07 -28.48
CA ALA E 13 -55.53 -29.77 -27.31
C ALA E 13 -54.35 -30.15 -26.41
N ASN E 14 -54.57 -30.29 -25.11
CA ASN E 14 -53.51 -30.64 -24.16
C ASN E 14 -54.04 -31.28 -22.88
N ASN E 15 -53.16 -31.54 -21.92
CA ASN E 15 -53.57 -32.17 -20.67
C ASN E 15 -53.98 -31.17 -19.60
N SER E 16 -54.30 -29.95 -20.00
CA SER E 16 -54.69 -28.90 -19.06
C SER E 16 -56.02 -29.21 -18.39
N THR E 17 -56.14 -28.80 -17.13
CA THR E 17 -57.34 -29.02 -16.34
C THR E 17 -57.92 -27.68 -15.92
N GLU E 18 -57.27 -26.61 -16.36
CA GLU E 18 -57.68 -25.27 -16.01
C GLU E 18 -59.11 -25.06 -16.48
N GLN E 19 -59.97 -24.61 -15.57
CA GLN E 19 -61.36 -24.39 -15.90
C GLN E 19 -61.66 -22.89 -15.85
N VAL E 20 -62.75 -22.49 -16.49
CA VAL E 20 -63.06 -21.09 -16.62
C VAL E 20 -64.57 -20.94 -16.69
N ASP E 21 -65.13 -19.78 -16.30
CA ASP E 21 -66.58 -19.60 -16.33
C ASP E 21 -66.91 -18.56 -17.38
N THR E 22 -68.14 -18.63 -17.89
CA THR E 22 -68.71 -17.69 -18.86
C THR E 22 -70.16 -17.45 -18.44
N ILE E 23 -70.91 -16.67 -19.20
CA ILE E 23 -72.32 -16.54 -18.83
C ILE E 23 -73.11 -17.85 -18.93
N MET E 24 -72.97 -18.56 -20.05
CA MET E 24 -73.85 -19.72 -20.31
C MET E 24 -73.38 -21.05 -19.75
N GLU E 25 -72.09 -21.18 -19.47
CA GLU E 25 -71.57 -22.46 -19.04
C GLU E 25 -70.57 -22.16 -17.95
N LYS E 26 -70.54 -23.02 -16.95
CA LYS E 26 -69.56 -22.91 -15.88
C LYS E 26 -68.61 -24.09 -15.91
N ASN E 27 -67.40 -23.89 -15.40
CA ASN E 27 -66.37 -24.91 -15.35
C ASN E 27 -66.08 -25.46 -16.72
N VAL E 28 -65.68 -24.56 -17.61
CA VAL E 28 -65.33 -24.92 -18.96
C VAL E 28 -63.84 -25.05 -19.00
N THR E 29 -63.42 -26.30 -19.18
CA THR E 29 -62.01 -26.64 -19.26
C THR E 29 -61.43 -26.07 -20.54
N VAL E 30 -60.23 -25.54 -20.41
CA VAL E 30 -59.63 -24.70 -21.45
C VAL E 30 -58.13 -25.05 -21.57
N THR E 31 -57.50 -24.72 -22.69
CA THR E 31 -56.10 -25.10 -22.87
C THR E 31 -55.18 -24.13 -22.12
N HIS E 32 -55.59 -22.86 -22.12
CA HIS E 32 -54.78 -21.79 -21.53
C HIS E 32 -55.62 -20.70 -20.89
N ALA E 33 -55.22 -20.34 -19.68
CA ALA E 33 -55.91 -19.31 -18.93
C ALA E 33 -54.90 -18.46 -18.18
N GLN E 34 -55.30 -17.24 -17.85
CA GLN E 34 -54.46 -16.37 -17.03
C GLN E 34 -55.22 -16.02 -15.72
N ASP E 35 -54.64 -16.38 -14.57
CA ASP E 35 -55.25 -15.98 -13.29
C ASP E 35 -54.94 -14.52 -13.06
N ILE E 36 -55.95 -13.74 -12.69
CA ILE E 36 -55.77 -12.31 -12.47
C ILE E 36 -56.16 -11.85 -11.07
N LEU E 37 -56.28 -12.81 -10.16
CA LEU E 37 -56.67 -12.52 -8.79
C LEU E 37 -55.64 -13.04 -7.82
N GLU E 38 -55.02 -12.12 -7.10
CA GLU E 38 -54.02 -12.46 -6.08
C GLU E 38 -54.70 -12.81 -4.76
N LYS E 39 -54.33 -13.93 -4.17
CA LYS E 39 -54.99 -14.40 -2.95
C LYS E 39 -54.02 -14.69 -1.79
N THR E 40 -52.79 -14.22 -1.90
CA THR E 40 -51.76 -14.53 -0.91
C THR E 40 -50.95 -13.31 -0.48
N HIS E 41 -50.57 -13.29 0.79
CA HIS E 41 -49.77 -12.22 1.37
C HIS E 41 -48.77 -12.83 2.35
N ASN E 42 -47.75 -12.06 2.74
CA ASN E 42 -46.74 -12.59 3.64
C ASN E 42 -47.11 -12.50 5.13
N GLY E 43 -48.29 -11.97 5.42
CA GLY E 43 -48.81 -11.97 6.78
C GLY E 43 -48.01 -11.20 7.83
N LYS E 44 -47.18 -10.26 7.40
CA LYS E 44 -46.38 -9.45 8.31
C LYS E 44 -46.40 -7.96 7.90
N LEU E 45 -46.09 -7.06 8.84
CA LEU E 45 -46.01 -5.62 8.51
C LEU E 45 -44.61 -5.29 8.05
N CYS E 46 -44.51 -4.50 6.99
CA CYS E 46 -43.21 -4.27 6.30
C CYS E 46 -42.93 -2.81 6.03
N ASP E 47 -41.71 -2.51 5.61
CA ASP E 47 -41.39 -1.17 5.10
C ASP E 47 -42.16 -0.93 3.80
N LEU E 48 -42.43 0.34 3.53
CA LEU E 48 -43.06 0.73 2.27
C LEU E 48 -42.02 1.43 1.42
N ASN E 49 -41.43 0.70 0.47
CA ASN E 49 -40.34 1.20 -0.35
C ASN E 49 -39.19 1.70 0.51
N GLY E 50 -38.79 0.85 1.46
CA GLY E 50 -37.62 1.10 2.30
C GLY E 50 -37.77 2.14 3.41
N VAL E 51 -38.99 2.57 3.70
CA VAL E 51 -39.20 3.52 4.79
C VAL E 51 -40.15 2.89 5.82
N LYS E 52 -39.60 2.72 7.02
CA LYS E 52 -40.24 2.02 8.12
C LYS E 52 -41.55 2.67 8.54
N PRO E 53 -42.56 1.84 8.83
CA PRO E 53 -43.82 2.38 9.34
C PRO E 53 -43.68 2.64 10.84
N LEU E 54 -44.52 3.50 11.39
CA LEU E 54 -44.56 3.73 12.83
C LEU E 54 -45.55 2.75 13.47
N ILE E 55 -45.04 1.72 14.12
CA ILE E 55 -45.87 0.73 14.81
C ILE E 55 -46.06 1.10 16.27
N LEU E 56 -47.28 1.44 16.68
CA LEU E 56 -47.51 1.96 18.04
C LEU E 56 -47.54 0.86 19.10
N ARG E 57 -47.43 -0.40 18.69
CA ARG E 57 -47.56 -1.52 19.60
C ARG E 57 -48.81 -1.35 20.45
N ASP E 58 -48.60 -1.16 21.76
CA ASP E 58 -49.70 -1.06 22.71
C ASP E 58 -50.12 0.36 23.04
N CYS E 59 -49.56 1.33 22.33
CA CYS E 59 -49.94 2.72 22.50
C CYS E 59 -50.97 3.16 21.47
N SER E 60 -51.79 4.12 21.89
CA SER E 60 -52.74 4.72 21.00
C SER E 60 -52.06 5.96 20.46
N VAL E 61 -52.68 6.58 19.46
CA VAL E 61 -52.15 7.81 18.92
C VAL E 61 -52.09 8.89 20.01
N ALA E 62 -53.14 8.95 20.84
CA ALA E 62 -53.14 9.90 21.97
C ALA E 62 -51.96 9.63 22.92
N GLY E 63 -51.82 8.39 23.35
CA GLY E 63 -50.76 8.01 24.27
C GLY E 63 -49.40 8.43 23.74
N TRP E 64 -49.20 8.30 22.44
CA TRP E 64 -47.98 8.73 21.78
C TRP E 64 -47.83 10.26 21.83
N LEU E 65 -48.82 10.98 21.31
CA LEU E 65 -48.66 12.42 21.15
C LEU E 65 -48.61 13.17 22.50
N LEU E 66 -49.49 12.76 23.40
CA LEU E 66 -49.56 13.34 24.73
C LEU E 66 -48.40 12.86 25.56
N GLY E 67 -47.92 11.67 25.26
CA GLY E 67 -46.75 11.19 25.94
C GLY E 67 -47.04 10.45 27.21
N ASN E 68 -48.01 9.55 27.16
CA ASN E 68 -48.24 8.62 28.26
C ASN E 68 -46.91 7.98 28.61
N PRO E 69 -46.53 8.03 29.90
CA PRO E 69 -45.22 7.52 30.32
C PRO E 69 -44.97 6.09 29.86
N MET E 70 -46.01 5.28 29.67
CA MET E 70 -45.75 3.91 29.19
C MET E 70 -45.51 3.83 27.68
N CYS E 71 -45.49 4.99 27.02
CA CYS E 71 -45.25 5.05 25.58
C CYS E 71 -43.92 5.69 25.27
N ASP E 72 -42.93 5.48 26.13
CA ASP E 72 -41.66 6.19 25.99
C ASP E 72 -40.92 5.73 24.75
N GLU E 73 -41.32 4.57 24.25
CA GLU E 73 -40.68 3.96 23.09
C GLU E 73 -40.68 4.94 21.93
N PHE E 74 -41.68 5.81 21.93
CA PHE E 74 -41.94 6.72 20.84
C PHE E 74 -41.60 8.18 21.16
N ILE E 75 -40.67 8.39 22.09
CA ILE E 75 -40.31 9.76 22.51
C ILE E 75 -39.76 10.54 21.31
N ASN E 76 -39.11 9.85 20.37
CA ASN E 76 -38.59 10.48 19.17
C ASN E 76 -38.64 9.59 17.96
N VAL E 77 -39.77 9.61 17.27
CA VAL E 77 -39.96 8.72 16.13
C VAL E 77 -39.44 9.32 14.81
N PRO E 78 -38.80 8.47 14.02
CA PRO E 78 -38.32 9.00 12.75
C PRO E 78 -39.43 9.06 11.71
N GLU E 79 -39.09 9.55 10.53
CA GLU E 79 -40.04 9.64 9.42
C GLU E 79 -40.66 8.26 9.18
N TRP E 80 -41.95 8.25 8.85
CA TRP E 80 -42.66 6.99 8.63
C TRP E 80 -43.40 6.97 7.29
N SER E 81 -43.71 5.77 6.83
CA SER E 81 -44.53 5.63 5.62
C SER E 81 -45.96 5.61 6.08
N TYR E 82 -46.32 4.61 6.90
CA TYR E 82 -47.66 4.53 7.48
C TYR E 82 -47.59 4.31 8.99
N ILE E 83 -48.74 4.34 9.65
CA ILE E 83 -48.81 4.14 11.10
C ILE E 83 -49.69 2.93 11.37
N VAL E 84 -49.26 2.06 12.29
CA VAL E 84 -50.06 0.92 12.66
C VAL E 84 -50.48 1.06 14.13
N GLU E 85 -51.77 0.95 14.38
CA GLU E 85 -52.33 1.05 15.72
C GLU E 85 -53.19 -0.18 15.96
N LYS E 86 -53.09 -0.76 17.14
CA LYS E 86 -53.96 -1.87 17.47
C LYS E 86 -55.39 -1.39 17.66
N ALA E 87 -56.31 -2.34 17.76
CA ALA E 87 -57.75 -2.05 17.87
C ALA E 87 -58.07 -1.38 19.19
N SER E 88 -57.57 -1.96 20.28
CA SER E 88 -57.84 -1.41 21.60
C SER E 88 -56.54 -1.29 22.39
N PRO E 89 -55.71 -0.29 22.03
CA PRO E 89 -54.40 -0.16 22.69
C PRO E 89 -54.57 0.08 24.20
N ALA E 90 -53.70 -0.54 24.99
CA ALA E 90 -53.81 -0.46 26.43
C ALA E 90 -53.35 0.90 26.96
N ASN E 91 -52.26 1.41 26.41
CA ASN E 91 -51.75 2.68 26.87
C ASN E 91 -52.38 3.79 26.05
N ASP E 92 -53.55 4.24 26.47
CA ASP E 92 -54.22 5.38 25.86
C ASP E 92 -54.09 6.57 26.85
N LEU E 93 -55.21 7.11 27.33
CA LEU E 93 -55.18 8.18 28.33
C LEU E 93 -55.08 7.57 29.71
N CYS E 94 -53.86 7.61 30.27
CA CYS E 94 -53.58 7.01 31.56
C CYS E 94 -54.50 7.68 32.62
N TYR E 95 -54.57 9.00 32.56
CA TYR E 95 -55.57 9.74 33.30
C TYR E 95 -56.84 9.83 32.45
N PRO E 96 -57.98 9.38 33.00
CA PRO E 96 -59.22 9.26 32.21
C PRO E 96 -59.72 10.60 31.68
N GLY E 97 -60.32 10.56 30.50
CA GLY E 97 -60.83 11.76 29.89
C GLY E 97 -61.06 11.61 28.40
N ASP E 98 -61.00 12.72 27.67
CA ASP E 98 -61.32 12.77 26.25
C ASP E 98 -60.29 13.55 25.44
N PHE E 99 -60.26 13.30 24.14
CA PHE E 99 -59.38 14.04 23.23
C PHE E 99 -60.29 14.69 22.22
N ASN E 100 -60.44 16.00 22.35
CA ASN E 100 -61.39 16.73 21.53
C ASN E 100 -61.03 16.61 20.06
N ASP E 101 -62.01 16.40 19.18
CA ASP E 101 -61.76 16.25 17.74
C ASP E 101 -60.65 15.24 17.49
N TYR E 102 -60.69 14.11 18.17
CA TYR E 102 -59.62 13.10 18.11
C TYR E 102 -59.48 12.56 16.70
N GLU E 103 -60.62 12.21 16.11
CA GLU E 103 -60.65 11.62 14.78
C GLU E 103 -60.16 12.61 13.73
N GLU E 104 -60.55 13.86 13.85
CA GLU E 104 -60.06 14.85 12.90
C GLU E 104 -58.53 14.97 13.00
N LEU E 105 -58.00 14.70 14.19
CA LEU E 105 -56.55 14.75 14.37
C LEU E 105 -55.91 13.54 13.73
N LYS E 106 -56.50 12.36 13.92
CA LYS E 106 -55.97 11.14 13.31
C LYS E 106 -55.96 11.26 11.79
N HIS E 107 -56.96 11.94 11.25
CA HIS E 107 -56.99 12.16 9.80
C HIS E 107 -55.80 13.01 9.36
N LEU E 108 -55.52 14.08 10.09
CA LEU E 108 -54.38 14.96 9.82
C LEU E 108 -53.06 14.20 9.94
N LEU E 109 -53.02 13.22 10.84
CA LEU E 109 -51.85 12.38 11.02
C LEU E 109 -51.56 11.58 9.76
N SER E 110 -52.62 10.99 9.19
CA SER E 110 -52.54 10.14 8.00
C SER E 110 -52.13 10.92 6.77
N ARG E 111 -52.10 12.24 6.86
CA ARG E 111 -51.64 13.05 5.76
C ARG E 111 -50.24 13.56 6.10
N THR E 112 -49.56 12.83 6.98
CA THR E 112 -48.30 13.29 7.53
C THR E 112 -47.30 12.15 7.68
N ASN E 113 -46.02 12.45 7.41
CA ASN E 113 -44.94 11.47 7.50
C ASN E 113 -43.89 11.75 8.54
N HIS E 114 -43.77 13.01 8.97
CA HIS E 114 -42.71 13.34 9.90
C HIS E 114 -43.06 14.39 10.94
N PHE E 115 -42.97 13.99 12.21
CA PHE E 115 -43.08 14.91 13.34
C PHE E 115 -41.74 15.08 13.99
N GLU E 116 -41.31 16.32 14.14
CA GLU E 116 -40.10 16.61 14.91
C GLU E 116 -40.49 17.32 16.21
N LYS E 117 -40.25 16.65 17.34
CA LYS E 117 -40.67 17.21 18.63
C LYS E 117 -39.79 18.40 18.96
N ILE E 118 -40.38 19.49 19.44
CA ILE E 118 -39.61 20.65 19.90
C ILE E 118 -40.19 21.19 21.21
N GLN E 119 -39.32 21.66 22.08
CA GLN E 119 -39.78 22.22 23.33
C GLN E 119 -40.32 23.63 23.07
N ILE E 120 -41.60 23.84 23.36
CA ILE E 120 -42.22 25.13 23.03
C ILE E 120 -42.35 25.96 24.31
N ILE E 121 -42.59 25.29 25.43
CA ILE E 121 -42.59 25.95 26.73
C ILE E 121 -41.83 25.11 27.75
N PRO E 122 -40.62 25.56 28.13
CA PRO E 122 -39.81 24.80 29.08
C PRO E 122 -40.51 24.63 30.43
N LYS E 123 -40.51 23.42 30.98
CA LYS E 123 -41.16 23.16 32.26
C LYS E 123 -40.48 24.02 33.33
N SER E 124 -39.20 24.28 33.13
CA SER E 124 -38.40 25.06 34.06
C SER E 124 -38.84 26.50 34.16
N SER E 125 -39.50 26.99 33.11
CA SER E 125 -39.86 28.40 33.01
C SER E 125 -41.11 28.79 33.82
N TRP E 126 -41.68 27.84 34.55
CA TRP E 126 -42.86 28.12 35.38
C TRP E 126 -42.48 28.54 36.79
N SER E 127 -42.05 29.79 36.91
CA SER E 127 -41.47 30.31 38.15
C SER E 127 -42.49 30.50 39.28
N ASN E 128 -43.71 30.89 38.92
CA ASN E 128 -44.74 31.18 39.94
C ASN E 128 -45.81 30.10 40.07
N HIS E 129 -45.57 28.90 39.52
CA HIS E 129 -46.48 27.77 39.71
C HIS E 129 -45.69 26.48 39.91
N ASP E 130 -46.36 25.45 40.41
CA ASP E 130 -45.72 24.15 40.62
C ASP E 130 -45.82 23.27 39.36
N ALA E 131 -44.69 23.04 38.70
CA ALA E 131 -44.69 22.23 37.50
C ALA E 131 -44.16 20.85 37.79
N SER E 132 -44.22 20.46 39.06
CA SER E 132 -43.62 19.21 39.52
C SER E 132 -44.56 18.25 40.27
N SER E 133 -45.59 18.78 40.94
CA SER E 133 -46.50 17.88 41.66
C SER E 133 -47.64 17.43 40.76
N GLY E 134 -47.73 18.05 39.58
CA GLY E 134 -48.78 17.71 38.63
C GLY E 134 -48.58 16.30 38.10
N VAL E 135 -48.97 15.34 38.94
CA VAL E 135 -48.61 13.95 38.77
C VAL E 135 -49.71 13.09 39.39
N SER E 136 -49.95 11.91 38.81
CA SER E 136 -51.06 11.03 39.23
C SER E 136 -50.66 9.56 39.28
N SER E 137 -51.36 8.79 40.11
CA SER E 137 -51.05 7.37 40.24
C SER E 137 -51.67 6.64 39.06
N ALA E 138 -52.52 7.37 38.34
CA ALA E 138 -53.19 6.85 37.17
C ALA E 138 -52.20 6.75 36.01
N CYS E 139 -51.11 7.51 36.10
CA CYS E 139 -50.08 7.49 35.08
C CYS E 139 -48.76 7.01 35.68
N PRO E 140 -48.72 5.75 36.14
CA PRO E 140 -47.50 5.31 36.84
C PRO E 140 -46.32 5.07 35.91
N TYR E 141 -45.15 5.54 36.34
CA TYR E 141 -43.93 5.22 35.63
C TYR E 141 -43.20 4.07 36.33
N HIS E 142 -42.05 4.35 36.94
CA HIS E 142 -41.31 3.26 37.53
C HIS E 142 -41.76 3.07 38.97
N GLY E 143 -43.00 2.64 39.12
CA GLY E 143 -43.55 2.42 40.44
C GLY E 143 -44.00 3.69 41.13
N ARG E 144 -43.61 4.83 40.60
CA ARG E 144 -44.03 6.08 41.20
C ARG E 144 -44.96 6.84 40.27
N SER E 145 -45.87 7.61 40.86
CA SER E 145 -46.84 8.41 40.13
C SER E 145 -46.16 9.36 39.17
N SER E 146 -46.73 9.51 37.98
CA SER E 146 -46.15 10.36 36.94
C SER E 146 -47.23 11.04 36.11
N PHE E 147 -46.90 11.39 34.87
CA PHE E 147 -47.85 12.12 34.02
C PHE E 147 -47.44 12.18 32.54
N PHE E 148 -48.37 12.59 31.68
CA PHE E 148 -48.08 12.80 30.26
C PHE E 148 -46.86 13.68 30.14
N ARG E 149 -45.96 13.33 29.23
CA ARG E 149 -44.65 13.95 29.16
C ARG E 149 -44.58 15.20 28.28
N ASN E 150 -45.56 15.43 27.45
CA ASN E 150 -45.43 16.54 26.53
C ASN E 150 -46.25 17.70 26.98
N VAL E 151 -46.90 17.50 28.10
CA VAL E 151 -47.86 18.46 28.55
C VAL E 151 -47.79 18.53 30.09
N VAL E 152 -47.90 19.71 30.67
CA VAL E 152 -47.60 19.87 32.11
C VAL E 152 -48.79 20.27 32.98
N TRP E 153 -49.02 19.47 34.03
CA TRP E 153 -50.12 19.72 34.95
C TRP E 153 -49.71 20.77 36.01
N LEU E 154 -49.85 22.04 35.65
CA LEU E 154 -49.50 23.13 36.54
C LEU E 154 -50.46 23.15 37.74
N ILE E 155 -49.89 23.20 38.94
CA ILE E 155 -50.65 23.22 40.18
C ILE E 155 -50.18 24.40 41.06
N LYS E 156 -51.06 24.88 41.93
CA LYS E 156 -50.79 26.08 42.73
C LYS E 156 -49.49 25.98 43.55
N LYS E 157 -48.87 27.14 43.74
CA LYS E 157 -47.61 27.23 44.48
C LYS E 157 -47.78 28.27 45.56
N ASN E 158 -47.45 27.90 46.80
CA ASN E 158 -47.62 28.77 47.96
C ASN E 158 -49.05 29.29 48.06
N SER E 159 -50.00 28.40 47.87
CA SER E 159 -51.43 28.70 47.97
C SER E 159 -51.92 29.87 47.12
N ALA E 160 -51.30 30.06 45.96
CA ALA E 160 -51.71 31.12 45.05
C ALA E 160 -51.51 30.64 43.62
N TYR E 161 -52.48 30.90 42.76
CA TYR E 161 -52.39 30.52 41.35
C TYR E 161 -52.51 31.76 40.46
N PRO E 162 -51.37 32.44 40.24
CA PRO E 162 -51.35 33.68 39.45
C PRO E 162 -51.85 33.44 38.05
N THR E 163 -52.42 34.46 37.44
CA THR E 163 -52.90 34.32 36.08
C THR E 163 -51.70 34.05 35.17
N ILE E 164 -51.84 33.04 34.32
CA ILE E 164 -50.81 32.68 33.35
C ILE E 164 -51.08 33.48 32.09
N LYS E 165 -50.03 34.10 31.56
CA LYS E 165 -50.12 34.77 30.26
C LYS E 165 -48.87 34.37 29.49
N ARG E 166 -48.92 33.24 28.81
CA ARG E 166 -47.75 32.80 28.07
C ARG E 166 -48.09 32.79 26.61
N SER E 167 -47.07 32.98 25.80
CA SER E 167 -47.26 33.10 24.37
C SER E 167 -46.11 32.43 23.66
N TYR E 168 -46.44 31.78 22.56
CA TYR E 168 -45.40 31.21 21.71
C TYR E 168 -45.65 31.56 20.26
N ASN E 169 -44.63 32.15 19.63
CA ASN E 169 -44.68 32.53 18.23
C ASN E 169 -43.91 31.49 17.42
N ASN E 170 -44.59 30.84 16.48
CA ASN E 170 -43.94 29.84 15.64
C ASN E 170 -42.88 30.46 14.75
N THR E 171 -41.62 30.19 15.07
CA THR E 171 -40.51 30.77 14.32
C THR E 171 -39.95 29.77 13.30
N ASN E 172 -40.46 28.54 13.34
CA ASN E 172 -40.05 27.55 12.37
C ASN E 172 -40.70 27.85 11.03
N GLN E 173 -40.38 27.07 10.01
CA GLN E 173 -40.96 27.29 8.68
C GLN E 173 -42.09 26.28 8.42
N GLU E 174 -42.31 25.40 9.41
CA GLU E 174 -43.27 24.31 9.30
C GLU E 174 -44.55 24.61 10.08
N ASP E 175 -45.63 23.91 9.75
CA ASP E 175 -46.78 23.96 10.63
C ASP E 175 -46.34 23.23 11.90
N LEU E 176 -46.88 23.62 13.04
CA LEU E 176 -46.63 22.84 14.23
C LEU E 176 -47.90 22.55 14.98
N LEU E 177 -48.02 21.28 15.40
CA LEU E 177 -49.15 20.76 16.14
C LEU E 177 -48.91 21.02 17.62
N VAL E 178 -49.83 21.75 18.25
CA VAL E 178 -49.75 22.08 19.67
C VAL E 178 -50.83 21.35 20.49
N LEU E 179 -50.44 20.73 21.61
CA LEU E 179 -51.42 20.08 22.48
C LEU E 179 -51.53 20.80 23.82
N TRP E 180 -52.75 20.89 24.33
CA TRP E 180 -52.96 21.35 25.69
C TRP E 180 -54.20 20.68 26.26
N GLY E 181 -54.51 20.95 27.53
CA GLY E 181 -55.63 20.29 28.17
C GLY E 181 -56.23 21.07 29.33
N ILE E 182 -57.40 20.62 29.79
CA ILE E 182 -58.08 21.22 30.91
C ILE E 182 -58.44 20.10 31.86
N HIS E 183 -58.40 20.39 33.16
CA HIS E 183 -58.74 19.39 34.17
C HIS E 183 -60.12 19.62 34.78
N HIS E 184 -60.91 18.55 34.85
CA HIS E 184 -62.23 18.61 35.44
C HIS E 184 -62.21 17.89 36.78
N PRO E 185 -62.14 18.66 37.90
CA PRO E 185 -62.01 18.05 39.23
C PRO E 185 -63.31 17.41 39.67
N ASN E 186 -63.33 16.75 40.82
CA ASN E 186 -64.54 16.08 41.31
C ASN E 186 -65.50 16.99 42.08
N ASP E 187 -64.93 17.90 42.88
CA ASP E 187 -65.70 18.81 43.70
C ASP E 187 -64.89 20.09 44.01
N ALA E 188 -65.57 21.10 44.56
CA ALA E 188 -64.99 22.43 44.76
C ALA E 188 -63.81 22.44 45.72
N ALA E 189 -63.82 21.49 46.65
CA ALA E 189 -62.71 21.35 47.58
C ALA E 189 -61.46 20.98 46.79
N GLU E 190 -61.56 19.91 46.00
CA GLU E 190 -60.44 19.47 45.19
C GLU E 190 -60.00 20.62 44.31
N GLN E 191 -60.97 21.36 43.76
CA GLN E 191 -60.65 22.52 42.92
C GLN E 191 -59.74 23.46 43.66
N THR E 192 -60.18 23.93 44.84
CA THR E 192 -59.39 24.88 45.61
C THR E 192 -58.06 24.26 46.02
N LYS E 193 -58.07 22.95 46.29
CA LYS E 193 -56.86 22.26 46.72
C LYS E 193 -55.73 22.32 45.68
N LEU E 194 -56.10 22.16 44.41
CA LEU E 194 -55.10 22.07 43.33
C LEU E 194 -54.75 23.45 42.73
N TYR E 195 -55.78 24.22 42.40
CA TYR E 195 -55.62 25.56 41.86
C TYR E 195 -56.39 26.44 42.82
N GLN E 196 -55.82 27.52 43.30
CA GLN E 196 -56.42 28.19 44.46
C GLN E 196 -57.83 28.71 44.17
N ASN E 197 -57.99 29.33 43.01
CA ASN E 197 -59.21 30.02 42.63
C ASN E 197 -60.36 29.07 42.40
N PRO E 198 -61.56 29.46 42.83
CA PRO E 198 -62.76 28.61 42.82
C PRO E 198 -63.39 28.51 41.45
N THR E 199 -63.34 29.59 40.68
CA THR E 199 -63.89 29.59 39.32
C THR E 199 -62.81 30.00 38.33
N THR E 200 -62.56 29.15 37.34
CA THR E 200 -61.42 29.31 36.42
C THR E 200 -61.81 29.14 34.96
N TYR E 201 -60.86 29.46 34.09
CA TYR E 201 -61.00 29.42 32.64
C TYR E 201 -59.64 29.16 31.98
N ILE E 202 -59.66 28.73 30.72
CA ILE E 202 -58.43 28.60 29.94
C ILE E 202 -58.71 29.23 28.61
N SER E 203 -57.95 30.25 28.27
CA SER E 203 -58.23 30.95 27.03
C SER E 203 -57.08 30.77 26.06
N VAL E 204 -57.39 30.40 24.82
CA VAL E 204 -56.37 30.17 23.82
C VAL E 204 -56.61 31.05 22.60
N GLY E 205 -55.55 31.62 22.07
CA GLY E 205 -55.67 32.52 20.95
C GLY E 205 -54.68 32.21 19.85
N THR E 206 -55.16 32.27 18.62
CA THR E 206 -54.35 32.01 17.45
C THR E 206 -54.98 32.92 16.42
N SER E 207 -54.32 33.18 15.31
CA SER E 207 -54.92 33.98 14.25
C SER E 207 -56.29 33.44 13.86
N THR E 208 -56.44 32.13 13.91
CA THR E 208 -57.64 31.49 13.45
C THR E 208 -58.43 30.95 14.63
N LEU E 209 -57.73 30.56 15.68
CA LEU E 209 -58.43 29.95 16.80
C LEU E 209 -58.78 30.97 17.87
N ASN E 210 -59.97 30.82 18.45
CA ASN E 210 -60.33 31.54 19.66
C ASN E 210 -61.27 30.68 20.46
N GLN E 211 -60.78 30.19 21.59
CA GLN E 211 -61.60 29.43 22.50
C GLN E 211 -61.31 29.75 23.96
N ARG E 212 -62.32 29.58 24.78
CA ARG E 212 -62.16 29.75 26.21
C ARG E 212 -62.88 28.60 26.87
N LEU E 213 -62.11 27.71 27.47
CA LEU E 213 -62.60 26.48 28.06
C LEU E 213 -62.84 26.74 29.55
N VAL E 214 -63.95 26.21 30.07
CA VAL E 214 -64.25 26.31 31.50
C VAL E 214 -64.50 24.93 32.05
N PRO E 215 -63.86 24.60 33.16
CA PRO E 215 -64.01 23.26 33.76
C PRO E 215 -65.42 22.92 34.21
N GLU E 216 -65.90 21.74 33.82
CA GLU E 216 -67.21 21.26 34.22
C GLU E 216 -67.11 20.15 35.26
N ILE E 217 -67.26 20.54 36.52
CA ILE E 217 -67.22 19.63 37.66
C ILE E 217 -68.45 18.71 37.73
N ALA E 218 -68.22 17.43 38.04
CA ALA E 218 -69.28 16.45 38.24
C ALA E 218 -68.72 15.31 39.07
N THR E 219 -69.59 14.50 39.63
CA THR E 219 -69.11 13.37 40.39
C THR E 219 -69.17 12.19 39.45
N ARG E 220 -68.02 11.58 39.20
CA ARG E 220 -67.94 10.49 38.21
C ARG E 220 -67.39 9.24 38.82
N PRO E 221 -67.74 8.09 38.24
CA PRO E 221 -67.13 6.86 38.70
C PRO E 221 -65.64 6.97 38.52
N LYS E 222 -64.88 6.20 39.31
CA LYS E 222 -63.43 6.20 39.21
C LYS E 222 -63.05 5.36 38.00
N VAL E 223 -62.16 5.90 37.18
CA VAL E 223 -61.60 5.22 36.02
C VAL E 223 -60.08 5.26 36.14
N ASN E 224 -59.40 4.11 36.11
CA ASN E 224 -57.97 4.08 36.41
C ASN E 224 -57.69 4.77 37.74
N GLY E 225 -58.56 4.56 38.72
CA GLY E 225 -58.36 5.12 40.04
C GLY E 225 -58.85 6.54 40.23
N GLN E 226 -58.86 7.33 39.15
CA GLN E 226 -59.26 8.72 39.22
C GLN E 226 -60.74 8.93 38.89
N SER E 227 -61.38 9.86 39.58
CA SER E 227 -62.79 10.12 39.31
C SER E 227 -62.94 11.47 38.63
N GLY E 228 -61.82 12.17 38.50
CA GLY E 228 -61.78 13.42 37.75
C GLY E 228 -61.56 13.08 36.29
N ARG E 229 -61.51 14.09 35.45
CA ARG E 229 -61.30 13.87 34.03
C ARG E 229 -60.40 14.93 33.47
N MET E 230 -59.63 14.56 32.45
CA MET E 230 -58.80 15.54 31.77
C MET E 230 -59.20 15.55 30.30
N GLU E 231 -59.38 16.73 29.74
CA GLU E 231 -59.88 16.86 28.37
C GLU E 231 -58.83 17.54 27.52
N PHE E 232 -58.42 16.90 26.43
CA PHE E 232 -57.32 17.44 25.63
C PHE E 232 -57.73 18.08 24.30
N PHE E 233 -57.00 19.13 23.92
CA PHE E 233 -57.31 19.90 22.74
C PHE E 233 -56.07 20.13 21.88
N TRP E 234 -56.27 20.48 20.61
CA TRP E 234 -55.16 20.75 19.71
C TRP E 234 -55.48 21.77 18.63
N THR E 235 -54.43 22.28 18.01
CA THR E 235 -54.58 23.19 16.92
C THR E 235 -53.31 23.13 16.11
N ILE E 236 -53.37 23.63 14.90
CA ILE E 236 -52.19 23.74 14.09
C ILE E 236 -51.80 25.20 14.04
N LEU E 237 -50.56 25.47 14.40
CA LEU E 237 -50.05 26.83 14.43
C LEU E 237 -49.24 27.06 13.16
N LYS E 238 -49.76 27.95 12.32
CA LYS E 238 -49.15 28.31 11.04
C LYS E 238 -47.77 28.99 11.21
N PRO E 239 -46.86 28.82 10.23
CA PRO E 239 -45.45 29.21 10.32
C PRO E 239 -45.15 30.58 10.86
N ASN E 240 -46.06 31.53 10.78
CA ASN E 240 -45.74 32.84 11.35
C ASN E 240 -46.78 33.31 12.35
N ASP E 241 -47.57 32.38 12.85
CA ASP E 241 -48.62 32.71 13.79
C ASP E 241 -48.10 32.50 15.20
N ALA E 242 -48.89 32.92 16.18
CA ALA E 242 -48.52 32.76 17.58
C ALA E 242 -49.71 32.24 18.36
N ILE E 243 -49.44 31.48 19.41
CA ILE E 243 -50.50 30.96 20.24
C ILE E 243 -50.40 31.61 21.62
N ASN E 244 -51.53 32.11 22.11
CA ASN E 244 -51.57 32.85 23.37
C ASN E 244 -52.40 32.15 24.42
N PHE E 245 -51.76 31.72 25.49
CA PHE E 245 -52.51 31.11 26.58
C PHE E 245 -52.71 32.10 27.72
N GLU E 246 -53.94 32.16 28.23
CA GLU E 246 -54.21 32.86 29.47
C GLU E 246 -55.16 32.02 30.29
N SER E 247 -54.72 31.65 31.48
CA SER E 247 -55.52 30.83 32.37
C SER E 247 -55.19 31.11 33.82
N ASN E 248 -56.16 30.84 34.68
CA ASN E 248 -56.01 31.03 36.11
C ASN E 248 -56.21 29.72 36.86
N GLY E 249 -56.19 28.61 36.14
CA GLY E 249 -56.29 27.29 36.76
C GLY E 249 -56.77 26.18 35.85
N ASN E 250 -56.59 24.95 36.29
CA ASN E 250 -57.05 23.77 35.55
C ASN E 250 -56.40 23.64 34.16
N PHE E 251 -55.33 24.39 33.93
CA PHE E 251 -54.65 24.37 32.64
C PHE E 251 -53.61 23.25 32.60
N ILE E 252 -53.70 22.39 31.60
CA ILE E 252 -52.62 21.42 31.37
C ILE E 252 -51.83 21.99 30.22
N ALA E 253 -50.70 22.58 30.54
CA ALA E 253 -50.01 23.41 29.59
C ALA E 253 -49.12 22.59 28.66
N PRO E 254 -48.92 23.07 27.43
CA PRO E 254 -47.97 22.42 26.53
C PRO E 254 -46.53 22.64 27.00
N GLU E 255 -45.70 21.61 26.85
CA GLU E 255 -44.25 21.76 26.94
C GLU E 255 -43.66 21.47 25.57
N TYR E 256 -44.05 20.32 25.00
CA TYR E 256 -43.57 19.93 23.69
C TYR E 256 -44.68 20.01 22.65
N ALA E 257 -44.32 20.53 21.47
CA ALA E 257 -45.19 20.53 20.29
C ALA E 257 -44.47 19.79 19.17
N TYR E 258 -45.16 19.61 18.03
CA TYR E 258 -44.60 18.81 16.95
C TYR E 258 -44.43 19.61 15.66
N LYS E 259 -43.21 19.70 15.14
CA LYS E 259 -43.02 20.32 13.83
C LYS E 259 -43.51 19.33 12.81
N ILE E 260 -44.37 19.80 11.93
CA ILE E 260 -44.80 18.97 10.82
C ILE E 260 -43.80 19.14 9.70
N VAL E 261 -42.81 18.25 9.64
CA VAL E 261 -41.70 18.35 8.70
C VAL E 261 -42.06 17.92 7.29
N LYS E 262 -42.56 16.71 7.15
CA LYS E 262 -42.98 16.22 5.86
C LYS E 262 -44.46 15.88 5.83
N LYS E 263 -45.18 16.61 5.00
CA LYS E 263 -46.56 16.31 4.67
C LYS E 263 -46.50 15.42 3.41
N GLY E 264 -47.30 14.35 3.42
CA GLY E 264 -47.36 13.47 2.28
C GLY E 264 -48.60 12.63 2.37
N ASP E 265 -48.62 11.52 1.64
CA ASP E 265 -49.73 10.61 1.73
C ASP E 265 -49.32 9.45 2.62
N SER E 266 -50.13 9.18 3.64
CA SER E 266 -49.86 8.10 4.57
C SER E 266 -51.18 7.48 5.01
N ALA E 267 -51.14 6.68 6.07
CA ALA E 267 -52.34 6.01 6.55
C ALA E 267 -52.19 5.51 7.97
N ILE E 268 -53.31 5.34 8.67
CA ILE E 268 -53.28 4.69 9.97
C ILE E 268 -53.94 3.33 9.89
N MET E 269 -53.15 2.28 9.87
CA MET E 269 -53.71 0.94 9.72
C MET E 269 -54.09 0.29 11.05
N LYS E 270 -55.30 -0.22 11.11
CA LYS E 270 -55.69 -1.02 12.25
C LYS E 270 -55.29 -2.44 11.97
N SER E 271 -54.30 -2.92 12.72
CA SER E 271 -53.85 -4.30 12.61
C SER E 271 -53.31 -4.73 13.96
N GLU E 272 -53.34 -6.02 14.25
CA GLU E 272 -52.86 -6.49 15.54
C GLU E 272 -51.48 -7.07 15.49
N LEU E 273 -50.88 -7.09 14.30
CA LEU E 273 -49.60 -7.75 14.16
C LEU E 273 -48.45 -6.75 14.24
N GLU E 274 -47.22 -7.26 14.37
CA GLU E 274 -46.08 -6.36 14.47
C GLU E 274 -45.09 -6.54 13.34
N TYR E 275 -44.03 -5.75 13.41
CA TYR E 275 -43.01 -5.63 12.38
C TYR E 275 -42.46 -6.97 11.90
N GLY E 276 -42.00 -7.02 10.66
CA GLY E 276 -41.52 -8.27 10.11
C GLY E 276 -40.19 -8.11 9.44
N ASN E 277 -39.70 -6.86 9.43
CA ASN E 277 -38.37 -6.54 8.94
C ASN E 277 -38.22 -6.76 7.43
N CYS E 278 -39.35 -6.87 6.74
CA CYS E 278 -39.36 -7.06 5.31
C CYS E 278 -39.60 -5.73 4.60
N ASN E 279 -39.67 -5.78 3.28
CA ASN E 279 -39.95 -4.60 2.48
C ASN E 279 -41.00 -4.92 1.42
N THR E 280 -41.83 -3.93 1.07
CA THR E 280 -42.79 -4.16 0.00
C THR E 280 -43.21 -2.85 -0.63
N LYS E 281 -43.95 -2.96 -1.73
CA LYS E 281 -44.44 -1.83 -2.50
C LYS E 281 -45.92 -1.69 -2.20
N CYS E 282 -46.45 -2.69 -1.49
CA CYS E 282 -47.87 -2.75 -1.19
C CYS E 282 -48.11 -3.46 0.13
N GLN E 283 -48.82 -2.80 1.05
CA GLN E 283 -49.08 -3.34 2.39
C GLN E 283 -50.56 -3.41 2.72
N THR E 284 -50.94 -4.47 3.44
CA THR E 284 -52.30 -4.70 3.87
C THR E 284 -52.32 -5.07 5.36
N PRO E 285 -53.43 -4.80 6.07
CA PRO E 285 -53.60 -5.05 7.52
C PRO E 285 -53.46 -6.50 7.92
N MET E 286 -53.48 -7.39 6.93
CA MET E 286 -53.36 -8.81 7.18
C MET E 286 -51.98 -9.27 6.79
N GLY E 287 -51.30 -8.44 6.00
CA GLY E 287 -49.96 -8.74 5.51
C GLY E 287 -49.62 -7.97 4.25
N ALA E 288 -48.40 -8.10 3.76
CA ALA E 288 -47.97 -7.35 2.57
C ALA E 288 -48.14 -8.16 1.27
N ILE E 289 -48.18 -7.44 0.14
CA ILE E 289 -48.40 -8.07 -1.15
C ILE E 289 -47.28 -7.82 -2.18
N ASN E 290 -46.72 -8.89 -2.71
CA ASN E 290 -45.76 -8.80 -3.81
C ASN E 290 -46.37 -9.51 -4.99
N SER E 291 -47.00 -8.76 -5.87
CA SER E 291 -47.77 -9.38 -6.95
C SER E 291 -47.78 -8.52 -8.20
N SER E 292 -47.98 -9.20 -9.33
CA SER E 292 -48.04 -8.55 -10.62
C SER E 292 -49.45 -8.68 -11.17
N MET E 293 -50.26 -9.41 -10.41
CA MET E 293 -51.66 -9.55 -10.67
C MET E 293 -52.36 -8.19 -10.58
N PRO E 294 -53.41 -7.99 -11.38
CA PRO E 294 -54.15 -6.71 -11.37
C PRO E 294 -55.22 -6.61 -10.29
N PHE E 295 -55.54 -7.71 -9.63
CA PHE E 295 -56.58 -7.75 -8.60
C PHE E 295 -56.11 -8.54 -7.40
N HIS E 296 -56.75 -8.30 -6.25
CA HIS E 296 -56.54 -9.13 -5.07
C HIS E 296 -57.80 -9.17 -4.23
N ASN E 297 -57.88 -10.12 -3.31
CA ASN E 297 -59.07 -10.20 -2.48
C ASN E 297 -58.70 -10.31 -1.00
N ILE E 298 -57.56 -9.71 -0.67
CA ILE E 298 -56.98 -9.79 0.67
C ILE E 298 -57.69 -8.94 1.69
N HIS E 299 -57.68 -7.64 1.45
CA HIS E 299 -58.25 -6.67 2.35
C HIS E 299 -58.37 -5.38 1.57
N PRO E 300 -59.48 -4.66 1.75
CA PRO E 300 -59.76 -3.40 1.01
C PRO E 300 -58.82 -2.25 1.41
N LEU E 301 -58.33 -2.24 2.64
CA LEU E 301 -57.57 -1.10 3.11
C LEU E 301 -56.10 -1.36 2.87
N THR E 302 -55.52 -0.79 1.80
CA THR E 302 -54.12 -1.06 1.48
C THR E 302 -53.33 0.23 1.27
N ILE E 303 -51.99 0.14 1.24
CA ILE E 303 -51.17 1.31 0.96
C ILE E 303 -49.98 0.95 0.08
N GLY E 304 -49.68 1.81 -0.90
CA GLY E 304 -48.63 1.58 -1.88
C GLY E 304 -49.21 1.24 -3.26
N GLU E 305 -48.36 0.97 -4.24
CA GLU E 305 -48.85 0.52 -5.55
C GLU E 305 -49.36 -0.92 -5.44
N CYS E 306 -50.69 -1.08 -5.47
CA CYS E 306 -51.38 -2.35 -5.20
C CYS E 306 -52.25 -2.85 -6.35
N PRO E 307 -52.63 -4.12 -6.30
CA PRO E 307 -53.71 -4.55 -7.17
C PRO E 307 -55.01 -3.95 -6.67
N LYS E 308 -56.04 -3.93 -7.49
CA LYS E 308 -57.32 -3.39 -7.09
C LYS E 308 -58.07 -4.44 -6.31
N TYR E 309 -58.59 -4.04 -5.16
CA TYR E 309 -59.30 -4.95 -4.31
C TYR E 309 -60.64 -5.30 -4.90
N VAL E 310 -61.01 -6.57 -4.73
CA VAL E 310 -62.24 -7.09 -5.30
C VAL E 310 -62.69 -8.19 -4.35
N LYS E 311 -63.98 -8.42 -4.23
CA LYS E 311 -64.43 -9.44 -3.28
C LYS E 311 -64.52 -10.87 -3.85
N SER E 312 -63.83 -11.16 -4.93
CA SER E 312 -64.04 -12.45 -5.57
C SER E 312 -63.19 -13.51 -4.92
N ASN E 313 -63.68 -14.75 -4.98
CA ASN E 313 -62.87 -15.89 -4.61
C ASN E 313 -62.09 -16.34 -5.82
N ARG E 314 -62.56 -15.93 -7.01
CA ARG E 314 -61.99 -16.43 -8.25
C ARG E 314 -62.24 -15.48 -9.40
N LEU E 315 -61.16 -15.16 -10.11
CA LEU E 315 -61.20 -14.39 -11.34
C LEU E 315 -60.21 -14.98 -12.32
N VAL E 316 -60.70 -15.68 -13.33
CA VAL E 316 -59.82 -16.27 -14.34
C VAL E 316 -60.30 -15.98 -15.74
N LEU E 317 -59.41 -15.40 -16.53
CA LEU E 317 -59.68 -15.15 -17.95
C LEU E 317 -59.31 -16.39 -18.77
N ALA E 318 -60.19 -16.74 -19.71
CA ALA E 318 -59.84 -17.72 -20.71
C ALA E 318 -58.90 -17.02 -21.67
N THR E 319 -57.78 -17.66 -21.98
CA THR E 319 -56.92 -17.14 -23.03
C THR E 319 -56.81 -18.11 -24.18
N GLY E 320 -56.69 -19.40 -23.85
CA GLY E 320 -56.65 -20.45 -24.86
C GLY E 320 -58.06 -20.76 -25.36
N LEU E 321 -58.28 -21.96 -25.87
CA LEU E 321 -59.60 -22.32 -26.41
C LEU E 321 -60.16 -23.49 -25.61
N ARG E 322 -61.40 -23.89 -25.93
CA ARG E 322 -62.06 -24.99 -25.22
C ARG E 322 -61.26 -26.28 -25.41
N ASN E 323 -60.84 -26.91 -24.32
CA ASN E 323 -60.02 -28.12 -24.43
C ASN E 323 -60.92 -29.33 -24.60
N THR E 324 -60.46 -30.31 -25.36
CA THR E 324 -61.27 -31.50 -25.65
C THR E 324 -60.92 -32.69 -24.75
N PRO E 325 -61.94 -33.39 -24.23
CA PRO E 325 -61.77 -34.48 -23.26
C PRO E 325 -60.97 -35.65 -23.83
N GLY F 1 -69.62 -24.38 -30.26
CA GLY F 1 -69.87 -23.02 -29.85
C GLY F 1 -70.66 -22.26 -30.90
N LEU F 2 -70.61 -20.93 -30.81
CA LEU F 2 -71.41 -20.07 -31.67
C LEU F 2 -71.15 -20.30 -33.15
N PHE F 3 -69.97 -20.81 -33.47
CA PHE F 3 -69.51 -20.89 -34.87
C PHE F 3 -69.39 -22.31 -35.40
N GLY F 4 -69.80 -23.29 -34.60
CA GLY F 4 -69.95 -24.66 -35.04
C GLY F 4 -68.68 -25.45 -35.35
N ALA F 5 -67.53 -24.81 -35.23
CA ALA F 5 -66.28 -25.48 -35.57
C ALA F 5 -65.67 -26.24 -34.38
N ILE F 6 -65.11 -25.52 -33.42
CA ILE F 6 -64.56 -26.16 -32.22
C ILE F 6 -65.66 -26.94 -31.50
N ALA F 7 -65.39 -28.22 -31.23
CA ALA F 7 -66.40 -29.11 -30.64
C ALA F 7 -67.71 -29.12 -31.45
N GLY F 8 -67.56 -29.00 -32.76
CA GLY F 8 -68.70 -28.95 -33.67
C GLY F 8 -68.48 -29.94 -34.80
N PHE F 9 -68.38 -29.45 -36.04
CA PHE F 9 -68.14 -30.36 -37.14
C PHE F 9 -66.72 -30.87 -37.11
N ILE F 10 -65.84 -30.11 -36.48
CA ILE F 10 -64.53 -30.65 -36.15
C ILE F 10 -64.58 -31.08 -34.70
N GLU F 11 -64.94 -32.33 -34.49
CA GLU F 11 -65.09 -32.88 -33.15
C GLU F 11 -63.71 -33.22 -32.60
N GLY F 12 -63.30 -32.45 -31.60
CA GLY F 12 -62.03 -32.66 -30.92
C GLY F 12 -60.81 -31.94 -31.45
N GLY F 13 -59.88 -31.69 -30.54
CA GLY F 13 -58.61 -31.07 -30.82
C GLY F 13 -57.54 -32.13 -30.98
N TRP F 14 -56.34 -31.69 -31.35
CA TRP F 14 -55.22 -32.58 -31.56
C TRP F 14 -54.16 -32.42 -30.49
N GLN F 15 -53.97 -33.46 -29.68
CA GLN F 15 -52.88 -33.49 -28.70
C GLN F 15 -51.56 -33.42 -29.46
N GLY F 16 -51.57 -34.00 -30.67
CA GLY F 16 -50.37 -34.16 -31.47
C GLY F 16 -49.84 -32.85 -32.00
N MET F 17 -50.76 -31.92 -32.24
CA MET F 17 -50.40 -30.59 -32.69
C MET F 17 -50.09 -29.74 -31.47
N VAL F 18 -48.85 -29.26 -31.37
CA VAL F 18 -48.41 -28.66 -30.13
C VAL F 18 -47.80 -27.27 -30.28
N ASP F 19 -47.53 -26.85 -31.51
CA ASP F 19 -46.87 -25.56 -31.73
C ASP F 19 -47.79 -24.42 -32.14
N GLY F 20 -49.09 -24.58 -31.89
CA GLY F 20 -50.04 -23.55 -32.25
C GLY F 20 -51.48 -23.84 -31.85
N TRP F 21 -52.37 -22.87 -32.07
CA TRP F 21 -53.76 -23.04 -31.71
C TRP F 21 -54.58 -23.67 -32.85
N TYR F 22 -54.40 -23.15 -34.05
CA TYR F 22 -55.15 -23.67 -35.19
C TYR F 22 -54.18 -24.13 -36.25
N GLY F 23 -54.54 -25.16 -36.99
CA GLY F 23 -53.64 -25.60 -38.04
C GLY F 23 -54.13 -26.77 -38.85
N TYR F 24 -53.16 -27.47 -39.43
CA TYR F 24 -53.46 -28.48 -40.43
C TYR F 24 -52.88 -29.83 -40.03
N HIS F 25 -53.55 -30.88 -40.47
CA HIS F 25 -53.00 -32.23 -40.48
C HIS F 25 -53.10 -32.72 -41.92
N HIS F 26 -51.97 -32.96 -42.57
CA HIS F 26 -51.98 -33.49 -43.92
C HIS F 26 -51.66 -34.98 -43.91
N SER F 27 -51.96 -35.64 -45.02
CA SER F 27 -51.61 -37.06 -45.17
C SER F 27 -51.53 -37.44 -46.65
N ASN F 28 -50.31 -37.50 -47.17
CA ASN F 28 -50.08 -37.93 -48.55
C ASN F 28 -49.10 -39.11 -48.61
N GLU F 29 -48.55 -39.34 -49.80
CA GLU F 29 -47.64 -40.46 -50.04
C GLU F 29 -46.28 -40.21 -49.38
N GLN F 30 -45.88 -38.95 -49.36
CA GLN F 30 -44.61 -38.51 -48.80
C GLN F 30 -44.59 -38.64 -47.28
N GLY F 31 -45.78 -38.78 -46.70
CA GLY F 31 -45.95 -38.95 -45.27
C GLY F 31 -46.96 -37.97 -44.69
N SER F 32 -47.33 -38.19 -43.45
CA SER F 32 -48.32 -37.34 -42.79
C SER F 32 -47.63 -36.55 -41.70
N GLY F 33 -48.34 -35.58 -41.13
CA GLY F 33 -47.79 -34.78 -40.06
C GLY F 33 -48.69 -33.61 -39.71
N TYR F 34 -48.52 -33.10 -38.49
CA TYR F 34 -49.18 -31.91 -38.01
C TYR F 34 -48.29 -30.70 -38.31
N ALA F 35 -48.91 -29.55 -38.51
CA ALA F 35 -48.18 -28.29 -38.71
C ALA F 35 -49.11 -27.19 -38.29
N ALA F 36 -48.57 -26.19 -37.59
CA ALA F 36 -49.42 -25.11 -37.07
C ALA F 36 -49.53 -23.99 -38.07
N ASP F 37 -50.75 -23.47 -38.23
CA ASP F 37 -50.93 -22.29 -39.07
C ASP F 37 -50.50 -21.05 -38.30
N LYS F 38 -49.28 -20.57 -38.58
CA LYS F 38 -48.70 -19.47 -37.80
C LYS F 38 -49.43 -18.14 -37.89
N GLU F 39 -49.91 -17.77 -39.08
CA GLU F 39 -50.49 -16.45 -39.23
C GLU F 39 -51.79 -16.27 -38.45
N SER F 40 -52.71 -17.21 -38.61
CA SER F 40 -54.00 -17.10 -37.94
C SER F 40 -53.83 -17.33 -36.43
N THR F 41 -52.82 -18.10 -36.06
CA THR F 41 -52.52 -18.35 -34.65
C THR F 41 -51.95 -17.09 -34.03
N GLN F 42 -51.03 -16.46 -34.76
CA GLN F 42 -50.39 -15.27 -34.25
C GLN F 42 -51.43 -14.19 -34.11
N LYS F 43 -52.32 -14.12 -35.08
CA LYS F 43 -53.37 -13.10 -35.06
C LYS F 43 -54.23 -13.18 -33.78
N ALA F 44 -54.51 -14.39 -33.32
CA ALA F 44 -55.30 -14.60 -32.10
C ALA F 44 -54.50 -14.22 -30.87
N ILE F 45 -53.22 -14.59 -30.88
CA ILE F 45 -52.31 -14.26 -29.80
C ILE F 45 -52.31 -12.73 -29.63
N ASP F 46 -52.29 -12.02 -30.75
CA ASP F 46 -52.35 -10.56 -30.72
C ASP F 46 -53.67 -10.08 -30.13
N GLY F 47 -54.75 -10.75 -30.51
CA GLY F 47 -56.07 -10.34 -30.08
C GLY F 47 -56.34 -10.60 -28.62
N VAL F 48 -56.01 -11.80 -28.16
CA VAL F 48 -56.28 -12.16 -26.77
C VAL F 48 -55.37 -11.36 -25.84
N THR F 49 -54.14 -11.14 -26.25
CA THR F 49 -53.20 -10.39 -25.44
C THR F 49 -53.65 -8.93 -25.28
N ASN F 50 -54.09 -8.30 -26.37
CA ASN F 50 -54.65 -6.96 -26.27
C ASN F 50 -55.87 -6.93 -25.37
N LYS F 51 -56.68 -7.99 -25.46
CA LYS F 51 -57.91 -8.11 -24.68
C LYS F 51 -57.60 -8.13 -23.18
N VAL F 52 -56.64 -8.96 -22.78
CA VAL F 52 -56.24 -9.04 -21.40
C VAL F 52 -55.66 -7.70 -20.91
N ASN F 53 -54.80 -7.09 -21.73
CA ASN F 53 -54.23 -5.80 -21.40
C ASN F 53 -55.28 -4.69 -21.32
N SER F 54 -56.25 -4.71 -22.23
CA SER F 54 -57.32 -3.72 -22.24
C SER F 54 -58.28 -3.86 -21.05
N ILE F 55 -58.48 -5.08 -20.54
CA ILE F 55 -59.33 -5.28 -19.37
C ILE F 55 -58.61 -4.73 -18.15
N ILE F 56 -57.33 -5.07 -18.04
CA ILE F 56 -56.50 -4.57 -16.96
C ILE F 56 -56.36 -3.04 -17.00
N ASP F 57 -56.29 -2.44 -18.19
CA ASP F 57 -56.18 -0.98 -18.28
C ASP F 57 -57.47 -0.31 -17.84
N LYS F 58 -58.61 -0.86 -18.27
CA LYS F 58 -59.91 -0.30 -17.88
C LYS F 58 -60.19 -0.35 -16.35
N MET F 59 -59.43 -1.17 -15.63
CA MET F 59 -59.65 -1.34 -14.20
C MET F 59 -58.63 -0.59 -13.32
N ASN F 60 -57.85 0.30 -13.93
CA ASN F 60 -56.84 1.04 -13.18
C ASN F 60 -57.35 2.26 -12.44
N THR F 61 -58.46 2.83 -12.91
CA THR F 61 -59.13 3.93 -12.23
C THR F 61 -60.21 3.39 -11.29
N GLN F 62 -59.95 2.24 -10.68
CA GLN F 62 -60.90 1.64 -9.74
C GLN F 62 -60.85 2.35 -8.38
N PHE F 63 -61.94 2.21 -7.63
CA PHE F 63 -62.07 2.74 -6.29
C PHE F 63 -61.07 2.14 -5.29
N GLU F 64 -60.52 2.96 -4.41
CA GLU F 64 -59.62 2.49 -3.38
C GLU F 64 -60.06 2.97 -2.01
N ALA F 65 -60.42 2.03 -1.14
CA ALA F 65 -60.94 2.34 0.18
C ALA F 65 -59.91 3.00 1.12
N VAL F 66 -60.37 3.96 1.92
CA VAL F 66 -59.50 4.67 2.83
C VAL F 66 -60.00 4.57 4.26
N GLY F 67 -59.10 4.36 5.19
CA GLY F 67 -59.49 4.34 6.59
C GLY F 67 -60.01 5.67 7.11
N ARG F 68 -61.19 5.62 7.72
CA ARG F 68 -61.73 6.79 8.39
C ARG F 68 -62.33 6.32 9.68
N GLU F 69 -62.07 7.07 10.73
CA GLU F 69 -62.57 6.68 12.03
C GLU F 69 -63.65 7.63 12.53
N PHE F 70 -64.59 7.09 13.30
CA PHE F 70 -65.67 7.90 13.86
C PHE F 70 -65.96 7.59 15.31
N ASN F 71 -66.50 8.56 16.05
CA ASN F 71 -66.79 8.33 17.46
C ASN F 71 -68.24 7.89 17.67
N ASN F 72 -68.58 7.59 18.92
CA ASN F 72 -69.85 6.96 19.32
C ASN F 72 -71.10 7.80 19.00
N LEU F 73 -70.92 9.09 18.76
CA LEU F 73 -72.02 9.93 18.35
C LEU F 73 -71.91 10.35 16.89
N GLU F 74 -71.15 9.55 16.12
CA GLU F 74 -71.04 9.77 14.68
C GLU F 74 -71.45 8.49 13.93
N ARG F 75 -72.38 7.73 14.51
CA ARG F 75 -72.79 6.42 13.99
C ARG F 75 -73.50 6.51 12.65
N ARG F 76 -74.20 7.60 12.40
CA ARG F 76 -74.91 7.78 11.15
C ARG F 76 -73.91 7.90 10.02
N ILE F 77 -72.96 8.81 10.20
CA ILE F 77 -71.97 9.01 9.17
C ILE F 77 -70.95 7.87 9.12
N GLU F 78 -70.83 7.08 10.18
CA GLU F 78 -69.95 5.94 10.14
C GLU F 78 -70.59 4.99 9.16
N ASN F 79 -71.87 4.82 9.35
CA ASN F 79 -72.65 3.86 8.61
C ASN F 79 -72.74 4.31 7.16
N LEU F 80 -72.93 5.61 6.94
CA LEU F 80 -72.94 6.16 5.58
C LEU F 80 -71.62 5.84 4.87
N ASN F 81 -70.52 6.06 5.56
CA ASN F 81 -69.19 5.78 5.05
C ASN F 81 -68.96 4.28 4.73
N LYS F 82 -69.47 3.37 5.55
CA LYS F 82 -69.30 1.94 5.34
C LYS F 82 -70.16 1.55 4.16
N GLN F 83 -71.36 2.14 4.09
CA GLN F 83 -72.28 1.82 3.02
C GLN F 83 -71.69 2.24 1.68
N MET F 84 -71.03 3.39 1.66
CA MET F 84 -70.39 3.90 0.46
C MET F 84 -69.20 3.04 0.03
N GLU F 85 -68.37 2.65 0.99
CA GLU F 85 -67.20 1.84 0.69
C GLU F 85 -67.63 0.48 0.20
N ASP F 86 -68.59 -0.12 0.89
CA ASP F 86 -69.11 -1.38 0.42
C ASP F 86 -69.81 -1.17 -0.93
N GLY F 87 -70.41 -0.01 -1.12
CA GLY F 87 -71.14 0.25 -2.35
C GLY F 87 -70.25 0.11 -3.58
N PHE F 88 -69.11 0.79 -3.52
CA PHE F 88 -68.17 0.77 -4.61
C PHE F 88 -67.48 -0.58 -4.70
N LEU F 89 -67.21 -1.23 -3.57
CA LEU F 89 -66.54 -2.51 -3.67
C LEU F 89 -67.45 -3.47 -4.39
N ASP F 90 -68.75 -3.37 -4.12
CA ASP F 90 -69.71 -4.28 -4.72
C ASP F 90 -69.86 -3.95 -6.21
N VAL F 91 -69.84 -2.66 -6.52
CA VAL F 91 -69.97 -2.22 -7.90
C VAL F 91 -68.78 -2.68 -8.71
N TRP F 92 -67.58 -2.47 -8.17
CA TRP F 92 -66.35 -2.84 -8.85
C TRP F 92 -66.10 -4.33 -8.90
N THR F 93 -66.68 -5.06 -7.94
CA THR F 93 -66.54 -6.51 -7.97
C THR F 93 -67.40 -7.08 -9.08
N TYR F 94 -68.64 -6.61 -9.13
CA TYR F 94 -69.57 -6.94 -10.18
C TYR F 94 -68.91 -6.61 -11.53
N ASN F 95 -68.38 -5.40 -11.65
CA ASN F 95 -67.79 -4.98 -12.90
C ASN F 95 -66.69 -5.91 -13.40
N ALA F 96 -65.89 -6.41 -12.48
CA ALA F 96 -64.77 -7.23 -12.88
C ALA F 96 -65.30 -8.61 -13.19
N GLU F 97 -66.08 -9.17 -12.27
CA GLU F 97 -66.59 -10.52 -12.45
C GLU F 97 -67.40 -10.67 -13.73
N LEU F 98 -68.20 -9.66 -14.07
CA LEU F 98 -69.06 -9.78 -15.23
C LEU F 98 -68.23 -9.66 -16.49
N LEU F 99 -67.27 -8.73 -16.49
CA LEU F 99 -66.42 -8.47 -17.66
C LEU F 99 -65.61 -9.70 -17.99
N VAL F 100 -65.17 -10.38 -16.95
CA VAL F 100 -64.42 -11.60 -17.11
C VAL F 100 -65.29 -12.70 -17.72
N LEU F 101 -66.52 -12.86 -17.24
CA LEU F 101 -67.48 -13.80 -17.81
C LEU F 101 -67.79 -13.54 -19.30
N MET F 102 -68.05 -12.27 -19.61
CA MET F 102 -68.45 -11.87 -20.93
C MET F 102 -67.30 -12.04 -21.91
N GLU F 103 -66.11 -11.65 -21.50
CA GLU F 103 -64.98 -11.72 -22.39
C GLU F 103 -64.44 -13.13 -22.51
N ASN F 104 -64.68 -13.93 -21.48
CA ASN F 104 -64.32 -15.35 -21.52
C ASN F 104 -65.09 -16.09 -22.58
N GLU F 105 -66.38 -15.82 -22.61
CA GLU F 105 -67.28 -16.37 -23.59
C GLU F 105 -66.91 -15.98 -25.01
N ARG F 106 -66.64 -14.69 -25.18
CA ARG F 106 -66.31 -14.11 -26.48
C ARG F 106 -64.95 -14.63 -26.95
N THR F 107 -64.06 -14.91 -26.00
CA THR F 107 -62.75 -15.40 -26.30
C THR F 107 -62.88 -16.84 -26.85
N LEU F 108 -63.74 -17.65 -26.22
CA LEU F 108 -63.96 -19.01 -26.69
C LEU F 108 -64.60 -19.04 -28.12
N ASP F 109 -65.55 -18.14 -28.36
CA ASP F 109 -66.23 -18.05 -29.66
C ASP F 109 -65.27 -17.47 -30.70
N PHE F 110 -64.31 -16.69 -30.22
CA PHE F 110 -63.30 -16.09 -31.07
C PHE F 110 -62.42 -17.16 -31.69
N HIS F 111 -62.06 -18.12 -30.85
CA HIS F 111 -61.27 -19.25 -31.28
C HIS F 111 -62.11 -20.10 -32.24
N ASP F 112 -63.37 -20.31 -31.90
CA ASP F 112 -64.30 -21.05 -32.74
C ASP F 112 -64.36 -20.39 -34.10
N SER F 113 -64.38 -19.07 -34.10
CA SER F 113 -64.45 -18.29 -35.34
C SER F 113 -63.16 -18.39 -36.13
N ASN F 114 -62.03 -18.42 -35.44
CA ASN F 114 -60.74 -18.43 -36.09
C ASN F 114 -60.54 -19.76 -36.83
N VAL F 115 -61.04 -20.84 -36.21
CA VAL F 115 -60.98 -22.19 -36.77
C VAL F 115 -61.94 -22.33 -37.93
N LYS F 116 -63.19 -21.90 -37.73
CA LYS F 116 -64.18 -21.97 -38.80
C LYS F 116 -63.71 -21.18 -40.01
N ASN F 117 -63.09 -20.02 -39.77
CA ASN F 117 -62.60 -19.20 -40.88
C ASN F 117 -61.42 -19.84 -41.62
N LEU F 118 -60.56 -20.54 -40.88
CA LEU F 118 -59.40 -21.22 -41.43
C LEU F 118 -59.86 -22.36 -42.28
N TYR F 119 -60.90 -23.05 -41.81
CA TYR F 119 -61.51 -24.14 -42.56
C TYR F 119 -62.04 -23.65 -43.89
N ASP F 120 -62.72 -22.49 -43.86
CA ASP F 120 -63.29 -21.87 -45.05
C ASP F 120 -62.20 -21.38 -46.00
N LYS F 121 -61.06 -20.98 -45.45
CA LYS F 121 -59.95 -20.43 -46.23
C LYS F 121 -59.42 -21.50 -47.21
N VAL F 122 -59.35 -22.72 -46.69
CA VAL F 122 -58.94 -23.90 -47.42
C VAL F 122 -60.02 -24.40 -48.37
N ARG F 123 -61.23 -24.49 -47.85
CA ARG F 123 -62.40 -24.92 -48.62
C ARG F 123 -62.60 -24.06 -49.86
N LEU F 124 -62.48 -22.75 -49.68
CA LEU F 124 -62.76 -21.82 -50.76
C LEU F 124 -61.66 -21.84 -51.82
N GLN F 125 -60.49 -22.37 -51.45
CA GLN F 125 -59.40 -22.54 -52.40
C GLN F 125 -59.52 -23.82 -53.22
N LEU F 126 -59.79 -24.91 -52.51
CA LEU F 126 -59.80 -26.26 -53.07
C LEU F 126 -61.01 -26.53 -53.98
N ARG F 127 -62.18 -26.04 -53.58
CA ARG F 127 -63.41 -26.21 -54.34
C ARG F 127 -63.70 -27.65 -54.79
N ASP F 128 -63.99 -27.85 -56.07
CA ASP F 128 -64.33 -29.18 -56.55
C ASP F 128 -63.10 -30.06 -56.81
N ASN F 129 -61.91 -29.54 -56.52
CA ASN F 129 -60.68 -30.35 -56.59
C ASN F 129 -60.50 -31.28 -55.38
N ALA F 130 -61.41 -31.19 -54.40
CA ALA F 130 -61.36 -32.04 -53.22
C ALA F 130 -62.77 -32.20 -52.64
N LYS F 131 -62.99 -33.23 -51.83
CA LYS F 131 -64.33 -33.51 -51.30
C LYS F 131 -64.40 -33.27 -49.77
N GLU F 132 -65.46 -32.59 -49.32
CA GLU F 132 -65.66 -32.33 -47.90
C GLU F 132 -66.12 -33.60 -47.18
N LEU F 133 -65.27 -34.15 -46.32
CA LEU F 133 -65.64 -35.35 -45.57
C LEU F 133 -66.69 -35.06 -44.50
N GLY F 134 -66.71 -33.82 -44.02
CA GLY F 134 -67.67 -33.36 -43.06
C GLY F 134 -67.20 -33.44 -41.62
N ASN F 135 -65.90 -33.60 -41.43
CA ASN F 135 -65.34 -33.71 -40.08
C ASN F 135 -64.11 -32.82 -39.90
N GLY F 136 -63.93 -31.88 -40.83
CA GLY F 136 -62.79 -30.99 -40.83
C GLY F 136 -61.73 -31.40 -41.83
N CYS F 137 -61.96 -32.52 -42.49
CA CYS F 137 -61.00 -33.05 -43.45
C CYS F 137 -61.46 -32.87 -44.88
N PHE F 138 -60.50 -32.67 -45.77
CA PHE F 138 -60.77 -32.64 -47.19
C PHE F 138 -60.03 -33.79 -47.88
N GLU F 139 -60.77 -34.64 -48.56
CA GLU F 139 -60.16 -35.70 -49.36
C GLU F 139 -59.93 -35.17 -50.78
N PHE F 140 -58.68 -35.20 -51.22
CA PHE F 140 -58.29 -34.67 -52.54
C PHE F 140 -58.73 -35.53 -53.74
N TYR F 141 -59.09 -34.87 -54.84
CA TYR F 141 -59.41 -35.54 -56.09
C TYR F 141 -58.16 -35.68 -56.96
N HIS F 142 -57.01 -35.42 -56.36
CA HIS F 142 -55.74 -35.57 -57.06
C HIS F 142 -54.59 -35.88 -56.11
N LYS F 143 -53.38 -35.84 -56.66
CA LYS F 143 -52.18 -36.09 -55.89
C LYS F 143 -51.67 -34.75 -55.30
N CYS F 144 -51.48 -34.73 -53.99
CA CYS F 144 -51.01 -33.51 -53.36
C CYS F 144 -49.72 -33.74 -52.57
N ASP F 145 -48.58 -33.37 -53.17
CA ASP F 145 -47.29 -33.52 -52.51
C ASP F 145 -47.12 -32.46 -51.42
N ASN F 146 -46.01 -32.57 -50.68
CA ASN F 146 -45.64 -31.61 -49.66
C ASN F 146 -45.59 -30.17 -50.19
N GLU F 147 -45.21 -30.02 -51.46
CA GLU F 147 -45.16 -28.71 -52.13
C GLU F 147 -46.56 -28.15 -52.40
N CYS F 148 -47.50 -29.04 -52.67
CA CYS F 148 -48.90 -28.69 -52.88
C CYS F 148 -49.53 -28.25 -51.56
N MET F 149 -49.27 -29.04 -50.52
CA MET F 149 -49.74 -28.77 -49.18
C MET F 149 -49.28 -27.39 -48.69
N GLU F 150 -48.02 -27.07 -48.93
CA GLU F 150 -47.48 -25.79 -48.51
C GLU F 150 -48.16 -24.63 -49.23
N SER F 151 -48.67 -24.89 -50.43
CA SER F 151 -49.37 -23.86 -51.21
C SER F 151 -50.77 -23.60 -50.65
N VAL F 152 -51.40 -24.63 -50.11
CA VAL F 152 -52.73 -24.49 -49.56
C VAL F 152 -52.65 -23.70 -48.29
N LYS F 153 -51.61 -23.97 -47.51
CA LYS F 153 -51.41 -23.34 -46.20
C LYS F 153 -51.14 -21.84 -46.33
N ASN F 154 -50.49 -21.43 -47.41
CA ASN F 154 -50.17 -20.02 -47.60
C ASN F 154 -51.07 -19.28 -48.59
N GLY F 155 -52.21 -19.89 -48.93
CA GLY F 155 -53.22 -19.27 -49.75
C GLY F 155 -52.82 -19.09 -51.20
N THR F 156 -52.01 -20.00 -51.71
CA THR F 156 -51.51 -19.86 -53.08
C THR F 156 -51.90 -21.07 -53.94
N TYR F 157 -52.93 -21.80 -53.54
CA TYR F 157 -53.44 -22.91 -54.32
C TYR F 157 -53.90 -22.42 -55.68
N ASP F 158 -53.43 -23.05 -56.74
CA ASP F 158 -53.81 -22.70 -58.11
C ASP F 158 -54.93 -23.64 -58.57
N TYR F 159 -56.18 -23.22 -58.40
CA TYR F 159 -57.33 -24.05 -58.75
C TYR F 159 -57.24 -24.68 -60.16
N PRO F 160 -57.03 -23.86 -61.21
CA PRO F 160 -57.02 -24.45 -62.56
C PRO F 160 -55.84 -25.39 -62.80
N GLN F 161 -54.76 -25.25 -62.04
CA GLN F 161 -53.57 -26.09 -62.18
C GLN F 161 -53.89 -27.58 -62.06
N TYR F 162 -54.82 -27.91 -61.17
CA TYR F 162 -55.21 -29.30 -60.94
C TYR F 162 -56.63 -29.59 -61.40
N SER F 163 -57.30 -28.57 -61.94
CA SER F 163 -58.72 -28.68 -62.28
C SER F 163 -58.92 -29.90 -63.16
N GLU F 164 -58.05 -30.04 -64.16
CA GLU F 164 -58.11 -31.13 -65.11
C GLU F 164 -57.71 -32.47 -64.45
N GLU F 165 -56.65 -32.50 -63.63
CA GLU F 165 -56.29 -33.76 -62.97
C GLU F 165 -57.41 -34.21 -62.06
N ALA F 166 -58.05 -33.21 -61.45
CA ALA F 166 -59.17 -33.36 -60.52
C ALA F 166 -60.46 -33.73 -61.23
N ARG F 167 -60.73 -33.08 -62.36
CA ARG F 167 -61.92 -33.35 -63.16
C ARG F 167 -61.97 -34.83 -63.56
N LEU F 168 -60.82 -35.38 -63.97
CA LEU F 168 -60.74 -36.77 -64.41
C LEU F 168 -61.12 -37.73 -63.29
N ASN F 169 -60.64 -37.45 -62.09
CA ASN F 169 -60.91 -38.29 -60.93
C ASN F 169 -62.35 -38.17 -60.42
N ARG F 170 -63.03 -37.08 -60.76
CA ARG F 170 -64.44 -36.92 -60.37
C ARG F 170 -65.41 -37.82 -61.14
N GLU F 171 -65.29 -37.83 -62.47
CA GLU F 171 -66.27 -38.52 -63.33
C GLU F 171 -66.08 -40.03 -63.60
N GLU F 172 -64.89 -40.57 -63.37
CA GLU F 172 -64.71 -42.01 -63.64
C GLU F 172 -65.35 -42.74 -62.46
N ILE F 173 -65.40 -42.05 -61.33
CA ILE F 173 -66.11 -42.53 -60.15
C ILE F 173 -67.52 -41.92 -60.14
N PRO G 3 10.64 -48.52 -44.45
CA PRO G 3 11.70 -48.97 -45.36
C PRO G 3 12.82 -47.92 -45.46
N GLY G 4 12.57 -46.72 -44.94
CA GLY G 4 13.48 -45.58 -45.17
C GLY G 4 14.11 -44.95 -43.94
N ASP G 5 15.17 -44.18 -44.19
CA ASP G 5 15.84 -43.40 -43.15
C ASP G 5 14.91 -42.34 -42.60
N GLN G 6 15.02 -42.05 -41.31
CA GLN G 6 14.16 -41.03 -40.74
C GLN G 6 14.88 -40.09 -39.79
N ILE G 7 14.35 -38.88 -39.64
CA ILE G 7 14.88 -37.90 -38.69
C ILE G 7 13.76 -37.50 -37.76
N CYS G 8 14.09 -37.36 -36.48
CA CYS G 8 13.09 -36.99 -35.49
C CYS G 8 13.43 -35.75 -34.68
N ILE G 9 12.39 -34.98 -34.39
CA ILE G 9 12.53 -33.83 -33.54
C ILE G 9 12.03 -34.24 -32.17
N GLY G 10 12.77 -33.86 -31.14
CA GLY G 10 12.40 -34.19 -29.79
C GLY G 10 13.01 -33.26 -28.79
N TYR G 11 12.72 -33.51 -27.53
CA TYR G 11 13.17 -32.61 -26.47
C TYR G 11 13.75 -33.36 -25.27
N HIS G 12 14.51 -32.62 -24.46
CA HIS G 12 15.22 -33.20 -23.32
C HIS G 12 14.29 -33.81 -22.28
N ALA G 13 14.81 -34.78 -21.55
CA ALA G 13 14.13 -35.36 -20.41
C ALA G 13 15.18 -35.94 -19.46
N ASN G 14 14.85 -36.01 -18.17
CA ASN G 14 15.79 -36.53 -17.17
C ASN G 14 15.12 -37.15 -15.95
N ASN G 15 15.94 -37.47 -14.96
CA ASN G 15 15.50 -38.11 -13.73
C ASN G 15 15.07 -37.08 -12.65
N SER G 16 14.79 -35.87 -13.12
CA SER G 16 14.39 -34.78 -12.26
C SER G 16 13.01 -34.99 -11.65
N THR G 17 12.88 -34.55 -10.41
CA THR G 17 11.65 -34.68 -9.67
C THR G 17 11.19 -33.29 -9.22
N GLU G 18 11.99 -32.28 -9.55
CA GLU G 18 11.71 -30.90 -9.15
C GLU G 18 10.37 -30.49 -9.70
N GLN G 19 9.51 -29.94 -8.85
CA GLN G 19 8.18 -29.52 -9.29
C GLN G 19 7.98 -28.03 -9.23
N VAL G 20 7.00 -27.56 -9.99
CA VAL G 20 6.78 -26.15 -10.17
C VAL G 20 5.27 -26.00 -10.34
N ASP G 21 4.72 -24.85 -9.95
CA ASP G 21 3.27 -24.65 -10.07
C ASP G 21 3.03 -23.55 -11.08
N THR G 22 1.85 -23.57 -11.68
CA THR G 22 1.40 -22.55 -12.61
C THR G 22 -0.03 -22.22 -12.25
N ILE G 23 -0.66 -21.33 -13.01
CA ILE G 23 -2.06 -21.01 -12.79
C ILE G 23 -3.00 -22.18 -13.04
N MET G 24 -2.85 -22.85 -14.17
CA MET G 24 -3.82 -23.87 -14.57
C MET G 24 -3.49 -25.23 -14.00
N GLU G 25 -2.25 -25.39 -13.58
CA GLU G 25 -1.78 -26.69 -13.15
C GLU G 25 -0.80 -26.59 -11.98
N LYS G 26 -0.91 -27.52 -11.04
CA LYS G 26 -0.02 -27.56 -9.87
C LYS G 26 0.82 -28.84 -9.88
N ASN G 27 1.95 -28.81 -9.18
CA ASN G 27 2.85 -29.95 -9.04
C ASN G 27 3.24 -30.52 -10.41
N VAL G 28 3.84 -29.69 -11.25
CA VAL G 28 4.29 -30.10 -12.57
C VAL G 28 5.78 -30.42 -12.57
N THR G 29 6.11 -31.70 -12.76
CA THR G 29 7.51 -32.13 -12.74
C THR G 29 8.23 -31.57 -13.95
N VAL G 30 9.44 -31.10 -13.71
CA VAL G 30 10.12 -30.24 -14.67
C VAL G 30 11.57 -30.70 -14.74
N THR G 31 12.24 -30.37 -15.83
CA THR G 31 13.59 -30.92 -16.02
C THR G 31 14.60 -30.15 -15.21
N HIS G 32 14.34 -28.85 -15.12
CA HIS G 32 15.23 -27.95 -14.41
C HIS G 32 14.45 -26.83 -13.76
N ALA G 33 14.78 -26.57 -12.50
CA ALA G 33 14.13 -25.50 -11.76
C ALA G 33 15.14 -24.73 -10.91
N GLN G 34 14.78 -23.48 -10.62
CA GLN G 34 15.56 -22.60 -9.75
C GLN G 34 14.74 -22.14 -8.57
N ASP G 35 15.20 -22.48 -7.38
CA ASP G 35 14.57 -22.00 -6.16
C ASP G 35 15.07 -20.56 -5.97
N ILE G 36 14.17 -19.66 -5.61
CA ILE G 36 14.52 -18.27 -5.41
C ILE G 36 14.13 -17.77 -4.01
N LEU G 37 13.85 -18.71 -3.10
CA LEU G 37 13.42 -18.35 -1.75
C LEU G 37 14.38 -18.90 -0.70
N GLU G 38 14.97 -17.99 0.06
CA GLU G 38 15.86 -18.41 1.13
C GLU G 38 15.02 -18.69 2.38
N LYS G 39 15.20 -19.86 2.96
CA LYS G 39 14.37 -20.33 4.06
C LYS G 39 15.18 -20.79 5.25
N THR G 40 16.48 -20.49 5.28
CA THR G 40 17.31 -20.95 6.38
C THR G 40 18.19 -19.84 6.90
N HIS G 41 18.43 -19.88 8.22
CA HIS G 41 19.27 -18.92 8.91
C HIS G 41 20.10 -19.61 9.98
N ASN G 42 21.14 -18.95 10.47
CA ASN G 42 22.01 -19.54 11.48
C ASN G 42 21.54 -19.41 12.93
N GLY G 43 20.36 -18.82 13.15
CA GLY G 43 19.77 -18.74 14.49
C GLY G 43 20.62 -17.94 15.47
N LYS G 44 21.44 -17.03 14.95
CA LYS G 44 22.41 -16.29 15.76
C LYS G 44 22.44 -14.77 15.53
N LEU G 45 22.82 -14.04 16.57
CA LEU G 45 23.03 -12.60 16.43
C LEU G 45 24.48 -12.41 16.10
N CYS G 46 24.79 -11.65 15.05
CA CYS G 46 26.17 -11.58 14.52
C CYS G 46 26.64 -10.18 14.24
N ASP G 47 27.94 -10.04 13.99
CA ASP G 47 28.51 -8.77 13.58
C ASP G 47 27.88 -8.40 12.26
N LEU G 48 27.77 -7.11 11.99
CA LEU G 48 27.27 -6.68 10.70
C LEU G 48 28.46 -6.07 9.98
N ASN G 49 29.01 -6.85 9.05
CA ASN G 49 30.23 -6.51 8.32
C ASN G 49 31.36 -6.17 9.26
N GLY G 50 31.59 -7.06 10.22
CA GLY G 50 32.74 -6.95 11.11
C GLY G 50 32.56 -5.85 12.14
N VAL G 51 31.31 -5.40 12.31
CA VAL G 51 30.99 -4.41 13.30
C VAL G 51 29.97 -4.95 14.29
N LYS G 52 30.42 -5.21 15.52
CA LYS G 52 29.58 -5.86 16.52
C LYS G 52 28.40 -4.98 16.87
N PRO G 53 27.23 -5.60 17.10
CA PRO G 53 26.06 -4.88 17.57
C PRO G 53 26.11 -4.65 19.09
N LEU G 54 25.32 -3.70 19.59
CA LEU G 54 25.15 -3.52 21.03
C LEU G 54 23.99 -4.39 21.49
N ILE G 55 24.31 -5.49 22.18
CA ILE G 55 23.29 -6.38 22.73
C ILE G 55 23.05 -6.02 24.21
N LEU G 56 21.88 -5.47 24.50
CA LEU G 56 21.61 -4.91 25.81
C LEU G 56 21.40 -6.00 26.86
N ARG G 57 21.44 -7.25 26.41
CA ARG G 57 21.13 -8.39 27.26
C ARG G 57 19.83 -8.11 28.04
N ASP G 58 19.93 -7.93 29.35
CA ASP G 58 18.76 -7.77 30.19
C ASP G 58 18.40 -6.32 30.51
N CYS G 59 19.10 -5.38 29.88
CA CYS G 59 18.83 -3.97 30.08
C CYS G 59 17.94 -3.37 29.01
N SER G 60 17.17 -2.36 29.38
CA SER G 60 16.36 -1.64 28.41
C SER G 60 17.17 -0.44 27.95
N VAL G 61 16.72 0.20 26.88
CA VAL G 61 17.43 1.37 26.38
C VAL G 61 17.47 2.41 27.47
N ALA G 62 16.34 2.59 28.14
CA ALA G 62 16.24 3.50 29.29
C ALA G 62 17.26 3.12 30.37
N GLY G 63 17.27 1.85 30.75
CA GLY G 63 18.19 1.39 31.79
C GLY G 63 19.63 1.70 31.41
N TRP G 64 19.93 1.53 30.13
CA TRP G 64 21.26 1.82 29.62
C TRP G 64 21.54 3.32 29.65
N LEU G 65 20.69 4.12 29.02
CA LEU G 65 21.03 5.54 28.85
C LEU G 65 21.06 6.29 30.19
N LEU G 66 20.08 6.04 31.08
CA LEU G 66 20.01 6.69 32.40
C LEU G 66 21.11 6.19 33.33
N GLY G 67 21.57 4.97 33.09
CA GLY G 67 22.65 4.41 33.87
C GLY G 67 22.17 3.62 35.06
N ASN G 68 21.17 2.77 34.84
CA ASN G 68 20.72 1.85 35.87
C ASN G 68 21.90 1.07 36.42
N PRO G 69 22.00 1.03 37.75
CA PRO G 69 23.11 0.33 38.40
C PRO G 69 23.25 -1.15 37.98
N MET G 70 22.17 -1.84 37.60
CA MET G 70 22.30 -3.25 37.14
C MET G 70 22.79 -3.33 35.68
N CYS G 71 23.01 -2.17 35.08
CA CYS G 71 23.41 -2.09 33.69
C CYS G 71 24.82 -1.54 33.51
N ASP G 72 25.74 -1.91 34.40
CA ASP G 72 27.07 -1.31 34.35
C ASP G 72 27.86 -1.79 33.15
N GLU G 73 27.39 -2.86 32.52
CA GLU G 73 28.08 -3.42 31.35
C GLU G 73 28.16 -2.40 30.22
N PHE G 74 27.21 -1.48 30.21
CA PHE G 74 27.07 -0.54 29.10
C PHE G 74 27.44 0.89 29.49
N ILE G 75 28.28 1.00 30.51
CA ILE G 75 28.74 2.29 30.98
C ILE G 75 29.51 3.02 29.90
N ASN G 76 30.24 2.28 29.07
CA ASN G 76 30.99 2.91 27.97
C ASN G 76 31.11 2.03 26.75
N VAL G 77 30.08 2.07 25.90
CA VAL G 77 30.00 1.18 24.75
C VAL G 77 30.70 1.71 23.49
N PRO G 78 31.33 0.79 22.73
CA PRO G 78 31.99 1.23 21.49
C PRO G 78 30.95 1.35 20.40
N GLU G 79 31.39 1.75 19.21
CA GLU G 79 30.54 1.84 18.04
C GLU G 79 29.79 0.51 17.82
N TRP G 80 28.54 0.62 17.40
CA TRP G 80 27.73 -0.55 17.09
C TRP G 80 27.13 -0.53 15.69
N SER G 81 26.73 -1.71 15.23
CA SER G 81 26.02 -1.81 13.97
C SER G 81 24.52 -1.71 14.23
N TYR G 82 23.98 -2.66 14.96
CA TYR G 82 22.58 -2.60 15.36
C TYR G 82 22.47 -2.82 16.87
N ILE G 83 21.27 -2.65 17.41
CA ILE G 83 21.06 -2.81 18.85
C ILE G 83 20.05 -3.88 19.10
N VAL G 84 20.34 -4.76 20.05
CA VAL G 84 19.41 -5.81 20.40
C VAL G 84 18.89 -5.58 21.81
N GLU G 85 17.56 -5.55 21.92
CA GLU G 85 16.87 -5.34 23.18
C GLU G 85 15.85 -6.45 23.32
N LYS G 86 15.77 -7.06 24.51
CA LYS G 86 14.77 -8.09 24.76
C LYS G 86 13.35 -7.51 24.81
N ALA G 87 12.36 -8.39 24.82
CA ALA G 87 10.97 -7.95 24.74
C ALA G 87 10.59 -7.15 25.97
N SER G 88 10.83 -7.73 27.13
CA SER G 88 10.55 -7.09 28.40
C SER G 88 11.77 -7.21 29.30
N PRO G 89 12.76 -6.34 29.06
CA PRO G 89 14.02 -6.37 29.81
C PRO G 89 13.77 -6.20 31.30
N ALA G 90 14.54 -6.89 32.12
CA ALA G 90 14.34 -6.86 33.57
C ALA G 90 14.79 -5.51 34.13
N ASN G 91 15.94 -5.03 33.67
CA ASN G 91 16.54 -3.80 34.15
C ASN G 91 16.12 -2.58 33.35
N ASP G 92 14.99 -2.00 33.70
CA ASP G 92 14.52 -0.78 33.05
C ASP G 92 14.70 0.37 34.04
N LEU G 93 13.59 0.99 34.46
CA LEU G 93 13.63 2.04 35.47
C LEU G 93 13.54 1.37 36.81
N CYS G 94 14.68 1.22 37.47
CA CYS G 94 14.72 0.60 38.78
C CYS G 94 13.82 1.40 39.72
N TYR G 95 13.97 2.72 39.70
CA TYR G 95 13.02 3.58 40.38
C TYR G 95 11.85 3.86 39.47
N PRO G 96 10.64 3.52 39.92
CA PRO G 96 9.45 3.58 39.06
C PRO G 96 9.12 4.96 38.58
N GLY G 97 8.57 5.04 37.37
CA GLY G 97 8.18 6.30 36.76
C GLY G 97 8.01 6.17 35.27
N ASP G 98 8.20 7.28 34.56
CA ASP G 98 8.01 7.33 33.11
C ASP G 98 9.18 8.04 32.45
N PHE G 99 9.37 7.73 31.17
CA PHE G 99 10.43 8.34 30.38
C PHE G 99 9.75 9.03 29.21
N ASN G 100 9.71 10.36 29.30
CA ASN G 100 8.98 11.18 28.34
C ASN G 100 9.48 11.00 26.91
N ASP G 101 8.55 10.88 25.95
CA ASP G 101 8.90 10.66 24.53
C ASP G 101 9.91 9.51 24.33
N TYR G 102 9.70 8.41 25.05
CA TYR G 102 10.66 7.30 25.06
C TYR G 102 10.83 6.69 23.70
N GLU G 103 9.70 6.46 23.05
CA GLU G 103 9.69 5.82 21.76
C GLU G 103 10.39 6.70 20.73
N GLU G 104 10.16 8.00 20.77
CA GLU G 104 10.86 8.90 19.85
C GLU G 104 12.37 8.85 20.09
N LEU G 105 12.78 8.57 21.33
CA LEU G 105 14.21 8.50 21.63
C LEU G 105 14.78 7.20 21.09
N LYS G 106 14.05 6.10 21.26
CA LYS G 106 14.47 4.83 20.67
C LYS G 106 14.57 5.02 19.17
N HIS G 107 13.69 5.82 18.60
CA HIS G 107 13.78 6.08 17.17
C HIS G 107 15.06 6.83 16.81
N LEU G 108 15.39 7.86 17.60
CA LEU G 108 16.61 8.64 17.35
C LEU G 108 17.84 7.76 17.47
N LEU G 109 17.80 6.83 18.41
CA LEU G 109 18.90 5.88 18.62
C LEU G 109 19.16 5.02 17.41
N SER G 110 18.10 4.54 16.78
CA SER G 110 18.23 3.66 15.61
C SER G 110 18.84 4.41 14.42
N ARG G 111 18.99 5.73 14.55
CA ARG G 111 19.65 6.51 13.52
C ARG G 111 21.06 6.89 13.99
N THR G 112 21.60 6.09 14.90
CA THR G 112 22.86 6.39 15.54
C THR G 112 23.76 5.16 15.72
N ASN G 113 25.07 5.33 15.53
CA ASN G 113 26.02 4.23 15.67
C ASN G 113 26.99 4.41 16.87
N HIS G 114 27.17 5.64 17.32
CA HIS G 114 28.14 5.85 18.40
C HIS G 114 27.80 6.94 19.42
N PHE G 115 27.63 6.54 20.69
CA PHE G 115 27.49 7.49 21.78
C PHE G 115 28.78 7.48 22.57
N GLU G 116 29.36 8.65 22.75
CA GLU G 116 30.53 8.77 23.63
C GLU G 116 30.14 9.57 24.88
N LYS G 117 30.17 8.90 26.02
CA LYS G 117 29.74 9.52 27.27
C LYS G 117 30.68 10.59 27.78
N ILE G 118 30.12 11.74 28.19
CA ILE G 118 30.93 12.79 28.79
C ILE G 118 30.24 13.41 29.98
N GLN G 119 31.05 13.75 30.98
CA GLN G 119 30.59 14.43 32.17
C GLN G 119 30.42 15.92 31.87
N ILE G 120 29.18 16.41 32.03
CA ILE G 120 28.86 17.81 31.75
C ILE G 120 28.60 18.61 33.03
N ILE G 121 28.07 17.96 34.07
CA ILE G 121 27.95 18.56 35.39
C ILE G 121 28.48 17.59 36.43
N PRO G 122 29.70 17.86 36.92
CA PRO G 122 30.39 16.97 37.86
C PRO G 122 29.60 16.82 39.14
N LYS G 123 29.46 15.59 39.62
CA LYS G 123 28.71 15.38 40.86
C LYS G 123 29.32 16.20 42.01
N SER G 124 30.62 16.45 41.90
CA SER G 124 31.40 17.21 42.88
C SER G 124 31.00 18.66 43.01
N SER G 125 30.42 19.21 41.95
CA SER G 125 30.17 20.64 41.91
C SER G 125 28.92 21.07 42.67
N TRP G 126 28.26 20.14 43.36
CA TRP G 126 27.05 20.47 44.12
C TRP G 126 27.34 20.87 45.56
N SER G 127 27.85 22.08 45.74
CA SER G 127 28.34 22.54 47.04
C SER G 127 27.20 22.81 48.03
N ASN G 128 26.07 23.29 47.51
CA ASN G 128 24.97 23.66 48.38
C ASN G 128 23.82 22.66 48.40
N HIS G 129 24.04 21.46 47.87
CA HIS G 129 23.01 20.42 47.97
C HIS G 129 23.63 19.06 48.29
N ASP G 130 22.78 18.10 48.66
CA ASP G 130 23.25 16.78 48.99
C ASP G 130 23.28 15.86 47.75
N ALA G 131 24.48 15.54 47.28
CA ALA G 131 24.62 14.69 46.10
C ALA G 131 25.08 13.31 46.49
N SER G 132 24.81 12.94 47.74
CA SER G 132 25.32 11.69 48.27
C SER G 132 24.22 10.76 48.76
N SER G 133 23.10 11.32 49.24
CA SER G 133 21.99 10.49 49.70
C SER G 133 20.92 10.24 48.66
N GLY G 134 21.03 10.88 47.49
CA GLY G 134 20.05 10.65 46.42
C GLY G 134 20.19 9.25 45.88
N VAL G 135 19.68 8.29 46.64
CA VAL G 135 19.94 6.87 46.49
C VAL G 135 18.74 6.13 47.06
N SER G 136 18.40 4.98 46.50
CA SER G 136 17.21 4.24 46.91
C SER G 136 17.34 2.73 46.87
N SER G 137 16.51 2.06 47.65
CA SER G 137 16.55 0.61 47.71
C SER G 137 15.89 0.02 46.48
N ALA G 138 15.17 0.84 45.74
CA ALA G 138 14.55 0.40 44.50
C ALA G 138 15.60 0.24 43.40
N CYS G 139 16.73 0.88 43.59
CA CYS G 139 17.80 0.79 42.63
C CYS G 139 19.01 0.17 43.29
N PRO G 140 18.93 -1.12 43.62
CA PRO G 140 20.05 -1.76 44.33
C PRO G 140 21.26 -1.97 43.41
N TYR G 141 22.46 -1.75 43.94
CA TYR G 141 23.67 -2.14 43.24
C TYR G 141 23.96 -3.55 43.74
N HIS G 142 25.03 -3.71 44.49
CA HIS G 142 25.33 -5.03 45.01
C HIS G 142 24.59 -5.18 46.31
N GLY G 143 23.27 -5.24 46.18
CA GLY G 143 22.37 -5.38 47.31
C GLY G 143 22.15 -4.11 48.08
N ARG G 144 22.99 -3.11 47.84
CA ARG G 144 22.89 -1.86 48.56
C ARG G 144 22.18 -0.78 47.77
N SER G 145 21.45 0.08 48.47
CA SER G 145 20.70 1.15 47.83
C SER G 145 21.62 2.00 46.96
N SER G 146 21.17 2.29 45.76
CA SER G 146 21.94 3.06 44.80
C SER G 146 20.99 3.84 43.92
N PHE G 147 21.46 4.23 42.75
CA PHE G 147 20.64 5.07 41.90
C PHE G 147 21.26 5.14 40.52
N PHE G 148 20.50 5.62 39.55
CA PHE G 148 20.99 5.81 38.18
C PHE G 148 22.34 6.51 38.21
N ARG G 149 23.27 6.09 37.37
CA ARG G 149 24.63 6.59 37.42
C ARG G 149 24.91 7.84 36.56
N ASN G 150 24.04 8.16 35.63
CA ASN G 150 24.36 9.25 34.72
C ASN G 150 23.59 10.48 35.07
N VAL G 151 22.82 10.34 36.14
CA VAL G 151 21.89 11.38 36.51
C VAL G 151 21.84 11.48 38.05
N VAL G 152 21.73 12.69 38.61
CA VAL G 152 21.87 12.88 40.07
C VAL G 152 20.63 13.33 40.86
N TRP G 153 20.26 12.54 41.87
CA TRP G 153 19.10 12.87 42.71
C TRP G 153 19.49 13.84 43.84
N LEU G 154 19.48 15.12 43.53
CA LEU G 154 19.85 16.12 44.52
C LEU G 154 18.83 16.22 45.65
N ILE G 155 19.36 16.22 46.86
CA ILE G 155 18.52 16.32 48.04
C ILE G 155 18.96 17.52 48.92
N LYS G 156 18.03 18.07 49.70
CA LYS G 156 18.33 19.28 50.50
C LYS G 156 19.50 19.07 51.44
N LYS G 157 20.21 20.17 51.71
CA LYS G 157 21.40 20.15 52.57
C LYS G 157 21.25 21.16 53.66
N ASN G 158 21.46 20.69 54.89
CA ASN G 158 21.31 21.51 56.08
C ASN G 158 19.92 22.17 56.06
N SER G 159 18.91 21.36 55.78
CA SER G 159 17.50 21.80 55.71
C SER G 159 17.25 22.99 54.79
N ALA G 160 18.00 23.06 53.69
CA ALA G 160 17.84 24.13 52.72
C ALA G 160 18.09 23.61 51.32
N TYR G 161 17.27 24.04 50.38
CA TYR G 161 17.48 23.72 48.97
C TYR G 161 17.54 25.01 48.17
N PRO G 162 18.72 25.62 48.11
CA PRO G 162 18.87 26.88 47.37
C PRO G 162 18.51 26.69 45.91
N THR G 163 18.06 27.75 45.26
CA THR G 163 17.74 27.64 43.85
C THR G 163 19.00 27.31 43.07
N ILE G 164 18.88 26.29 42.21
CA ILE G 164 19.96 25.84 41.35
C ILE G 164 19.94 26.63 40.06
N LYS G 165 21.11 27.12 39.66
CA LYS G 165 21.23 27.79 38.38
C LYS G 165 22.49 27.32 37.68
N ARG G 166 22.36 26.24 36.91
CA ARG G 166 23.48 25.66 36.18
C ARG G 166 23.26 25.81 34.70
N SER G 167 24.36 25.90 33.96
CA SER G 167 24.28 26.14 32.55
C SER G 167 25.39 25.33 31.91
N TYR G 168 25.11 24.70 30.74
CA TYR G 168 26.18 23.97 30.03
C TYR G 168 26.18 24.29 28.55
N ASN G 169 27.33 24.73 28.06
CA ASN G 169 27.52 25.10 26.68
C ASN G 169 28.23 23.97 25.94
N ASN G 170 27.54 23.41 24.96
CA ASN G 170 28.10 22.36 24.15
C ASN G 170 29.25 22.94 23.36
N THR G 171 30.46 22.57 23.74
CA THR G 171 31.66 23.08 23.10
C THR G 171 32.22 22.06 22.11
N ASN G 172 31.57 20.89 22.03
CA ASN G 172 31.97 19.84 21.10
C ASN G 172 31.59 20.07 19.66
N GLN G 173 31.97 19.14 18.81
CA GLN G 173 31.70 19.29 17.40
C GLN G 173 30.39 18.55 17.08
N GLU G 174 29.92 17.77 18.05
CA GLU G 174 28.79 16.88 17.89
C GLU G 174 27.52 17.33 18.62
N ASP G 175 26.37 16.81 18.20
CA ASP G 175 25.15 16.98 18.97
C ASP G 175 25.38 16.23 20.25
N LEU G 176 24.72 16.64 21.33
CA LEU G 176 24.80 15.80 22.50
C LEU G 176 23.43 15.58 23.14
N LEU G 177 23.22 14.34 23.57
CA LEU G 177 21.99 13.88 24.18
C LEU G 177 22.04 14.14 25.68
N VAL G 178 21.11 14.96 26.18
CA VAL G 178 21.07 15.28 27.58
C VAL G 178 19.87 14.68 28.26
N LEU G 179 20.10 13.96 29.36
CA LEU G 179 19.02 13.37 30.13
C LEU G 179 18.96 14.04 31.50
N TRP G 180 17.75 14.30 31.98
CA TRP G 180 17.51 14.75 33.35
C TRP G 180 16.14 14.30 33.82
N GLY G 181 15.79 14.61 35.04
CA GLY G 181 14.51 14.18 35.56
C GLY G 181 13.93 14.99 36.70
N ILE G 182 12.68 14.70 37.02
CA ILE G 182 11.99 15.31 38.13
C ILE G 182 11.37 14.21 39.00
N HIS G 183 11.36 14.42 40.32
CA HIS G 183 10.81 13.44 41.24
C HIS G 183 9.42 13.85 41.73
N HIS G 184 8.50 12.90 41.68
CA HIS G 184 7.13 13.11 42.15
C HIS G 184 6.92 12.37 43.46
N PRO G 185 6.95 13.09 44.60
CA PRO G 185 6.85 12.50 45.94
C PRO G 185 5.46 11.96 46.24
N ASN G 186 5.28 11.33 47.40
CA ASN G 186 4.01 10.69 47.77
C ASN G 186 2.98 11.63 48.36
N ASP G 187 3.47 12.53 49.19
CA ASP G 187 2.66 13.44 49.98
C ASP G 187 3.46 14.69 50.27
N ALA G 188 2.84 15.68 50.91
CA ALA G 188 3.51 16.95 51.20
C ALA G 188 4.68 16.81 52.17
N ALA G 189 4.58 15.83 53.05
CA ALA G 189 5.64 15.57 54.03
C ALA G 189 6.93 15.17 53.32
N GLU G 190 6.85 14.11 52.50
CA GLU G 190 8.00 13.62 51.76
C GLU G 190 8.58 14.75 50.94
N GLN G 191 7.70 15.56 50.35
CA GLN G 191 8.17 16.71 49.60
C GLN G 191 9.05 17.57 50.45
N THR G 192 8.56 17.98 51.61
CA THR G 192 9.32 18.84 52.47
C THR G 192 10.58 18.15 52.98
N LYS G 193 10.45 16.86 53.27
CA LYS G 193 11.56 16.11 53.85
C LYS G 193 12.79 16.02 52.94
N LEU G 194 12.57 15.90 51.63
CA LEU G 194 13.65 15.72 50.67
C LEU G 194 14.20 17.08 50.22
N TYR G 195 13.28 17.98 49.88
CA TYR G 195 13.60 19.32 49.42
C TYR G 195 12.84 20.24 50.34
N GLN G 196 13.46 21.29 50.87
CA GLN G 196 12.79 22.03 51.93
C GLN G 196 11.50 22.67 51.40
N ASN G 197 11.60 23.24 50.21
CA ASN G 197 10.53 24.03 49.64
C ASN G 197 9.31 23.21 49.25
N PRO G 198 8.10 23.73 49.57
CA PRO G 198 6.80 23.07 49.42
C PRO G 198 6.28 23.09 47.99
N THR G 199 6.55 24.16 47.26
CA THR G 199 6.12 24.23 45.86
C THR G 199 7.33 24.51 45.01
N THR G 200 7.59 23.63 44.05
CA THR G 200 8.86 23.70 43.34
C THR G 200 8.64 23.62 41.85
N TYR G 201 9.72 23.85 41.13
CA TYR G 201 9.69 23.86 39.68
C TYR G 201 11.05 23.41 39.16
N ILE G 202 11.08 23.01 37.89
CA ILE G 202 12.33 22.78 37.22
C ILE G 202 12.23 23.41 35.85
N SER G 203 13.11 24.34 35.55
CA SER G 203 13.04 25.02 34.26
C SER G 203 14.28 24.73 33.42
N VAL G 204 14.06 24.39 32.17
CA VAL G 204 15.14 24.02 31.26
C VAL G 204 15.13 24.91 30.02
N GLY G 205 16.29 25.39 29.63
CA GLY G 205 16.37 26.33 28.52
C GLY G 205 17.42 26.00 27.49
N THR G 206 17.05 26.19 26.22
CA THR G 206 17.90 25.89 25.09
C THR G 206 17.49 26.88 24.00
N SER G 207 18.25 27.01 22.90
CA SER G 207 17.79 27.83 21.77
C SER G 207 16.42 27.43 21.27
N THR G 208 16.11 26.15 21.35
CA THR G 208 14.86 25.63 20.81
C THR G 208 13.93 25.13 21.93
N LEU G 209 14.51 24.68 23.04
CA LEU G 209 13.71 24.15 24.13
C LEU G 209 13.37 25.18 25.21
N ASN G 210 12.13 25.12 25.68
CA ASN G 210 11.69 25.88 26.86
C ASN G 210 10.58 25.14 27.55
N GLN G 211 10.88 24.60 28.72
CA GLN G 211 9.87 23.91 29.50
C GLN G 211 10.02 24.20 30.99
N ARG G 212 8.92 24.10 31.71
CA ARG G 212 8.97 24.25 33.14
C ARG G 212 8.16 23.15 33.75
N LEU G 213 8.85 22.22 34.38
CA LEU G 213 8.22 21.03 34.91
C LEU G 213 7.91 21.29 36.37
N VAL G 214 6.72 20.88 36.80
CA VAL G 214 6.32 21.00 38.20
C VAL G 214 5.87 19.63 38.69
N PRO G 215 6.34 19.25 39.88
CA PRO G 215 6.01 17.94 40.43
C PRO G 215 4.52 17.73 40.69
N GLU G 216 4.03 16.58 40.24
CA GLU G 216 2.65 16.20 40.46
C GLU G 216 2.60 15.15 41.55
N ILE G 217 2.35 15.61 42.78
CA ILE G 217 2.21 14.72 43.93
C ILE G 217 0.90 13.91 43.88
N ALA G 218 0.99 12.62 44.19
CA ALA G 218 -0.17 11.74 44.28
C ALA G 218 0.22 10.54 45.14
N THR G 219 -0.76 9.81 45.65
CA THR G 219 -0.44 8.64 46.42
C THR G 219 -0.67 7.46 45.51
N ARG G 220 0.38 6.67 45.30
CA ARG G 220 0.32 5.59 44.34
C ARG G 220 0.67 4.28 45.00
N PRO G 221 0.25 3.16 44.40
CA PRO G 221 0.71 1.84 44.84
C PRO G 221 2.22 1.77 44.77
N LYS G 222 2.81 0.86 45.53
CA LYS G 222 4.26 0.74 45.53
C LYS G 222 4.68 -0.09 44.35
N VAL G 223 5.67 0.38 43.63
CA VAL G 223 6.27 -0.38 42.55
C VAL G 223 7.76 -0.43 42.84
N ASN G 224 8.30 -1.65 42.92
CA ASN G 224 9.67 -1.85 43.40
C ASN G 224 9.90 -1.18 44.77
N GLY G 225 8.89 -1.28 45.63
CA GLY G 225 8.98 -0.77 46.98
C GLY G 225 8.65 0.70 47.10
N GLN G 226 8.87 1.46 46.03
CA GLN G 226 8.65 2.90 46.05
C GLN G 226 7.25 3.25 45.56
N SER G 227 6.64 4.24 46.18
CA SER G 227 5.32 4.64 45.77
C SER G 227 5.39 6.02 45.11
N GLY G 228 6.58 6.60 45.10
CA GLY G 228 6.80 7.85 44.42
C GLY G 228 7.16 7.52 42.99
N ARG G 229 7.32 8.54 42.16
CA ARG G 229 7.68 8.32 40.77
C ARG G 229 8.67 9.36 40.30
N MET G 230 9.52 8.96 39.37
CA MET G 230 10.44 9.89 38.76
C MET G 230 10.17 9.91 37.27
N GLU G 231 10.16 11.10 36.68
CA GLU G 231 9.84 11.28 35.27
C GLU G 231 11.05 11.84 34.54
N PHE G 232 11.50 11.15 33.50
CA PHE G 232 12.72 11.56 32.83
C PHE G 232 12.51 12.24 31.50
N PHE G 233 13.39 13.18 31.18
CA PHE G 233 13.23 13.96 29.96
C PHE G 233 14.55 14.04 29.24
N TRP G 234 14.48 14.44 27.98
CA TRP G 234 15.68 14.56 27.21
C TRP G 234 15.52 15.65 26.16
N THR G 235 16.64 16.01 25.56
CA THR G 235 16.66 16.94 24.46
C THR G 235 18.00 16.74 23.77
N ILE G 236 18.12 17.24 22.56
CA ILE G 236 19.39 17.16 21.85
C ILE G 236 19.93 18.57 21.81
N LEU G 237 21.16 18.73 22.25
CA LEU G 237 21.77 20.04 22.35
C LEU G 237 22.71 20.29 21.17
N LYS G 238 22.34 21.23 20.30
CA LYS G 238 23.12 21.55 19.09
C LYS G 238 24.53 22.06 19.43
N PRO G 239 25.50 21.77 18.56
CA PRO G 239 26.93 21.98 18.78
C PRO G 239 27.38 23.30 19.37
N ASN G 240 26.63 24.39 19.24
CA ASN G 240 27.09 25.59 19.93
C ASN G 240 26.05 26.20 20.82
N ASP G 241 25.07 25.39 21.18
CA ASP G 241 23.98 25.86 21.99
C ASP G 241 24.31 25.54 23.43
N ALA G 242 23.47 26.04 24.32
CA ALA G 242 23.67 25.78 25.72
C ALA G 242 22.34 25.43 26.37
N ILE G 243 22.42 24.66 27.42
CA ILE G 243 21.24 24.31 28.22
C ILE G 243 21.33 24.95 29.62
N ASN G 244 20.23 25.54 30.09
CA ASN G 244 20.19 26.22 31.39
C ASN G 244 19.20 25.58 32.37
N PHE G 245 19.68 25.01 33.46
CA PHE G 245 18.77 24.40 34.44
C PHE G 245 18.55 25.35 35.58
N GLU G 246 17.28 25.52 35.94
CA GLU G 246 16.96 26.25 37.13
C GLU G 246 15.87 25.50 37.82
N SER G 247 16.14 25.13 39.06
CA SER G 247 15.17 24.37 39.83
C SER G 247 15.42 24.69 41.26
N ASN G 248 14.38 24.59 42.07
CA ASN G 248 14.46 24.82 43.50
C ASN G 248 14.02 23.56 44.23
N GLY G 249 14.01 22.43 43.52
CA GLY G 249 13.69 21.15 44.14
C GLY G 249 13.20 20.08 43.19
N ASN G 250 13.20 18.85 43.69
CA ASN G 250 12.71 17.69 42.94
C ASN G 250 13.49 17.41 41.65
N PHE G 251 14.66 18.03 41.50
CA PHE G 251 15.47 17.96 40.27
C PHE G 251 16.35 16.73 40.27
N ILE G 252 16.23 15.91 39.21
CA ILE G 252 17.19 14.81 39.02
C ILE G 252 18.11 15.27 37.90
N ALA G 253 19.29 15.72 38.31
CA ALA G 253 20.19 16.50 37.46
C ALA G 253 21.07 15.61 36.62
N PRO G 254 21.46 16.11 35.44
CA PRO G 254 22.42 15.36 34.63
C PRO G 254 23.82 15.44 35.21
N GLU G 255 24.57 14.33 35.13
CA GLU G 255 26.02 14.36 35.30
C GLU G 255 26.62 14.00 33.95
N TYR G 256 26.17 12.87 33.38
CA TYR G 256 26.72 12.44 32.11
C TYR G 256 25.72 12.67 30.99
N ALA G 257 26.26 13.15 29.87
CA ALA G 257 25.51 13.33 28.65
C ALA G 257 26.18 12.46 27.59
N TYR G 258 25.53 12.33 26.45
CA TYR G 258 26.07 11.48 25.40
C TYR G 258 26.35 12.25 24.12
N LYS G 259 27.61 12.25 23.71
CA LYS G 259 27.99 12.82 22.42
C LYS G 259 27.57 11.85 21.31
N ILE G 260 26.84 12.36 20.33
CA ILE G 260 26.44 11.56 19.19
C ILE G 260 27.57 11.60 18.16
N VAL G 261 28.45 10.60 18.20
CA VAL G 261 29.67 10.59 17.39
C VAL G 261 29.48 10.19 15.94
N LYS G 262 28.87 9.03 15.74
CA LYS G 262 28.58 8.53 14.41
C LYS G 262 27.09 8.35 14.20
N LYS G 263 26.55 9.09 13.24
CA LYS G 263 25.19 8.90 12.76
C LYS G 263 25.19 8.01 11.51
N GLY G 264 24.28 7.04 11.45
CA GLY G 264 24.11 6.22 10.29
C GLY G 264 22.78 5.50 10.35
N ASP G 265 22.62 4.45 9.56
CA ASP G 265 21.40 3.67 9.63
C ASP G 265 21.66 2.46 10.49
N SER G 266 20.80 2.30 11.48
CA SER G 266 20.93 1.23 12.44
C SER G 266 19.49 0.83 12.75
N ALA G 267 19.30 0.03 13.79
CA ALA G 267 17.96 -0.41 14.15
C ALA G 267 17.96 -0.96 15.56
N ILE G 268 16.81 -0.98 16.20
CA ILE G 268 16.76 -1.66 17.48
C ILE G 268 15.99 -2.94 17.29
N MET G 269 16.71 -4.04 17.28
CA MET G 269 16.07 -5.31 17.05
C MET G 269 15.59 -5.96 18.32
N LYS G 270 14.32 -6.35 18.29
CA LYS G 270 13.69 -7.14 19.31
C LYS G 270 14.02 -8.59 19.05
N SER G 271 14.81 -9.15 19.94
CA SER G 271 15.24 -10.53 19.87
C SER G 271 15.48 -11.02 21.29
N GLU G 272 15.29 -12.31 21.51
CA GLU G 272 15.48 -12.88 22.83
C GLU G 272 16.84 -13.59 22.85
N LEU G 273 17.58 -13.46 21.75
CA LEU G 273 18.84 -14.17 21.56
C LEU G 273 20.02 -13.33 22.05
N GLU G 274 21.19 -13.95 22.11
CA GLU G 274 22.42 -13.27 22.49
C GLU G 274 23.49 -13.39 21.40
N TYR G 275 24.67 -12.82 21.66
CA TYR G 275 25.78 -12.80 20.70
C TYR G 275 26.14 -14.19 20.18
N GLY G 276 26.71 -14.26 18.98
CA GLY G 276 27.00 -15.55 18.36
C GLY G 276 28.41 -15.69 17.81
N ASN G 277 29.18 -14.62 17.92
CA ASN G 277 30.60 -14.60 17.57
C ASN G 277 30.84 -14.81 16.09
N CYS G 278 29.77 -14.73 15.32
CA CYS G 278 29.85 -14.88 13.88
C CYS G 278 29.77 -13.52 13.20
N ASN G 279 29.88 -13.52 11.88
CA ASN G 279 29.77 -12.30 11.12
C ASN G 279 28.79 -12.56 9.95
N THR G 280 28.10 -11.51 9.50
CA THR G 280 27.16 -11.64 8.38
C THR G 280 26.98 -10.31 7.65
N LYS G 281 26.31 -10.37 6.49
CA LYS G 281 26.03 -9.19 5.69
C LYS G 281 24.54 -8.87 5.82
N CYS G 282 23.82 -9.79 6.46
CA CYS G 282 22.38 -9.67 6.63
C CYS G 282 21.96 -10.29 7.97
N GLN G 283 21.25 -9.51 8.78
CA GLN G 283 20.87 -9.98 10.11
C GLN G 283 19.38 -9.89 10.26
N THR G 284 18.83 -10.88 10.96
CA THR G 284 17.42 -11.01 11.25
C THR G 284 17.30 -11.28 12.76
N PRO G 285 16.17 -10.92 13.39
CA PRO G 285 15.91 -11.14 14.82
C PRO G 285 15.87 -12.62 15.23
N MET G 286 15.83 -13.50 14.25
CA MET G 286 15.78 -14.94 14.51
C MET G 286 17.13 -15.54 14.22
N GLY G 287 17.95 -14.83 13.45
CA GLY G 287 19.27 -15.33 13.08
C GLY G 287 19.80 -14.65 11.84
N ALA G 288 21.03 -14.97 11.43
CA ALA G 288 21.60 -14.28 10.27
C ALA G 288 21.39 -15.06 8.97
N ILE G 289 21.49 -14.35 7.85
CA ILE G 289 21.26 -14.92 6.55
C ILE G 289 22.49 -14.79 5.68
N ASN G 290 22.98 -15.92 5.18
CA ASN G 290 24.07 -15.95 4.21
C ASN G 290 23.50 -16.57 2.94
N SER G 291 23.09 -15.73 1.99
CA SER G 291 22.33 -16.23 0.85
C SER G 291 22.54 -15.44 -0.46
N SER G 292 22.25 -16.08 -1.58
CA SER G 292 22.34 -15.39 -2.86
C SER G 292 20.97 -15.28 -3.49
N MET G 293 20.00 -15.91 -2.83
CA MET G 293 18.60 -15.88 -3.22
C MET G 293 18.10 -14.46 -3.19
N PRO G 294 17.13 -14.15 -4.06
CA PRO G 294 16.56 -12.80 -4.10
C PRO G 294 15.45 -12.59 -3.07
N PHE G 295 14.92 -13.66 -2.47
CA PHE G 295 13.83 -13.56 -1.51
C PHE G 295 14.09 -14.44 -0.33
N HIS G 296 13.50 -14.09 0.81
CA HIS G 296 13.57 -14.97 1.98
C HIS G 296 12.26 -14.86 2.70
N ASN G 297 11.98 -15.82 3.57
CA ASN G 297 10.70 -15.83 4.28
C ASN G 297 10.89 -15.94 5.81
N ILE G 298 12.05 -15.50 6.27
CA ILE G 298 12.44 -15.66 7.66
C ILE G 298 11.79 -14.70 8.65
N HIS G 299 11.99 -13.41 8.40
CA HIS G 299 11.45 -12.36 9.24
C HIS G 299 11.47 -11.06 8.46
N PRO G 300 10.40 -10.27 8.59
CA PRO G 300 10.23 -9.01 7.85
C PRO G 300 11.25 -7.97 8.27
N LEU G 301 11.70 -8.02 9.52
CA LEU G 301 12.58 -6.95 10.01
C LEU G 301 14.04 -7.35 9.90
N THR G 302 14.74 -6.83 8.88
CA THR G 302 16.13 -7.23 8.67
C THR G 302 17.01 -5.98 8.55
N ILE G 303 18.32 -6.16 8.66
CA ILE G 303 19.29 -5.09 8.44
C ILE G 303 20.51 -5.59 7.66
N GLY G 304 21.00 -4.76 6.73
CA GLY G 304 22.15 -5.08 5.88
C GLY G 304 21.71 -5.33 4.45
N GLU G 305 22.65 -5.70 3.60
CA GLU G 305 22.29 -6.11 2.23
C GLU G 305 21.57 -7.47 2.26
N CYS G 306 20.25 -7.43 2.10
CA CYS G 306 19.40 -8.62 2.28
C CYS G 306 18.50 -8.99 1.10
N PRO G 307 18.07 -10.25 1.05
CA PRO G 307 17.03 -10.60 0.08
C PRO G 307 15.72 -9.95 0.47
N LYS G 308 14.77 -9.88 -0.45
CA LYS G 308 13.50 -9.22 -0.17
C LYS G 308 12.60 -10.15 0.62
N TYR G 309 12.03 -9.66 1.72
CA TYR G 309 11.19 -10.52 2.55
C TYR G 309 9.88 -10.81 1.86
N VAL G 310 9.41 -12.03 2.06
CA VAL G 310 8.16 -12.46 1.47
C VAL G 310 7.58 -13.50 2.39
N LYS G 311 6.25 -13.59 2.45
CA LYS G 311 5.58 -14.56 3.34
C LYS G 311 5.32 -15.97 2.74
N SER G 312 6.08 -16.39 1.74
CA SER G 312 5.79 -17.65 1.05
C SER G 312 6.43 -18.85 1.72
N ASN G 313 5.83 -20.03 1.55
CA ASN G 313 6.51 -21.26 1.94
C ASN G 313 7.36 -21.80 0.79
N ARG G 314 7.09 -21.30 -0.41
CA ARG G 314 7.73 -21.82 -1.60
C ARG G 314 7.67 -20.82 -2.75
N LEU G 315 8.83 -20.57 -3.38
CA LEU G 315 8.91 -19.79 -4.61
C LEU G 315 9.90 -20.47 -5.55
N VAL G 316 9.38 -21.11 -6.60
CA VAL G 316 10.22 -21.85 -7.55
C VAL G 316 9.90 -21.56 -9.02
N LEU G 317 10.88 -21.06 -9.77
CA LEU G 317 10.74 -20.78 -11.20
C LEU G 317 11.05 -21.99 -12.09
N ALA G 318 10.20 -22.23 -13.09
CA ALA G 318 10.55 -23.23 -14.09
C ALA G 318 11.65 -22.65 -14.92
N THR G 319 12.74 -23.40 -15.11
CA THR G 319 13.78 -22.97 -16.03
C THR G 319 13.79 -23.95 -17.17
N GLY G 320 13.72 -25.24 -16.83
CA GLY G 320 13.65 -26.28 -17.84
C GLY G 320 12.24 -26.45 -18.39
N LEU G 321 11.94 -27.61 -18.97
CA LEU G 321 10.65 -27.85 -19.62
C LEU G 321 9.90 -28.99 -18.96
N ARG G 322 8.64 -29.21 -19.36
CA ARG G 322 7.86 -30.26 -18.72
C ARG G 322 8.53 -31.63 -18.87
N ASN G 323 8.83 -32.25 -17.74
CA ASN G 323 9.53 -33.53 -17.74
C ASN G 323 8.55 -34.70 -17.87
N THR G 324 8.97 -35.74 -18.58
CA THR G 324 8.15 -36.91 -18.88
C THR G 324 8.41 -38.12 -17.97
N PRO G 325 7.34 -38.82 -17.57
CA PRO G 325 7.42 -39.93 -16.61
C PRO G 325 8.28 -41.07 -17.16
N GLY H 1 0.90 -29.07 -24.32
CA GLY H 1 0.86 -27.69 -23.89
C GLY H 1 0.12 -26.80 -24.86
N LEU H 2 0.34 -25.48 -24.79
CA LEU H 2 -0.37 -24.54 -25.66
C LEU H 2 -0.11 -24.84 -27.13
N PHE H 3 1.05 -25.43 -27.42
CA PHE H 3 1.51 -25.54 -28.80
C PHE H 3 1.52 -26.95 -29.37
N GLY H 4 1.00 -27.91 -28.61
CA GLY H 4 0.73 -29.25 -29.08
C GLY H 4 1.91 -30.16 -29.35
N ALA H 5 3.12 -29.64 -29.14
CA ALA H 5 4.35 -30.41 -29.42
C ALA H 5 4.82 -31.25 -28.22
N ILE H 6 5.38 -30.58 -27.23
CA ILE H 6 5.82 -31.24 -26.00
C ILE H 6 4.61 -31.91 -25.36
N ALA H 7 4.76 -33.19 -25.01
CA ALA H 7 3.65 -33.97 -24.46
C ALA H 7 2.41 -33.87 -25.35
N GLY H 8 2.66 -33.83 -26.66
CA GLY H 8 1.63 -33.72 -27.69
C GLY H 8 1.88 -34.71 -28.80
N PHE H 9 2.07 -34.21 -30.02
CA PHE H 9 2.33 -35.08 -31.17
C PHE H 9 3.73 -35.64 -31.05
N ILE H 10 4.56 -34.97 -30.27
CA ILE H 10 5.82 -35.57 -29.85
C ILE H 10 5.57 -36.14 -28.45
N GLU H 11 5.22 -37.41 -28.44
CA GLU H 11 4.79 -38.16 -27.27
C GLU H 11 5.97 -38.58 -26.38
N GLY H 12 6.59 -37.63 -25.70
CA GLY H 12 7.66 -37.99 -24.77
C GLY H 12 8.99 -37.32 -25.05
N GLY H 13 9.78 -37.10 -24.00
CA GLY H 13 11.09 -36.50 -24.18
C GLY H 13 12.18 -37.57 -24.24
N TRP H 14 13.39 -37.16 -24.61
CA TRP H 14 14.47 -38.13 -24.78
C TRP H 14 15.51 -38.06 -23.70
N GLN H 15 15.62 -39.14 -22.92
CA GLN H 15 16.69 -39.26 -21.95
C GLN H 15 18.05 -39.22 -22.66
N GLY H 16 18.06 -39.66 -23.91
CA GLY H 16 19.29 -39.79 -24.68
C GLY H 16 19.94 -38.48 -25.07
N MET H 17 19.12 -37.46 -25.29
CA MET H 17 19.69 -36.17 -25.63
C MET H 17 20.02 -35.44 -24.35
N VAL H 18 21.30 -35.17 -24.15
CA VAL H 18 21.77 -34.73 -22.85
C VAL H 18 22.56 -33.43 -22.95
N ASP H 19 22.88 -33.05 -24.18
CA ASP H 19 23.69 -31.86 -24.40
C ASP H 19 22.87 -30.64 -24.79
N GLY H 20 21.56 -30.74 -24.57
CA GLY H 20 20.65 -29.66 -24.90
C GLY H 20 19.20 -29.96 -24.55
N TRP H 21 18.33 -28.97 -24.76
CA TRP H 21 16.91 -29.08 -24.46
C TRP H 21 16.14 -29.65 -25.65
N TYR H 22 16.44 -29.13 -26.84
CA TYR H 22 15.78 -29.56 -28.06
C TYR H 22 16.78 -30.07 -29.08
N GLY H 23 16.38 -31.04 -29.88
CA GLY H 23 17.24 -31.48 -30.94
C GLY H 23 16.67 -32.61 -31.76
N TYR H 24 17.58 -33.34 -32.40
CA TYR H 24 17.17 -34.32 -33.38
C TYR H 24 17.66 -35.68 -33.00
N HIS H 25 16.90 -36.68 -33.41
CA HIS H 25 17.37 -38.05 -33.43
C HIS H 25 17.23 -38.51 -34.87
N HIS H 26 18.35 -38.82 -35.50
CA HIS H 26 18.33 -39.31 -36.86
C HIS H 26 18.49 -40.82 -36.84
N SER H 27 18.20 -41.48 -37.95
CA SER H 27 18.41 -42.91 -38.03
C SER H 27 18.60 -43.39 -39.48
N ASN H 28 19.87 -43.53 -39.88
CA ASN H 28 20.19 -44.13 -41.16
C ASN H 28 21.16 -45.28 -40.93
N GLU H 29 21.72 -45.84 -42.00
CA GLU H 29 22.67 -46.95 -41.88
C GLU H 29 24.09 -46.53 -41.50
N GLN H 30 24.48 -45.29 -41.80
CA GLN H 30 25.82 -44.82 -41.43
C GLN H 30 25.93 -44.77 -39.91
N GLY H 31 24.78 -44.87 -39.26
CA GLY H 31 24.65 -44.93 -37.82
C GLY H 31 23.61 -43.97 -37.27
N SER H 32 23.23 -44.21 -36.03
CA SER H 32 22.20 -43.41 -35.39
C SER H 32 22.79 -42.64 -34.21
N GLY H 33 22.04 -41.69 -33.68
CA GLY H 33 22.50 -40.92 -32.54
C GLY H 33 21.62 -39.74 -32.20
N TYR H 34 21.73 -39.30 -30.95
CA TYR H 34 21.05 -38.10 -30.50
C TYR H 34 21.96 -36.93 -30.72
N ALA H 35 21.36 -35.78 -31.01
CA ALA H 35 22.11 -34.56 -31.17
C ALA H 35 21.19 -33.38 -30.86
N ALA H 36 21.71 -32.41 -30.10
CA ALA H 36 20.92 -31.26 -29.71
C ALA H 36 21.09 -30.14 -30.73
N ASP H 37 20.01 -29.44 -31.05
CA ASP H 37 20.13 -28.26 -31.91
C ASP H 37 20.67 -27.10 -31.06
N LYS H 38 21.95 -26.78 -31.23
CA LYS H 38 22.61 -25.80 -30.37
C LYS H 38 21.98 -24.42 -30.48
N GLU H 39 21.57 -24.05 -31.69
CA GLU H 39 21.04 -22.71 -31.92
C GLU H 39 19.72 -22.43 -31.17
N SER H 40 18.77 -23.36 -31.32
CA SER H 40 17.46 -23.18 -30.71
C SER H 40 17.56 -23.38 -29.20
N THR H 41 18.55 -24.18 -28.78
CA THR H 41 18.76 -24.40 -27.35
C THR H 41 19.34 -23.14 -26.67
N GLN H 42 20.31 -22.52 -27.32
CA GLN H 42 20.94 -21.34 -26.78
C GLN H 42 19.93 -20.20 -26.68
N LYS H 43 19.12 -20.06 -27.71
CA LYS H 43 18.09 -19.04 -27.74
C LYS H 43 17.13 -19.19 -26.56
N ALA H 44 16.79 -20.43 -26.23
CA ALA H 44 15.91 -20.66 -25.08
C ALA H 44 16.67 -20.37 -23.79
N ILE H 45 17.92 -20.82 -23.73
CA ILE H 45 18.77 -20.56 -22.56
C ILE H 45 18.90 -19.07 -22.30
N ASP H 46 19.08 -18.29 -23.36
CA ASP H 46 19.17 -16.85 -23.25
C ASP H 46 17.86 -16.27 -22.74
N GLY H 47 16.75 -16.80 -23.24
CA GLY H 47 15.45 -16.27 -22.88
C GLY H 47 15.08 -16.55 -21.44
N VAL H 48 15.32 -17.77 -20.99
CA VAL H 48 14.94 -18.18 -19.65
C VAL H 48 15.80 -17.46 -18.61
N THR H 49 17.09 -17.34 -18.92
CA THR H 49 18.06 -16.65 -18.07
C THR H 49 17.75 -15.15 -17.94
N ASN H 50 17.38 -14.51 -19.04
CA ASN H 50 16.91 -13.14 -18.98
C ASN H 50 15.66 -13.00 -18.13
N LYS H 51 14.77 -13.99 -18.26
CA LYS H 51 13.51 -13.98 -17.54
C LYS H 51 13.75 -13.98 -16.03
N VAL H 52 14.67 -14.83 -15.58
CA VAL H 52 14.99 -14.92 -14.17
C VAL H 52 15.57 -13.59 -13.67
N ASN H 53 16.54 -13.07 -14.40
CA ASN H 53 17.15 -11.79 -14.06
C ASN H 53 16.11 -10.67 -14.08
N SER H 54 15.17 -10.72 -15.02
CA SER H 54 14.14 -9.67 -15.11
C SER H 54 13.26 -9.72 -13.89
N ILE H 55 12.99 -10.93 -13.43
CA ILE H 55 12.11 -11.14 -12.30
C ILE H 55 12.77 -10.64 -11.00
N ILE H 56 14.03 -11.04 -10.80
CA ILE H 56 14.81 -10.62 -9.66
C ILE H 56 15.05 -9.09 -9.69
N ASP H 57 15.17 -8.52 -10.89
CA ASP H 57 15.40 -7.08 -11.05
C ASP H 57 14.16 -6.26 -10.67
N LYS H 58 13.00 -6.65 -11.17
CA LYS H 58 11.76 -5.94 -10.90
C LYS H 58 11.35 -5.94 -9.42
N MET H 59 11.96 -6.81 -8.63
CA MET H 59 11.62 -6.94 -7.22
C MET H 59 12.61 -6.26 -6.27
N ASN H 60 13.49 -5.42 -6.80
CA ASN H 60 14.47 -4.75 -5.95
C ASN H 60 13.99 -3.48 -5.23
N THR H 61 12.98 -2.81 -5.78
CA THR H 61 12.41 -1.65 -5.08
C THR H 61 11.26 -2.12 -4.21
N GLN H 62 11.41 -3.30 -3.61
CA GLN H 62 10.37 -3.83 -2.73
C GLN H 62 10.36 -3.11 -1.38
N PHE H 63 9.20 -3.17 -0.71
CA PHE H 63 9.01 -2.63 0.61
C PHE H 63 9.93 -3.32 1.63
N GLU H 64 10.44 -2.56 2.58
CA GLU H 64 11.33 -3.10 3.61
C GLU H 64 10.82 -2.69 4.99
N ALA H 65 10.45 -3.66 5.82
CA ALA H 65 9.88 -3.33 7.13
C ALA H 65 10.87 -2.64 8.06
N VAL H 66 10.35 -1.68 8.83
CA VAL H 66 11.20 -0.95 9.76
C VAL H 66 10.60 -1.08 11.15
N GLY H 67 11.46 -1.30 12.13
CA GLY H 67 10.99 -1.36 13.50
C GLY H 67 10.50 -0.02 13.99
N ARG H 68 9.28 0.01 14.51
CA ARG H 68 8.74 1.20 15.15
C ARG H 68 7.99 0.89 16.41
N GLU H 69 8.28 1.63 17.47
CA GLU H 69 7.57 1.36 18.71
C GLU H 69 6.61 2.48 19.07
N PHE H 70 5.53 2.08 19.72
CA PHE H 70 4.48 2.98 20.13
C PHE H 70 4.10 2.61 21.56
N ASN H 71 3.57 3.57 22.31
CA ASN H 71 3.20 3.29 23.70
C ASN H 71 1.70 2.98 23.85
N ASN H 72 1.29 2.78 25.09
CA ASN H 72 -0.04 2.32 25.45
C ASN H 72 -1.19 3.29 25.07
N LEU H 73 -0.88 4.55 24.81
CA LEU H 73 -1.92 5.50 24.39
C LEU H 73 -1.77 5.88 22.93
N GLU H 74 -1.03 5.06 22.21
CA GLU H 74 -0.83 5.25 20.79
C GLU H 74 -1.29 4.01 20.00
N ARG H 75 -2.30 3.31 20.53
CA ARG H 75 -2.73 2.04 19.97
C ARG H 75 -3.29 2.18 18.58
N ARG H 76 -3.91 3.32 18.28
CA ARG H 76 -4.45 3.58 16.95
C ARG H 76 -3.34 3.60 15.94
N ILE H 77 -2.30 4.40 16.16
CA ILE H 77 -1.23 4.46 15.16
C ILE H 77 -0.36 3.22 15.16
N GLU H 78 -0.28 2.49 16.27
CA GLU H 78 0.45 1.23 16.31
C GLU H 78 -0.21 0.27 15.36
N ASN H 79 -1.53 0.28 15.40
CA ASN H 79 -2.38 -0.56 14.59
C ASN H 79 -2.33 -0.11 13.13
N LEU H 80 -2.35 1.20 12.91
CA LEU H 80 -2.23 1.77 11.55
C LEU H 80 -0.92 1.33 10.91
N ASN H 81 0.14 1.45 11.69
CA ASN H 81 1.48 1.08 11.31
C ASN H 81 1.63 -0.42 11.03
N LYS H 82 0.93 -1.25 11.80
CA LYS H 82 1.00 -2.68 11.60
C LYS H 82 0.25 -3.04 10.32
N GLN H 83 -0.89 -2.40 10.11
CA GLN H 83 -1.71 -2.70 8.95
C GLN H 83 -0.95 -2.33 7.68
N MET H 84 -0.20 -1.24 7.75
CA MET H 84 0.53 -0.75 6.61
C MET H 84 1.67 -1.68 6.24
N GLU H 85 2.39 -2.12 7.26
CA GLU H 85 3.49 -3.07 7.10
C GLU H 85 2.96 -4.41 6.57
N ASP H 86 1.90 -4.91 7.19
CA ASP H 86 1.30 -6.14 6.72
C ASP H 86 0.77 -5.88 5.32
N GLY H 87 0.26 -4.69 5.07
CA GLY H 87 -0.31 -4.38 3.77
C GLY H 87 0.68 -4.53 2.64
N PHE H 88 1.84 -3.93 2.80
CA PHE H 88 2.85 -3.98 1.77
C PHE H 88 3.48 -5.38 1.64
N LEU H 89 3.60 -6.09 2.77
CA LEU H 89 4.09 -7.46 2.71
C LEU H 89 3.09 -8.33 1.95
N ASP H 90 1.80 -8.09 2.14
CA ASP H 90 0.79 -8.90 1.44
C ASP H 90 0.79 -8.59 -0.06
N VAL H 91 1.02 -7.33 -0.42
CA VAL H 91 1.08 -6.95 -1.81
C VAL H 91 2.30 -7.59 -2.49
N TRP H 92 3.46 -7.45 -1.86
CA TRP H 92 4.69 -7.98 -2.42
C TRP H 92 4.79 -9.51 -2.40
N THR H 93 4.06 -10.15 -1.50
CA THR H 93 4.02 -11.59 -1.49
C THR H 93 3.17 -12.03 -2.66
N TYR H 94 2.03 -11.37 -2.87
CA TYR H 94 1.17 -11.62 -4.04
C TYR H 94 1.95 -11.36 -5.31
N ASN H 95 2.58 -10.20 -5.38
CA ASN H 95 3.27 -9.86 -6.60
C ASN H 95 4.28 -10.90 -7.03
N ALA H 96 4.96 -11.50 -6.06
CA ALA H 96 6.02 -12.44 -6.38
C ALA H 96 5.42 -13.81 -6.74
N GLU H 97 4.55 -14.31 -5.89
CA GLU H 97 3.94 -15.60 -6.12
C GLU H 97 3.24 -15.66 -7.46
N LEU H 98 2.57 -14.58 -7.83
CA LEU H 98 1.74 -14.57 -9.02
C LEU H 98 2.63 -14.50 -10.24
N LEU H 99 3.65 -13.65 -10.15
CA LEU H 99 4.59 -13.45 -11.26
C LEU H 99 5.28 -14.77 -11.57
N VAL H 100 5.59 -15.53 -10.52
CA VAL H 100 6.21 -16.83 -10.70
C VAL H 100 5.22 -17.76 -11.39
N LEU H 101 3.99 -17.79 -10.90
CA LEU H 101 2.94 -18.64 -11.47
C LEU H 101 2.71 -18.35 -12.95
N MET H 102 2.67 -17.06 -13.28
CA MET H 102 2.41 -16.61 -14.63
C MET H 102 3.60 -16.93 -15.52
N GLU H 103 4.80 -16.62 -15.04
CA GLU H 103 5.99 -16.80 -15.89
C GLU H 103 6.43 -18.27 -16.00
N ASN H 104 6.01 -19.07 -15.03
CA ASN H 104 6.23 -20.50 -15.05
C ASN H 104 5.44 -21.11 -16.19
N GLU H 105 4.17 -20.72 -16.26
CA GLU H 105 3.26 -21.15 -17.27
C GLU H 105 3.81 -20.79 -18.65
N ARG H 106 4.28 -19.55 -18.75
CA ARG H 106 4.78 -19.07 -20.01
C ARG H 106 6.09 -19.73 -20.37
N THR H 107 6.87 -20.11 -19.38
CA THR H 107 8.15 -20.75 -19.63
C THR H 107 7.95 -22.13 -20.30
N LEU H 108 6.98 -22.89 -19.80
CA LEU H 108 6.64 -24.20 -20.32
C LEU H 108 6.14 -24.11 -21.77
N ASP H 109 5.32 -23.10 -22.05
CA ASP H 109 4.77 -22.88 -23.38
C ASP H 109 5.85 -22.35 -24.31
N PHE H 110 6.83 -21.67 -23.71
CA PHE H 110 7.97 -21.16 -24.46
C PHE H 110 8.81 -22.31 -25.03
N HIS H 111 9.01 -23.34 -24.22
CA HIS H 111 9.72 -24.53 -24.62
C HIS H 111 8.90 -25.29 -25.69
N ASP H 112 7.60 -25.48 -25.42
CA ASP H 112 6.67 -26.14 -26.34
C ASP H 112 6.73 -25.44 -27.68
N SER H 113 6.76 -24.12 -27.66
CA SER H 113 6.81 -23.38 -28.89
C SER H 113 8.13 -23.58 -29.61
N ASN H 114 9.22 -23.65 -28.83
CA ASN H 114 10.54 -23.74 -29.45
C ASN H 114 10.66 -25.08 -30.19
N VAL H 115 10.09 -26.12 -29.61
CA VAL H 115 10.11 -27.45 -30.19
C VAL H 115 9.26 -27.47 -31.44
N LYS H 116 8.03 -26.96 -31.31
CA LYS H 116 7.11 -26.89 -32.46
C LYS H 116 7.74 -26.10 -33.60
N ASN H 117 8.52 -25.09 -33.28
CA ASN H 117 9.20 -24.31 -34.30
C ASN H 117 10.36 -25.09 -34.96
N LEU H 118 11.04 -25.90 -34.16
CA LEU H 118 12.17 -26.68 -34.62
C LEU H 118 11.65 -27.78 -35.53
N TYR H 119 10.55 -28.39 -35.11
CA TYR H 119 9.90 -29.40 -35.91
C TYR H 119 9.51 -28.82 -37.26
N ASP H 120 8.91 -27.64 -37.24
CA ASP H 120 8.49 -27.02 -38.48
C ASP H 120 9.69 -26.60 -39.34
N LYS H 121 10.82 -26.29 -38.70
CA LYS H 121 12.03 -25.89 -39.44
C LYS H 121 12.46 -27.01 -40.39
N VAL H 122 12.38 -28.24 -39.89
CA VAL H 122 12.75 -29.41 -40.65
C VAL H 122 11.67 -29.72 -41.67
N ARG H 123 10.42 -29.70 -41.24
CA ARG H 123 9.28 -29.98 -42.12
C ARG H 123 9.22 -29.06 -43.35
N LEU H 124 9.46 -27.76 -43.14
CA LEU H 124 9.31 -26.79 -44.22
C LEU H 124 10.45 -26.90 -45.22
N GLN H 125 11.53 -27.54 -44.79
CA GLN H 125 12.67 -27.81 -45.66
C GLN H 125 12.47 -29.11 -46.49
N LEU H 126 12.01 -30.18 -45.84
CA LEU H 126 11.88 -31.50 -46.44
C LEU H 126 10.71 -31.60 -47.42
N ARG H 127 9.58 -30.97 -47.11
CA ARG H 127 8.40 -31.00 -48.00
C ARG H 127 7.97 -32.41 -48.40
N ASP H 128 7.82 -32.65 -49.69
CA ASP H 128 7.40 -33.99 -50.12
C ASP H 128 8.55 -35.01 -50.20
N ASN H 129 9.76 -34.58 -49.85
CA ASN H 129 10.93 -35.46 -49.82
C ASN H 129 10.93 -36.41 -48.61
N ALA H 130 9.94 -36.25 -47.73
CA ALA H 130 9.79 -37.12 -46.56
C ALA H 130 8.32 -37.13 -46.13
N LYS H 131 7.95 -38.15 -45.35
CA LYS H 131 6.56 -38.28 -44.92
C LYS H 131 6.46 -37.96 -43.42
N GLU H 132 5.44 -37.18 -43.06
CA GLU H 132 5.18 -36.84 -41.67
C GLU H 132 4.55 -38.03 -40.95
N LEU H 133 5.29 -38.69 -40.08
CA LEU H 133 4.73 -39.83 -39.36
C LEU H 133 3.69 -39.44 -38.30
N GLY H 134 3.78 -38.23 -37.77
CA GLY H 134 2.80 -37.76 -36.80
C GLY H 134 3.24 -38.00 -35.37
N ASN H 135 4.53 -38.27 -35.21
CA ASN H 135 5.09 -38.57 -33.92
C ASN H 135 6.33 -37.74 -33.74
N GLY H 136 6.51 -36.78 -34.63
CA GLY H 136 7.67 -35.90 -34.56
C GLY H 136 8.75 -36.33 -35.51
N CYS H 137 8.52 -37.45 -36.16
CA CYS H 137 9.52 -38.04 -37.03
C CYS H 137 9.18 -37.89 -38.51
N PHE H 138 10.19 -37.74 -39.35
CA PHE H 138 9.95 -37.70 -40.78
C PHE H 138 10.63 -38.88 -41.39
N GLU H 139 9.87 -39.72 -42.09
CA GLU H 139 10.48 -40.81 -42.82
C GLU H 139 10.82 -40.32 -44.21
N PHE H 140 12.09 -40.39 -44.56
CA PHE H 140 12.57 -39.85 -45.84
C PHE H 140 12.13 -40.66 -47.07
N TYR H 141 11.84 -39.95 -48.16
CA TYR H 141 11.57 -40.57 -49.44
C TYR H 141 12.83 -40.71 -50.29
N HIS H 142 13.99 -40.49 -49.67
CA HIS H 142 15.26 -40.65 -50.34
C HIS H 142 16.37 -41.01 -49.37
N LYS H 143 17.60 -41.05 -49.88
CA LYS H 143 18.76 -41.44 -49.09
C LYS H 143 19.33 -40.24 -48.38
N CYS H 144 19.49 -40.36 -47.06
CA CYS H 144 20.04 -39.25 -46.31
C CYS H 144 21.30 -39.68 -45.55
N ASP H 145 22.46 -39.33 -46.09
CA ASP H 145 23.71 -39.65 -45.41
C ASP H 145 23.90 -38.73 -44.19
N ASN H 146 24.93 -38.98 -43.38
CA ASN H 146 25.23 -38.13 -42.23
C ASN H 146 25.44 -36.67 -42.59
N GLU H 147 26.05 -36.41 -43.74
CA GLU H 147 26.25 -35.04 -44.22
C GLU H 147 24.94 -34.42 -44.69
N CYS H 148 24.00 -35.24 -45.17
CA CYS H 148 22.66 -34.77 -45.51
C CYS H 148 21.95 -34.35 -44.22
N MET H 149 22.03 -35.21 -43.21
CA MET H 149 21.47 -34.95 -41.89
C MET H 149 22.00 -33.62 -41.31
N GLU H 150 23.31 -33.41 -41.42
CA GLU H 150 23.93 -32.19 -40.89
C GLU H 150 23.44 -30.93 -41.63
N SER H 151 23.02 -31.15 -42.88
CA SER H 151 22.56 -30.07 -43.72
C SER H 151 21.16 -29.56 -43.34
N VAL H 152 20.28 -30.47 -42.96
CA VAL H 152 18.94 -30.05 -42.58
C VAL H 152 18.99 -29.40 -41.21
N LYS H 153 19.81 -29.97 -40.33
CA LYS H 153 19.97 -29.49 -38.95
C LYS H 153 20.53 -28.08 -38.91
N ASN H 154 21.30 -27.74 -39.93
CA ASN H 154 21.90 -26.42 -40.01
C ASN H 154 21.17 -25.51 -41.00
N GLY H 155 20.01 -25.98 -41.44
CA GLY H 155 19.11 -25.22 -42.29
C GLY H 155 19.58 -24.99 -43.72
N THR H 156 20.35 -25.93 -44.27
CA THR H 156 20.90 -25.77 -45.60
C THR H 156 20.48 -26.91 -46.54
N TYR H 157 19.38 -27.58 -46.22
CA TYR H 157 18.88 -28.68 -47.03
C TYR H 157 18.64 -28.27 -48.49
N ASP H 158 19.18 -29.05 -49.42
CA ASP H 158 19.01 -28.78 -50.83
C ASP H 158 17.84 -29.61 -51.35
N TYR H 159 16.64 -29.04 -51.30
CA TYR H 159 15.43 -29.77 -51.72
C TYR H 159 15.55 -30.43 -53.10
N PRO H 160 15.91 -29.66 -54.15
CA PRO H 160 15.92 -30.29 -55.48
C PRO H 160 16.98 -31.38 -55.66
N GLN H 161 18.06 -31.35 -54.87
CA GLN H 161 19.14 -32.34 -54.98
C GLN H 161 18.61 -33.78 -54.86
N TYR H 162 17.60 -33.95 -54.02
CA TYR H 162 17.04 -35.26 -53.73
C TYR H 162 15.61 -35.40 -54.26
N SER H 163 15.08 -34.32 -54.86
CA SER H 163 13.66 -34.26 -55.24
C SER H 163 13.21 -35.41 -56.15
N GLU H 164 13.97 -35.68 -57.22
CA GLU H 164 13.58 -36.73 -58.17
C GLU H 164 13.71 -38.12 -57.56
N GLU H 165 14.78 -38.36 -56.81
CA GLU H 165 14.92 -39.66 -56.18
C GLU H 165 13.75 -39.89 -55.22
N ALA H 166 13.25 -38.80 -54.64
CA ALA H 166 12.10 -38.81 -53.74
C ALA H 166 10.83 -39.07 -54.53
N ARG H 167 10.67 -38.34 -55.64
CA ARG H 167 9.54 -38.52 -56.54
C ARG H 167 9.42 -39.96 -56.99
N LEU H 168 10.57 -40.57 -57.32
CA LEU H 168 10.60 -41.94 -57.79
C LEU H 168 10.11 -42.86 -56.69
N ASN H 169 10.58 -42.61 -55.48
CA ASN H 169 10.18 -43.42 -54.33
C ASN H 169 8.74 -43.16 -53.88
N ARG H 170 8.20 -42.00 -54.24
CA ARG H 170 6.83 -41.67 -53.87
C ARG H 170 5.77 -42.45 -54.67
N GLU H 171 5.97 -42.57 -55.97
CA GLU H 171 4.90 -43.09 -56.81
C GLU H 171 4.72 -44.61 -56.85
N GLU H 172 5.77 -45.39 -56.57
CA GLU H 172 5.64 -46.85 -56.61
C GLU H 172 4.99 -47.33 -55.32
N ILE H 173 5.11 -46.51 -54.27
CA ILE H 173 4.46 -46.78 -52.99
C ILE H 173 3.08 -46.13 -53.06
N PRO I 3 -18.68 -39.14 -53.44
CA PRO I 3 -19.27 -38.65 -52.18
C PRO I 3 -18.88 -39.56 -50.99
N GLY I 4 -18.26 -38.97 -49.97
CA GLY I 4 -17.62 -39.74 -48.90
C GLY I 4 -17.96 -39.51 -47.43
N ASP I 5 -17.60 -40.50 -46.61
CA ASP I 5 -17.71 -40.42 -45.18
C ASP I 5 -16.79 -39.31 -44.68
N GLN I 6 -17.25 -38.54 -43.68
CA GLN I 6 -16.41 -37.47 -43.14
C GLN I 6 -16.48 -37.27 -41.65
N ILE I 7 -15.41 -36.73 -41.08
CA ILE I 7 -15.42 -36.39 -39.67
C ILE I 7 -15.00 -34.94 -39.53
N CYS I 8 -15.69 -34.22 -38.64
CA CYS I 8 -15.40 -32.80 -38.42
C CYS I 8 -15.01 -32.47 -36.99
N ILE I 9 -14.07 -31.57 -36.84
CA ILE I 9 -13.71 -31.07 -35.52
C ILE I 9 -14.40 -29.74 -35.30
N GLY I 10 -14.98 -29.56 -34.15
CA GLY I 10 -15.67 -28.30 -33.88
C GLY I 10 -15.77 -28.04 -32.40
N TYR I 11 -16.41 -26.94 -32.06
CA TYR I 11 -16.46 -26.54 -30.66
C TYR I 11 -17.85 -26.10 -30.24
N HIS I 12 -18.06 -26.08 -28.93
CA HIS I 12 -19.37 -25.81 -28.39
C HIS I 12 -19.87 -24.40 -28.70
N ALA I 13 -21.18 -24.26 -28.75
CA ALA I 13 -21.82 -22.96 -28.87
C ALA I 13 -23.20 -23.04 -28.22
N ASN I 14 -23.68 -21.92 -27.68
CA ASN I 14 -25.00 -21.91 -27.05
C ASN I 14 -25.65 -20.53 -27.10
N ASN I 15 -26.79 -20.39 -26.41
CA ASN I 15 -27.56 -19.16 -26.45
C ASN I 15 -27.14 -18.17 -25.37
N SER I 16 -25.93 -18.36 -24.84
CA SER I 16 -25.39 -17.52 -23.79
C SER I 16 -25.19 -16.11 -24.31
N THR I 17 -25.40 -15.14 -23.42
CA THR I 17 -25.27 -13.73 -23.78
C THR I 17 -24.22 -13.14 -22.85
N GLU I 18 -23.69 -13.98 -21.98
CA GLU I 18 -22.72 -13.54 -21.02
C GLU I 18 -21.50 -12.98 -21.70
N GLN I 19 -21.11 -11.80 -21.25
CA GLN I 19 -19.97 -11.10 -21.77
C GLN I 19 -18.85 -11.02 -20.73
N VAL I 20 -17.65 -10.81 -21.22
CA VAL I 20 -16.46 -10.88 -20.44
C VAL I 20 -15.48 -9.87 -21.04
N ASP I 21 -14.54 -9.34 -20.27
CA ASP I 21 -13.62 -8.35 -20.85
C ASP I 21 -12.24 -8.94 -20.87
N THR I 22 -11.41 -8.47 -21.81
CA THR I 22 -10.01 -8.92 -21.94
C THR I 22 -9.13 -7.70 -22.16
N ILE I 23 -7.83 -7.90 -22.29
CA ILE I 23 -6.98 -6.74 -22.49
C ILE I 23 -7.29 -6.09 -23.84
N MET I 24 -7.44 -6.90 -24.89
CA MET I 24 -7.57 -6.39 -26.26
C MET I 24 -9.01 -6.16 -26.69
N GLU I 25 -9.96 -6.79 -26.01
CA GLU I 25 -11.32 -6.66 -26.44
C GLU I 25 -12.23 -6.52 -25.25
N LYS I 26 -13.26 -5.70 -25.41
CA LYS I 26 -14.28 -5.54 -24.38
C LYS I 26 -15.60 -6.13 -24.89
N ASN I 27 -16.43 -6.60 -23.97
CA ASN I 27 -17.74 -7.17 -24.28
C ASN I 27 -17.68 -8.36 -25.26
N VAL I 28 -17.02 -9.43 -24.83
CA VAL I 28 -16.92 -10.65 -25.62
C VAL I 28 -17.96 -11.66 -25.18
N THR I 29 -18.93 -11.93 -26.06
CA THR I 29 -19.98 -12.86 -25.71
C THR I 29 -19.34 -14.22 -25.59
N VAL I 30 -19.75 -14.97 -24.58
CA VAL I 30 -18.99 -16.15 -24.19
C VAL I 30 -19.98 -17.24 -23.78
N THR I 31 -19.60 -18.51 -23.87
CA THR I 31 -20.56 -19.58 -23.62
C THR I 31 -20.75 -19.81 -22.13
N HIS I 32 -19.68 -19.58 -21.37
CA HIS I 32 -19.73 -19.77 -19.92
C HIS I 32 -18.81 -18.80 -19.18
N ALA I 33 -19.34 -18.13 -18.17
CA ALA I 33 -18.52 -17.21 -17.40
C ALA I 33 -18.88 -17.36 -15.96
N GLN I 34 -17.96 -16.96 -15.10
CA GLN I 34 -18.26 -16.98 -13.68
C GLN I 34 -18.17 -15.57 -13.12
N ASP I 35 -19.27 -15.11 -12.54
CA ASP I 35 -19.29 -13.86 -11.81
C ASP I 35 -18.60 -14.15 -10.49
N ILE I 36 -17.69 -13.27 -10.07
CA ILE I 36 -16.96 -13.51 -8.85
C ILE I 36 -17.04 -12.36 -7.85
N LEU I 37 -18.00 -11.47 -8.10
CA LEU I 37 -18.22 -10.25 -7.30
C LEU I 37 -19.62 -10.22 -6.72
N GLU I 38 -19.70 -10.18 -5.39
CA GLU I 38 -21.00 -10.03 -4.74
C GLU I 38 -21.39 -8.57 -4.69
N LYS I 39 -22.60 -8.27 -5.14
CA LYS I 39 -23.05 -6.87 -5.30
C LYS I 39 -24.34 -6.58 -4.57
N THR I 40 -24.76 -7.48 -3.69
CA THR I 40 -26.03 -7.33 -2.97
C THR I 40 -25.90 -7.63 -1.49
N HIS I 41 -26.67 -6.88 -0.71
CA HIS I 41 -26.73 -7.03 0.73
C HIS I 41 -28.17 -6.85 1.17
N ASN I 42 -28.45 -7.30 2.40
CA ASN I 42 -29.81 -7.25 2.92
C ASN I 42 -30.23 -5.93 3.59
N GLY I 43 -29.38 -4.92 3.58
CA GLY I 43 -29.76 -3.60 4.06
C GLY I 43 -30.10 -3.59 5.53
N LYS I 44 -29.58 -4.55 6.28
CA LYS I 44 -29.90 -4.71 7.69
C LYS I 44 -28.70 -4.89 8.61
N LEU I 45 -28.85 -4.48 9.87
CA LEU I 45 -27.83 -4.78 10.87
C LEU I 45 -28.23 -6.10 11.52
N CYS I 46 -27.30 -7.05 11.65
CA CYS I 46 -27.73 -8.38 12.10
C CYS I 46 -26.87 -8.96 13.16
N ASP I 47 -27.34 -10.07 13.73
CA ASP I 47 -26.50 -10.78 14.66
C ASP I 47 -25.34 -11.30 13.86
N LEU I 48 -24.19 -11.39 14.48
CA LEU I 48 -23.02 -11.93 13.82
C LEU I 48 -22.79 -13.27 14.45
N ASN I 49 -23.19 -14.31 13.73
CA ASN I 49 -23.12 -15.66 14.22
C ASN I 49 -23.89 -15.80 15.50
N GLY I 50 -25.14 -15.34 15.50
CA GLY I 50 -26.02 -15.59 16.62
C GLY I 50 -25.68 -14.74 17.82
N VAL I 51 -24.87 -13.72 17.60
CA VAL I 51 -24.55 -12.79 18.66
C VAL I 51 -24.99 -11.37 18.25
N LYS I 52 -26.03 -10.86 18.92
CA LYS I 52 -26.61 -9.56 18.59
C LYS I 52 -25.60 -8.45 18.84
N PRO I 53 -25.58 -7.42 17.98
CA PRO I 53 -24.72 -6.25 18.22
C PRO I 53 -25.31 -5.27 19.25
N LEU I 54 -24.44 -4.39 19.74
CA LEU I 54 -24.87 -3.30 20.62
C LEU I 54 -25.23 -2.12 19.70
N ILE I 55 -26.52 -1.85 19.55
CA ILE I 55 -26.91 -0.70 18.74
C ILE I 55 -27.20 0.49 19.69
N LEU I 56 -26.36 1.53 19.64
CA LEU I 56 -26.42 2.60 20.62
C LEU I 56 -27.55 3.59 20.36
N ARG I 57 -28.30 3.36 19.27
CA ARG I 57 -29.36 4.27 18.88
C ARG I 57 -28.89 5.71 18.87
N ASP I 58 -29.46 6.52 19.76
CA ASP I 58 -29.13 7.94 19.79
C ASP I 58 -28.06 8.31 20.80
N CYS I 59 -27.49 7.30 21.45
CA CYS I 59 -26.43 7.54 22.41
C CYS I 59 -25.06 7.33 21.77
N SER I 60 -24.08 8.07 22.27
CA SER I 60 -22.71 7.92 21.83
C SER I 60 -21.99 7.03 22.83
N VAL I 61 -20.77 6.61 22.48
CA VAL I 61 -20.00 5.78 23.40
C VAL I 61 -19.72 6.52 24.72
N ALA I 62 -19.37 7.80 24.60
CA ALA I 62 -19.18 8.62 25.79
C ALA I 62 -20.45 8.57 26.61
N GLY I 63 -21.58 8.84 25.94
CA GLY I 63 -22.87 8.87 26.60
C GLY I 63 -23.18 7.58 27.33
N TRP I 64 -22.84 6.47 26.69
CA TRP I 64 -23.05 5.16 27.27
C TRP I 64 -22.17 4.93 28.50
N LEU I 65 -20.86 5.08 28.32
CA LEU I 65 -19.90 4.71 29.36
C LEU I 65 -20.01 5.61 30.57
N LEU I 66 -20.22 6.90 30.34
CA LEU I 66 -20.38 7.86 31.44
C LEU I 66 -21.72 7.71 32.17
N GLY I 67 -22.73 7.22 31.45
CA GLY I 67 -24.03 6.98 32.01
C GLY I 67 -24.95 8.16 31.83
N ASN I 68 -24.94 8.74 30.64
CA ASN I 68 -25.89 9.78 30.33
C ASN I 68 -27.29 9.27 30.67
N PRO I 69 -28.03 10.05 31.46
CA PRO I 69 -29.36 9.70 31.95
C PRO I 69 -30.34 9.40 30.83
N MET I 70 -30.15 9.94 29.63
CA MET I 70 -31.02 9.57 28.50
C MET I 70 -30.65 8.26 27.82
N CYS I 71 -29.61 7.62 28.34
CA CYS I 71 -29.09 6.39 27.76
C CYS I 71 -29.35 5.24 28.69
N ASP I 72 -30.49 5.27 29.36
CA ASP I 72 -30.77 4.25 30.36
C ASP I 72 -30.94 2.89 29.72
N GLU I 73 -31.20 2.87 28.42
CA GLU I 73 -31.39 1.61 27.69
C GLU I 73 -30.17 0.70 27.81
N PHE I 74 -29.00 1.31 27.92
CA PHE I 74 -27.75 0.56 27.89
C PHE I 74 -27.11 0.55 29.24
N ILE I 75 -27.92 0.72 30.28
CA ILE I 75 -27.40 0.77 31.63
C ILE I 75 -26.71 -0.54 31.99
N ASN I 76 -27.15 -1.65 31.40
CA ASN I 76 -26.49 -2.94 31.59
C ASN I 76 -26.54 -3.87 30.39
N VAL I 77 -25.62 -3.70 29.44
CA VAL I 77 -25.68 -4.46 28.19
C VAL I 77 -24.99 -5.81 28.27
N PRO I 78 -25.56 -6.81 27.59
CA PRO I 78 -24.95 -8.14 27.50
C PRO I 78 -23.89 -8.14 26.42
N GLU I 79 -23.25 -9.29 26.24
CA GLU I 79 -22.19 -9.44 25.23
C GLU I 79 -22.65 -8.98 23.84
N TRP I 80 -21.75 -8.35 23.11
CA TRP I 80 -22.07 -7.95 21.77
C TRP I 80 -21.05 -8.54 20.80
N SER I 81 -21.45 -8.58 19.52
CA SER I 81 -20.55 -8.98 18.48
C SER I 81 -19.81 -7.73 18.00
N TYR I 82 -20.55 -6.76 17.53
CA TYR I 82 -19.95 -5.48 17.18
C TYR I 82 -20.78 -4.34 17.75
N ILE I 83 -20.29 -3.12 17.64
CA ILE I 83 -21.02 -1.99 18.20
C ILE I 83 -21.37 -1.07 17.06
N VAL I 84 -22.61 -0.56 17.07
CA VAL I 84 -23.04 0.39 16.05
C VAL I 84 -23.36 1.73 16.68
N GLU I 85 -22.75 2.79 16.16
CA GLU I 85 -22.96 4.14 16.66
C GLU I 85 -23.30 5.02 15.49
N LYS I 86 -24.27 5.89 15.67
CA LYS I 86 -24.65 6.85 14.65
C LYS I 86 -23.53 7.84 14.46
N ALA I 87 -23.60 8.62 13.38
CA ALA I 87 -22.56 9.58 13.02
C ALA I 87 -22.45 10.69 14.05
N SER I 88 -23.59 11.30 14.32
CA SER I 88 -23.64 12.38 15.28
C SER I 88 -24.77 12.09 16.24
N PRO I 89 -24.49 11.19 17.21
CA PRO I 89 -25.47 10.78 18.21
C PRO I 89 -25.90 12.00 19.02
N ALA I 90 -27.18 12.08 19.38
CA ALA I 90 -27.67 13.27 20.07
C ALA I 90 -27.18 13.30 21.52
N ASN I 91 -27.26 12.16 22.18
CA ASN I 91 -26.92 12.00 23.58
C ASN I 91 -25.46 11.66 23.88
N ASP I 92 -24.62 12.69 23.96
CA ASP I 92 -23.20 12.52 24.23
C ASP I 92 -22.93 12.97 25.65
N LEU I 93 -22.11 14.00 25.80
CA LEU I 93 -21.84 14.60 27.09
C LEU I 93 -22.94 15.61 27.36
N CYS I 94 -23.93 15.22 28.17
CA CYS I 94 -25.05 16.11 28.46
C CYS I 94 -24.56 17.42 29.09
N TYR I 95 -23.68 17.29 30.09
CA TYR I 95 -22.97 18.44 30.60
C TYR I 95 -21.77 18.64 29.72
N PRO I 96 -21.62 19.82 29.12
CA PRO I 96 -20.57 20.06 28.13
C PRO I 96 -19.14 19.93 28.69
N GLY I 97 -18.23 19.48 27.84
CA GLY I 97 -16.84 19.27 28.23
C GLY I 97 -16.07 18.36 27.30
N ASP I 98 -15.06 17.67 27.83
CA ASP I 98 -14.15 16.86 27.01
C ASP I 98 -13.93 15.48 27.61
N PHE I 99 -13.53 14.55 26.76
CA PHE I 99 -13.20 13.20 27.14
C PHE I 99 -11.77 12.92 26.65
N ASN I 100 -10.77 12.92 27.52
CA ASN I 100 -9.40 12.75 27.04
C ASN I 100 -9.17 11.42 26.42
N ASP I 101 -8.38 11.40 25.35
CA ASP I 101 -8.03 10.17 24.68
C ASP I 101 -9.29 9.36 24.33
N TYR I 102 -10.30 10.06 23.82
CA TYR I 102 -11.58 9.42 23.58
C TYR I 102 -11.41 8.32 22.53
N GLU I 103 -10.73 8.69 21.47
CA GLU I 103 -10.53 7.82 20.34
C GLU I 103 -9.73 6.60 20.78
N GLU I 104 -8.72 6.81 21.62
CA GLU I 104 -7.95 5.67 22.14
C GLU I 104 -8.88 4.76 22.97
N LEU I 105 -9.92 5.32 23.57
CA LEU I 105 -10.87 4.48 24.31
C LEU I 105 -11.81 3.73 23.36
N LYS I 106 -12.30 4.40 22.31
CA LYS I 106 -13.13 3.73 21.32
C LYS I 106 -12.35 2.57 20.69
N HIS I 107 -11.04 2.76 20.50
CA HIS I 107 -10.20 1.71 19.92
C HIS I 107 -10.19 0.50 20.83
N LEU I 108 -10.04 0.75 22.12
CA LEU I 108 -10.03 -0.32 23.10
C LEU I 108 -11.38 -1.05 23.18
N LEU I 109 -12.47 -0.32 22.97
CA LEU I 109 -13.80 -0.93 22.91
C LEU I 109 -13.87 -1.88 21.74
N SER I 110 -13.34 -1.43 20.62
CA SER I 110 -13.38 -2.20 19.39
C SER I 110 -12.60 -3.49 19.53
N ARG I 111 -11.84 -3.63 20.62
CA ARG I 111 -11.13 -4.87 20.93
C ARG I 111 -11.76 -5.71 22.06
N THR I 112 -13.05 -5.47 22.37
CA THR I 112 -13.72 -6.09 23.51
C THR I 112 -15.18 -6.43 23.16
N ASN I 113 -15.72 -7.48 23.77
CA ASN I 113 -17.08 -7.90 23.49
C ASN I 113 -18.05 -7.74 24.65
N HIS I 114 -17.52 -7.66 25.85
CA HIS I 114 -18.39 -7.62 27.01
C HIS I 114 -17.84 -6.77 28.18
N PHE I 115 -18.60 -5.74 28.56
CA PHE I 115 -18.32 -4.96 29.78
C PHE I 115 -19.36 -5.39 30.80
N GLU I 116 -18.91 -5.77 31.98
CA GLU I 116 -19.87 -6.02 33.06
C GLU I 116 -19.73 -4.90 34.07
N LYS I 117 -20.79 -4.11 34.22
CA LYS I 117 -20.71 -2.95 35.08
C LYS I 117 -20.56 -3.39 36.53
N ILE I 118 -19.65 -2.73 37.23
CA ILE I 118 -19.41 -3.05 38.63
C ILE I 118 -19.32 -1.78 39.50
N GLN I 119 -19.91 -1.83 40.69
CA GLN I 119 -19.84 -0.71 41.63
C GLN I 119 -18.53 -0.71 42.43
N ILE I 120 -17.71 0.33 42.26
CA ILE I 120 -16.39 0.36 42.94
C ILE I 120 -16.30 1.38 44.10
N ILE I 121 -17.03 2.47 44.01
CA ILE I 121 -17.19 3.41 45.11
C ILE I 121 -18.66 3.75 45.25
N PRO I 122 -19.33 3.16 46.24
CA PRO I 122 -20.78 3.33 46.47
C PRO I 122 -21.14 4.79 46.71
N LYS I 123 -22.21 5.26 46.07
CA LYS I 123 -22.64 6.64 46.21
C LYS I 123 -22.94 6.92 47.67
N SER I 124 -23.39 5.90 48.38
CA SER I 124 -23.75 5.97 49.79
C SER I 124 -22.56 6.24 50.69
N SER I 125 -21.36 5.93 50.21
CA SER I 125 -20.14 5.99 51.03
C SER I 125 -19.52 7.39 51.21
N TRP I 126 -20.17 8.43 50.68
CA TRP I 126 -19.64 9.79 50.84
C TRP I 126 -20.22 10.47 52.10
N SER I 127 -19.68 10.14 53.26
CA SER I 127 -20.27 10.59 54.54
C SER I 127 -20.10 12.09 54.79
N ASN I 128 -18.98 12.65 54.36
CA ASN I 128 -18.66 14.06 54.57
C ASN I 128 -18.76 14.95 53.32
N HIS I 129 -19.47 14.50 52.28
CA HIS I 129 -19.68 15.34 51.09
C HIS I 129 -21.12 15.21 50.62
N ASP I 130 -21.56 16.15 49.79
CA ASP I 130 -22.94 16.08 49.28
C ASP I 130 -22.97 15.36 47.91
N ALA I 131 -23.55 14.17 47.90
CA ALA I 131 -23.58 13.38 46.66
C ALA I 131 -24.93 13.42 45.98
N SER I 132 -25.73 14.42 46.30
CA SER I 132 -27.11 14.47 45.81
C SER I 132 -27.45 15.75 45.12
N SER I 133 -26.74 16.82 45.44
CA SER I 133 -27.02 18.10 44.81
C SER I 133 -26.22 18.24 43.52
N GLY I 134 -25.30 17.31 43.30
CA GLY I 134 -24.50 17.32 42.08
C GLY I 134 -25.32 16.94 40.87
N VAL I 135 -26.13 17.87 40.39
CA VAL I 135 -27.15 17.55 39.41
C VAL I 135 -27.42 18.77 38.53
N SER I 136 -27.81 18.57 37.27
CA SER I 136 -27.92 19.70 36.37
C SER I 136 -29.07 19.67 35.36
N SER I 137 -29.50 20.84 34.91
CA SER I 137 -30.57 20.91 33.95
C SER I 137 -30.03 20.60 32.55
N ALA I 138 -28.71 20.51 32.44
CA ALA I 138 -28.05 20.12 31.18
C ALA I 138 -28.17 18.61 30.97
N CYS I 139 -28.36 17.88 32.06
CA CYS I 139 -28.49 16.43 32.00
C CYS I 139 -29.85 16.03 32.50
N PRO I 140 -30.90 16.40 31.77
CA PRO I 140 -32.24 16.08 32.25
C PRO I 140 -32.51 14.59 32.11
N TYR I 141 -33.24 14.06 33.08
CA TYR I 141 -33.78 12.73 32.99
C TYR I 141 -35.10 12.96 32.26
N HIS I 142 -36.23 12.73 32.90
CA HIS I 142 -37.45 13.04 32.16
C HIS I 142 -37.82 14.49 32.47
N GLY I 143 -36.99 15.40 31.95
CA GLY I 143 -37.15 16.82 32.18
C GLY I 143 -36.61 17.34 33.51
N ARG I 144 -36.34 16.44 34.45
CA ARG I 144 -35.85 16.87 35.76
C ARG I 144 -34.34 16.84 35.80
N SER I 145 -33.74 17.80 36.50
CA SER I 145 -32.29 17.85 36.53
C SER I 145 -31.72 16.57 37.11
N SER I 146 -30.68 16.08 36.43
CA SER I 146 -30.05 14.82 36.77
C SER I 146 -28.59 14.93 36.40
N PHE I 147 -27.94 13.78 36.20
CA PHE I 147 -26.51 13.76 35.91
C PHE I 147 -26.09 12.37 35.45
N PHE I 148 -24.88 12.24 34.91
CA PHE I 148 -24.31 10.96 34.52
C PHE I 148 -24.46 9.96 35.63
N ARG I 149 -24.81 8.72 35.28
CA ARG I 149 -25.20 7.71 36.26
C ARG I 149 -24.05 6.89 36.84
N ASN I 150 -22.88 6.92 36.21
CA ASN I 150 -21.79 6.05 36.66
C ASN I 150 -20.74 6.83 37.43
N VAL I 151 -21.04 8.09 37.58
CA VAL I 151 -20.08 9.03 38.06
C VAL I 151 -20.75 10.04 38.99
N VAL I 152 -20.06 10.45 40.05
CA VAL I 152 -20.72 11.28 41.07
C VAL I 152 -20.13 12.68 41.20
N TRP I 153 -20.97 13.68 41.00
CA TRP I 153 -20.57 15.08 41.13
C TRP I 153 -20.63 15.51 42.60
N LEU I 154 -19.55 15.25 43.32
CA LEU I 154 -19.47 15.60 44.73
C LEU I 154 -19.47 17.11 44.97
N ILE I 155 -20.29 17.53 45.92
CA ILE I 155 -20.47 18.94 46.27
C ILE I 155 -20.16 19.19 47.75
N LYS I 156 -19.74 20.41 48.09
CA LYS I 156 -19.40 20.74 49.47
C LYS I 156 -20.57 20.47 50.41
N LYS I 157 -20.23 20.10 51.63
CA LYS I 157 -21.22 19.81 52.66
C LYS I 157 -20.82 20.60 53.93
N ASN I 158 -21.78 21.33 54.51
CA ASN I 158 -21.53 22.22 55.65
C ASN I 158 -20.43 23.22 55.31
N SER I 159 -20.50 23.82 54.13
CA SER I 159 -19.55 24.84 53.71
C SER I 159 -18.13 24.31 53.84
N ALA I 160 -17.99 23.02 53.64
CA ALA I 160 -16.69 22.39 53.72
C ALA I 160 -16.56 21.24 52.72
N TYR I 161 -15.38 21.18 52.11
CA TYR I 161 -14.99 20.12 51.21
C TYR I 161 -13.68 19.50 51.69
N PRO I 162 -13.78 18.52 52.62
CA PRO I 162 -12.63 17.83 53.19
C PRO I 162 -11.89 17.11 52.10
N THR I 163 -10.58 16.92 52.25
CA THR I 163 -9.83 16.18 51.25
C THR I 163 -10.33 14.76 51.19
N ILE I 164 -10.61 14.32 49.96
CA ILE I 164 -11.05 12.97 49.68
C ILE I 164 -9.81 12.11 49.46
N LYS I 165 -9.78 10.94 50.09
CA LYS I 165 -8.71 9.98 49.85
C LYS I 165 -9.34 8.59 49.73
N ARG I 166 -9.73 8.23 48.51
CA ARG I 166 -10.36 6.93 48.28
C ARG I 166 -9.43 6.05 47.46
N SER I 167 -9.58 4.75 47.62
CA SER I 167 -8.74 3.80 46.95
C SER I 167 -9.62 2.62 46.55
N TYR I 168 -9.38 2.05 45.37
CA TYR I 168 -10.06 0.82 44.95
C TYR I 168 -9.04 -0.15 44.41
N ASN I 169 -9.04 -1.36 44.95
CA ASN I 169 -8.13 -2.41 44.51
C ASN I 169 -8.91 -3.34 43.60
N ASN I 170 -8.54 -3.41 42.32
CA ASN I 170 -9.24 -4.33 41.43
C ASN I 170 -8.97 -5.75 41.83
N THR I 171 -9.91 -6.35 42.53
CA THR I 171 -9.68 -7.70 43.02
C THR I 171 -10.32 -8.67 42.07
N ASN I 172 -10.90 -8.14 41.01
CA ASN I 172 -11.49 -8.97 40.00
C ASN I 172 -10.38 -9.61 39.17
N GLN I 173 -10.75 -10.48 38.25
CA GLN I 173 -9.73 -11.17 37.48
C GLN I 173 -9.51 -10.56 36.09
N GLU I 174 -10.33 -9.57 35.76
CA GLU I 174 -10.29 -8.92 34.48
C GLU I 174 -9.73 -7.51 34.61
N ASP I 175 -9.27 -6.93 33.53
CA ASP I 175 -8.92 -5.52 33.53
C ASP I 175 -10.20 -4.78 33.83
N LEU I 176 -10.11 -3.59 34.42
CA LEU I 176 -11.34 -2.82 34.47
C LEU I 176 -11.18 -1.37 34.07
N LEU I 177 -12.15 -0.89 33.32
CA LEU I 177 -12.14 0.46 32.80
C LEU I 177 -12.74 1.39 33.83
N VAL I 178 -11.92 2.32 34.34
CA VAL I 178 -12.35 3.29 35.35
C VAL I 178 -12.46 4.70 34.76
N LEU I 179 -13.62 5.31 34.99
CA LEU I 179 -13.91 6.65 34.49
C LEU I 179 -14.00 7.62 35.67
N TRP I 180 -13.47 8.83 35.51
CA TRP I 180 -13.64 9.91 36.47
C TRP I 180 -13.60 11.27 35.77
N GLY I 181 -13.77 12.35 36.51
CA GLY I 181 -13.81 13.64 35.84
C GLY I 181 -13.41 14.82 36.71
N ILE I 182 -13.22 15.95 36.07
CA ILE I 182 -12.93 17.16 36.81
C ILE I 182 -13.87 18.24 36.30
N HIS I 183 -14.31 19.12 37.19
CA HIS I 183 -15.22 20.20 36.81
C HIS I 183 -14.52 21.54 36.70
N HIS I 184 -14.73 22.24 35.59
CA HIS I 184 -14.13 23.55 35.37
C HIS I 184 -15.22 24.60 35.47
N PRO I 185 -15.27 25.32 36.60
CA PRO I 185 -16.30 26.31 36.89
C PRO I 185 -16.15 27.57 36.04
N ASN I 186 -17.10 28.48 36.16
CA ASN I 186 -17.14 29.72 35.39
C ASN I 186 -16.35 30.86 35.99
N ASP I 187 -16.33 30.94 37.31
CA ASP I 187 -15.68 32.03 38.03
C ASP I 187 -15.30 31.57 39.43
N ALA I 188 -14.52 32.38 40.13
CA ALA I 188 -14.08 31.97 41.46
C ALA I 188 -15.28 31.88 42.39
N ALA I 189 -16.31 32.66 42.09
CA ALA I 189 -17.53 32.64 42.89
C ALA I 189 -18.15 31.23 42.82
N GLU I 190 -18.44 30.75 41.61
CA GLU I 190 -19.03 29.42 41.44
C GLU I 190 -18.15 28.36 42.08
N GLN I 191 -16.84 28.52 41.93
CA GLN I 191 -15.89 27.61 42.57
C GLN I 191 -16.13 27.51 44.07
N THR I 192 -16.13 28.63 44.78
CA THR I 192 -16.29 28.57 46.24
C THR I 192 -17.68 28.04 46.62
N LYS I 193 -18.68 28.39 45.81
CA LYS I 193 -20.06 27.97 46.04
C LYS I 193 -20.27 26.45 46.04
N LEU I 194 -19.60 25.75 45.12
CA LEU I 194 -19.79 24.31 44.97
C LEU I 194 -18.84 23.52 45.86
N TYR I 195 -17.57 23.88 45.80
CA TYR I 195 -16.52 23.26 46.59
C TYR I 195 -15.91 24.43 47.34
N GLN I 196 -15.72 24.33 48.64
CA GLN I 196 -15.43 25.56 49.39
C GLN I 196 -14.10 26.17 48.97
N ASN I 197 -13.10 25.31 48.88
CA ASN I 197 -11.72 25.70 48.69
C ASN I 197 -11.44 26.30 47.31
N PRO I 198 -10.70 27.42 47.28
CA PRO I 198 -10.47 28.22 46.07
C PRO I 198 -9.44 27.65 45.11
N THR I 199 -8.42 26.98 45.63
CA THR I 199 -7.44 26.37 44.73
C THR I 199 -7.39 24.88 45.01
N THR I 200 -7.69 24.11 43.97
CA THR I 200 -7.96 22.68 44.16
C THR I 200 -7.16 21.80 43.18
N TYR I 201 -7.21 20.50 43.43
CA TYR I 201 -6.49 19.55 42.62
C TYR I 201 -7.21 18.21 42.64
N ILE I 202 -6.86 17.35 41.69
CA ILE I 202 -7.30 15.98 41.73
C ILE I 202 -6.10 15.11 41.41
N SER I 203 -5.76 14.19 42.28
CA SER I 203 -4.61 13.34 41.99
C SER I 203 -5.09 11.92 41.87
N VAL I 204 -4.61 11.25 40.82
CA VAL I 204 -4.97 9.87 40.58
C VAL I 204 -3.65 9.08 40.51
N GLY I 205 -3.61 7.93 41.16
CA GLY I 205 -2.42 7.13 41.19
C GLY I 205 -2.65 5.65 40.93
N THR I 206 -1.74 5.04 40.18
CA THR I 206 -1.84 3.65 39.78
C THR I 206 -0.39 3.18 39.72
N SER I 207 -0.15 1.87 39.61
CA SER I 207 1.21 1.42 39.35
C SER I 207 1.76 2.13 38.13
N THR I 208 0.90 2.45 37.17
CA THR I 208 1.38 3.04 35.94
C THR I 208 0.91 4.46 35.76
N LEU I 209 -0.24 4.81 36.31
CA LEU I 209 -0.75 6.17 36.11
C LEU I 209 -0.27 7.11 37.19
N ASN I 210 0.03 8.33 36.78
CA ASN I 210 0.30 9.41 37.72
C ASN I 210 -0.12 10.70 37.11
N GLN I 211 -1.18 11.30 37.64
CA GLN I 211 -1.61 12.62 37.23
C GLN I 211 -2.13 13.44 38.41
N ARG I 212 -1.99 14.76 38.31
CA ARG I 212 -2.52 15.69 39.29
C ARG I 212 -3.16 16.77 38.46
N LEU I 213 -4.49 16.79 38.48
CA LEU I 213 -5.27 17.69 37.64
C LEU I 213 -5.64 18.91 38.41
N VAL I 214 -5.58 20.05 37.73
CA VAL I 214 -5.99 21.31 38.33
C VAL I 214 -7.06 21.96 37.47
N PRO I 215 -8.16 22.39 38.09
CA PRO I 215 -9.27 23.00 37.37
C PRO I 215 -8.86 24.31 36.72
N GLU I 216 -9.25 24.42 35.45
CA GLU I 216 -8.98 25.57 34.63
C GLU I 216 -10.26 26.41 34.46
N ILE I 217 -10.36 27.45 35.29
CA ILE I 217 -11.47 28.40 35.22
C ILE I 217 -11.39 29.31 33.99
N ALA I 218 -12.53 29.51 33.33
CA ALA I 218 -12.62 30.42 32.20
C ALA I 218 -14.07 30.78 32.00
N THR I 219 -14.32 31.82 31.23
CA THR I 219 -15.67 32.16 30.91
C THR I 219 -15.95 31.64 29.54
N ARG I 220 -16.93 30.76 29.42
CA ARG I 220 -17.19 30.16 28.12
C ARG I 220 -18.61 30.42 27.74
N PRO I 221 -18.89 30.36 26.43
CA PRO I 221 -20.28 30.45 26.00
C PRO I 221 -21.05 29.29 26.61
N LYS I 222 -22.37 29.46 26.72
CA LYS I 222 -23.20 28.41 27.30
C LYS I 222 -23.44 27.31 26.26
N VAL I 223 -23.26 26.08 26.70
CA VAL I 223 -23.56 24.93 25.86
C VAL I 223 -24.52 24.01 26.61
N ASN I 224 -25.69 23.76 26.03
CA ASN I 224 -26.78 23.10 26.74
C ASN I 224 -27.02 23.82 28.04
N GLY I 225 -27.01 25.14 27.96
CA GLY I 225 -27.29 26.00 29.08
C GLY I 225 -26.09 26.25 29.96
N GLN I 226 -25.15 25.32 29.98
CA GLN I 226 -23.99 25.45 30.87
C GLN I 226 -22.82 26.12 30.20
N SER I 227 -22.14 26.94 30.98
CA SER I 227 -20.96 27.65 30.55
C SER I 227 -19.75 27.10 31.27
N GLY I 228 -19.99 26.14 32.17
CA GLY I 228 -18.91 25.43 32.81
C GLY I 228 -18.53 24.29 31.88
N ARG I 229 -17.48 23.53 32.22
CA ARG I 229 -17.06 22.40 31.40
C ARG I 229 -16.63 21.27 32.29
N MET I 230 -16.85 20.05 31.82
CA MET I 230 -16.33 18.90 32.54
C MET I 230 -15.43 18.02 31.65
N GLU I 231 -14.29 17.61 32.19
CA GLU I 231 -13.29 16.88 31.43
C GLU I 231 -13.13 15.48 32.00
N PHE I 232 -13.32 14.47 31.15
CA PHE I 232 -13.32 13.11 31.66
C PHE I 232 -12.04 12.37 31.31
N PHE I 233 -11.69 11.46 32.19
CA PHE I 233 -10.47 10.72 32.04
C PHE I 233 -10.77 9.26 32.28
N TRP I 234 -9.87 8.39 31.82
CA TRP I 234 -10.05 6.97 32.03
C TRP I 234 -8.68 6.32 32.13
N THR I 235 -8.66 5.10 32.66
CA THR I 235 -7.45 4.30 32.74
C THR I 235 -7.92 2.88 32.86
N ILE I 236 -7.02 1.94 32.59
CA ILE I 236 -7.38 0.55 32.71
C ILE I 236 -6.67 0.07 33.93
N LEU I 237 -7.43 -0.53 34.83
CA LEU I 237 -6.86 -0.97 36.09
C LEU I 237 -6.58 -2.44 35.98
N LYS I 238 -5.30 -2.80 35.95
CA LYS I 238 -4.91 -4.22 35.84
C LYS I 238 -5.34 -5.01 37.10
N PRO I 239 -5.66 -6.30 36.92
CA PRO I 239 -6.22 -7.22 37.90
C PRO I 239 -5.64 -7.25 39.30
N ASN I 240 -4.45 -6.79 39.59
CA ASN I 240 -4.20 -6.79 41.02
C ASN I 240 -3.70 -5.47 41.59
N ASP I 241 -3.93 -4.42 40.82
CA ASP I 241 -3.46 -3.08 41.10
C ASP I 241 -4.54 -2.31 41.83
N ALA I 242 -4.21 -1.09 42.21
CA ALA I 242 -5.16 -0.24 42.90
C ALA I 242 -5.11 1.15 42.31
N ILE I 243 -6.24 1.85 42.37
CA ILE I 243 -6.28 3.24 41.92
C ILE I 243 -6.56 4.14 43.14
N ASN I 244 -5.78 5.22 43.29
CA ASN I 244 -5.89 6.12 44.45
C ASN I 244 -6.35 7.52 44.04
N PHE I 245 -7.53 7.92 44.52
CA PHE I 245 -8.01 9.25 44.23
C PHE I 245 -7.78 10.15 45.42
N GLU I 246 -7.27 11.34 45.15
CA GLU I 246 -7.22 12.36 46.17
C GLU I 246 -7.58 13.69 45.56
N SER I 247 -8.54 14.37 46.18
CA SER I 247 -8.99 15.67 45.73
C SER I 247 -9.51 16.51 46.88
N ASN I 248 -9.42 17.84 46.73
CA ASN I 248 -9.94 18.81 47.70
C ASN I 248 -10.98 19.70 47.02
N GLY I 249 -11.46 19.26 45.86
CA GLY I 249 -12.53 19.96 45.18
C GLY I 249 -12.57 19.64 43.71
N ASN I 250 -13.70 19.94 43.08
CA ASN I 250 -13.91 19.76 41.64
C ASN I 250 -13.83 18.33 41.12
N PHE I 251 -13.90 17.34 42.02
CA PHE I 251 -13.79 15.93 41.63
C PHE I 251 -15.14 15.34 41.22
N ILE I 252 -15.18 14.75 40.04
CA ILE I 252 -16.35 13.98 39.64
C ILE I 252 -15.99 12.51 39.81
N ALA I 253 -16.44 11.93 40.93
CA ALA I 253 -15.92 10.64 41.38
C ALA I 253 -16.61 9.46 40.71
N PRO I 254 -15.87 8.36 40.52
CA PRO I 254 -16.48 7.15 39.97
C PRO I 254 -17.41 6.47 40.96
N GLU I 255 -18.54 5.96 40.46
CA GLU I 255 -19.32 5.03 41.26
C GLU I 255 -19.25 3.65 40.61
N TYR I 256 -19.60 3.62 39.34
CA TYR I 256 -19.60 2.38 38.59
C TYR I 256 -18.43 2.37 37.65
N ALA I 257 -17.77 1.23 37.58
CA ALA I 257 -16.71 1.02 36.60
C ALA I 257 -17.09 -0.19 35.72
N TYR I 258 -16.26 -0.49 34.74
CA TYR I 258 -16.57 -1.58 33.83
C TYR I 258 -15.53 -2.71 33.83
N LYS I 259 -15.95 -3.93 34.20
CA LYS I 259 -15.08 -5.12 34.09
C LYS I 259 -15.01 -5.51 32.63
N ILE I 260 -13.81 -5.61 32.09
CA ILE I 260 -13.68 -6.04 30.72
C ILE I 260 -13.67 -7.55 30.71
N VAL I 261 -14.86 -8.11 30.54
CA VAL I 261 -15.09 -9.55 30.68
C VAL I 261 -14.59 -10.37 29.48
N LYS I 262 -15.03 -10.01 28.29
CA LYS I 262 -14.55 -10.71 27.10
C LYS I 262 -13.85 -9.76 26.12
N LYS I 263 -12.55 -10.01 25.91
CA LYS I 263 -11.80 -9.33 24.86
C LYS I 263 -11.89 -10.17 23.58
N GLY I 264 -12.12 -9.54 22.45
CA GLY I 264 -12.16 -10.29 21.21
C GLY I 264 -12.05 -9.40 20.00
N ASP I 265 -12.41 -9.92 18.84
CA ASP I 265 -12.37 -9.06 17.69
C ASP I 265 -13.79 -8.54 17.48
N SER I 266 -13.88 -7.23 17.49
CA SER I 266 -15.12 -6.52 17.35
C SER I 266 -14.82 -5.23 16.59
N ALA I 267 -15.79 -4.33 16.57
CA ALA I 267 -15.63 -3.08 15.86
C ALA I 267 -16.69 -2.08 16.26
N ILE I 268 -16.39 -0.82 16.05
CA ILE I 268 -17.41 0.16 16.23
C ILE I 268 -17.79 0.62 14.85
N MET I 269 -18.94 0.17 14.40
CA MET I 269 -19.44 0.51 13.09
C MET I 269 -20.26 1.76 13.13
N LYS I 270 -19.93 2.69 12.25
CA LYS I 270 -20.73 3.88 12.11
C LYS I 270 -21.86 3.60 11.14
N SER I 271 -23.11 3.53 11.62
CA SER I 271 -24.28 3.34 10.75
C SER I 271 -25.58 3.96 11.32
N GLU I 272 -26.47 4.33 10.42
CA GLU I 272 -27.68 5.01 10.83
C GLU I 272 -28.85 4.05 10.92
N LEU I 273 -28.53 2.78 10.76
CA LEU I 273 -29.56 1.76 10.72
C LEU I 273 -29.79 1.18 12.11
N GLU I 274 -30.87 0.43 12.26
CA GLU I 274 -31.18 -0.21 13.53
C GLU I 274 -31.24 -1.71 13.31
N TYR I 275 -31.46 -2.45 14.39
CA TYR I 275 -31.49 -3.90 14.39
C TYR I 275 -32.42 -4.46 13.32
N GLY I 276 -32.17 -5.70 12.87
CA GLY I 276 -32.98 -6.28 11.81
C GLY I 276 -33.53 -7.65 12.10
N ASN I 277 -33.22 -8.19 13.29
CA ASN I 277 -33.76 -9.48 13.74
C ASN I 277 -33.29 -10.64 12.87
N CYS I 278 -32.27 -10.39 12.06
CA CYS I 278 -31.69 -11.41 11.21
C CYS I 278 -30.35 -11.91 11.77
N ASN I 279 -29.76 -12.89 11.09
CA ASN I 279 -28.45 -13.40 11.46
C ASN I 279 -27.58 -13.50 10.22
N THR I 280 -26.27 -13.34 10.38
CA THR I 280 -25.37 -13.32 9.25
C THR I 280 -23.95 -13.73 9.65
N LYS I 281 -23.09 -13.96 8.65
CA LYS I 281 -21.69 -14.32 8.86
C LYS I 281 -20.81 -13.16 8.44
N CYS I 282 -21.41 -12.14 7.82
CA CYS I 282 -20.62 -11.00 7.35
C CYS I 282 -21.48 -9.74 7.43
N GLN I 283 -20.97 -8.73 8.14
CA GLN I 283 -21.75 -7.52 8.35
C GLN I 283 -21.01 -6.31 7.83
N THR I 284 -21.79 -5.40 7.27
CA THR I 284 -21.34 -4.18 6.65
C THR I 284 -22.22 -3.08 7.24
N PRO I 285 -21.73 -1.84 7.28
CA PRO I 285 -22.51 -0.69 7.79
C PRO I 285 -23.76 -0.40 6.99
N MET I 286 -23.86 -1.03 5.81
CA MET I 286 -24.97 -0.81 4.89
C MET I 286 -25.92 -1.97 4.87
N GLY I 287 -25.46 -3.11 5.38
CA GLY I 287 -26.25 -4.33 5.39
C GLY I 287 -25.39 -5.59 5.46
N ALA I 288 -26.02 -6.75 5.59
CA ALA I 288 -25.24 -7.97 5.73
C ALA I 288 -25.08 -8.66 4.39
N ILE I 289 -24.10 -9.54 4.34
CA ILE I 289 -23.78 -10.28 3.12
C ILE I 289 -23.90 -11.79 3.34
N ASN I 290 -24.71 -12.42 2.50
CA ASN I 290 -24.82 -13.86 2.44
C ASN I 290 -24.33 -14.30 1.09
N SER I 291 -23.06 -14.66 0.99
CA SER I 291 -22.48 -14.89 -0.31
C SER I 291 -21.33 -15.89 -0.27
N SER I 292 -21.09 -16.54 -1.42
CA SER I 292 -19.99 -17.49 -1.53
C SER I 292 -18.99 -16.94 -2.52
N MET I 293 -19.33 -15.79 -3.08
CA MET I 293 -18.39 -15.06 -3.94
C MET I 293 -17.09 -14.70 -3.19
N PRO I 294 -15.96 -14.61 -3.92
CA PRO I 294 -14.68 -14.24 -3.30
C PRO I 294 -14.45 -12.72 -3.15
N PHE I 295 -15.27 -11.91 -3.81
CA PHE I 295 -15.14 -10.46 -3.75
C PHE I 295 -16.49 -9.84 -3.57
N HIS I 296 -16.52 -8.61 -3.03
CA HIS I 296 -17.74 -7.82 -2.98
C HIS I 296 -17.37 -6.35 -3.11
N ASN I 297 -18.36 -5.52 -3.41
CA ASN I 297 -18.13 -4.09 -3.58
C ASN I 297 -19.13 -3.27 -2.78
N ILE I 298 -19.60 -3.85 -1.67
CA ILE I 298 -20.64 -3.25 -0.83
C ILE I 298 -20.08 -2.10 0.02
N HIS I 299 -19.10 -2.41 0.87
CA HIS I 299 -18.50 -1.44 1.76
C HIS I 299 -17.17 -2.02 2.25
N PRO I 300 -16.12 -1.18 2.36
CA PRO I 300 -14.77 -1.58 2.77
C PRO I 300 -14.74 -2.11 4.17
N LEU I 301 -15.62 -1.56 5.01
CA LEU I 301 -15.60 -1.85 6.44
C LEU I 301 -16.57 -2.99 6.75
N THR I 302 -16.03 -4.17 6.99
CA THR I 302 -16.91 -5.30 7.24
C THR I 302 -16.39 -6.00 8.46
N ILE I 303 -17.18 -6.91 9.03
CA ILE I 303 -16.71 -7.75 10.13
C ILE I 303 -17.29 -9.15 9.93
N GLY I 304 -16.50 -10.17 10.23
CA GLY I 304 -16.95 -11.55 10.05
C GLY I 304 -16.26 -12.22 8.89
N GLU I 305 -16.63 -13.45 8.60
CA GLU I 305 -16.10 -14.20 7.45
C GLU I 305 -16.62 -13.56 6.15
N CYS I 306 -15.79 -12.80 5.45
CA CYS I 306 -16.29 -12.00 4.32
C CYS I 306 -15.61 -12.17 2.96
N PRO I 307 -16.32 -11.79 1.91
CA PRO I 307 -15.65 -11.68 0.62
C PRO I 307 -14.64 -10.53 0.69
N LYS I 308 -13.70 -10.47 -0.24
CA LYS I 308 -12.73 -9.37 -0.25
C LYS I 308 -13.32 -8.13 -0.92
N TYR I 309 -13.19 -6.99 -0.26
CA TYR I 309 -13.72 -5.77 -0.85
C TYR I 309 -12.87 -5.31 -2.01
N VAL I 310 -13.51 -4.78 -3.05
CA VAL I 310 -12.80 -4.15 -4.15
C VAL I 310 -13.74 -3.08 -4.64
N LYS I 311 -13.19 -2.04 -5.27
CA LYS I 311 -13.99 -0.94 -5.74
C LYS I 311 -14.58 -1.19 -7.14
N SER I 312 -14.75 -2.45 -7.57
CA SER I 312 -15.25 -2.70 -8.94
C SER I 312 -16.75 -2.74 -9.03
N ASN I 313 -17.24 -2.36 -10.19
CA ASN I 313 -18.63 -2.58 -10.51
C ASN I 313 -18.81 -3.94 -11.11
N ARG I 314 -17.70 -4.56 -11.53
CA ARG I 314 -17.78 -5.78 -12.31
C ARG I 314 -16.52 -6.64 -12.27
N LEU I 315 -16.69 -7.91 -11.91
CA LEU I 315 -15.62 -8.89 -12.02
C LEU I 315 -16.17 -10.23 -12.49
N VAL I 316 -15.94 -10.54 -13.77
CA VAL I 316 -16.42 -11.79 -14.35
C VAL I 316 -15.32 -12.51 -15.09
N LEU I 317 -15.04 -13.75 -14.70
CA LEU I 317 -14.06 -14.61 -15.35
C LEU I 317 -14.68 -15.33 -16.54
N ALA I 318 -13.97 -15.38 -17.65
CA ALA I 318 -14.41 -16.28 -18.73
C ALA I 318 -14.10 -17.69 -18.30
N THR I 319 -15.06 -18.61 -18.42
CA THR I 319 -14.73 -20.02 -18.18
C THR I 319 -14.88 -20.85 -19.45
N GLY I 320 -15.95 -20.61 -20.18
CA GLY I 320 -16.18 -21.28 -21.43
C GLY I 320 -15.38 -20.60 -22.52
N LEU I 321 -15.82 -20.72 -23.75
CA LEU I 321 -15.08 -20.16 -24.85
C LEU I 321 -15.90 -19.12 -25.59
N ARG I 322 -15.28 -18.45 -26.55
CA ARG I 322 -15.94 -17.42 -27.31
C ARG I 322 -17.12 -18.03 -28.00
N ASN I 323 -18.30 -17.49 -27.73
CA ASN I 323 -19.53 -18.01 -28.29
C ASN I 323 -19.73 -17.45 -29.68
N THR I 324 -20.30 -18.26 -30.57
CA THR I 324 -20.51 -17.82 -31.94
C THR I 324 -21.98 -17.41 -32.15
N PRO I 325 -22.18 -16.29 -32.85
CA PRO I 325 -23.51 -15.67 -33.04
C PRO I 325 -24.50 -16.57 -33.77
N GLY J 1 -8.96 -16.45 -33.13
CA GLY J 1 -8.18 -16.10 -31.95
C GLY J 1 -6.69 -16.23 -32.21
N LEU J 2 -5.91 -16.36 -31.13
CA LEU J 2 -4.45 -16.40 -31.19
C LEU J 2 -3.91 -17.59 -31.98
N PHE J 3 -4.69 -18.66 -32.02
CA PHE J 3 -4.25 -19.94 -32.57
C PHE J 3 -4.99 -20.32 -33.87
N GLY J 4 -5.83 -19.41 -34.32
CA GLY J 4 -6.48 -19.49 -35.61
C GLY J 4 -7.59 -20.51 -35.79
N ALA J 5 -7.89 -21.28 -34.75
CA ALA J 5 -8.94 -22.29 -34.87
C ALA J 5 -10.36 -21.74 -34.55
N ILE J 6 -10.67 -21.48 -33.27
CA ILE J 6 -11.97 -20.92 -32.94
C ILE J 6 -12.15 -19.58 -33.67
N ALA J 7 -13.27 -19.47 -34.41
CA ALA J 7 -13.56 -18.34 -35.28
C ALA J 7 -12.43 -18.08 -36.28
N GLY J 8 -11.81 -19.17 -36.72
CA GLY J 8 -10.73 -19.13 -37.68
C GLY J 8 -11.06 -20.12 -38.77
N PHE J 9 -10.21 -21.12 -38.96
CA PHE J 9 -10.49 -22.08 -40.02
C PHE J 9 -11.68 -22.97 -39.70
N ILE J 10 -11.95 -23.12 -38.42
CA ILE J 10 -13.20 -23.66 -37.95
C ILE J 10 -14.04 -22.44 -37.64
N GLU J 11 -14.95 -22.14 -38.54
CA GLU J 11 -15.70 -20.89 -38.57
C GLU J 11 -16.77 -20.65 -37.51
N GLY J 12 -17.38 -21.72 -37.02
CA GLY J 12 -18.45 -21.58 -36.06
C GLY J 12 -18.57 -22.71 -35.08
N GLY J 13 -19.23 -22.42 -33.96
CA GLY J 13 -19.44 -23.45 -32.98
C GLY J 13 -20.76 -24.15 -33.28
N TRP J 14 -20.98 -25.25 -32.57
CA TRP J 14 -22.14 -26.08 -32.82
C TRP J 14 -23.12 -26.00 -31.68
N GLN J 15 -24.31 -25.50 -31.95
CA GLN J 15 -25.39 -25.54 -30.97
C GLN J 15 -25.63 -27.01 -30.65
N GLY J 16 -25.31 -27.88 -31.62
CA GLY J 16 -25.61 -29.31 -31.53
C GLY J 16 -24.81 -30.09 -30.52
N MET J 17 -23.55 -29.70 -30.31
CA MET J 17 -22.72 -30.39 -29.32
C MET J 17 -22.96 -29.78 -27.94
N VAL J 18 -23.45 -30.59 -27.00
CA VAL J 18 -23.93 -30.02 -25.76
C VAL J 18 -23.31 -30.68 -24.54
N ASP J 19 -22.62 -31.80 -24.73
CA ASP J 19 -22.03 -32.51 -23.60
C ASP J 19 -20.53 -32.23 -23.46
N GLY J 20 -20.06 -31.16 -24.10
CA GLY J 20 -18.66 -30.80 -24.01
C GLY J 20 -18.26 -29.54 -24.76
N TRP J 21 -17.02 -29.13 -24.58
CA TRP J 21 -16.52 -27.91 -25.20
C TRP J 21 -16.01 -28.16 -26.62
N TYR J 22 -15.27 -29.26 -26.75
CA TYR J 22 -14.71 -29.63 -28.02
C TYR J 22 -15.18 -31.02 -28.44
N GLY J 23 -15.33 -31.19 -29.73
CA GLY J 23 -15.68 -32.50 -30.21
C GLY J 23 -15.78 -32.66 -31.70
N TYR J 24 -16.57 -33.66 -32.08
CA TYR J 24 -16.62 -34.11 -33.45
C TYR J 24 -18.01 -34.11 -34.03
N HIS J 25 -18.11 -33.91 -35.33
CA HIS J 25 -19.32 -34.29 -36.05
C HIS J 25 -18.93 -35.21 -37.21
N HIS J 26 -19.39 -36.45 -37.14
CA HIS J 26 -19.15 -37.42 -38.20
C HIS J 26 -20.37 -37.63 -39.06
N SER J 27 -20.14 -38.29 -40.18
CA SER J 27 -21.18 -38.66 -41.14
C SER J 27 -20.64 -39.85 -41.88
N ASN J 28 -21.18 -41.03 -41.56
CA ASN J 28 -20.84 -42.23 -42.29
C ASN J 28 -22.12 -42.86 -42.87
N GLU J 29 -22.03 -44.10 -43.35
CA GLU J 29 -23.18 -44.71 -43.98
C GLU J 29 -24.22 -45.12 -42.92
N GLN J 30 -23.72 -45.48 -41.73
CA GLN J 30 -24.54 -45.80 -40.57
C GLN J 30 -25.26 -44.56 -40.00
N GLY J 31 -24.84 -43.36 -40.42
CA GLY J 31 -25.51 -42.13 -40.01
C GLY J 31 -24.61 -41.05 -39.45
N SER J 32 -25.16 -39.86 -39.19
CA SER J 32 -24.37 -38.74 -38.70
C SER J 32 -24.73 -38.43 -37.25
N GLY J 33 -23.91 -37.60 -36.59
CA GLY J 33 -24.17 -37.20 -35.22
C GLY J 33 -23.03 -36.45 -34.51
N TYR J 34 -23.38 -35.70 -33.47
CA TYR J 34 -22.40 -34.98 -32.66
C TYR J 34 -21.90 -35.80 -31.46
N ALA J 35 -20.65 -35.57 -31.09
CA ALA J 35 -20.08 -36.21 -29.90
C ALA J 35 -18.94 -35.36 -29.39
N ALA J 36 -18.81 -35.28 -28.08
CA ALA J 36 -17.77 -34.46 -27.48
C ALA J 36 -16.50 -35.28 -27.28
N ASP J 37 -15.33 -34.69 -27.50
CA ASP J 37 -14.09 -35.36 -27.11
C ASP J 37 -13.94 -35.17 -25.60
N LYS J 38 -14.20 -36.23 -24.84
CA LYS J 38 -14.23 -36.16 -23.38
C LYS J 38 -12.88 -35.80 -22.77
N GLU J 39 -11.81 -36.36 -23.34
CA GLU J 39 -10.47 -36.19 -22.80
C GLU J 39 -9.99 -34.74 -22.88
N SER J 40 -10.15 -34.12 -24.05
CA SER J 40 -9.69 -32.76 -24.19
C SER J 40 -10.65 -31.84 -23.45
N THR J 41 -11.91 -32.26 -23.33
CA THR J 41 -12.89 -31.45 -22.64
C THR J 41 -12.60 -31.44 -21.16
N GLN J 42 -12.34 -32.61 -20.59
CA GLN J 42 -12.11 -32.75 -19.18
C GLN J 42 -10.83 -31.99 -18.80
N LYS J 43 -9.81 -32.12 -19.63
CA LYS J 43 -8.52 -31.46 -19.40
C LYS J 43 -8.71 -29.93 -19.30
N ALA J 44 -9.59 -29.41 -20.14
CA ALA J 44 -9.89 -27.98 -20.18
C ALA J 44 -10.71 -27.56 -18.97
N ILE J 45 -11.68 -28.39 -18.60
CA ILE J 45 -12.49 -28.13 -17.41
C ILE J 45 -11.57 -28.10 -16.18
N ASP J 46 -10.64 -29.05 -16.12
CA ASP J 46 -9.69 -29.10 -15.03
C ASP J 46 -8.84 -27.83 -15.01
N GLY J 47 -8.40 -27.40 -16.18
CA GLY J 47 -7.52 -26.26 -16.26
C GLY J 47 -8.19 -24.96 -15.90
N VAL J 48 -9.41 -24.77 -16.40
CA VAL J 48 -10.12 -23.54 -16.15
C VAL J 48 -10.53 -23.49 -14.70
N THR J 49 -10.95 -24.64 -14.17
CA THR J 49 -11.35 -24.69 -12.77
C THR J 49 -10.16 -24.40 -11.84
N ASN J 50 -9.01 -24.99 -12.14
CA ASN J 50 -7.79 -24.70 -11.38
C ASN J 50 -7.43 -23.23 -11.46
N LYS J 51 -7.68 -22.63 -12.62
CA LYS J 51 -7.39 -21.21 -12.78
C LYS J 51 -8.25 -20.39 -11.84
N VAL J 52 -9.56 -20.65 -11.84
CA VAL J 52 -10.46 -19.87 -11.03
C VAL J 52 -10.08 -19.99 -9.55
N ASN J 53 -9.83 -21.21 -9.12
CA ASN J 53 -9.41 -21.46 -7.75
C ASN J 53 -8.09 -20.79 -7.39
N SER J 54 -7.17 -20.73 -8.35
CA SER J 54 -5.89 -20.06 -8.12
C SER J 54 -6.08 -18.54 -7.96
N ILE J 55 -7.03 -17.99 -8.71
CA ILE J 55 -7.29 -16.56 -8.64
C ILE J 55 -7.96 -16.22 -7.32
N ILE J 56 -8.95 -17.01 -6.94
CA ILE J 56 -9.61 -16.85 -5.65
C ILE J 56 -8.62 -17.08 -4.48
N ASP J 57 -7.68 -17.99 -4.67
CA ASP J 57 -6.67 -18.26 -3.64
C ASP J 57 -5.67 -17.09 -3.45
N LYS J 58 -5.12 -16.58 -4.55
CA LYS J 58 -4.12 -15.52 -4.47
C LYS J 58 -4.66 -14.21 -3.87
N MET J 59 -5.99 -14.09 -3.79
CA MET J 59 -6.62 -12.87 -3.27
C MET J 59 -7.14 -12.99 -1.83
N ASN J 60 -6.82 -14.09 -1.13
CA ASN J 60 -7.34 -14.28 0.22
C ASN J 60 -6.51 -13.56 1.30
N THR J 61 -5.25 -13.31 1.00
CA THR J 61 -4.39 -12.53 1.91
C THR J 61 -4.47 -11.06 1.51
N GLN J 62 -5.65 -10.64 1.08
CA GLN J 62 -5.87 -9.26 0.68
C GLN J 62 -6.02 -8.32 1.89
N PHE J 63 -5.84 -7.02 1.65
CA PHE J 63 -6.00 -5.98 2.64
C PHE J 63 -7.41 -5.94 3.22
N GLU J 64 -7.52 -5.68 4.52
CA GLU J 64 -8.81 -5.58 5.18
C GLU J 64 -8.88 -4.24 5.94
N ALA J 65 -9.77 -3.36 5.50
CA ALA J 65 -9.90 -2.01 6.06
C ALA J 65 -10.49 -2.02 7.47
N VAL J 66 -9.98 -1.15 8.34
CA VAL J 66 -10.43 -1.11 9.73
C VAL J 66 -10.91 0.29 10.13
N GLY J 67 -12.00 0.37 10.89
CA GLY J 67 -12.44 1.67 11.38
C GLY J 67 -11.47 2.26 12.39
N ARG J 68 -11.04 3.51 12.15
CA ARG J 68 -10.22 4.26 13.11
C ARG J 68 -10.69 5.69 13.24
N GLU J 69 -10.76 6.19 14.47
CA GLU J 69 -11.28 7.54 14.70
C GLU J 69 -10.17 8.52 15.05
N PHE J 70 -10.34 9.77 14.62
CA PHE J 70 -9.36 10.79 14.97
C PHE J 70 -10.05 12.12 15.33
N ASN J 71 -9.41 12.94 16.19
CA ASN J 71 -10.04 14.20 16.56
C ASN J 71 -9.61 15.39 15.70
N ASN J 72 -10.14 16.57 16.01
CA ASN J 72 -9.95 17.75 15.18
C ASN J 72 -8.49 18.23 15.09
N LEU J 73 -7.65 17.76 16.00
CA LEU J 73 -6.24 18.12 15.95
C LEU J 73 -5.36 16.95 15.53
N GLU J 74 -5.99 15.97 14.90
CA GLU J 74 -5.28 14.80 14.37
C GLU J 74 -5.56 14.63 12.88
N ARG J 75 -5.74 15.74 12.18
CA ARG J 75 -6.13 15.70 10.79
C ARG J 75 -5.04 15.10 9.94
N ARG J 76 -3.80 15.34 10.33
CA ARG J 76 -2.68 14.87 9.54
C ARG J 76 -2.67 13.36 9.47
N ILE J 77 -2.74 12.68 10.61
CA ILE J 77 -2.74 11.23 10.57
C ILE J 77 -4.07 10.66 10.14
N GLU J 78 -5.15 11.42 10.36
CA GLU J 78 -6.46 10.96 9.89
C GLU J 78 -6.42 10.81 8.40
N ASN J 79 -5.82 11.80 7.76
CA ASN J 79 -5.68 11.87 6.33
C ASN J 79 -4.66 10.82 5.84
N LEU J 80 -3.57 10.64 6.57
CA LEU J 80 -2.55 9.63 6.25
C LEU J 80 -3.18 8.24 6.20
N ASN J 81 -4.00 7.97 7.20
CA ASN J 81 -4.74 6.74 7.36
C ASN J 81 -5.76 6.51 6.24
N LYS J 82 -6.38 7.59 5.80
CA LYS J 82 -7.35 7.49 4.73
C LYS J 82 -6.60 7.19 3.45
N GLN J 83 -5.44 7.82 3.28
CA GLN J 83 -4.62 7.69 2.09
C GLN J 83 -4.12 6.25 2.03
N MET J 84 -3.81 5.71 3.20
CA MET J 84 -3.28 4.37 3.30
C MET J 84 -4.37 3.36 2.93
N GLU J 85 -5.56 3.58 3.48
CA GLU J 85 -6.69 2.69 3.26
C GLU J 85 -7.11 2.66 1.80
N ASP J 86 -7.30 3.86 1.24
CA ASP J 86 -7.67 4.01 -0.14
C ASP J 86 -6.53 3.47 -1.01
N GLY J 87 -5.30 3.66 -0.54
CA GLY J 87 -4.14 3.24 -1.29
C GLY J 87 -4.16 1.76 -1.58
N PHE J 88 -4.41 0.98 -0.53
CA PHE J 88 -4.44 -0.46 -0.65
C PHE J 88 -5.68 -0.93 -1.37
N LEU J 89 -6.79 -0.23 -1.18
CA LEU J 89 -7.99 -0.62 -1.88
C LEU J 89 -7.76 -0.43 -3.38
N ASP J 90 -7.04 0.64 -3.76
CA ASP J 90 -6.79 0.90 -5.17
C ASP J 90 -5.86 -0.15 -5.80
N VAL J 91 -4.88 -0.59 -5.02
CA VAL J 91 -3.93 -1.60 -5.45
C VAL J 91 -4.62 -2.96 -5.64
N TRP J 92 -5.38 -3.38 -4.65
CA TRP J 92 -6.02 -4.68 -4.71
C TRP J 92 -7.17 -4.68 -5.74
N THR J 93 -7.74 -3.51 -6.01
CA THR J 93 -8.76 -3.45 -7.03
C THR J 93 -8.07 -3.56 -8.40
N TYR J 94 -6.96 -2.86 -8.56
CA TYR J 94 -6.15 -2.99 -9.76
C TYR J 94 -5.72 -4.46 -9.95
N ASN J 95 -5.15 -5.03 -8.91
CA ASN J 95 -4.70 -6.39 -9.01
C ASN J 95 -5.79 -7.36 -9.44
N ALA J 96 -7.01 -7.17 -8.98
CA ALA J 96 -8.09 -8.09 -9.34
C ALA J 96 -8.62 -7.80 -10.73
N GLU J 97 -8.90 -6.54 -11.01
CA GLU J 97 -9.45 -6.22 -12.32
C GLU J 97 -8.49 -6.63 -13.44
N LEU J 98 -7.20 -6.43 -13.20
CA LEU J 98 -6.16 -6.74 -14.19
C LEU J 98 -5.91 -8.24 -14.31
N LEU J 99 -5.91 -8.95 -13.18
CA LEU J 99 -5.67 -10.39 -13.20
C LEU J 99 -6.81 -11.03 -13.95
N VAL J 100 -8.02 -10.55 -13.71
CA VAL J 100 -9.16 -11.08 -14.42
C VAL J 100 -9.09 -10.79 -15.92
N LEU J 101 -8.74 -9.55 -16.31
CA LEU J 101 -8.60 -9.25 -17.73
C LEU J 101 -7.55 -10.13 -18.45
N MET J 102 -6.39 -10.27 -17.82
CA MET J 102 -5.30 -11.00 -18.42
C MET J 102 -5.66 -12.49 -18.55
N GLU J 103 -6.20 -13.09 -17.48
CA GLU J 103 -6.49 -14.52 -17.53
C GLU J 103 -7.71 -14.82 -18.39
N ASN J 104 -8.57 -13.83 -18.59
CA ASN J 104 -9.69 -13.99 -19.48
C ASN J 104 -9.18 -14.15 -20.88
N GLU J 105 -8.21 -13.32 -21.21
CA GLU J 105 -7.60 -13.36 -22.52
C GLU J 105 -6.94 -14.71 -22.73
N ARG J 106 -6.25 -15.19 -21.71
CA ARG J 106 -5.60 -16.47 -21.82
C ARG J 106 -6.58 -17.63 -21.91
N THR J 107 -7.72 -17.52 -21.23
CA THR J 107 -8.70 -18.61 -21.23
C THR J 107 -9.28 -18.77 -22.62
N LEU J 108 -9.59 -17.64 -23.26
CA LEU J 108 -10.12 -17.72 -24.61
C LEU J 108 -9.12 -18.39 -25.57
N ASP J 109 -7.86 -18.04 -25.45
CA ASP J 109 -6.80 -18.58 -26.28
C ASP J 109 -6.51 -20.01 -25.90
N PHE J 110 -6.76 -20.33 -24.65
CA PHE J 110 -6.54 -21.69 -24.18
C PHE J 110 -7.48 -22.65 -24.90
N HIS J 111 -8.73 -22.22 -25.04
CA HIS J 111 -9.75 -22.97 -25.74
C HIS J 111 -9.39 -23.05 -27.22
N ASP J 112 -8.99 -21.91 -27.79
CA ASP J 112 -8.58 -21.86 -29.19
C ASP J 112 -7.46 -22.88 -29.42
N SER J 113 -6.53 -22.92 -28.50
CA SER J 113 -5.39 -23.80 -28.61
C SER J 113 -5.84 -25.24 -28.53
N ASN J 114 -6.84 -25.51 -27.70
CA ASN J 114 -7.27 -26.88 -27.50
C ASN J 114 -7.94 -27.43 -28.74
N VAL J 115 -8.68 -26.55 -29.41
CA VAL J 115 -9.36 -26.95 -30.61
C VAL J 115 -8.34 -27.25 -31.70
N LYS J 116 -7.39 -26.33 -31.88
CA LYS J 116 -6.33 -26.50 -32.86
C LYS J 116 -5.55 -27.79 -32.59
N ASN J 117 -5.36 -28.11 -31.31
CA ASN J 117 -4.68 -29.35 -30.97
C ASN J 117 -5.52 -30.60 -31.28
N LEU J 118 -6.83 -30.49 -31.10
CA LEU J 118 -7.70 -31.62 -31.36
C LEU J 118 -7.68 -31.87 -32.87
N TYR J 119 -7.72 -30.77 -33.63
CA TYR J 119 -7.70 -30.85 -35.08
C TYR J 119 -6.44 -31.50 -35.58
N ASP J 120 -5.31 -31.07 -35.05
CA ASP J 120 -4.05 -31.62 -35.50
C ASP J 120 -3.95 -33.09 -35.12
N LYS J 121 -4.60 -33.47 -34.02
CA LYS J 121 -4.57 -34.85 -33.53
C LYS J 121 -5.12 -35.80 -34.58
N VAL J 122 -6.23 -35.37 -35.16
CA VAL J 122 -6.91 -36.13 -36.18
C VAL J 122 -6.08 -36.09 -37.46
N ARG J 123 -5.62 -34.88 -37.82
CA ARG J 123 -4.84 -34.67 -39.03
C ARG J 123 -3.60 -35.58 -39.08
N LEU J 124 -2.87 -35.65 -37.98
CA LEU J 124 -1.62 -36.39 -37.96
C LEU J 124 -1.88 -37.90 -37.98
N GLN J 125 -3.11 -38.28 -37.67
CA GLN J 125 -3.54 -39.67 -37.73
C GLN J 125 -3.98 -40.07 -39.13
N LEU J 126 -4.82 -39.25 -39.75
CA LEU J 126 -5.40 -39.58 -41.03
C LEU J 126 -4.42 -39.45 -42.20
N ARG J 127 -3.57 -38.42 -42.17
CA ARG J 127 -2.59 -38.23 -43.23
C ARG J 127 -3.27 -38.26 -44.60
N ASP J 128 -2.76 -39.03 -45.55
CA ASP J 128 -3.41 -39.02 -46.88
C ASP J 128 -4.63 -39.96 -46.97
N ASN J 129 -5.00 -40.63 -45.88
CA ASN J 129 -6.20 -41.47 -45.88
C ASN J 129 -7.50 -40.67 -45.87
N ALA J 130 -7.36 -39.36 -45.81
CA ALA J 130 -8.48 -38.45 -45.83
C ALA J 130 -8.04 -37.13 -46.43
N LYS J 131 -9.02 -36.34 -46.86
CA LYS J 131 -8.77 -35.07 -47.49
C LYS J 131 -9.14 -33.91 -46.54
N GLU J 132 -8.23 -32.97 -46.31
CA GLU J 132 -8.50 -31.80 -45.44
C GLU J 132 -9.38 -30.78 -46.15
N LEU J 133 -10.64 -30.65 -45.76
CA LEU J 133 -11.51 -29.69 -46.41
C LEU J 133 -11.13 -28.24 -46.09
N GLY J 134 -10.43 -28.03 -44.98
CA GLY J 134 -9.91 -26.71 -44.65
C GLY J 134 -10.89 -25.91 -43.82
N ASN J 135 -11.88 -26.61 -43.27
CA ASN J 135 -12.94 -25.99 -42.53
C ASN J 135 -13.18 -26.75 -41.25
N GLY J 136 -12.24 -27.60 -40.89
CA GLY J 136 -12.36 -28.39 -39.68
C GLY J 136 -12.82 -29.79 -40.00
N CYS J 137 -13.11 -30.02 -41.28
CA CYS J 137 -13.58 -31.32 -41.71
C CYS J 137 -12.53 -32.06 -42.48
N PHE J 138 -12.58 -33.38 -42.33
CA PHE J 138 -11.75 -34.29 -43.10
C PHE J 138 -12.67 -35.18 -43.91
N GLU J 139 -12.50 -35.21 -45.23
CA GLU J 139 -13.23 -36.15 -46.10
C GLU J 139 -12.42 -37.42 -46.28
N PHE J 140 -12.97 -38.55 -45.85
CA PHE J 140 -12.24 -39.82 -45.90
C PHE J 140 -12.08 -40.37 -47.31
N TYR J 141 -10.90 -40.94 -47.58
CA TYR J 141 -10.66 -41.60 -48.87
C TYR J 141 -11.04 -43.07 -48.79
N HIS J 142 -11.71 -43.45 -47.70
CA HIS J 142 -12.15 -44.82 -47.55
C HIS J 142 -13.43 -44.89 -46.73
N LYS J 143 -13.85 -46.10 -46.41
CA LYS J 143 -15.08 -46.30 -45.67
C LYS J 143 -14.75 -46.28 -44.18
N CYS J 144 -15.49 -45.47 -43.43
CA CYS J 144 -15.23 -45.34 -42.00
C CYS J 144 -16.48 -45.63 -41.15
N ASP J 145 -16.58 -46.84 -40.62
CA ASP J 145 -17.72 -47.21 -39.78
C ASP J 145 -17.65 -46.58 -38.39
N ASN J 146 -18.69 -46.81 -37.59
CA ASN J 146 -18.73 -46.31 -36.23
C ASN J 146 -17.49 -46.68 -35.44
N GLU J 147 -16.98 -47.88 -35.64
CA GLU J 147 -15.76 -48.26 -34.93
C GLU J 147 -14.55 -47.53 -35.50
N CYS J 148 -14.55 -47.26 -36.80
CA CYS J 148 -13.45 -46.49 -37.38
C CYS J 148 -13.52 -45.05 -36.85
N MET J 149 -14.72 -44.48 -36.83
CA MET J 149 -14.93 -43.15 -36.27
C MET J 149 -14.46 -43.09 -34.83
N GLU J 150 -14.82 -44.09 -34.03
CA GLU J 150 -14.39 -44.14 -32.62
C GLU J 150 -12.88 -44.27 -32.52
N SER J 151 -12.30 -44.84 -33.55
CA SER J 151 -10.88 -45.08 -33.62
C SER J 151 -10.10 -43.79 -33.77
N VAL J 152 -10.68 -42.87 -34.53
CA VAL J 152 -10.05 -41.57 -34.73
C VAL J 152 -10.25 -40.75 -33.47
N LYS J 153 -11.44 -40.87 -32.89
CA LYS J 153 -11.82 -40.10 -31.70
C LYS J 153 -10.96 -40.49 -30.49
N ASN J 154 -10.55 -41.76 -30.40
CA ASN J 154 -9.72 -42.14 -29.25
C ASN J 154 -8.23 -42.36 -29.59
N GLY J 155 -7.79 -41.83 -30.72
CA GLY J 155 -6.38 -41.81 -31.03
C GLY J 155 -5.75 -43.16 -31.30
N THR J 156 -6.55 -44.08 -31.82
CA THR J 156 -6.08 -45.42 -32.15
C THR J 156 -6.34 -45.76 -33.60
N TYR J 157 -6.40 -44.74 -34.45
CA TYR J 157 -6.62 -44.93 -35.87
C TYR J 157 -5.57 -45.88 -36.42
N ASP J 158 -6.01 -46.91 -37.11
CA ASP J 158 -5.05 -47.83 -37.70
C ASP J 158 -4.83 -47.44 -39.16
N TYR J 159 -3.90 -46.51 -39.37
CA TYR J 159 -3.64 -45.96 -40.70
C TYR J 159 -3.46 -47.02 -41.78
N PRO J 160 -2.54 -47.99 -41.59
CA PRO J 160 -2.31 -48.91 -42.72
C PRO J 160 -3.50 -49.81 -43.05
N GLN J 161 -4.36 -50.07 -42.09
CA GLN J 161 -5.53 -50.93 -42.29
C GLN J 161 -6.41 -50.41 -43.41
N TYR J 162 -6.47 -49.10 -43.53
CA TYR J 162 -7.34 -48.48 -44.52
C TYR J 162 -6.51 -47.87 -45.66
N SER J 163 -5.20 -47.99 -45.51
CA SER J 163 -4.24 -47.36 -46.41
C SER J 163 -4.43 -47.70 -47.88
N GLU J 164 -4.58 -48.99 -48.18
CA GLU J 164 -4.62 -49.39 -49.58
C GLU J 164 -5.87 -48.90 -50.28
N GLU J 165 -7.04 -49.09 -49.69
CA GLU J 165 -8.26 -48.63 -50.35
C GLU J 165 -8.28 -47.13 -50.49
N ALA J 166 -7.55 -46.44 -49.61
CA ALA J 166 -7.41 -44.99 -49.70
C ALA J 166 -6.55 -44.64 -50.91
N ARG J 167 -5.40 -45.30 -51.03
CA ARG J 167 -4.48 -45.08 -52.14
C ARG J 167 -5.23 -45.35 -53.43
N LEU J 168 -6.05 -46.39 -53.40
CA LEU J 168 -6.86 -46.81 -54.54
C LEU J 168 -7.83 -45.69 -54.97
N ASN J 169 -8.50 -45.10 -53.99
CA ASN J 169 -9.49 -44.05 -54.24
C ASN J 169 -8.91 -42.69 -54.61
N ARG J 170 -7.66 -42.43 -54.22
CA ARG J 170 -7.02 -41.16 -54.55
C ARG J 170 -6.71 -41.07 -56.05
N GLU J 171 -6.20 -42.16 -56.60
CA GLU J 171 -5.72 -42.12 -57.98
C GLU J 171 -6.84 -42.23 -59.02
N GLU J 172 -7.98 -42.78 -58.62
CA GLU J 172 -9.11 -42.98 -59.54
C GLU J 172 -9.89 -41.70 -59.82
N ILE J 173 -9.75 -40.74 -58.93
CA ILE J 173 -10.40 -39.45 -59.09
C ILE J 173 -9.46 -38.54 -59.90
N PRO K 3 9.52 -21.35 -64.22
CA PRO K 3 9.12 -20.16 -63.47
C PRO K 3 7.60 -20.08 -63.39
N GLY K 4 7.07 -20.04 -62.17
CA GLY K 4 5.62 -20.08 -61.95
C GLY K 4 5.09 -18.89 -61.14
N ASP K 5 3.78 -18.66 -61.24
CA ASP K 5 3.11 -17.60 -60.48
C ASP K 5 3.23 -17.87 -58.98
N GLN K 6 3.53 -16.84 -58.20
CA GLN K 6 3.60 -17.07 -56.76
C GLN K 6 3.04 -15.95 -55.86
N ILE K 7 2.60 -16.35 -54.68
CA ILE K 7 2.06 -15.43 -53.69
C ILE K 7 2.90 -15.61 -52.45
N CYS K 8 3.26 -14.49 -51.84
CA CYS K 8 4.10 -14.52 -50.63
C CYS K 8 3.39 -13.78 -49.50
N ILE K 9 3.48 -14.31 -48.28
CA ILE K 9 2.95 -13.62 -47.11
C ILE K 9 4.08 -12.93 -46.37
N GLY K 10 3.88 -11.69 -45.98
CA GLY K 10 4.92 -10.97 -45.27
C GLY K 10 4.44 -9.83 -44.41
N TYR K 11 5.38 -9.19 -43.76
CA TYR K 11 5.02 -8.19 -42.78
C TYR K 11 5.88 -6.95 -42.93
N HIS K 12 5.42 -5.86 -42.34
CA HIS K 12 6.04 -4.55 -42.48
C HIS K 12 7.46 -4.50 -41.92
N ALA K 13 8.27 -3.60 -42.46
CA ALA K 13 9.59 -3.32 -41.92
C ALA K 13 9.94 -1.88 -42.28
N ASN K 14 10.73 -1.24 -41.42
CA ASN K 14 11.06 0.16 -41.66
C ASN K 14 12.39 0.57 -41.09
N ASN K 15 12.67 1.85 -41.20
CA ASN K 15 13.93 2.41 -40.74
C ASN K 15 13.84 2.86 -39.27
N SER K 16 12.86 2.33 -38.54
CA SER K 16 12.69 2.71 -37.15
C SER K 16 13.84 2.17 -36.32
N THR K 17 14.25 2.92 -35.32
CA THR K 17 15.37 2.51 -34.50
C THR K 17 14.92 2.39 -33.05
N GLU K 18 13.67 2.74 -32.81
CA GLU K 18 13.09 2.71 -31.46
C GLU K 18 13.08 1.31 -30.86
N GLN K 19 13.51 1.21 -29.59
CA GLN K 19 13.60 -0.06 -28.90
C GLN K 19 12.62 -0.22 -27.74
N VAL K 20 12.39 -1.47 -27.37
CA VAL K 20 11.34 -1.81 -26.45
C VAL K 20 11.85 -3.03 -25.67
N ASP K 21 11.36 -3.21 -24.44
CA ASP K 21 11.83 -4.32 -23.63
C ASP K 21 10.74 -5.33 -23.31
N THR K 22 11.13 -6.58 -23.05
CA THR K 22 10.19 -7.61 -22.64
C THR K 22 10.84 -8.40 -21.51
N ILE K 23 10.14 -9.40 -20.99
CA ILE K 23 10.70 -10.22 -19.92
C ILE K 23 11.94 -11.01 -20.37
N MET K 24 11.88 -11.60 -21.57
CA MET K 24 12.94 -12.46 -22.06
C MET K 24 14.00 -11.71 -22.88
N GLU K 25 13.68 -10.53 -23.42
CA GLU K 25 14.62 -9.84 -24.31
C GLU K 25 14.60 -8.35 -24.01
N LYS K 26 15.79 -7.75 -24.03
CA LYS K 26 15.93 -6.32 -23.82
C LYS K 26 16.41 -5.72 -25.13
N ASN K 27 16.13 -4.45 -25.33
CA ASN K 27 16.57 -3.77 -26.55
C ASN K 27 16.12 -4.45 -27.82
N VAL K 28 14.81 -4.54 -27.99
CA VAL K 28 14.23 -5.12 -29.16
C VAL K 28 13.86 -3.98 -30.08
N THR K 29 14.55 -3.87 -31.20
CA THR K 29 14.22 -2.83 -32.17
C THR K 29 12.86 -3.16 -32.77
N VAL K 30 12.03 -2.16 -32.96
CA VAL K 30 10.63 -2.41 -33.29
C VAL K 30 10.15 -1.37 -34.32
N THR K 31 9.11 -1.68 -35.07
CA THR K 31 8.71 -0.82 -36.18
C THR K 31 7.95 0.41 -35.69
N HIS K 32 7.19 0.26 -34.62
CA HIS K 32 6.40 1.37 -34.08
C HIS K 32 6.30 1.26 -32.55
N ALA K 33 6.47 2.38 -31.85
CA ALA K 33 6.36 2.32 -30.40
C ALA K 33 5.66 3.56 -29.85
N GLN K 34 5.09 3.45 -28.65
CA GLN K 34 4.51 4.63 -27.97
C GLN K 34 5.15 4.87 -26.60
N ASP K 35 5.75 6.04 -26.47
CA ASP K 35 6.29 6.47 -25.19
C ASP K 35 5.12 6.94 -24.35
N ILE K 36 5.08 6.47 -23.11
CA ILE K 36 4.01 6.83 -22.20
C ILE K 36 4.54 7.46 -20.90
N LEU K 37 5.80 7.89 -20.91
CA LEU K 37 6.44 8.53 -19.76
C LEU K 37 6.95 9.94 -20.09
N GLU K 38 6.40 10.91 -19.40
CA GLU K 38 6.81 12.30 -19.52
C GLU K 38 8.02 12.51 -18.62
N LYS K 39 9.08 13.11 -19.17
CA LYS K 39 10.31 13.28 -18.42
C LYS K 39 10.76 14.74 -18.39
N THR K 40 9.89 15.66 -18.82
CA THR K 40 10.27 17.07 -18.94
C THR K 40 9.26 18.04 -18.32
N HIS K 41 9.81 19.09 -17.73
CA HIS K 41 9.01 20.13 -17.10
C HIS K 41 9.63 21.48 -17.48
N ASN K 42 8.87 22.55 -17.36
CA ASN K 42 9.35 23.87 -17.76
C ASN K 42 10.15 24.60 -16.68
N GLY K 43 10.38 23.92 -15.55
CA GLY K 43 11.23 24.44 -14.49
C GLY K 43 10.79 25.72 -13.79
N LYS K 44 9.49 26.00 -13.87
CA LYS K 44 8.92 27.24 -13.35
C LYS K 44 7.67 26.99 -12.50
N LEU K 45 7.44 27.86 -11.50
CA LEU K 45 6.23 27.83 -10.68
C LEU K 45 5.18 28.70 -11.35
N CYS K 46 3.98 28.17 -11.51
CA CYS K 46 3.01 28.81 -12.38
C CYS K 46 1.63 28.97 -11.79
N ASP K 47 0.77 29.69 -12.50
CA ASP K 47 -0.64 29.74 -12.16
C ASP K 47 -1.21 28.36 -12.38
N LEU K 48 -2.22 28.02 -11.61
CA LEU K 48 -2.90 26.76 -11.79
C LEU K 48 -4.31 27.06 -12.28
N ASN K 49 -4.53 26.90 -13.60
CA ASN K 49 -5.81 27.26 -14.22
C ASN K 49 -6.19 28.71 -13.94
N GLY K 50 -5.24 29.61 -14.18
CA GLY K 50 -5.47 31.04 -14.10
C GLY K 50 -5.59 31.60 -12.70
N VAL K 51 -5.21 30.83 -11.68
CA VAL K 51 -5.19 31.37 -10.33
C VAL K 51 -3.78 31.25 -9.69
N LYS K 52 -3.17 32.42 -9.45
CA LYS K 52 -1.78 32.51 -9.03
C LYS K 52 -1.54 31.82 -7.69
N PRO K 53 -0.38 31.19 -7.52
CA PRO K 53 -0.06 30.61 -6.20
C PRO K 53 0.41 31.70 -5.24
N LEU K 54 0.41 31.40 -3.95
CA LEU K 54 0.98 32.28 -2.94
C LEU K 54 2.46 31.94 -2.75
N ILE K 55 3.36 32.80 -3.23
CA ILE K 55 4.79 32.54 -2.98
C ILE K 55 5.33 33.31 -1.77
N LEU K 56 5.66 32.59 -0.71
CA LEU K 56 5.98 33.23 0.56
C LEU K 56 7.42 33.79 0.60
N ARG K 57 8.17 33.59 -0.47
CA ARG K 57 9.59 33.97 -0.50
C ARG K 57 10.33 33.52 0.75
N ASP K 58 10.79 34.46 1.54
CA ASP K 58 11.57 34.14 2.74
C ASP K 58 10.72 34.11 4.00
N CYS K 59 9.41 34.24 3.85
CA CYS K 59 8.50 34.18 4.97
C CYS K 59 7.94 32.77 5.14
N SER K 60 7.67 32.41 6.39
CA SER K 60 7.04 31.14 6.69
C SER K 60 5.54 31.36 6.87
N VAL K 61 4.80 30.27 6.95
CA VAL K 61 3.37 30.34 7.16
C VAL K 61 3.07 31.05 8.49
N ALA K 62 3.85 30.76 9.52
CA ALA K 62 3.73 31.50 10.78
C ALA K 62 3.97 33.00 10.56
N GLY K 63 5.09 33.31 9.90
CA GLY K 63 5.49 34.69 9.65
C GLY K 63 4.40 35.47 8.94
N TRP K 64 3.74 34.81 8.02
CA TRP K 64 2.63 35.43 7.31
C TRP K 64 1.40 35.67 8.22
N LEU K 65 0.93 34.62 8.88
CA LEU K 65 -0.31 34.69 9.63
C LEU K 65 -0.24 35.58 10.87
N LEU K 66 0.88 35.53 11.60
CA LEU K 66 1.08 36.34 12.81
C LEU K 66 1.34 37.78 12.39
N GLY K 67 1.88 37.95 11.20
CA GLY K 67 2.10 39.30 10.70
C GLY K 67 3.46 39.81 11.11
N ASN K 68 4.45 38.95 10.95
CA ASN K 68 5.83 39.34 11.11
C ASN K 68 6.06 40.54 10.21
N PRO K 69 6.61 41.63 10.79
CA PRO K 69 6.82 42.92 10.12
C PRO K 69 7.64 42.80 8.85
N MET K 70 8.52 41.82 8.76
CA MET K 70 9.32 41.65 7.54
C MET K 70 8.55 40.91 6.44
N CYS K 71 7.32 40.51 6.75
CA CYS K 71 6.51 39.76 5.80
C CYS K 71 5.31 40.58 5.39
N ASP K 72 5.50 41.89 5.26
CA ASP K 72 4.37 42.76 5.01
C ASP K 72 3.77 42.61 3.63
N GLU K 73 4.50 41.95 2.74
CA GLU K 73 3.98 41.73 1.39
C GLU K 73 2.64 41.03 1.45
N PHE K 74 2.46 40.25 2.52
CA PHE K 74 1.34 39.34 2.66
C PHE K 74 0.32 39.85 3.64
N ILE K 75 0.26 41.17 3.81
CA ILE K 75 -0.73 41.80 4.67
C ILE K 75 -2.13 41.55 4.12
N ASN K 76 -2.24 41.49 2.79
CA ASN K 76 -3.55 41.27 2.16
C ASN K 76 -3.47 40.44 0.90
N VAL K 77 -3.46 39.12 1.08
CA VAL K 77 -3.31 38.19 -0.05
C VAL K 77 -4.63 37.76 -0.68
N PRO K 78 -4.64 37.70 -2.03
CA PRO K 78 -5.83 37.26 -2.76
C PRO K 78 -5.92 35.74 -2.85
N GLU K 79 -7.00 35.24 -3.45
CA GLU K 79 -7.21 33.80 -3.58
C GLU K 79 -6.01 33.13 -4.23
N TRP K 80 -5.68 31.95 -3.73
CA TRP K 80 -4.56 31.20 -4.26
C TRP K 80 -4.97 29.81 -4.68
N SER K 81 -4.17 29.21 -5.55
CA SER K 81 -4.37 27.83 -5.94
C SER K 81 -3.60 26.97 -4.96
N TYR K 82 -2.28 27.14 -4.96
CA TYR K 82 -1.42 26.47 -4.00
C TYR K 82 -0.48 27.48 -3.36
N ILE K 83 0.25 27.02 -2.34
CA ILE K 83 1.17 27.87 -1.59
C ILE K 83 2.58 27.31 -1.68
N VAL K 84 3.55 28.20 -1.89
CA VAL K 84 4.95 27.79 -1.93
C VAL K 84 5.73 28.40 -0.75
N GLU K 85 6.41 27.54 -0.01
CA GLU K 85 7.21 27.92 1.14
C GLU K 85 8.62 27.31 1.01
N LYS K 86 9.65 28.08 1.29
CA LYS K 86 11.02 27.58 1.19
C LYS K 86 11.33 26.54 2.26
N ALA K 87 12.46 25.85 2.08
CA ALA K 87 12.78 24.76 2.99
C ALA K 87 13.01 25.32 4.38
N SER K 88 13.87 26.34 4.48
CA SER K 88 14.19 27.01 5.75
C SER K 88 14.09 28.51 5.58
N PRO K 89 12.86 29.05 5.60
CA PRO K 89 12.58 30.47 5.36
C PRO K 89 13.27 31.35 6.37
N ALA K 90 13.77 32.50 5.97
CA ALA K 90 14.51 33.35 6.89
C ALA K 90 13.57 34.01 7.89
N ASN K 91 12.44 34.53 7.39
CA ASN K 91 11.47 35.24 8.22
C ASN K 91 10.38 34.36 8.80
N ASP K 92 10.67 33.72 9.93
CA ASP K 92 9.67 32.92 10.65
C ASP K 92 9.23 33.74 11.87
N LEU K 93 9.47 33.22 13.08
CA LEU K 93 9.15 33.94 14.32
C LEU K 93 10.29 34.87 14.74
N CYS K 94 10.10 36.16 14.46
CA CYS K 94 11.12 37.17 14.77
C CYS K 94 11.47 37.19 16.27
N TYR K 95 10.45 37.20 17.11
CA TYR K 95 10.66 36.98 18.53
C TYR K 95 10.66 35.49 18.76
N PRO K 96 11.73 34.98 19.38
CA PRO K 96 11.90 33.52 19.52
C PRO K 96 10.79 32.86 20.35
N GLY K 97 10.46 31.61 19.97
CA GLY K 97 9.44 30.84 20.66
C GLY K 97 8.88 29.70 19.82
N ASP K 98 7.65 29.31 20.10
CA ASP K 98 7.02 28.16 19.48
C ASP K 98 5.62 28.48 18.97
N PHE K 99 5.16 27.71 18.00
CA PHE K 99 3.81 27.86 17.45
C PHE K 99 3.10 26.54 17.64
N ASN K 100 2.16 26.54 18.56
CA ASN K 100 1.46 25.34 18.96
C ASN K 100 0.66 24.70 17.81
N ASP K 101 0.75 23.37 17.66
CA ASP K 101 0.06 22.60 16.62
C ASP K 101 0.24 23.22 15.26
N TYR K 102 1.47 23.65 14.99
CA TYR K 102 1.79 24.38 13.78
C TYR K 102 1.52 23.46 12.57
N GLU K 103 1.92 22.20 12.65
CA GLU K 103 1.70 21.29 11.53
C GLU K 103 0.22 21.10 11.28
N GLU K 104 -0.57 20.97 12.33
CA GLU K 104 -2.01 20.83 12.12
C GLU K 104 -2.61 22.09 11.48
N LEU K 105 -2.01 23.26 11.74
CA LEU K 105 -2.48 24.51 11.13
C LEU K 105 -2.07 24.58 9.67
N LYS K 106 -0.85 24.17 9.36
CA LYS K 106 -0.40 24.13 7.96
C LYS K 106 -1.33 23.23 7.17
N HIS K 107 -1.76 22.16 7.80
CA HIS K 107 -2.65 21.24 7.14
C HIS K 107 -3.96 21.90 6.82
N LEU K 108 -4.49 22.62 7.80
CA LEU K 108 -5.76 23.28 7.64
C LEU K 108 -5.63 24.28 6.51
N LEU K 109 -4.46 24.89 6.40
CA LEU K 109 -4.20 25.86 5.34
C LEU K 109 -4.30 25.17 3.99
N SER K 110 -3.74 23.98 3.89
CA SER K 110 -3.70 23.25 2.63
C SER K 110 -5.11 22.88 2.16
N ARG K 111 -6.08 23.02 3.06
CA ARG K 111 -7.45 22.75 2.72
C ARG K 111 -8.23 24.06 2.53
N THR K 112 -7.51 25.14 2.24
CA THR K 112 -8.14 26.45 2.09
C THR K 112 -7.50 27.26 0.95
N ASN K 113 -8.32 28.06 0.28
CA ASN K 113 -7.84 28.87 -0.83
C ASN K 113 -7.85 30.34 -0.55
N HIS K 114 -8.70 30.77 0.36
CA HIS K 114 -8.85 32.19 0.55
C HIS K 114 -9.07 32.61 2.00
N PHE K 115 -8.14 33.44 2.47
CA PHE K 115 -8.24 34.10 3.77
C PHE K 115 -8.59 35.57 3.60
N GLU K 116 -9.64 36.01 4.29
CA GLU K 116 -9.98 37.43 4.37
C GLU K 116 -9.69 37.94 5.76
N LYS K 117 -8.68 38.79 5.88
CA LYS K 117 -8.29 39.32 7.19
C LYS K 117 -9.33 40.32 7.69
N ILE K 118 -9.72 40.18 8.96
CA ILE K 118 -10.63 41.14 9.58
C ILE K 118 -10.14 41.48 10.95
N GLN K 119 -10.36 42.74 11.32
CA GLN K 119 -9.97 43.25 12.63
C GLN K 119 -10.94 42.75 13.68
N ILE K 120 -10.45 41.98 14.63
CA ILE K 120 -11.38 41.43 15.59
C ILE K 120 -11.31 42.14 16.95
N ILE K 121 -10.14 42.60 17.36
CA ILE K 121 -10.09 43.44 18.52
C ILE K 121 -9.20 44.62 18.21
N PRO K 122 -9.82 45.78 17.97
CA PRO K 122 -9.16 47.03 17.57
C PRO K 122 -8.11 47.44 18.58
N LYS K 123 -6.95 47.85 18.11
CA LYS K 123 -5.86 48.22 19.00
C LYS K 123 -6.26 49.41 19.89
N SER K 124 -7.15 50.27 19.38
CA SER K 124 -7.61 51.46 20.10
C SER K 124 -8.44 51.12 21.32
N SER K 125 -9.05 49.96 21.33
CA SER K 125 -10.00 49.61 22.39
C SER K 125 -9.29 49.18 23.65
N TRP K 126 -7.97 49.24 23.67
CA TRP K 126 -7.24 48.87 24.88
C TRP K 126 -6.98 50.07 25.78
N SER K 127 -8.01 50.48 26.49
CA SER K 127 -7.96 51.72 27.27
C SER K 127 -7.09 51.63 28.52
N ASN K 128 -7.11 50.47 29.19
CA ASN K 128 -6.42 50.34 30.45
C ASN K 128 -5.12 49.53 30.43
N HIS K 129 -4.57 49.33 29.24
CA HIS K 129 -3.27 48.69 29.11
C HIS K 129 -2.47 49.41 28.01
N ASP K 130 -1.16 49.18 27.98
CA ASP K 130 -0.32 49.80 26.96
C ASP K 130 -0.23 48.91 25.71
N ALA K 131 -0.86 49.35 24.63
CA ALA K 131 -0.84 48.54 23.42
C ALA K 131 0.10 49.08 22.38
N SER K 132 1.05 49.91 22.80
CA SER K 132 1.93 50.61 21.85
C SER K 132 3.41 50.39 22.11
N SER K 133 3.77 50.19 23.36
CA SER K 133 5.18 50.01 23.68
C SER K 133 5.55 48.54 23.60
N GLY K 134 4.56 47.68 23.31
CA GLY K 134 4.77 46.25 23.09
C GLY K 134 5.53 45.93 21.80
N VAL K 135 6.84 46.12 21.85
CA VAL K 135 7.66 46.14 20.66
C VAL K 135 9.08 45.68 20.99
N SER K 136 9.77 45.07 20.04
CA SER K 136 11.08 44.49 20.30
C SER K 136 12.08 44.70 19.19
N SER K 137 13.36 44.65 19.54
CA SER K 137 14.45 44.81 18.58
C SER K 137 14.69 43.50 17.83
N ALA K 138 14.06 42.43 18.32
CA ALA K 138 14.09 41.12 17.67
C ALA K 138 13.15 41.10 16.46
N CYS K 139 12.22 42.04 16.42
CA CYS K 139 11.30 42.15 15.30
C CYS K 139 11.45 43.50 14.63
N PRO K 140 12.60 43.76 13.98
CA PRO K 140 12.79 45.08 13.38
C PRO K 140 11.96 45.34 12.12
N TYR K 141 11.34 46.51 12.03
CA TYR K 141 10.75 46.99 10.78
C TYR K 141 11.70 48.00 10.11
N HIS K 142 11.32 49.27 10.14
CA HIS K 142 12.12 50.35 9.60
C HIS K 142 13.50 50.45 10.25
N GLY K 143 14.13 49.32 10.55
CA GLY K 143 15.40 49.34 11.25
C GLY K 143 15.14 49.61 12.73
N ARG K 144 13.92 50.07 13.00
CA ARG K 144 13.44 50.43 14.33
C ARG K 144 12.66 49.25 14.90
N SER K 145 12.72 49.06 16.21
CA SER K 145 12.04 47.96 16.87
C SER K 145 10.53 47.93 16.62
N SER K 146 10.01 46.74 16.34
CA SER K 146 8.60 46.57 16.01
C SER K 146 8.07 45.21 16.49
N PHE K 147 7.01 44.71 15.87
CA PHE K 147 6.40 43.45 16.32
C PHE K 147 5.36 42.85 15.32
N PHE K 148 4.94 41.61 15.56
CA PHE K 148 3.89 40.98 14.77
C PHE K 148 2.66 41.90 14.62
N ARG K 149 2.13 42.01 13.42
CA ARG K 149 1.10 43.00 13.12
C ARG K 149 -0.35 42.59 13.33
N ASN K 150 -0.62 41.32 13.48
CA ASN K 150 -2.02 40.90 13.61
C ASN K 150 -2.32 40.59 15.08
N VAL K 151 -1.31 40.78 15.92
CA VAL K 151 -1.41 40.34 17.30
C VAL K 151 -0.75 41.41 18.19
N VAL K 152 -1.33 41.66 19.37
CA VAL K 152 -0.94 42.83 20.16
C VAL K 152 -0.19 42.45 21.40
N TRP K 153 1.02 42.98 21.56
CA TRP K 153 1.79 42.69 22.75
C TRP K 153 1.40 43.67 23.87
N LEU K 154 0.35 43.32 24.62
CA LEU K 154 -0.20 44.17 25.69
C LEU K 154 0.76 44.32 26.88
N ILE K 155 0.95 45.58 27.31
CA ILE K 155 1.85 45.96 28.42
C ILE K 155 1.13 46.74 29.53
N LYS K 156 1.64 46.64 30.76
CA LYS K 156 1.03 47.33 31.91
C LYS K 156 0.97 48.85 31.69
N LYS K 157 -0.04 49.49 32.27
CA LYS K 157 -0.20 50.93 32.10
C LYS K 157 -0.36 51.57 33.46
N ASN K 158 0.41 52.63 33.70
CA ASN K 158 0.43 53.34 34.97
C ASN K 158 0.73 52.37 36.11
N SER K 159 1.73 51.51 35.88
CA SER K 159 2.13 50.47 36.83
C SER K 159 0.96 49.55 37.24
N ALA K 160 0.02 49.33 36.32
CA ALA K 160 -1.12 48.45 36.58
C ALA K 160 -1.50 47.65 35.33
N TYR K 161 -1.77 46.36 35.53
CA TYR K 161 -2.26 45.46 34.47
C TYR K 161 -3.58 44.86 34.95
N PRO K 162 -4.69 45.60 34.74
CA PRO K 162 -6.01 45.15 35.16
C PRO K 162 -6.38 43.89 34.40
N THR K 163 -7.21 43.05 35.00
CA THR K 163 -7.65 41.83 34.35
C THR K 163 -8.45 42.14 33.07
N ILE K 164 -8.05 41.46 31.99
CA ILE K 164 -8.69 41.60 30.69
C ILE K 164 -9.80 40.56 30.60
N LYS K 165 -10.98 41.02 30.20
CA LYS K 165 -12.13 40.16 29.95
C LYS K 165 -12.77 40.64 28.66
N ARG K 166 -12.32 40.07 27.54
CA ARG K 166 -12.83 40.42 26.22
C ARG K 166 -13.49 39.22 25.59
N SER K 167 -14.47 39.47 24.72
CA SER K 167 -15.22 38.40 24.09
C SER K 167 -15.55 38.70 22.62
N TYR K 168 -15.48 37.69 21.76
CA TYR K 168 -15.90 37.94 20.39
C TYR K 168 -16.79 36.83 19.84
N ASN K 169 -17.93 37.24 19.29
CA ASN K 169 -18.95 36.37 18.72
C ASN K 169 -18.80 36.36 17.20
N ASN K 170 -18.48 35.20 16.62
CA ASN K 170 -18.37 35.12 15.17
C ASN K 170 -19.75 35.28 14.54
N THR K 171 -19.98 36.42 13.92
CA THR K 171 -21.27 36.67 13.33
C THR K 171 -21.22 36.49 11.84
N ASN K 172 -20.02 36.21 11.33
CA ASN K 172 -19.84 36.02 9.90
C ASN K 172 -20.38 34.66 9.51
N GLN K 173 -20.40 34.38 8.21
CA GLN K 173 -20.97 33.11 7.77
C GLN K 173 -19.87 32.10 7.59
N GLU K 174 -18.63 32.54 7.78
CA GLU K 174 -17.48 31.70 7.55
C GLU K 174 -16.83 31.31 8.88
N ASP K 175 -16.03 30.23 8.87
CA ASP K 175 -15.19 29.92 10.00
C ASP K 175 -14.13 31.01 10.09
N LEU K 176 -13.63 31.30 11.28
CA LEU K 176 -12.48 32.20 11.36
C LEU K 176 -11.37 31.66 12.25
N LEU K 177 -10.13 31.85 11.76
CA LEU K 177 -8.92 31.41 12.44
C LEU K 177 -8.46 32.55 13.36
N VAL K 178 -8.42 32.26 14.66
CA VAL K 178 -8.03 33.25 15.62
C VAL K 178 -6.69 32.87 16.22
N LEU K 179 -5.78 33.82 16.23
CA LEU K 179 -4.45 33.61 16.79
C LEU K 179 -4.23 34.47 18.04
N TRP K 180 -3.59 33.90 19.05
CA TRP K 180 -3.13 34.68 20.20
C TRP K 180 -1.90 34.03 20.81
N GLY K 181 -1.36 34.65 21.86
CA GLY K 181 -0.12 34.15 22.42
C GLY K 181 0.12 34.51 23.87
N ILE K 182 1.14 33.89 24.43
CA ILE K 182 1.55 34.18 25.78
C ILE K 182 3.06 34.42 25.72
N HIS K 183 3.56 35.33 26.58
CA HIS K 183 4.99 35.66 26.66
C HIS K 183 5.69 35.02 27.87
N HIS K 184 6.85 34.40 27.63
CA HIS K 184 7.62 33.76 28.69
C HIS K 184 8.89 34.55 29.01
N PRO K 185 8.84 35.33 30.10
CA PRO K 185 9.92 36.26 30.46
C PRO K 185 11.18 35.57 30.97
N ASN K 186 12.27 36.32 31.16
CA ASN K 186 13.55 35.77 31.61
C ASN K 186 13.64 35.53 33.09
N ASP K 187 13.06 36.45 33.87
CA ASP K 187 13.13 36.40 35.33
C ASP K 187 11.91 37.06 35.95
N ALA K 188 11.78 36.92 37.28
CA ALA K 188 10.62 37.47 37.99
C ALA K 188 10.65 38.98 37.90
N ALA K 189 11.85 39.53 37.76
CA ALA K 189 12.06 40.96 37.61
C ALA K 189 11.41 41.46 36.32
N GLU K 190 11.79 40.86 35.19
CA GLU K 190 11.26 41.25 33.88
C GLU K 190 9.75 41.15 33.84
N GLN K 191 9.23 40.10 34.48
CA GLN K 191 7.80 39.90 34.59
C GLN K 191 7.13 41.15 35.15
N THR K 192 7.62 41.61 36.30
CA THR K 192 7.04 42.76 37.00
C THR K 192 7.11 44.03 36.18
N LYS K 193 8.24 44.19 35.49
CA LYS K 193 8.45 45.38 34.68
C LYS K 193 7.43 45.45 33.55
N LEU K 194 7.11 44.31 32.94
CA LEU K 194 6.21 44.34 31.77
C LEU K 194 4.74 44.22 32.17
N TYR K 195 4.40 43.24 33.01
CA TYR K 195 3.03 43.08 33.48
C TYR K 195 3.15 43.15 34.98
N GLN K 196 2.35 43.98 35.63
CA GLN K 196 2.63 44.32 37.03
C GLN K 196 2.56 43.09 37.93
N ASN K 197 1.54 42.28 37.71
CA ASN K 197 1.22 41.16 38.58
C ASN K 197 2.25 40.01 38.49
N PRO K 198 2.62 39.44 39.65
CA PRO K 198 3.71 38.45 39.66
C PRO K 198 3.29 37.09 39.13
N THR K 199 2.04 36.72 39.37
CA THR K 199 1.52 35.44 38.91
C THR K 199 0.31 35.67 38.03
N THR K 200 0.37 35.12 36.82
CA THR K 200 -0.63 35.43 35.80
C THR K 200 -1.15 34.20 35.11
N TYR K 201 -2.21 34.39 34.34
CA TYR K 201 -2.87 33.33 33.60
C TYR K 201 -3.51 33.92 32.35
N ILE K 202 -3.80 33.05 31.38
CA ILE K 202 -4.60 33.43 30.21
C ILE K 202 -5.59 32.33 30.00
N SER K 203 -6.88 32.65 30.03
CA SER K 203 -7.89 31.64 29.86
C SER K 203 -8.64 31.95 28.60
N VAL K 204 -8.88 30.93 27.79
CA VAL K 204 -9.59 31.11 26.53
C VAL K 204 -10.81 30.21 26.55
N GLY K 205 -11.93 30.73 26.10
CA GLY K 205 -13.17 29.97 26.12
C GLY K 205 -13.90 30.04 24.79
N THR K 206 -14.41 28.88 24.39
CA THR K 206 -15.12 28.68 23.13
C THR K 206 -16.14 27.61 23.46
N SER K 207 -17.13 27.39 22.60
CA SER K 207 -18.02 26.25 22.80
C SER K 207 -17.23 24.95 22.93
N THR K 208 -16.12 24.85 22.21
CA THR K 208 -15.37 23.61 22.21
C THR K 208 -14.03 23.76 22.90
N LEU K 209 -13.47 24.97 22.84
CA LEU K 209 -12.12 25.15 23.39
C LEU K 209 -12.18 25.59 24.83
N ASN K 210 -11.28 25.03 25.64
CA ASN K 210 -11.10 25.53 27.00
C ASN K 210 -9.68 25.31 27.45
N GLN K 211 -8.96 26.40 27.61
CA GLN K 211 -7.58 26.33 28.08
C GLN K 211 -7.23 27.43 29.04
N ARG K 212 -6.24 27.17 29.90
CA ARG K 212 -5.73 28.21 30.76
C ARG K 212 -4.24 28.15 30.74
N LEU K 213 -3.61 29.11 30.08
CA LEU K 213 -2.17 29.10 29.91
C LEU K 213 -1.55 29.96 31.02
N VAL K 214 -0.46 29.46 31.58
CA VAL K 214 0.27 30.17 32.60
C VAL K 214 1.72 30.26 32.11
N PRO K 215 2.31 31.47 32.18
CA PRO K 215 3.66 31.73 31.67
C PRO K 215 4.71 30.90 32.40
N GLU K 216 5.63 30.29 31.65
CA GLU K 216 6.69 29.49 32.26
C GLU K 216 8.01 30.26 32.18
N ILE K 217 8.37 30.97 33.26
CA ILE K 217 9.62 31.73 33.31
C ILE K 217 10.86 30.86 33.47
N ALA K 218 11.90 31.14 32.68
CA ALA K 218 13.19 30.45 32.75
C ALA K 218 14.27 31.29 32.09
N THR K 219 15.53 31.01 32.38
CA THR K 219 16.56 31.75 31.68
C THR K 219 17.05 30.89 30.55
N ARG K 220 16.93 31.42 29.35
CA ARG K 220 17.24 30.68 28.14
C ARG K 220 18.27 31.47 27.37
N PRO K 221 19.04 30.81 26.51
CA PRO K 221 20.01 31.49 25.64
C PRO K 221 19.32 32.50 24.74
N LYS K 222 20.07 33.48 24.26
CA LYS K 222 19.49 34.49 23.39
C LYS K 222 19.40 34.03 21.95
N VAL K 223 18.21 34.20 21.38
CA VAL K 223 17.94 33.89 20.00
C VAL K 223 17.38 35.14 19.36
N ASN K 224 18.02 35.61 18.29
CA ASN K 224 17.69 36.91 17.72
C ASN K 224 17.72 37.93 18.86
N GLY K 225 18.71 37.78 19.73
CA GLY K 225 18.93 38.73 20.79
C GLY K 225 18.08 38.55 22.03
N GLN K 226 16.89 37.95 21.88
CA GLN K 226 16.00 37.85 23.01
C GLN K 226 16.21 36.56 23.77
N SER K 227 16.06 36.65 25.08
CA SER K 227 16.25 35.49 25.93
C SER K 227 14.89 35.03 26.44
N GLY K 228 13.87 35.82 26.11
CA GLY K 228 12.51 35.44 26.43
C GLY K 228 12.00 34.58 25.30
N ARG K 229 10.79 34.07 25.45
CA ARG K 229 10.19 33.25 24.41
C ARG K 229 8.71 33.56 24.35
N MET K 230 8.13 33.46 23.16
CA MET K 230 6.69 33.62 23.01
C MET K 230 6.06 32.42 22.35
N GLU K 231 4.93 31.99 22.90
CA GLU K 231 4.23 30.79 22.49
C GLU K 231 2.88 31.17 21.90
N PHE K 232 2.61 30.76 20.66
CA PHE K 232 1.39 31.19 19.99
C PHE K 232 0.38 30.07 19.87
N PHE K 233 -0.90 30.42 19.89
CA PHE K 233 -1.97 29.42 19.83
C PHE K 233 -3.02 29.82 18.82
N TRP K 234 -3.86 28.85 18.44
CA TRP K 234 -4.92 29.14 17.49
C TRP K 234 -6.16 28.28 17.73
N THR K 235 -7.25 28.66 17.10
CA THR K 235 -8.47 27.87 17.14
C THR K 235 -9.29 28.28 15.93
N ILE K 236 -10.28 27.48 15.60
CA ILE K 236 -11.17 27.87 14.52
C ILE K 236 -12.46 28.20 15.23
N LEU K 237 -12.97 29.39 14.99
CA LEU K 237 -14.19 29.81 15.68
C LEU K 237 -15.34 29.61 14.75
N LYS K 238 -16.22 28.67 15.10
CA LYS K 238 -17.38 28.35 14.29
C LYS K 238 -18.37 29.54 14.20
N PRO K 239 -19.09 29.64 13.08
CA PRO K 239 -19.99 30.71 12.63
C PRO K 239 -20.99 31.26 13.62
N ASN K 240 -21.38 30.59 14.68
CA ASN K 240 -22.22 31.32 15.63
C ASN K 240 -21.66 31.21 17.04
N ASP K 241 -20.40 30.85 17.15
CA ASP K 241 -19.78 30.63 18.44
C ASP K 241 -19.08 31.93 18.87
N ALA K 242 -18.57 31.92 20.08
CA ALA K 242 -17.87 33.08 20.61
C ALA K 242 -16.60 32.68 21.34
N ILE K 243 -15.60 33.55 21.31
CA ILE K 243 -14.36 33.28 22.02
C ILE K 243 -14.21 34.27 23.18
N ASN K 244 -13.86 33.74 24.35
CA ASN K 244 -13.74 34.58 25.53
C ASN K 244 -12.33 34.56 26.09
N PHE K 245 -11.64 35.68 26.05
CA PHE K 245 -10.30 35.78 26.61
C PHE K 245 -10.35 36.42 27.98
N GLU K 246 -9.60 35.85 28.93
CA GLU K 246 -9.40 36.52 30.20
C GLU K 246 -7.96 36.36 30.66
N SER K 247 -7.28 37.47 30.86
CA SER K 247 -5.89 37.41 31.28
C SER K 247 -5.54 38.59 32.15
N ASN K 248 -4.56 38.37 33.03
CA ASN K 248 -4.07 39.39 33.95
C ASN K 248 -2.60 39.65 33.72
N GLY K 249 -2.10 39.25 32.56
CA GLY K 249 -0.73 39.50 32.18
C GLY K 249 -0.20 38.53 31.15
N ASN K 250 0.93 38.88 30.54
CA ASN K 250 1.62 38.01 29.59
C ASN K 250 0.79 37.62 28.36
N PHE K 251 -0.33 38.30 28.15
CA PHE K 251 -1.23 38.01 27.05
C PHE K 251 -0.83 38.76 25.79
N ILE K 252 -0.68 38.01 24.70
CA ILE K 252 -0.47 38.60 23.39
C ILE K 252 -1.81 38.54 22.68
N ALA K 253 -2.52 39.64 22.65
CA ALA K 253 -3.94 39.60 22.26
C ALA K 253 -4.15 39.58 20.75
N PRO K 254 -5.26 38.98 20.30
CA PRO K 254 -5.51 39.06 18.86
C PRO K 254 -5.95 40.46 18.47
N GLU K 255 -5.52 40.96 17.32
CA GLU K 255 -6.17 42.13 16.72
C GLU K 255 -6.83 41.67 15.41
N TYR K 256 -6.08 40.99 14.54
CA TYR K 256 -6.62 40.48 13.28
C TYR K 256 -6.79 38.97 13.32
N ALA K 257 -7.93 38.53 12.78
CA ALA K 257 -8.16 37.11 12.59
C ALA K 257 -8.40 36.86 11.10
N TYR K 258 -8.53 35.61 10.70
CA TYR K 258 -8.67 35.30 9.28
C TYR K 258 -9.99 34.60 8.98
N LYS K 259 -10.82 35.24 8.16
CA LYS K 259 -12.04 34.58 7.66
C LYS K 259 -11.66 33.60 6.55
N ILE K 260 -12.09 32.36 6.71
CA ILE K 260 -11.87 31.32 5.70
C ILE K 260 -12.97 31.35 4.66
N VAL K 261 -12.71 32.07 3.57
CA VAL K 261 -13.72 32.36 2.55
C VAL K 261 -13.93 31.19 1.58
N LYS K 262 -12.85 30.73 0.97
CA LYS K 262 -12.97 29.57 0.10
C LYS K 262 -12.15 28.39 0.64
N LYS K 263 -12.84 27.31 0.98
CA LYS K 263 -12.22 26.05 1.32
C LYS K 263 -12.12 25.23 0.04
N GLY K 264 -10.99 24.60 -0.19
CA GLY K 264 -10.83 23.74 -1.34
C GLY K 264 -9.65 22.81 -1.23
N ASP K 265 -9.22 22.30 -2.38
CA ASP K 265 -8.03 21.47 -2.43
C ASP K 265 -6.86 22.34 -2.84
N SER K 266 -5.86 22.37 -1.97
CA SER K 266 -4.70 23.18 -2.21
C SER K 266 -3.52 22.43 -1.61
N ALA K 267 -2.37 23.08 -1.54
CA ALA K 267 -1.22 22.38 -1.00
C ALA K 267 -0.18 23.40 -0.64
N ILE K 268 0.68 23.01 0.31
CA ILE K 268 1.81 23.82 0.71
C ILE K 268 3.01 23.16 0.06
N MET K 269 3.50 23.80 -0.98
CA MET K 269 4.59 23.21 -1.72
C MET K 269 5.90 23.69 -1.15
N LYS K 270 6.76 22.74 -0.79
CA LYS K 270 8.10 23.07 -0.39
C LYS K 270 8.95 23.11 -1.67
N SER K 271 9.36 24.32 -2.02
CA SER K 271 10.24 24.55 -3.17
C SER K 271 11.04 25.83 -2.99
N GLU K 272 12.19 25.89 -3.65
CA GLU K 272 13.07 27.03 -3.53
C GLU K 272 12.93 27.99 -4.69
N LEU K 273 12.03 27.66 -5.60
CA LEU K 273 11.91 28.44 -6.82
C LEU K 273 10.91 29.57 -6.64
N GLU K 274 10.89 30.50 -7.59
CA GLU K 274 9.95 31.58 -7.53
C GLU K 274 9.08 31.67 -8.76
N TYR K 275 8.13 32.60 -8.75
CA TYR K 275 7.13 32.69 -9.80
C TYR K 275 7.72 32.70 -11.20
N GLY K 276 6.94 32.28 -12.19
CA GLY K 276 7.42 32.19 -13.56
C GLY K 276 6.51 32.83 -14.61
N ASN K 277 5.38 33.37 -14.16
CA ASN K 277 4.45 34.15 -15.00
C ASN K 277 3.78 33.28 -16.08
N CYS K 278 3.89 31.97 -15.91
CA CYS K 278 3.27 31.04 -16.83
C CYS K 278 1.98 30.49 -16.23
N ASN K 279 1.32 29.61 -16.97
CA ASN K 279 0.11 28.95 -16.52
C ASN K 279 0.22 27.47 -16.82
N THR K 280 -0.43 26.65 -15.99
CA THR K 280 -0.35 25.21 -16.18
C THR K 280 -1.59 24.50 -15.65
N LYS K 281 -1.68 23.21 -15.96
CA LYS K 281 -2.75 22.35 -15.51
C LYS K 281 -2.19 21.43 -14.45
N CYS K 282 -0.87 21.42 -14.34
CA CYS K 282 -0.17 20.52 -13.43
C CYS K 282 1.12 21.12 -12.94
N GLN K 283 1.27 21.20 -11.61
CA GLN K 283 2.44 21.84 -11.02
C GLN K 283 3.18 20.93 -10.06
N THR K 284 4.50 21.01 -10.08
CA THR K 284 5.38 20.26 -9.18
C THR K 284 6.40 21.23 -8.59
N PRO K 285 7.02 20.87 -7.46
CA PRO K 285 8.05 21.71 -6.83
C PRO K 285 9.30 21.96 -7.70
N MET K 286 9.45 21.22 -8.80
CA MET K 286 10.63 21.35 -9.67
C MET K 286 10.32 22.10 -10.97
N GLY K 287 9.03 22.21 -11.31
CA GLY K 287 8.59 22.85 -12.53
C GLY K 287 7.20 22.37 -12.94
N ALA K 288 6.64 22.95 -14.00
CA ALA K 288 5.28 22.58 -14.43
C ALA K 288 5.28 21.54 -15.53
N ILE K 289 4.14 20.89 -15.71
CA ILE K 289 4.04 19.83 -16.70
C ILE K 289 2.95 20.15 -17.76
N ASN K 290 3.36 20.14 -19.02
CA ASN K 290 2.42 20.25 -20.14
C ASN K 290 2.51 18.95 -20.89
N SER K 291 1.61 18.02 -20.59
CA SER K 291 1.79 16.69 -21.15
C SER K 291 0.48 15.97 -21.36
N SER K 292 0.49 15.02 -22.30
CA SER K 292 -0.70 14.21 -22.56
C SER K 292 -0.38 12.75 -22.24
N MET K 293 0.87 12.50 -21.83
CA MET K 293 1.30 11.20 -21.34
C MET K 293 0.51 10.79 -20.10
N PRO K 294 0.34 9.49 -19.89
CA PRO K 294 -0.35 9.00 -18.71
C PRO K 294 0.58 8.91 -17.52
N PHE K 295 1.89 8.99 -17.73
CA PHE K 295 2.85 8.89 -16.62
C PHE K 295 3.92 9.97 -16.67
N HIS K 296 4.51 10.26 -15.52
CA HIS K 296 5.65 11.17 -15.47
C HIS K 296 6.61 10.74 -14.37
N ASN K 297 7.84 11.23 -14.41
CA ASN K 297 8.83 10.92 -13.37
C ASN K 297 9.51 12.19 -12.78
N ILE K 298 8.80 13.30 -12.81
CA ILE K 298 9.36 14.59 -12.39
C ILE K 298 9.50 14.69 -10.87
N HIS K 299 8.38 14.55 -10.17
CA HIS K 299 8.34 14.62 -8.72
C HIS K 299 6.99 14.02 -8.27
N PRO K 300 6.98 13.25 -7.15
CA PRO K 300 5.76 12.59 -6.65
C PRO K 300 4.68 13.58 -6.20
N LEU K 301 5.12 14.75 -5.76
CA LEU K 301 4.20 15.70 -5.17
C LEU K 301 3.72 16.68 -6.23
N THR K 302 2.49 16.52 -6.71
CA THR K 302 1.97 17.41 -7.73
C THR K 302 0.60 17.91 -7.33
N ILE K 303 0.12 18.92 -8.02
CA ILE K 303 -1.25 19.43 -7.83
C ILE K 303 -1.84 19.79 -9.20
N GLY K 304 -3.12 19.45 -9.39
CA GLY K 304 -3.82 19.67 -10.67
C GLY K 304 -4.08 18.35 -11.38
N GLU K 305 -4.66 18.38 -12.58
CA GLU K 305 -4.79 17.16 -13.39
C GLU K 305 -3.43 16.74 -13.97
N CYS K 306 -2.84 15.71 -13.38
CA CYS K 306 -1.45 15.35 -13.68
C CYS K 306 -1.32 13.90 -14.13
N PRO K 307 -0.24 13.57 -14.85
CA PRO K 307 0.01 12.17 -15.16
C PRO K 307 0.35 11.43 -13.89
N LYS K 308 0.30 10.12 -13.87
CA LYS K 308 0.59 9.40 -12.65
C LYS K 308 2.10 9.28 -12.45
N TYR K 309 2.58 9.69 -11.28
CA TYR K 309 4.00 9.65 -10.99
C TYR K 309 4.52 8.24 -10.78
N VAL K 310 5.73 8.00 -11.28
CA VAL K 310 6.32 6.68 -11.24
C VAL K 310 7.83 6.89 -11.18
N LYS K 311 8.57 5.96 -10.58
CA LYS K 311 10.03 6.14 -10.45
C LYS K 311 10.85 5.61 -11.64
N SER K 312 10.25 5.49 -12.82
CA SER K 312 10.97 4.88 -13.93
C SER K 312 11.76 5.89 -14.75
N ASN K 313 12.87 5.44 -15.29
CA ASN K 313 13.60 6.26 -16.23
C ASN K 313 13.03 6.08 -17.62
N ARG K 314 12.22 5.03 -17.79
CA ARG K 314 11.73 4.69 -19.13
C ARG K 314 10.47 3.83 -19.12
N LEU K 315 9.47 4.27 -19.88
CA LEU K 315 8.24 3.49 -20.07
C LEU K 315 7.84 3.57 -21.52
N VAL K 316 8.13 2.51 -22.26
CA VAL K 316 7.79 2.52 -23.67
C VAL K 316 7.08 1.23 -24.09
N LEU K 317 5.87 1.41 -24.63
CA LEU K 317 5.06 0.32 -25.15
C LEU K 317 5.43 -0.02 -26.58
N ALA K 318 5.52 -1.31 -26.89
CA ALA K 318 5.56 -1.74 -28.28
C ALA K 318 4.15 -1.66 -28.85
N THR K 319 4.01 -1.04 -30.02
CA THR K 319 2.74 -1.05 -30.73
C THR K 319 2.92 -1.76 -32.09
N GLY K 320 4.04 -1.52 -32.75
CA GLY K 320 4.37 -2.19 -33.99
C GLY K 320 4.95 -3.57 -33.79
N LEU K 321 5.66 -4.09 -34.78
CA LEU K 321 6.20 -5.44 -34.64
C LEU K 321 7.70 -5.43 -34.71
N ARG K 322 8.32 -6.58 -34.43
CA ARG K 322 9.77 -6.70 -34.42
C ARG K 322 10.35 -6.32 -35.77
N ASN K 323 11.26 -5.34 -35.75
CA ASN K 323 11.85 -4.84 -36.98
C ASN K 323 13.03 -5.71 -37.40
N THR K 324 13.23 -5.91 -38.69
CA THR K 324 14.35 -6.73 -39.17
C THR K 324 15.51 -5.85 -39.65
N PRO K 325 16.75 -6.24 -39.29
CA PRO K 325 17.98 -5.46 -39.55
C PRO K 325 18.28 -5.27 -41.03
N GLY L 1 9.65 -15.80 -33.02
CA GLY L 1 8.81 -15.49 -31.87
C GLY L 1 8.04 -16.70 -31.38
N LEU L 2 6.97 -16.46 -30.64
CA LEU L 2 6.20 -17.60 -30.14
C LEU L 2 5.61 -18.48 -31.24
N PHE L 3 5.34 -17.90 -32.38
CA PHE L 3 4.54 -18.54 -33.41
C PHE L 3 5.29 -18.88 -34.71
N GLY L 4 6.60 -18.68 -34.70
CA GLY L 4 7.50 -19.13 -35.75
C GLY L 4 7.45 -18.40 -37.08
N ALA L 5 6.57 -17.40 -37.21
CA ALA L 5 6.42 -16.67 -38.48
C ALA L 5 7.37 -15.46 -38.62
N ILE L 6 7.10 -14.39 -37.90
CA ILE L 6 7.99 -13.23 -37.88
C ILE L 6 9.37 -13.65 -37.35
N ALA L 7 10.43 -13.32 -38.10
CA ALA L 7 11.79 -13.80 -37.80
C ALA L 7 11.85 -15.33 -37.71
N GLY L 8 11.05 -15.99 -38.54
CA GLY L 8 10.97 -17.44 -38.58
C GLY L 8 11.00 -17.98 -40.01
N PHE L 9 9.93 -18.65 -40.42
CA PHE L 9 9.90 -19.16 -41.79
C PHE L 9 9.76 -18.02 -42.78
N ILE L 10 9.20 -16.91 -42.30
CA ILE L 10 9.29 -15.66 -43.02
C ILE L 10 10.42 -14.96 -42.30
N GLU L 11 11.62 -15.05 -42.86
CA GLU L 11 12.82 -14.62 -42.15
C GLU L 11 13.00 -13.09 -42.05
N GLY L 12 12.27 -12.33 -42.86
CA GLY L 12 12.38 -10.88 -42.84
C GLY L 12 11.17 -10.05 -43.27
N GLY L 13 11.11 -8.80 -42.83
CA GLY L 13 10.00 -7.95 -43.23
C GLY L 13 10.31 -7.20 -44.52
N TRP L 14 9.28 -6.54 -45.06
CA TRP L 14 9.38 -5.83 -46.33
C TRP L 14 9.35 -4.34 -46.15
N GLN L 15 10.44 -3.67 -46.49
CA GLN L 15 10.45 -2.21 -46.53
C GLN L 15 9.44 -1.77 -47.59
N GLY L 16 9.19 -2.63 -48.56
CA GLY L 16 8.32 -2.26 -49.66
C GLY L 16 6.86 -2.11 -49.26
N MET L 17 6.42 -2.92 -48.30
CA MET L 17 5.03 -2.80 -47.87
C MET L 17 4.90 -1.74 -46.78
N VAL L 18 4.13 -0.71 -47.07
CA VAL L 18 4.12 0.45 -46.20
C VAL L 18 2.73 0.88 -45.73
N ASP L 19 1.70 0.31 -46.36
CA ASP L 19 0.32 0.70 -46.03
C ASP L 19 -0.35 -0.30 -45.07
N GLY L 20 0.46 -1.11 -44.41
CA GLY L 20 -0.08 -2.07 -43.46
C GLY L 20 1.01 -2.86 -42.75
N TRP L 21 0.59 -3.65 -41.77
CA TRP L 21 1.50 -4.44 -40.94
C TRP L 21 1.80 -5.80 -41.58
N TYR L 22 0.75 -6.47 -42.05
CA TYR L 22 0.89 -7.77 -42.67
C TYR L 22 0.28 -7.70 -44.05
N GLY L 23 0.81 -8.50 -44.98
CA GLY L 23 0.23 -8.55 -46.30
C GLY L 23 0.89 -9.53 -47.26
N TYR L 24 0.73 -9.22 -48.54
CA TYR L 24 1.13 -10.13 -49.60
C TYR L 24 2.11 -9.54 -50.60
N HIS L 25 2.95 -10.39 -51.17
CA HIS L 25 3.70 -10.05 -52.38
C HIS L 25 3.40 -11.06 -53.44
N HIS L 26 2.78 -10.62 -54.53
CA HIS L 26 2.50 -11.51 -55.64
C HIS L 26 3.54 -11.33 -56.73
N SER L 27 3.56 -12.28 -57.65
CA SER L 27 4.42 -12.19 -58.83
C SER L 27 3.82 -13.06 -59.92
N ASN L 28 3.12 -12.44 -60.86
CA ASN L 28 2.60 -13.16 -62.01
C ASN L 28 3.13 -12.52 -63.27
N GLU L 29 2.56 -12.87 -64.42
CA GLU L 29 3.04 -12.31 -65.68
C GLU L 29 2.62 -10.87 -65.86
N GLN L 30 1.47 -10.52 -65.32
CA GLN L 30 1.00 -9.15 -65.39
C GLN L 30 1.85 -8.21 -64.54
N GLY L 31 2.72 -8.78 -63.70
CA GLY L 31 3.64 -7.96 -62.94
C GLY L 31 3.58 -8.27 -61.46
N SER L 32 4.52 -7.70 -60.71
CA SER L 32 4.60 -7.95 -59.28
C SER L 32 4.26 -6.69 -58.48
N GLY L 33 4.06 -6.87 -57.18
CA GLY L 33 3.74 -5.75 -56.31
C GLY L 33 3.37 -6.16 -54.90
N TYR L 34 3.53 -5.21 -53.98
CA TYR L 34 3.16 -5.38 -52.58
C TYR L 34 1.75 -4.90 -52.33
N ALA L 35 1.07 -5.55 -51.40
CA ALA L 35 -0.27 -5.14 -51.03
C ALA L 35 -0.52 -5.55 -49.60
N ALA L 36 -1.15 -4.67 -48.83
CA ALA L 36 -1.42 -4.97 -47.45
C ALA L 36 -2.80 -5.63 -47.32
N ASP L 37 -2.90 -6.65 -46.47
CA ASP L 37 -4.19 -7.26 -46.14
C ASP L 37 -4.94 -6.37 -45.14
N LYS L 38 -5.95 -5.63 -45.61
CA LYS L 38 -6.64 -4.64 -44.77
C LYS L 38 -7.32 -5.24 -43.56
N GLU L 39 -7.87 -6.45 -43.72
CA GLU L 39 -8.63 -7.07 -42.65
C GLU L 39 -7.80 -7.41 -41.41
N SER L 40 -6.69 -8.11 -41.62
CA SER L 40 -5.85 -8.54 -40.50
C SER L 40 -5.05 -7.40 -39.87
N THR L 41 -4.73 -6.39 -40.68
CA THR L 41 -4.00 -5.20 -40.23
C THR L 41 -4.88 -4.33 -39.35
N GLN L 42 -6.11 -4.11 -39.78
CA GLN L 42 -7.04 -3.29 -39.03
C GLN L 42 -7.39 -3.95 -37.71
N LYS L 43 -7.60 -5.26 -37.75
CA LYS L 43 -7.92 -6.01 -36.55
C LYS L 43 -6.78 -5.88 -35.53
N ALA L 44 -5.55 -5.90 -36.02
CA ALA L 44 -4.39 -5.80 -35.14
C ALA L 44 -4.30 -4.39 -34.53
N ILE L 45 -4.60 -3.40 -35.37
CA ILE L 45 -4.66 -2.00 -34.95
C ILE L 45 -5.69 -1.84 -33.85
N ASP L 46 -6.83 -2.50 -34.01
CA ASP L 46 -7.89 -2.47 -33.03
C ASP L 46 -7.45 -3.08 -31.69
N GLY L 47 -6.68 -4.15 -31.77
CA GLY L 47 -6.20 -4.87 -30.59
C GLY L 47 -5.14 -4.11 -29.83
N VAL L 48 -4.17 -3.57 -30.56
CA VAL L 48 -3.07 -2.84 -29.93
C VAL L 48 -3.60 -1.52 -29.35
N THR L 49 -4.53 -0.89 -30.06
CA THR L 49 -5.06 0.36 -29.56
C THR L 49 -5.85 0.16 -28.26
N ASN L 50 -6.72 -0.83 -28.26
CA ASN L 50 -7.49 -1.17 -27.06
C ASN L 50 -6.55 -1.57 -25.93
N LYS L 51 -5.47 -2.25 -26.29
CA LYS L 51 -4.48 -2.67 -25.31
C LYS L 51 -3.85 -1.44 -24.68
N VAL L 52 -3.42 -0.49 -25.51
CA VAL L 52 -2.79 0.72 -25.00
C VAL L 52 -3.75 1.48 -24.08
N ASN L 53 -4.99 1.62 -24.53
CA ASN L 53 -6.05 2.27 -23.78
C ASN L 53 -6.40 1.56 -22.46
N SER L 54 -6.35 0.24 -22.47
CA SER L 54 -6.63 -0.55 -21.26
C SER L 54 -5.52 -0.34 -20.21
N ILE L 55 -4.30 -0.22 -20.70
CA ILE L 55 -3.16 -0.07 -19.82
C ILE L 55 -3.20 1.31 -19.17
N ILE L 56 -3.44 2.33 -20.00
CA ILE L 56 -3.58 3.69 -19.51
C ILE L 56 -4.78 3.85 -18.56
N ASP L 57 -5.87 3.15 -18.84
CA ASP L 57 -7.08 3.24 -18.02
C ASP L 57 -6.95 2.56 -16.65
N LYS L 58 -6.38 1.35 -16.61
CA LYS L 58 -6.18 0.65 -15.35
C LYS L 58 -5.23 1.40 -14.39
N MET L 59 -4.53 2.40 -14.92
CA MET L 59 -3.60 3.16 -14.12
C MET L 59 -4.17 4.51 -13.69
N ASN L 60 -5.46 4.71 -13.90
CA ASN L 60 -6.11 5.98 -13.57
C ASN L 60 -6.40 6.10 -12.08
N THR L 61 -6.57 4.96 -11.40
CA THR L 61 -6.79 4.95 -9.97
C THR L 61 -5.49 4.76 -9.18
N GLN L 62 -4.40 5.35 -9.68
CA GLN L 62 -3.10 5.21 -9.03
C GLN L 62 -2.95 6.13 -7.78
N PHE L 63 -1.99 5.81 -6.93
CA PHE L 63 -1.68 6.57 -5.72
C PHE L 63 -1.24 8.00 -6.04
N GLU L 64 -1.68 8.94 -5.20
CA GLU L 64 -1.30 10.36 -5.34
C GLU L 64 -0.71 10.85 -4.03
N ALA L 65 0.58 11.19 -4.07
CA ALA L 65 1.30 11.62 -2.89
C ALA L 65 0.88 13.02 -2.42
N VAL L 66 0.84 13.22 -1.10
CA VAL L 66 0.46 14.52 -0.54
C VAL L 66 1.54 15.05 0.41
N GLY L 67 1.82 16.34 0.33
CA GLY L 67 2.75 16.93 1.27
C GLY L 67 2.22 16.89 2.70
N ARG L 68 3.05 16.38 3.61
CA ARG L 68 2.72 16.40 5.04
C ARG L 68 3.92 16.73 5.89
N GLU L 69 3.71 17.59 6.87
CA GLU L 69 4.82 18.02 7.71
C GLU L 69 4.73 17.47 9.10
N PHE L 70 5.89 17.26 9.69
CA PHE L 70 5.99 16.75 11.05
C PHE L 70 7.09 17.44 11.82
N ASN L 71 6.99 17.48 13.14
CA ASN L 71 8.00 18.16 13.94
C ASN L 71 9.06 17.25 14.53
N ASN L 72 9.95 17.85 15.32
CA ASN L 72 11.15 17.18 15.80
C ASN L 72 10.81 16.02 16.71
N LEU L 73 9.57 16.01 17.23
CA LEU L 73 9.11 14.93 18.11
C LEU L 73 8.06 14.03 17.45
N GLU L 74 8.00 14.11 16.12
CA GLU L 74 7.10 13.28 15.32
C GLU L 74 7.86 12.48 14.25
N ARG L 75 9.10 12.10 14.61
CA ARG L 75 9.97 11.43 13.66
C ARG L 75 9.44 10.04 13.31
N ARG L 76 8.80 9.39 14.26
CA ARG L 76 8.24 8.08 14.03
C ARG L 76 7.14 8.12 12.95
N ILE L 77 6.18 9.03 13.11
CA ILE L 77 5.10 9.07 12.13
C ILE L 77 5.55 9.73 10.83
N GLU L 78 6.59 10.55 10.88
CA GLU L 78 7.14 11.16 9.66
C GLU L 78 7.72 10.04 8.83
N ASN L 79 8.40 9.13 9.53
CA ASN L 79 9.07 8.00 8.94
C ASN L 79 8.03 7.06 8.36
N LEU L 80 7.00 6.76 9.15
CA LEU L 80 5.89 5.94 8.72
C LEU L 80 5.23 6.56 7.49
N ASN L 81 5.07 7.86 7.50
CA ASN L 81 4.44 8.56 6.39
C ASN L 81 5.30 8.43 5.14
N LYS L 82 6.61 8.53 5.30
CA LYS L 82 7.49 8.41 4.13
C LYS L 82 7.52 6.99 3.62
N GLN L 83 7.53 6.02 4.53
CA GLN L 83 7.65 4.63 4.18
C GLN L 83 6.41 4.28 3.36
N MET L 84 5.27 4.81 3.81
CA MET L 84 3.99 4.55 3.18
C MET L 84 3.95 5.13 1.77
N GLU L 85 4.41 6.36 1.61
CA GLU L 85 4.42 6.99 0.29
C GLU L 85 5.39 6.32 -0.67
N ASP L 86 6.61 6.09 -0.22
CA ASP L 86 7.59 5.40 -1.03
C ASP L 86 7.09 3.97 -1.29
N GLY L 87 6.36 3.40 -0.33
CA GLY L 87 5.85 2.07 -0.46
C GLY L 87 4.89 1.91 -1.63
N PHE L 88 3.97 2.84 -1.76
CA PHE L 88 3.02 2.80 -2.85
C PHE L 88 3.68 3.20 -4.18
N LEU L 89 4.58 4.17 -4.15
CA LEU L 89 5.23 4.61 -5.37
C LEU L 89 6.05 3.43 -5.91
N ASP L 90 6.64 2.66 -5.01
CA ASP L 90 7.44 1.52 -5.43
C ASP L 90 6.53 0.44 -6.00
N VAL L 91 5.34 0.30 -5.43
CA VAL L 91 4.37 -0.68 -5.89
C VAL L 91 3.83 -0.34 -7.29
N TRP L 92 3.46 0.90 -7.50
CA TRP L 92 2.89 1.32 -8.77
C TRP L 92 3.91 1.42 -9.90
N THR L 93 5.17 1.63 -9.52
CA THR L 93 6.25 1.65 -10.48
C THR L 93 6.50 0.23 -10.97
N TYR L 94 6.52 -0.73 -10.05
CA TYR L 94 6.59 -2.14 -10.40
C TYR L 94 5.42 -2.45 -11.32
N ASN L 95 4.21 -2.10 -10.89
CA ASN L 95 3.02 -2.37 -11.67
C ASN L 95 3.04 -1.84 -13.11
N ALA L 96 3.60 -0.65 -13.33
CA ALA L 96 3.65 -0.08 -14.66
C ALA L 96 4.79 -0.71 -15.47
N GLU L 97 5.97 -0.80 -14.89
CA GLU L 97 7.12 -1.40 -15.57
C GLU L 97 6.85 -2.85 -15.98
N LEU L 98 6.22 -3.61 -15.10
CA LEU L 98 5.96 -5.00 -15.36
C LEU L 98 4.83 -5.17 -16.37
N LEU L 99 3.77 -4.37 -16.24
CA LEU L 99 2.63 -4.45 -17.15
C LEU L 99 3.11 -4.11 -18.55
N VAL L 100 4.02 -3.13 -18.64
CA VAL L 100 4.55 -2.78 -19.94
C VAL L 100 5.40 -3.90 -20.52
N LEU L 101 6.31 -4.46 -19.72
CA LEU L 101 7.14 -5.57 -20.14
C LEU L 101 6.30 -6.77 -20.63
N MET L 102 5.26 -7.10 -19.86
CA MET L 102 4.43 -8.25 -20.17
C MET L 102 3.61 -8.03 -21.43
N GLU L 103 3.01 -6.85 -21.57
CA GLU L 103 2.17 -6.62 -22.75
C GLU L 103 2.99 -6.35 -24.02
N ASN L 104 4.23 -5.92 -23.84
CA ASN L 104 5.13 -5.76 -24.97
C ASN L 104 5.42 -7.12 -25.57
N GLU L 105 5.71 -8.07 -24.70
CA GLU L 105 5.96 -9.42 -25.12
C GLU L 105 4.74 -9.96 -25.85
N ARG L 106 3.56 -9.73 -25.29
CA ARG L 106 2.34 -10.26 -25.91
C ARG L 106 2.03 -9.57 -27.22
N THR L 107 2.40 -8.30 -27.32
CA THR L 107 2.14 -7.56 -28.54
C THR L 107 2.97 -8.12 -29.67
N LEU L 108 4.23 -8.37 -29.38
CA LEU L 108 5.15 -8.92 -30.33
C LEU L 108 4.67 -10.31 -30.78
N ASP L 109 4.19 -11.13 -29.85
CA ASP L 109 3.69 -12.46 -30.18
C ASP L 109 2.36 -12.39 -30.96
N PHE L 110 1.58 -11.35 -30.66
CA PHE L 110 0.31 -11.12 -31.30
C PHE L 110 0.50 -10.86 -32.80
N HIS L 111 1.50 -10.05 -33.13
CA HIS L 111 1.77 -9.77 -34.52
C HIS L 111 2.20 -11.09 -35.15
N ASP L 112 3.10 -11.81 -34.46
CA ASP L 112 3.63 -13.09 -34.94
C ASP L 112 2.47 -14.04 -35.24
N SER L 113 1.51 -14.11 -34.34
CA SER L 113 0.38 -14.99 -34.53
C SER L 113 -0.48 -14.53 -35.69
N ASN L 114 -0.61 -13.23 -35.85
CA ASN L 114 -1.48 -12.73 -36.90
C ASN L 114 -0.91 -13.08 -38.30
N VAL L 115 0.41 -13.00 -38.44
CA VAL L 115 1.07 -13.31 -39.69
C VAL L 115 0.90 -14.78 -39.98
N LYS L 116 1.20 -15.59 -38.96
CA LYS L 116 1.13 -17.04 -39.06
C LYS L 116 -0.26 -17.47 -39.47
N ASN L 117 -1.27 -16.78 -38.95
CA ASN L 117 -2.67 -17.05 -39.28
C ASN L 117 -3.02 -16.62 -40.69
N LEU L 118 -2.43 -15.52 -41.12
CA LEU L 118 -2.70 -14.99 -42.43
C LEU L 118 -2.11 -15.96 -43.47
N TYR L 119 -0.92 -16.47 -43.14
CA TYR L 119 -0.25 -17.45 -43.99
C TYR L 119 -1.13 -18.67 -44.11
N ASP L 120 -1.67 -19.13 -42.99
CA ASP L 120 -2.53 -20.31 -43.01
C ASP L 120 -3.86 -20.02 -43.74
N LYS L 121 -4.31 -18.77 -43.69
CA LYS L 121 -5.56 -18.39 -44.35
C LYS L 121 -5.52 -18.69 -45.84
N VAL L 122 -4.42 -18.31 -46.49
CA VAL L 122 -4.27 -18.55 -47.92
C VAL L 122 -3.94 -20.03 -48.14
N ARG L 123 -3.02 -20.57 -47.34
CA ARG L 123 -2.64 -21.97 -47.42
C ARG L 123 -3.83 -22.94 -47.36
N LEU L 124 -4.77 -22.74 -46.44
CA LEU L 124 -5.90 -23.66 -46.26
C LEU L 124 -6.92 -23.54 -47.40
N GLN L 125 -6.84 -22.46 -48.15
CA GLN L 125 -7.67 -22.27 -49.33
C GLN L 125 -7.07 -22.98 -50.54
N LEU L 126 -5.78 -22.80 -50.72
CA LEU L 126 -5.10 -23.30 -51.91
C LEU L 126 -4.95 -24.82 -51.94
N ARG L 127 -4.64 -25.42 -50.80
CA ARG L 127 -4.44 -26.86 -50.69
C ARG L 127 -3.43 -27.35 -51.75
N ASP L 128 -3.78 -28.41 -52.48
CA ASP L 128 -2.85 -28.97 -53.45
C ASP L 128 -2.80 -28.19 -54.77
N ASN L 129 -3.58 -27.11 -54.86
CA ASN L 129 -3.55 -26.24 -56.02
C ASN L 129 -2.30 -25.35 -56.03
N ALA L 130 -1.46 -25.50 -55.01
CA ALA L 130 -0.23 -24.71 -54.92
C ALA L 130 0.81 -25.43 -54.07
N LYS L 131 2.06 -24.99 -54.21
CA LYS L 131 3.21 -25.60 -53.53
C LYS L 131 3.77 -24.66 -52.43
N GLU L 132 3.97 -25.20 -51.21
CA GLU L 132 4.57 -24.42 -50.10
C GLU L 132 6.10 -24.35 -50.29
N LEU L 133 6.64 -23.18 -50.61
CA LEU L 133 8.10 -23.06 -50.81
C LEU L 133 8.86 -23.19 -49.48
N GLY L 134 8.18 -22.86 -48.39
CA GLY L 134 8.69 -23.00 -47.04
C GLY L 134 9.33 -21.73 -46.51
N ASN L 135 9.09 -20.62 -47.21
CA ASN L 135 9.72 -19.35 -46.86
C ASN L 135 8.69 -18.22 -46.80
N GLY L 136 7.42 -18.61 -46.74
CA GLY L 136 6.33 -17.66 -46.67
C GLY L 136 5.67 -17.46 -48.02
N CYS L 137 6.24 -18.08 -49.05
CA CYS L 137 5.71 -17.94 -50.40
C CYS L 137 5.04 -19.21 -50.91
N PHE L 138 4.04 -19.06 -51.76
CA PHE L 138 3.42 -20.20 -52.40
C PHE L 138 3.63 -20.14 -53.91
N GLU L 139 4.24 -21.18 -54.49
CA GLU L 139 4.37 -21.28 -55.94
C GLU L 139 3.16 -22.04 -56.49
N PHE L 140 2.40 -21.38 -57.38
CA PHE L 140 1.13 -21.93 -57.89
C PHE L 140 1.31 -23.09 -58.89
N TYR L 141 0.41 -24.08 -58.81
CA TYR L 141 0.38 -25.18 -59.78
C TYR L 141 -0.55 -24.88 -60.96
N HIS L 142 -0.96 -23.62 -61.07
CA HIS L 142 -1.81 -23.20 -62.18
C HIS L 142 -1.58 -21.73 -62.51
N LYS L 143 -2.44 -21.20 -63.36
CA LYS L 143 -2.33 -19.82 -63.81
C LYS L 143 -3.12 -18.92 -62.86
N CYS L 144 -2.47 -17.93 -62.27
CA CYS L 144 -3.17 -17.00 -61.38
C CYS L 144 -3.01 -15.55 -61.82
N ASP L 145 -4.02 -15.05 -62.53
CA ASP L 145 -4.04 -13.66 -62.98
C ASP L 145 -4.34 -12.73 -61.81
N ASN L 146 -4.30 -11.43 -62.06
CA ASN L 146 -4.59 -10.41 -61.05
C ASN L 146 -5.93 -10.64 -60.35
N GLU L 147 -6.92 -11.09 -61.10
CA GLU L 147 -8.24 -11.32 -60.53
C GLU L 147 -8.24 -12.54 -59.60
N CYS L 148 -7.44 -13.53 -59.95
CA CYS L 148 -7.30 -14.73 -59.13
C CYS L 148 -6.67 -14.38 -57.81
N MET L 149 -5.62 -13.57 -57.85
CA MET L 149 -4.93 -13.10 -56.65
C MET L 149 -5.92 -12.44 -55.69
N GLU L 150 -6.77 -11.56 -56.20
CA GLU L 150 -7.72 -10.82 -55.37
C GLU L 150 -8.69 -11.74 -54.65
N SER L 151 -8.92 -12.90 -55.25
CA SER L 151 -9.83 -13.87 -54.69
C SER L 151 -9.26 -14.53 -53.45
N VAL L 152 -7.95 -14.74 -53.45
CA VAL L 152 -7.28 -15.36 -52.31
C VAL L 152 -7.14 -14.38 -51.16
N LYS L 153 -6.84 -13.12 -51.50
CA LYS L 153 -6.59 -12.08 -50.52
C LYS L 153 -7.87 -11.78 -49.75
N ASN L 154 -9.01 -11.98 -50.43
CA ASN L 154 -10.33 -11.77 -49.82
C ASN L 154 -11.08 -13.03 -49.40
N GLY L 155 -10.37 -14.14 -49.28
CA GLY L 155 -10.90 -15.37 -48.72
C GLY L 155 -12.01 -16.00 -49.55
N THR L 156 -12.01 -15.76 -50.86
CA THR L 156 -13.05 -16.29 -51.73
C THR L 156 -12.42 -17.12 -52.87
N TYR L 157 -11.22 -17.65 -52.62
CA TYR L 157 -10.52 -18.47 -53.59
C TYR L 157 -11.36 -19.67 -54.01
N ASP L 158 -11.50 -19.89 -55.31
CA ASP L 158 -12.31 -21.00 -55.79
C ASP L 158 -11.47 -22.25 -56.08
N TYR L 159 -11.30 -23.08 -55.04
CA TYR L 159 -10.50 -24.29 -55.17
C TYR L 159 -10.92 -25.14 -56.37
N PRO L 160 -12.23 -25.49 -56.50
CA PRO L 160 -12.66 -26.35 -57.61
C PRO L 160 -12.55 -25.72 -59.01
N GLN L 161 -12.62 -24.40 -59.11
CA GLN L 161 -12.53 -23.72 -60.40
C GLN L 161 -11.22 -24.06 -61.12
N TYR L 162 -10.16 -24.20 -60.33
CA TYR L 162 -8.83 -24.45 -60.85
C TYR L 162 -8.36 -25.87 -60.48
N SER L 163 -9.21 -26.61 -59.77
CA SER L 163 -8.86 -27.92 -59.23
C SER L 163 -8.36 -28.87 -60.31
N GLU L 164 -9.08 -28.91 -61.42
CA GLU L 164 -8.71 -29.82 -62.48
C GLU L 164 -7.40 -29.37 -63.11
N GLU L 165 -7.26 -28.08 -63.37
CA GLU L 165 -6.05 -27.58 -63.99
C GLU L 165 -4.81 -27.78 -63.11
N ALA L 166 -4.99 -27.78 -61.79
CA ALA L 166 -3.89 -27.99 -60.88
C ALA L 166 -3.43 -29.44 -60.90
N ARG L 167 -4.39 -30.36 -60.82
CA ARG L 167 -4.14 -31.81 -60.83
C ARG L 167 -3.34 -32.22 -62.08
N LEU L 168 -3.71 -31.63 -63.21
CA LEU L 168 -3.02 -31.92 -64.45
C LEU L 168 -1.56 -31.47 -64.35
N ASN L 169 -1.33 -30.29 -63.77
CA ASN L 169 0.05 -29.80 -63.68
C ASN L 169 0.92 -30.50 -62.64
N ARG L 170 0.29 -31.07 -61.61
CA ARG L 170 1.04 -31.74 -60.55
C ARG L 170 1.63 -33.03 -61.09
N GLU L 171 0.84 -33.73 -61.90
CA GLU L 171 1.23 -35.07 -62.31
C GLU L 171 2.35 -35.00 -63.35
N GLU L 172 2.51 -33.85 -63.98
CA GLU L 172 3.56 -33.68 -64.98
C GLU L 172 4.93 -33.40 -64.36
N ILE L 173 4.95 -32.82 -63.18
CA ILE L 173 6.22 -32.60 -62.50
C ILE L 173 6.51 -33.74 -61.52
N PRO M 3 74.99 -26.88 -56.93
CA PRO M 3 74.32 -26.52 -58.17
C PRO M 3 72.87 -26.13 -57.90
N GLY M 4 72.32 -26.71 -56.83
CA GLY M 4 70.89 -26.65 -56.52
C GLY M 4 70.38 -25.43 -55.73
N ASP M 5 69.07 -25.22 -55.79
CA ASP M 5 68.46 -24.17 -55.00
C ASP M 5 68.61 -24.48 -53.52
N GLN M 6 68.94 -23.45 -52.74
CA GLN M 6 69.04 -23.63 -51.30
C GLN M 6 68.62 -22.40 -50.50
N ILE M 7 68.15 -22.65 -49.28
CA ILE M 7 67.77 -21.60 -48.34
C ILE M 7 68.55 -21.76 -47.02
N CYS M 8 69.00 -20.62 -46.47
CA CYS M 8 69.83 -20.63 -45.26
C CYS M 8 69.25 -19.84 -44.09
N ILE M 9 69.43 -20.34 -42.89
CA ILE M 9 68.98 -19.59 -41.73
C ILE M 9 70.18 -18.93 -41.06
N GLY M 10 70.03 -17.67 -40.69
CA GLY M 10 71.14 -16.96 -40.10
C GLY M 10 70.66 -15.84 -39.21
N TYR M 11 71.64 -15.11 -38.67
CA TYR M 11 71.37 -14.06 -37.71
C TYR M 11 72.20 -12.83 -38.01
N HIS M 12 71.79 -11.71 -37.42
CA HIS M 12 72.39 -10.40 -37.66
C HIS M 12 73.85 -10.33 -37.20
N ALA M 13 74.60 -9.43 -37.81
CA ALA M 13 75.95 -9.12 -37.37
C ALA M 13 76.23 -7.69 -37.81
N ASN M 14 77.11 -7.00 -37.10
CA ASN M 14 77.40 -5.62 -37.46
C ASN M 14 78.78 -5.14 -37.03
N ASN M 15 79.00 -3.85 -37.20
CA ASN M 15 80.29 -3.23 -36.93
C ASN M 15 80.44 -2.83 -35.47
N SER M 16 79.62 -3.40 -34.60
CA SER M 16 79.62 -3.05 -33.19
C SER M 16 80.87 -3.50 -32.46
N THR M 17 81.28 -2.69 -31.49
CA THR M 17 82.47 -2.96 -30.69
C THR M 17 82.09 -3.05 -29.23
N GLU M 18 80.81 -2.81 -28.94
CA GLU M 18 80.32 -2.84 -27.57
C GLU M 18 80.49 -4.19 -26.93
N GLN M 19 81.05 -4.21 -25.72
CA GLN M 19 81.32 -5.46 -25.00
C GLN M 19 80.41 -5.61 -23.78
N VAL M 20 80.24 -6.83 -23.30
CA VAL M 20 79.28 -7.12 -22.24
C VAL M 20 79.89 -8.26 -21.43
N ASP M 21 79.55 -8.37 -20.14
CA ASP M 21 80.12 -9.41 -19.30
C ASP M 21 79.03 -10.40 -18.88
N THR M 22 79.39 -11.65 -18.58
CA THR M 22 78.42 -12.64 -18.07
C THR M 22 79.10 -13.42 -16.96
N ILE M 23 78.40 -14.41 -16.41
CA ILE M 23 79.01 -15.23 -15.37
C ILE M 23 80.20 -16.06 -15.87
N MET M 24 80.03 -16.71 -17.03
CA MET M 24 81.04 -17.64 -17.56
C MET M 24 82.02 -16.95 -18.48
N GLU M 25 81.62 -15.82 -19.03
CA GLU M 25 82.45 -15.20 -20.04
C GLU M 25 82.48 -13.68 -19.89
N LYS M 26 83.66 -13.09 -20.05
CA LYS M 26 83.84 -11.64 -19.93
C LYS M 26 84.22 -11.05 -21.28
N ASN M 27 83.94 -9.75 -21.45
CA ASN M 27 84.27 -9.03 -22.68
C ASN M 27 83.73 -9.72 -23.93
N VAL M 28 82.42 -9.91 -23.99
CA VAL M 28 81.78 -10.55 -25.13
C VAL M 28 81.24 -9.47 -26.06
N THR M 29 81.82 -9.36 -27.25
CA THR M 29 81.38 -8.37 -28.23
C THR M 29 79.96 -8.69 -28.70
N VAL M 30 79.12 -7.68 -28.85
CA VAL M 30 77.68 -7.90 -29.02
C VAL M 30 77.12 -6.91 -30.06
N THR M 31 75.99 -7.22 -30.68
CA THR M 31 75.45 -6.38 -31.77
C THR M 31 74.74 -5.13 -31.27
N HIS M 32 74.07 -5.25 -30.14
CA HIS M 32 73.28 -4.17 -29.55
C HIS M 32 73.34 -4.29 -28.03
N ALA M 33 73.58 -3.17 -27.36
CA ALA M 33 73.66 -3.18 -25.91
C ALA M 33 73.02 -1.94 -25.30
N GLN M 34 72.60 -2.03 -24.04
CA GLN M 34 72.07 -0.86 -23.37
C GLN M 34 72.85 -0.51 -22.10
N ASP M 35 73.40 0.70 -22.06
CA ASP M 35 74.05 1.17 -20.84
C ASP M 35 72.97 1.63 -19.88
N ILE M 36 73.08 1.25 -18.62
CA ILE M 36 72.09 1.67 -17.64
C ILE M 36 72.73 2.42 -16.44
N LEU M 37 73.96 2.87 -16.60
CA LEU M 37 74.66 3.54 -15.51
C LEU M 37 75.11 4.95 -15.91
N GLU M 38 74.58 5.95 -15.22
CA GLU M 38 74.97 7.34 -15.44
C GLU M 38 76.26 7.64 -14.65
N LYS M 39 77.25 8.24 -15.32
CA LYS M 39 78.55 8.46 -14.69
C LYS M 39 78.99 9.90 -14.75
N THR M 40 78.09 10.81 -15.14
CA THR M 40 78.45 12.22 -15.33
C THR M 40 77.47 13.18 -14.65
N HIS M 41 78.03 14.27 -14.16
CA HIS M 41 77.27 15.33 -13.51
C HIS M 41 77.88 16.67 -13.91
N ASN M 42 77.15 17.76 -13.70
CA ASN M 42 77.63 19.06 -14.13
C ASN M 42 78.59 19.75 -13.16
N GLY M 43 78.88 19.06 -12.06
CA GLY M 43 79.82 19.51 -11.04
C GLY M 43 79.42 20.79 -10.35
N LYS M 44 78.12 21.14 -10.41
CA LYS M 44 77.61 22.42 -9.88
C LYS M 44 76.30 22.26 -9.08
N LEU M 45 76.07 23.13 -8.09
CA LEU M 45 74.82 23.10 -7.29
C LEU M 45 73.67 23.91 -7.86
N CYS M 46 72.48 23.30 -7.89
CA CYS M 46 71.36 23.86 -8.64
C CYS M 46 70.03 23.93 -7.90
N ASP M 47 69.06 24.64 -8.49
CA ASP M 47 67.70 24.68 -7.98
C ASP M 47 67.04 23.32 -8.12
N LEU M 48 66.10 23.02 -7.23
CA LEU M 48 65.35 21.78 -7.32
C LEU M 48 63.89 22.02 -7.68
N ASN M 49 63.56 21.84 -8.96
CA ASN M 49 62.22 22.09 -9.46
C ASN M 49 61.80 23.52 -9.16
N GLY M 50 62.67 24.47 -9.52
CA GLY M 50 62.34 25.88 -9.37
C GLY M 50 62.39 26.35 -7.93
N VAL M 51 63.03 25.55 -7.08
CA VAL M 51 63.23 25.91 -5.69
C VAL M 51 64.73 25.98 -5.36
N LYS M 52 65.18 27.18 -5.08
CA LYS M 52 66.59 27.50 -4.83
C LYS M 52 67.12 26.80 -3.58
N PRO M 53 68.40 26.34 -3.60
CA PRO M 53 69.00 25.79 -2.37
C PRO M 53 69.53 26.89 -1.47
N LEU M 54 69.66 26.60 -0.18
CA LEU M 54 70.26 27.50 0.79
C LEU M 54 71.75 27.20 0.94
N ILE M 55 72.61 28.00 0.33
CA ILE M 55 74.06 27.77 0.49
C ILE M 55 74.66 28.66 1.57
N LEU M 56 75.13 28.02 2.63
CA LEU M 56 75.62 28.71 3.82
C LEU M 56 77.00 29.32 3.66
N ARG M 57 77.61 29.11 2.49
CA ARG M 57 78.97 29.55 2.24
C ARG M 57 79.90 29.16 3.38
N ASP M 58 80.43 30.16 4.06
CA ASP M 58 81.44 29.96 5.08
C ASP M 58 80.87 29.94 6.49
N CYS M 59 79.54 29.99 6.59
CA CYS M 59 78.80 29.89 7.85
C CYS M 59 78.31 28.48 8.16
N SER M 60 78.21 28.18 9.45
CA SER M 60 77.65 26.91 9.88
C SER M 60 76.18 27.12 10.22
N VAL M 61 75.48 26.02 10.45
CA VAL M 61 74.09 26.05 10.86
C VAL M 61 73.93 26.82 12.17
N ALA M 62 74.82 26.56 13.12
CA ALA M 62 74.82 27.25 14.42
C ALA M 62 74.92 28.75 14.26
N GLY M 63 75.93 29.18 13.50
CA GLY M 63 76.16 30.59 13.27
C GLY M 63 74.93 31.23 12.67
N TRP M 64 74.29 30.54 11.74
CA TRP M 64 73.11 31.07 11.06
C TRP M 64 71.95 31.28 12.03
N LEU M 65 71.57 30.23 12.74
CA LEU M 65 70.38 30.33 13.57
C LEU M 65 70.65 31.27 14.75
N LEU M 66 71.85 31.20 15.31
CA LEU M 66 72.16 32.07 16.43
C LEU M 66 72.38 33.51 15.96
N GLY M 67 72.82 33.66 14.72
CA GLY M 67 73.01 34.96 14.14
C GLY M 67 74.41 35.51 14.38
N ASN M 68 75.43 34.68 14.17
CA ASN M 68 76.81 35.14 14.19
C ASN M 68 76.91 36.29 13.20
N PRO M 69 77.49 37.41 13.64
CA PRO M 69 77.54 38.68 12.89
C PRO M 69 78.14 38.62 11.47
N MET M 70 79.11 37.76 11.21
CA MET M 70 79.65 37.70 9.84
C MET M 70 78.75 36.87 8.90
N CYS M 71 77.61 36.42 9.42
CA CYS M 71 76.68 35.61 8.62
C CYS M 71 75.43 36.42 8.32
N ASP M 72 75.62 37.72 8.07
CA ASP M 72 74.48 38.64 7.96
C ASP M 72 73.61 38.36 6.76
N GLU M 73 74.16 37.62 5.80
CA GLU M 73 73.41 37.31 4.60
C GLU M 73 72.12 36.54 4.89
N PHE M 74 72.11 35.78 5.98
CA PHE M 74 71.01 34.86 6.22
C PHE M 74 70.10 35.32 7.34
N ILE M 75 70.05 36.63 7.58
CA ILE M 75 69.20 37.19 8.62
C ILE M 75 67.71 36.93 8.36
N ASN M 76 67.33 36.88 7.09
CA ASN M 76 65.95 36.57 6.69
C ASN M 76 65.91 35.77 5.40
N VAL M 77 66.03 34.45 5.54
CA VAL M 77 66.15 33.53 4.40
C VAL M 77 64.80 33.06 3.87
N PRO M 78 64.64 33.01 2.53
CA PRO M 78 63.38 32.52 1.95
C PRO M 78 63.29 31.00 1.86
N GLU M 79 62.16 30.50 1.36
CA GLU M 79 61.95 29.05 1.23
C GLU M 79 63.11 28.42 0.46
N TRP M 80 63.52 27.24 0.89
CA TRP M 80 64.59 26.52 0.24
C TRP M 80 64.23 25.07 -0.13
N SER M 81 65.04 24.49 -1.02
CA SER M 81 64.93 23.08 -1.37
C SER M 81 65.82 22.27 -0.44
N TYR M 82 67.12 22.51 -0.53
CA TYR M 82 68.07 21.86 0.38
C TYR M 82 69.03 22.90 0.94
N ILE M 83 69.83 22.46 1.89
CA ILE M 83 70.79 23.32 2.58
C ILE M 83 72.21 22.76 2.39
N VAL M 84 73.16 23.66 2.13
CA VAL M 84 74.55 23.26 1.97
C VAL M 84 75.45 23.84 3.05
N GLU M 85 76.22 22.98 3.71
CA GLU M 85 77.15 23.41 4.74
C GLU M 85 78.50 22.82 4.37
N LYS M 86 79.55 23.61 4.51
CA LYS M 86 80.93 23.16 4.24
C LYS M 86 81.41 22.22 5.33
N ALA M 87 82.56 21.60 5.09
CA ALA M 87 83.08 20.57 5.99
C ALA M 87 83.43 21.14 7.35
N SER M 88 84.25 22.18 7.36
CA SER M 88 84.60 22.83 8.62
C SER M 88 84.50 24.34 8.45
N PRO M 89 83.26 24.88 8.45
CA PRO M 89 83.06 26.31 8.25
C PRO M 89 83.76 27.10 9.32
N ALA M 90 84.35 28.23 8.95
CA ALA M 90 85.15 29.02 9.87
C ALA M 90 84.26 29.72 10.89
N ASN M 91 83.13 30.26 10.42
CA ASN M 91 82.21 31.02 11.27
C ASN M 91 81.19 30.16 11.99
N ASP M 92 81.57 29.61 13.13
CA ASP M 92 80.67 28.81 13.94
C ASP M 92 80.28 29.64 15.14
N LEU M 93 80.70 29.18 16.31
CA LEU M 93 80.51 29.94 17.54
C LEU M 93 81.67 30.91 17.66
N CYS M 94 81.42 32.19 17.35
CA CYS M 94 82.46 33.20 17.43
C CYS M 94 82.97 33.22 18.87
N TYR M 95 82.04 33.26 19.83
CA TYR M 95 82.37 33.03 21.23
C TYR M 95 82.35 31.53 21.45
N PRO M 96 83.45 30.98 21.98
CA PRO M 96 83.63 29.52 22.14
C PRO M 96 82.60 28.91 23.09
N GLY M 97 82.24 27.66 22.84
CA GLY M 97 81.27 26.98 23.67
C GLY M 97 80.70 25.73 23.01
N ASP M 98 79.47 25.39 23.37
CA ASP M 98 78.82 24.17 22.89
C ASP M 98 77.41 24.48 22.39
N PHE M 99 76.90 23.60 21.53
CA PHE M 99 75.53 23.68 21.07
C PHE M 99 74.82 22.38 21.39
N ASN M 100 73.94 22.43 22.39
CA ASN M 100 73.23 21.26 22.87
C ASN M 100 72.33 20.62 21.80
N ASP M 101 72.37 19.28 21.73
CA ASP M 101 71.56 18.52 20.78
C ASP M 101 71.66 19.10 19.38
N TYR M 102 72.88 19.45 18.97
CA TYR M 102 73.11 20.18 17.73
C TYR M 102 72.62 19.36 16.56
N GLU M 103 73.02 18.09 16.56
CA GLU M 103 72.68 17.17 15.51
C GLU M 103 71.18 16.96 15.43
N GLU M 104 70.53 16.86 16.60
CA GLU M 104 69.09 16.66 16.63
C GLU M 104 68.40 17.85 15.98
N LEU M 105 69.03 19.01 16.08
CA LEU M 105 68.49 20.23 15.47
C LEU M 105 68.79 20.26 13.98
N LYS M 106 70.02 19.88 13.61
CA LYS M 106 70.41 19.80 12.21
C LYS M 106 69.47 18.83 11.50
N HIS M 107 69.09 17.77 12.21
CA HIS M 107 68.15 16.79 11.66
C HIS M 107 66.78 17.43 11.47
N LEU M 108 66.33 18.17 12.50
CA LEU M 108 65.03 18.83 12.48
C LEU M 108 65.00 19.83 11.34
N LEU M 109 66.14 20.45 11.07
CA LEU M 109 66.25 21.42 9.98
C LEU M 109 65.98 20.73 8.66
N SER M 110 66.56 19.55 8.47
CA SER M 110 66.43 18.81 7.22
C SER M 110 65.00 18.39 6.93
N ARG M 111 64.12 18.56 7.90
CA ARG M 111 62.72 18.28 7.71
C ARG M 111 61.92 19.56 7.52
N THR M 112 62.59 20.64 7.14
CA THR M 112 61.92 21.94 7.07
C THR M 112 62.39 22.72 5.84
N ASN M 113 61.47 23.44 5.23
CA ASN M 113 61.77 24.20 4.01
C ASN M 113 61.77 25.69 4.24
N HIS M 114 61.09 26.14 5.29
CA HIS M 114 60.92 27.57 5.50
C HIS M 114 60.95 28.04 6.95
N PHE M 115 61.88 28.94 7.25
CA PHE M 115 61.93 29.66 8.51
C PHE M 115 61.52 31.12 8.32
N GLU M 116 60.59 31.58 9.13
CA GLU M 116 60.29 33.00 9.17
C GLU M 116 60.74 33.52 10.53
N LYS M 117 61.77 34.37 10.54
CA LYS M 117 62.32 34.86 11.80
C LYS M 117 61.36 35.87 12.46
N ILE M 118 61.17 35.73 13.77
CA ILE M 118 60.26 36.60 14.49
C ILE M 118 60.85 37.12 15.79
N GLN M 119 60.59 38.40 16.08
CA GLN M 119 61.08 38.99 17.33
C GLN M 119 60.18 38.55 18.48
N ILE M 120 60.78 37.83 19.42
CA ILE M 120 60.02 37.19 20.48
C ILE M 120 60.10 37.92 21.83
N ILE M 121 61.26 38.50 22.15
CA ILE M 121 61.34 39.38 23.31
C ILE M 121 62.16 40.59 22.82
N PRO M 122 61.47 41.72 22.63
CA PRO M 122 62.25 42.86 22.11
C PRO M 122 63.39 43.23 23.07
N LYS M 123 64.58 43.48 22.55
CA LYS M 123 65.76 43.80 23.35
C LYS M 123 65.49 45.05 24.24
N SER M 124 64.58 45.90 23.77
CA SER M 124 64.23 47.12 24.47
C SER M 124 63.54 46.83 25.82
N SER M 125 62.95 45.65 25.96
CA SER M 125 62.13 45.32 27.13
C SER M 125 62.90 44.91 28.38
N TRP M 126 64.23 45.01 28.35
CA TRP M 126 65.03 44.68 29.53
C TRP M 126 65.28 45.90 30.38
N SER M 127 64.30 46.23 31.21
CA SER M 127 64.34 47.47 31.98
C SER M 127 65.39 47.42 33.07
N ASN M 128 65.51 46.26 33.70
CA ASN M 128 66.36 46.12 34.87
C ASN M 128 67.65 45.36 34.67
N HIS M 129 68.03 45.14 33.41
CA HIS M 129 69.33 44.53 33.14
C HIS M 129 69.98 45.24 31.97
N ASP M 130 71.28 45.07 31.81
CA ASP M 130 72.00 45.70 30.71
C ASP M 130 72.03 44.78 29.49
N ALA M 131 71.29 45.17 28.46
CA ALA M 131 71.17 44.39 27.25
C ALA M 131 71.99 45.01 26.12
N SER M 132 72.98 45.82 26.48
CA SER M 132 73.71 46.57 25.48
C SER M 132 75.20 46.38 25.55
N SER M 133 75.73 46.16 26.75
CA SER M 133 77.18 45.99 26.93
C SER M 133 77.61 44.53 26.88
N GLY M 134 76.63 43.62 26.76
CA GLY M 134 76.88 42.20 26.58
C GLY M 134 77.46 41.86 25.22
N VAL M 135 78.75 42.13 25.05
CA VAL M 135 79.42 42.12 23.77
C VAL M 135 80.87 41.75 23.99
N SER M 136 81.49 41.14 22.99
CA SER M 136 82.85 40.63 23.14
C SER M 136 83.71 40.89 21.93
N SER M 137 85.01 40.91 22.15
CA SER M 137 85.98 41.12 21.10
C SER M 137 86.16 39.81 20.31
N ALA M 138 85.61 38.73 20.83
CA ALA M 138 85.66 37.49 20.09
C ALA M 138 84.67 37.53 18.92
N CYS M 139 83.66 38.38 19.03
CA CYS M 139 82.60 38.45 18.00
C CYS M 139 82.51 39.79 17.29
N PRO M 140 83.50 40.11 16.46
CA PRO M 140 83.49 41.44 15.82
C PRO M 140 82.42 41.57 14.73
N TYR M 141 81.74 42.71 14.73
CA TYR M 141 80.82 43.05 13.65
C TYR M 141 81.60 43.91 12.66
N HIS M 142 81.26 45.19 12.58
CA HIS M 142 81.99 46.06 11.69
C HIS M 142 83.19 46.59 12.45
N GLY M 143 84.12 45.70 12.80
CA GLY M 143 85.32 46.08 13.53
C GLY M 143 85.09 46.38 15.00
N ARG M 144 83.82 46.58 15.35
CA ARG M 144 83.42 46.91 16.70
C ARG M 144 82.99 45.62 17.39
N SER M 145 83.25 45.50 18.69
CA SER M 145 82.85 44.31 19.42
C SER M 145 81.33 44.13 19.39
N SER M 146 80.90 42.89 19.14
CA SER M 146 79.47 42.60 19.02
C SER M 146 79.13 41.21 19.54
N PHE M 147 78.04 40.64 19.04
CA PHE M 147 77.53 39.36 19.54
C PHE M 147 76.44 38.80 18.63
N PHE M 148 76.05 37.56 18.88
CA PHE M 148 74.95 36.91 18.17
C PHE M 148 73.70 37.76 18.10
N ARG M 149 73.03 37.75 16.96
CA ARG M 149 71.96 38.69 16.67
C ARG M 149 70.58 38.26 17.17
N ASN M 150 70.43 36.98 17.42
CA ASN M 150 69.13 36.45 17.72
C ASN M 150 69.01 36.17 19.21
N VAL M 151 70.07 36.52 19.94
CA VAL M 151 70.16 36.17 21.35
C VAL M 151 70.82 37.29 22.19
N VAL M 152 70.39 37.49 23.44
CA VAL M 152 70.81 38.67 24.20
C VAL M 152 71.69 38.33 25.40
N TRP M 153 72.91 38.88 25.45
CA TRP M 153 73.78 38.62 26.58
C TRP M 153 73.47 39.61 27.71
N LEU M 154 72.48 39.29 28.51
CA LEU M 154 72.11 40.15 29.62
C LEU M 154 73.17 40.15 30.71
N ILE M 155 73.59 41.33 31.13
CA ILE M 155 74.56 41.50 32.22
C ILE M 155 74.01 42.51 33.25
N LYS M 156 74.51 42.45 34.48
CA LYS M 156 73.96 43.26 35.57
C LYS M 156 73.93 44.76 35.27
N LYS M 157 72.98 45.43 35.90
CA LYS M 157 72.82 46.86 35.70
C LYS M 157 72.83 47.50 37.07
N ASN M 158 73.63 48.55 37.25
CA ASN M 158 73.76 49.21 38.55
C ASN M 158 74.16 48.22 39.65
N SER M 159 75.18 47.41 39.37
CA SER M 159 75.67 46.43 40.33
C SER M 159 74.54 45.55 40.87
N ALA M 160 73.56 45.26 40.02
CA ALA M 160 72.44 44.42 40.41
C ALA M 160 71.91 43.56 39.26
N TYR M 161 71.59 42.30 39.58
CA TYR M 161 70.95 41.41 38.63
C TYR M 161 69.68 40.86 39.29
N PRO M 162 68.56 41.60 39.20
CA PRO M 162 67.30 41.12 39.78
C PRO M 162 66.88 39.82 39.11
N THR M 163 66.16 38.96 39.81
CA THR M 163 65.72 37.70 39.23
C THR M 163 64.78 37.96 38.04
N ILE M 164 65.05 37.30 36.92
CA ILE M 164 64.22 37.41 35.73
C ILE M 164 63.10 36.38 35.73
N LYS M 165 61.87 36.84 35.49
CA LYS M 165 60.74 35.95 35.30
C LYS M 165 59.98 36.44 34.08
N ARG M 166 60.39 35.95 32.91
CA ARG M 166 59.78 36.35 31.66
C ARG M 166 59.10 35.15 31.03
N SER M 167 58.04 35.41 30.27
CA SER M 167 57.23 34.34 29.68
C SER M 167 56.76 34.73 28.30
N TYR M 168 56.72 33.77 27.39
CA TYR M 168 56.18 34.01 26.07
C TYR M 168 55.22 32.92 25.60
N ASN M 169 54.04 33.35 25.17
CA ASN M 169 52.99 32.46 24.65
C ASN M 169 52.98 32.53 23.12
N ASN M 170 53.27 31.40 22.48
CA ASN M 170 53.24 31.31 21.01
C ASN M 170 51.85 31.49 20.48
N THR M 171 51.60 32.63 19.83
CA THR M 171 50.25 32.94 19.35
C THR M 171 50.10 32.62 17.88
N ASN M 172 51.19 32.22 17.24
CA ASN M 172 51.12 31.87 15.83
C ASN M 172 50.49 30.51 15.70
N GLN M 173 50.23 30.07 14.47
CA GLN M 173 49.64 28.75 14.30
C GLN M 173 50.72 27.76 13.88
N GLU M 174 51.95 28.25 13.76
CA GLU M 174 53.04 27.40 13.34
C GLU M 174 53.88 27.07 14.56
N ASP M 175 54.65 25.99 14.49
CA ASP M 175 55.63 25.68 15.51
C ASP M 175 56.70 26.77 15.45
N LEU M 176 57.33 27.06 16.58
CA LEU M 176 58.47 27.98 16.53
C LEU M 176 59.66 27.47 17.35
N LEU M 177 60.84 27.62 16.76
CA LEU M 177 62.09 27.20 17.37
C LEU M 177 62.71 28.30 18.20
N VAL M 178 62.86 28.10 19.52
CA VAL M 178 63.48 29.12 20.35
C VAL M 178 64.86 28.67 20.79
N LEU M 179 65.82 29.57 20.62
CA LEU M 179 67.19 29.36 21.02
C LEU M 179 67.47 30.30 22.19
N TRP M 180 68.24 29.81 23.15
CA TRP M 180 68.73 30.64 24.24
C TRP M 180 70.05 30.05 24.70
N GLY M 181 70.66 30.65 25.73
CA GLY M 181 71.95 30.15 26.18
C GLY M 181 72.29 30.48 27.62
N ILE M 182 73.37 29.87 28.11
CA ILE M 182 73.90 30.15 29.43
C ILE M 182 75.39 30.42 29.26
N HIS M 183 75.93 31.33 30.08
CA HIS M 183 77.35 31.69 29.99
C HIS M 183 78.16 31.04 31.10
N HIS M 184 79.29 30.46 30.72
CA HIS M 184 80.18 29.85 31.69
C HIS M 184 81.44 30.68 31.85
N PRO M 185 81.48 31.50 32.89
CA PRO M 185 82.57 32.46 33.16
C PRO M 185 83.86 31.76 33.58
N ASN M 186 84.94 32.52 33.75
CA ASN M 186 86.23 31.92 34.11
C ASN M 186 86.47 31.71 35.60
N ASP M 187 86.05 32.67 36.42
CA ASP M 187 86.31 32.63 37.86
C ASP M 187 85.23 33.43 38.59
N ALA M 188 85.25 33.39 39.93
CA ALA M 188 84.21 34.04 40.73
C ALA M 188 84.19 35.55 40.55
N ALA M 189 85.36 36.11 40.26
CA ALA M 189 85.48 37.55 40.05
C ALA M 189 84.67 37.98 38.83
N GLU M 190 84.98 37.35 37.69
CA GLU M 190 84.30 37.63 36.43
C GLU M 190 82.78 37.39 36.55
N GLN M 191 82.41 36.35 37.28
CA GLN M 191 81.00 36.04 37.54
C GLN M 191 80.31 37.26 38.12
N THR M 192 80.93 37.78 39.18
CA THR M 192 80.43 38.94 39.93
C THR M 192 80.39 40.21 39.09
N LYS M 193 81.40 40.39 38.23
CA LYS M 193 81.47 41.58 37.42
C LYS M 193 80.28 41.66 36.47
N LEU M 194 79.93 40.52 35.90
CA LEU M 194 78.95 40.47 34.83
C LEU M 194 77.54 40.36 35.38
N TYR M 195 77.36 39.43 36.30
CA TYR M 195 76.09 39.18 36.96
C TYR M 195 76.38 39.30 38.44
N GLN M 196 75.60 40.06 39.19
CA GLN M 196 76.02 40.38 40.54
C GLN M 196 76.10 39.12 41.43
N ASN M 197 75.08 38.28 41.32
CA ASN M 197 74.92 37.11 42.19
C ASN M 197 75.90 35.97 41.91
N PRO M 198 76.44 35.35 42.97
CA PRO M 198 77.51 34.33 42.93
C PRO M 198 77.05 32.95 42.51
N THR M 199 75.85 32.59 42.92
CA THR M 199 75.31 31.29 42.60
C THR M 199 74.00 31.47 41.83
N THR M 200 73.97 30.89 40.64
CA THR M 200 72.92 31.21 39.69
C THR M 200 72.28 29.97 39.06
N TYR M 201 71.17 30.23 38.38
CA TYR M 201 70.36 29.20 37.73
C TYR M 201 69.65 29.83 36.56
N ILE M 202 69.19 29.00 35.65
CA ILE M 202 68.32 29.44 34.57
C ILE M 202 67.25 28.39 34.48
N SER M 203 65.98 28.76 34.64
CA SER M 203 64.98 27.73 34.56
C SER M 203 64.09 27.97 33.38
N VAL M 204 63.84 26.90 32.64
CA VAL M 204 63.00 26.96 31.46
C VAL M 204 61.83 26.00 31.65
N GLY M 205 60.65 26.47 31.29
CA GLY M 205 59.42 25.70 31.46
C GLY M 205 58.55 25.76 30.24
N THR M 206 57.95 24.62 29.90
CA THR M 206 57.07 24.49 28.76
C THR M 206 56.07 23.41 29.17
N SER M 207 54.97 23.28 28.44
CA SER M 207 54.03 22.18 28.69
C SER M 207 54.76 20.85 28.65
N THR M 208 55.78 20.77 27.80
CA THR M 208 56.48 19.52 27.60
C THR M 208 57.90 19.60 28.16
N LEU M 209 58.52 20.78 28.09
CA LEU M 209 59.91 20.90 28.55
C LEU M 209 60.03 21.39 30.01
N ASN M 210 60.97 20.83 30.76
CA ASN M 210 61.37 21.36 32.05
C ASN M 210 62.81 20.99 32.34
N GLN M 211 63.66 22.01 32.29
CA GLN M 211 65.09 21.87 32.55
C GLN M 211 65.58 23.02 33.40
N ARG M 212 66.68 22.76 34.09
CA ARG M 212 67.38 23.73 34.91
C ARG M 212 68.85 23.74 34.59
N LEU M 213 69.31 24.86 34.05
CA LEU M 213 70.71 25.00 33.69
C LEU M 213 71.41 25.74 34.83
N VAL M 214 72.58 25.24 35.23
CA VAL M 214 73.41 25.92 36.20
C VAL M 214 74.82 26.02 35.58
N PRO M 215 75.43 27.21 35.62
CA PRO M 215 76.73 27.43 34.98
C PRO M 215 77.87 26.59 35.57
N GLU M 216 78.64 25.97 34.68
CA GLU M 216 79.80 25.18 35.09
C GLU M 216 81.06 26.00 34.80
N ILE M 217 81.53 26.71 35.82
CA ILE M 217 82.73 27.52 35.71
C ILE M 217 83.97 26.65 35.59
N ALA M 218 84.87 27.00 34.69
CA ALA M 218 86.13 26.30 34.56
C ALA M 218 87.16 27.26 34.01
N THR M 219 88.43 26.96 34.24
CA THR M 219 89.43 27.78 33.65
C THR M 219 89.93 26.96 32.48
N ARG M 220 89.71 27.48 31.28
CA ARG M 220 90.08 26.74 30.08
C ARG M 220 90.91 27.64 29.18
N PRO M 221 91.71 27.04 28.30
CA PRO M 221 92.52 27.78 27.33
C PRO M 221 91.70 28.77 26.49
N LYS M 222 92.40 29.69 25.84
CA LYS M 222 91.78 30.72 25.01
C LYS M 222 91.36 30.13 23.66
N VAL M 223 90.10 30.35 23.28
CA VAL M 223 89.62 29.97 21.95
C VAL M 223 88.98 31.22 21.39
N ASN M 224 89.51 31.70 20.27
CA ASN M 224 89.14 33.02 19.75
C ASN M 224 89.28 34.13 20.79
N GLY M 225 90.35 34.07 21.58
CA GLY M 225 90.68 35.10 22.56
C GLY M 225 89.97 34.92 23.89
N GLN M 226 88.80 34.30 23.86
CA GLN M 226 88.02 34.11 25.07
C GLN M 226 88.33 32.79 25.74
N SER M 227 88.30 32.83 27.06
CA SER M 227 88.54 31.66 27.87
C SER M 227 87.23 31.23 28.53
N GLY M 228 86.19 32.03 28.34
CA GLY M 228 84.88 31.66 28.84
C GLY M 228 84.16 30.82 27.82
N ARG M 229 82.98 30.30 28.16
CA ARG M 229 82.21 29.48 27.23
C ARG M 229 80.73 29.79 27.31
N MET M 230 80.07 29.74 26.16
CA MET M 230 78.62 29.89 26.14
C MET M 230 77.98 28.69 25.52
N GLU M 231 76.93 28.22 26.19
CA GLU M 231 76.28 26.96 25.87
C GLU M 231 74.86 27.27 25.40
N PHE M 232 74.52 26.80 24.19
CA PHE M 232 73.24 27.15 23.61
C PHE M 232 72.24 25.99 23.62
N PHE M 233 70.96 26.33 23.80
CA PHE M 233 69.89 25.36 23.92
C PHE M 233 68.72 25.75 23.03
N TRP M 234 67.84 24.80 22.77
CA TRP M 234 66.68 25.05 21.94
C TRP M 234 65.52 24.18 22.38
N THR M 235 64.34 24.54 21.89
CA THR M 235 63.14 23.74 22.04
C THR M 235 62.19 24.18 20.96
N ILE M 236 61.19 23.35 20.71
CA ILE M 236 60.17 23.69 19.74
C ILE M 236 58.92 24.04 20.52
N LEU M 237 58.36 25.20 20.25
CA LEU M 237 57.22 25.63 21.02
C LEU M 237 55.94 25.39 20.24
N LYS M 238 55.10 24.51 20.76
CA LYS M 238 53.83 24.21 20.11
C LYS M 238 52.90 25.45 20.09
N PRO M 239 52.09 25.58 19.03
CA PRO M 239 51.25 26.73 18.70
C PRO M 239 50.38 27.36 19.80
N ASN M 240 50.07 26.65 20.87
CA ASN M 240 49.32 27.32 21.93
C ASN M 240 50.02 27.17 23.26
N ASP M 241 51.31 26.82 23.20
CA ASP M 241 52.07 26.59 24.41
C ASP M 241 52.83 27.86 24.75
N ALA M 242 53.45 27.88 25.92
CA ALA M 242 54.22 29.04 26.37
C ALA M 242 55.53 28.59 26.98
N ILE M 243 56.55 29.45 26.88
CA ILE M 243 57.83 29.15 27.49
C ILE M 243 58.13 30.17 28.60
N ASN M 244 58.50 29.67 29.78
CA ASN M 244 58.73 30.53 30.92
C ASN M 244 60.19 30.50 31.34
N PHE M 245 60.85 31.64 31.25
CA PHE M 245 62.24 31.72 31.68
C PHE M 245 62.28 32.32 33.06
N GLU M 246 63.08 31.71 33.94
CA GLU M 246 63.42 32.33 35.21
C GLU M 246 64.89 32.13 35.48
N SER M 247 65.63 33.23 35.61
CA SER M 247 67.08 33.14 35.80
C SER M 247 67.65 34.27 36.66
N ASN M 248 68.76 33.96 37.31
CA ASN M 248 69.35 34.86 38.27
C ASN M 248 70.74 35.29 37.82
N GLY M 249 71.07 34.93 36.59
CA GLY M 249 72.36 35.30 36.02
C GLY M 249 72.82 34.37 34.91
N ASN M 250 73.84 34.79 34.19
CA ASN M 250 74.45 33.94 33.16
C ASN M 250 73.47 33.55 32.06
N PHE M 251 72.35 34.26 32.02
CA PHE M 251 71.28 33.99 31.05
C PHE M 251 71.56 34.70 29.75
N ILE M 252 71.55 33.92 28.68
CA ILE M 252 71.58 34.49 27.35
C ILE M 252 70.18 34.34 26.78
N ALA M 253 69.43 35.44 26.78
CA ALA M 253 68.00 35.36 26.50
C ALA M 253 67.76 35.34 25.00
N PRO M 254 66.69 34.68 24.56
CA PRO M 254 66.34 34.71 23.14
C PRO M 254 65.87 36.10 22.78
N GLU M 255 66.18 36.63 21.60
CA GLU M 255 65.51 37.84 21.14
C GLU M 255 64.65 37.47 19.94
N TYR M 256 65.27 36.77 18.98
CA TYR M 256 64.60 36.29 17.79
C TYR M 256 64.42 34.77 17.86
N ALA M 257 63.22 34.31 17.48
CA ALA M 257 62.98 32.88 17.36
C ALA M 257 62.57 32.62 15.92
N TYR M 258 62.37 31.34 15.60
CA TYR M 258 62.08 30.96 14.23
C TYR M 258 60.74 30.25 14.04
N LYS M 259 59.86 30.86 13.26
CA LYS M 259 58.60 30.20 12.88
C LYS M 259 58.85 29.14 11.79
N ILE M 260 58.38 27.93 12.05
CA ILE M 260 58.46 26.86 11.09
C ILE M 260 57.30 26.99 10.14
N VAL M 261 57.53 27.63 9.00
CA VAL M 261 56.48 27.95 8.04
C VAL M 261 56.08 26.77 7.17
N LYS M 262 57.05 26.21 6.46
CA LYS M 262 56.77 25.06 5.62
C LYS M 262 57.59 23.85 6.06
N LYS M 263 56.91 22.80 6.51
CA LYS M 263 57.60 21.54 6.79
C LYS M 263 57.52 20.65 5.56
N GLY M 264 58.66 20.06 5.21
CA GLY M 264 58.69 19.15 4.10
C GLY M 264 59.91 18.28 4.16
N ASP M 265 60.24 17.66 3.03
CA ASP M 265 61.40 16.83 2.97
C ASP M 265 62.54 17.61 2.33
N SER M 266 63.65 17.70 3.06
CA SER M 266 64.82 18.40 2.58
C SER M 266 66.02 17.67 3.15
N ALA M 267 67.17 18.32 3.11
CA ALA M 267 68.42 17.74 3.60
C ALA M 267 69.47 18.81 3.82
N ILE M 268 70.45 18.50 4.66
CA ILE M 268 71.59 19.37 4.83
C ILE M 268 72.81 18.69 4.19
N MET M 269 73.18 19.18 3.02
CA MET M 269 74.24 18.58 2.20
C MET M 269 75.61 19.15 2.52
N LYS M 270 76.57 18.27 2.81
CA LYS M 270 77.94 18.68 3.05
C LYS M 270 78.78 18.71 1.76
N SER M 271 79.12 19.90 1.30
CA SER M 271 79.93 20.10 0.11
C SER M 271 80.72 21.41 0.23
N GLU M 272 81.84 21.50 -0.48
CA GLU M 272 82.66 22.70 -0.36
C GLU M 272 82.39 23.67 -1.51
N LEU M 273 81.48 23.28 -2.40
CA LEU M 273 81.23 24.10 -3.58
C LEU M 273 80.00 25.01 -3.41
N GLU M 274 79.82 25.95 -4.34
CA GLU M 274 78.73 26.92 -4.27
C GLU M 274 77.76 26.94 -5.46
N TYR M 275 76.82 27.87 -5.42
CA TYR M 275 75.73 27.94 -6.39
C TYR M 275 76.18 27.91 -7.84
N GLY M 276 75.30 27.44 -8.72
CA GLY M 276 75.65 27.25 -10.13
C GLY M 276 74.66 27.76 -11.17
N ASN M 277 73.53 28.31 -10.73
CA ASN M 277 72.53 28.91 -11.64
C ASN M 277 71.83 27.87 -12.52
N CYS M 278 71.92 26.60 -12.15
CA CYS M 278 71.25 25.56 -12.92
C CYS M 278 69.94 25.13 -12.27
N ASN M 279 69.20 24.25 -12.94
CA ASN M 279 68.00 23.66 -12.35
C ASN M 279 68.04 22.16 -12.62
N THR M 280 67.50 21.35 -11.72
CA THR M 280 67.50 19.91 -11.92
C THR M 280 66.40 19.27 -11.11
N LYS M 281 66.19 17.99 -11.36
CA LYS M 281 65.22 17.22 -10.61
C LYS M 281 66.02 16.33 -9.68
N CYS M 282 67.34 16.34 -9.84
CA CYS M 282 68.21 15.48 -9.03
C CYS M 282 69.54 16.13 -8.70
N GLN M 283 69.86 16.18 -7.41
CA GLN M 283 71.06 16.86 -6.92
C GLN M 283 71.98 15.99 -6.04
N THR M 284 73.30 16.18 -6.21
CA THR M 284 74.31 15.48 -5.43
C THR M 284 75.36 16.47 -4.89
N PRO M 285 76.10 16.08 -3.83
CA PRO M 285 77.17 16.92 -3.27
C PRO M 285 78.33 17.17 -4.24
N MET M 286 78.37 16.47 -5.38
CA MET M 286 79.43 16.68 -6.34
C MET M 286 78.93 17.45 -7.55
N GLY M 287 77.61 17.45 -7.78
CA GLY M 287 77.01 18.11 -8.94
C GLY M 287 75.64 17.54 -9.24
N ALA M 288 74.93 18.10 -10.22
CA ALA M 288 73.57 17.62 -10.52
C ALA M 288 73.53 16.61 -11.67
N ILE M 289 72.44 15.86 -11.71
CA ILE M 289 72.25 14.78 -12.67
C ILE M 289 71.07 15.08 -13.56
N ASN M 290 71.33 15.07 -14.87
CA ASN M 290 70.28 15.17 -15.85
C ASN M 290 70.34 13.86 -16.62
N SER M 291 69.58 12.87 -16.17
CA SER M 291 69.69 11.53 -16.72
C SER M 291 68.38 10.76 -16.64
N SER M 292 68.25 9.78 -17.52
CA SER M 292 67.07 8.93 -17.52
C SER M 292 67.49 7.49 -17.20
N MET M 293 68.79 7.29 -17.04
CA MET M 293 69.31 5.99 -16.62
C MET M 293 68.74 5.57 -15.28
N PRO M 294 68.59 4.26 -15.06
CA PRO M 294 68.07 3.77 -13.80
C PRO M 294 69.13 3.72 -12.71
N PHE M 295 70.40 3.92 -13.05
CA PHE M 295 71.46 3.87 -12.05
C PHE M 295 72.45 5.01 -12.22
N HIS M 296 73.17 5.31 -11.15
CA HIS M 296 74.29 6.23 -11.23
C HIS M 296 75.32 5.82 -10.20
N ASN M 297 76.57 6.30 -10.35
CA ASN M 297 77.61 5.95 -9.38
C ASN M 297 78.42 7.14 -8.84
N ILE M 298 77.87 8.34 -8.88
CA ILE M 298 78.67 9.50 -8.50
C ILE M 298 78.79 9.63 -6.99
N HIS M 299 77.66 9.64 -6.30
CA HIS M 299 77.67 9.80 -4.85
C HIS M 299 76.34 9.34 -4.28
N PRO M 300 76.39 8.61 -3.14
CA PRO M 300 75.25 7.95 -2.48
C PRO M 300 74.21 8.92 -1.91
N LEU M 301 74.65 10.11 -1.56
CA LEU M 301 73.77 11.05 -0.88
C LEU M 301 73.14 11.98 -1.90
N THR M 302 71.87 11.77 -2.23
CA THR M 302 71.24 12.62 -3.21
C THR M 302 69.88 13.12 -2.76
N ILE M 303 69.35 14.08 -3.47
CA ILE M 303 68.02 14.60 -3.18
C ILE M 303 67.25 14.84 -4.48
N GLY M 304 65.98 14.46 -4.49
CA GLY M 304 65.16 14.60 -5.68
C GLY M 304 64.83 13.28 -6.32
N GLU M 305 64.17 13.34 -7.48
CA GLU M 305 63.91 12.15 -8.26
C GLU M 305 65.24 11.66 -8.86
N CYS M 306 65.82 10.61 -8.30
CA CYS M 306 67.16 10.21 -8.73
C CYS M 306 67.29 8.77 -9.19
N PRO M 307 68.31 8.50 -9.99
CA PRO M 307 68.60 7.09 -10.30
C PRO M 307 69.14 6.45 -9.03
N LYS M 308 69.15 5.12 -9.00
CA LYS M 308 69.63 4.43 -7.82
C LYS M 308 71.17 4.37 -7.79
N TYR M 309 71.75 4.76 -6.67
CA TYR M 309 73.20 4.74 -6.55
C TYR M 309 73.72 3.32 -6.45
N VAL M 310 74.87 3.09 -7.08
CA VAL M 310 75.56 1.79 -7.00
C VAL M 310 77.05 2.10 -7.12
N LYS M 311 77.90 1.26 -6.53
CA LYS M 311 79.34 1.48 -6.53
C LYS M 311 80.03 0.86 -7.75
N SER M 312 79.30 0.69 -8.85
CA SER M 312 79.88 0.07 -10.05
C SER M 312 80.51 1.09 -10.99
N ASN M 313 81.55 0.66 -11.68
CA ASN M 313 82.18 1.43 -12.74
C ASN M 313 81.42 1.21 -14.02
N ARG M 314 80.64 0.14 -14.05
CA ARG M 314 80.04 -0.30 -15.29
C ARG M 314 78.80 -1.15 -15.07
N LEU M 315 77.72 -0.78 -15.72
CA LEU M 315 76.53 -1.63 -15.80
C LEU M 315 75.96 -1.52 -17.21
N VAL M 316 76.19 -2.55 -18.02
CA VAL M 316 75.62 -2.56 -19.37
C VAL M 316 75.00 -3.92 -19.67
N LEU M 317 73.71 -3.86 -20.04
CA LEU M 317 72.94 -5.02 -20.44
C LEU M 317 73.15 -5.34 -21.91
N ALA M 318 73.35 -6.62 -22.21
CA ALA M 318 73.30 -7.09 -23.58
C ALA M 318 71.85 -7.11 -24.01
N THR M 319 71.58 -6.54 -25.18
CA THR M 319 70.23 -6.61 -25.78
C THR M 319 70.22 -7.36 -27.11
N GLY M 320 71.25 -7.12 -27.93
CA GLY M 320 71.41 -7.81 -29.20
C GLY M 320 72.01 -9.18 -28.99
N LEU M 321 72.67 -9.72 -30.02
CA LEU M 321 73.23 -11.07 -29.90
C LEU M 321 74.74 -11.04 -30.06
N ARG M 322 75.38 -12.19 -29.84
CA ARG M 322 76.83 -12.26 -29.90
C ARG M 322 77.31 -11.91 -31.29
N ASN M 323 78.15 -10.89 -31.38
CA ASN M 323 78.58 -10.38 -32.67
C ASN M 323 79.72 -11.26 -33.15
N THR M 324 79.80 -11.49 -34.46
CA THR M 324 80.85 -12.33 -35.03
C THR M 324 81.95 -11.45 -35.64
N PRO M 325 83.22 -11.85 -35.44
CA PRO M 325 84.42 -11.12 -35.87
C PRO M 325 84.56 -11.01 -37.38
N GLY N 1 76.72 -21.81 -28.51
CA GLY N 1 76.24 -21.36 -27.20
C GLY N 1 75.48 -22.49 -26.53
N LEU N 2 74.60 -22.19 -25.57
CA LEU N 2 73.86 -23.26 -24.90
C LEU N 2 73.05 -24.05 -25.90
N PHE N 3 72.66 -23.40 -26.99
CA PHE N 3 71.69 -24.00 -27.90
C PHE N 3 72.29 -24.40 -29.24
N GLY N 4 73.61 -24.29 -29.35
CA GLY N 4 74.37 -24.81 -30.48
C GLY N 4 74.26 -24.12 -31.82
N ALA N 5 73.45 -23.06 -31.92
CA ALA N 5 73.25 -22.39 -33.21
C ALA N 5 74.23 -21.25 -33.50
N ILE N 6 74.04 -20.11 -32.85
CA ILE N 6 74.91 -18.95 -32.96
C ILE N 6 76.33 -19.33 -32.51
N ALA N 7 77.33 -19.02 -33.35
CA ALA N 7 78.71 -19.46 -33.12
C ALA N 7 78.75 -20.96 -32.90
N GLY N 8 77.88 -21.67 -33.61
CA GLY N 8 77.79 -23.11 -33.49
C GLY N 8 77.74 -23.76 -34.84
N PHE N 9 76.65 -24.49 -35.12
CA PHE N 9 76.53 -25.12 -36.42
C PHE N 9 76.24 -24.07 -37.49
N ILE N 10 75.72 -22.93 -37.08
CA ILE N 10 75.76 -21.82 -37.99
C ILE N 10 76.92 -20.95 -37.54
N GLU N 11 78.10 -21.14 -38.14
CA GLU N 11 79.23 -20.34 -37.69
C GLU N 11 79.00 -18.98 -38.31
N GLY N 12 79.23 -17.93 -37.54
CA GLY N 12 79.10 -16.58 -38.04
C GLY N 12 77.74 -16.07 -38.48
N GLY N 13 77.55 -14.77 -38.29
CA GLY N 13 76.35 -14.05 -38.67
C GLY N 13 76.52 -13.35 -39.99
N TRP N 14 75.44 -12.74 -40.47
CA TRP N 14 75.46 -12.08 -41.77
C TRP N 14 75.41 -10.57 -41.67
N GLN N 15 76.46 -9.91 -42.15
CA GLN N 15 76.43 -8.46 -42.28
C GLN N 15 75.31 -8.06 -43.23
N GLY N 16 74.96 -8.95 -44.15
CA GLY N 16 74.00 -8.64 -45.19
C GLY N 16 72.58 -8.43 -44.68
N MET N 17 72.22 -9.13 -43.62
CA MET N 17 70.88 -8.96 -43.06
C MET N 17 70.84 -7.81 -42.08
N VAL N 18 70.06 -6.79 -42.41
CA VAL N 18 70.11 -5.54 -41.68
C VAL N 18 68.74 -5.09 -41.18
N ASP N 19 67.68 -5.74 -41.65
CA ASP N 19 66.35 -5.34 -41.25
C ASP N 19 65.78 -6.25 -40.15
N GLY N 20 66.65 -7.02 -39.50
CA GLY N 20 66.21 -7.92 -38.44
C GLY N 20 67.32 -8.73 -37.79
N TRP N 21 66.96 -9.47 -36.74
CA TRP N 21 67.93 -10.25 -35.97
C TRP N 21 68.15 -11.64 -36.56
N TYR N 22 67.05 -12.27 -36.92
CA TYR N 22 67.13 -13.59 -37.48
C TYR N 22 66.43 -13.62 -38.84
N GLY N 23 66.95 -14.44 -39.72
CA GLY N 23 66.28 -14.57 -41.00
C GLY N 23 66.91 -15.53 -41.96
N TYR N 24 66.64 -15.28 -43.23
CA TYR N 24 66.97 -16.21 -44.28
C TYR N 24 67.89 -15.63 -45.34
N HIS N 25 68.69 -16.52 -45.91
CA HIS N 25 69.36 -16.26 -47.18
C HIS N 25 68.98 -17.37 -48.14
N HIS N 26 68.27 -16.99 -49.20
CA HIS N 26 67.88 -17.93 -50.23
C HIS N 26 68.81 -17.80 -51.41
N SER N 27 68.79 -18.78 -52.29
CA SER N 27 69.60 -18.74 -53.49
C SER N 27 68.95 -19.63 -54.53
N ASN N 28 68.24 -19.02 -55.47
CA ASN N 28 67.63 -19.78 -56.56
C ASN N 28 68.09 -19.28 -57.94
N GLU N 29 67.36 -19.69 -58.98
CA GLU N 29 67.71 -19.31 -60.35
C GLU N 29 67.37 -17.85 -60.56
N GLN N 30 66.31 -17.39 -59.88
CA GLN N 30 65.88 -15.99 -59.92
C GLN N 30 66.85 -15.07 -59.20
N GLY N 31 67.77 -15.64 -58.42
CA GLY N 31 68.76 -14.82 -57.73
C GLY N 31 68.86 -15.09 -56.23
N SER N 32 69.85 -14.48 -55.60
CA SER N 32 70.04 -14.70 -54.16
C SER N 32 69.71 -13.43 -53.37
N GLY N 33 69.62 -13.54 -52.06
CA GLY N 33 69.35 -12.39 -51.23
C GLY N 33 69.07 -12.70 -49.77
N TYR N 34 69.31 -11.71 -48.93
CA TYR N 34 69.03 -11.78 -47.51
C TYR N 34 67.64 -11.24 -47.25
N ALA N 35 66.96 -11.80 -46.25
CA ALA N 35 65.68 -11.27 -45.81
C ALA N 35 65.51 -11.69 -44.36
N ALA N 36 65.00 -10.78 -43.55
CA ALA N 36 64.84 -11.05 -42.13
C ALA N 36 63.47 -11.65 -41.87
N ASP N 37 63.41 -12.64 -40.98
CA ASP N 37 62.11 -13.14 -40.53
C ASP N 37 61.54 -12.21 -39.45
N LYS N 38 60.58 -11.38 -39.84
CA LYS N 38 60.02 -10.36 -38.95
C LYS N 38 59.30 -10.91 -37.73
N GLU N 39 58.62 -12.05 -37.89
CA GLU N 39 57.84 -12.60 -36.78
C GLU N 39 58.74 -13.00 -35.62
N SER N 40 59.78 -13.77 -35.91
CA SER N 40 60.66 -14.27 -34.85
C SER N 40 61.52 -13.14 -34.30
N THR N 41 61.84 -12.16 -35.14
CA THR N 41 62.61 -11.02 -34.68
C THR N 41 61.78 -10.17 -33.73
N GLN N 42 60.54 -9.92 -34.11
CA GLN N 42 59.67 -9.05 -33.32
C GLN N 42 59.42 -9.68 -31.96
N LYS N 43 59.23 -10.99 -31.96
CA LYS N 43 59.03 -11.72 -30.73
C LYS N 43 60.25 -11.55 -29.82
N ALA N 44 61.44 -11.58 -30.42
CA ALA N 44 62.66 -11.48 -29.64
C ALA N 44 62.79 -10.08 -29.06
N ILE N 45 62.46 -9.09 -29.88
CA ILE N 45 62.52 -7.71 -29.44
C ILE N 45 61.60 -7.49 -28.25
N ASP N 46 60.38 -8.03 -28.31
CA ASP N 46 59.43 -7.88 -27.22
C ASP N 46 59.98 -8.48 -25.92
N GLY N 47 60.69 -9.59 -26.03
CA GLY N 47 61.23 -10.25 -24.84
C GLY N 47 62.35 -9.44 -24.20
N VAL N 48 63.26 -8.93 -25.02
CA VAL N 48 64.41 -8.20 -24.50
C VAL N 48 63.97 -6.84 -23.96
N THR N 49 63.04 -6.20 -24.66
CA THR N 49 62.55 -4.91 -24.21
C THR N 49 61.82 -5.12 -22.89
N ASN N 50 60.98 -6.15 -22.80
CA ASN N 50 60.34 -6.46 -21.52
C ASN N 50 61.34 -6.81 -20.42
N LYS N 51 62.41 -7.51 -20.77
CA LYS N 51 63.42 -7.90 -19.78
C LYS N 51 64.06 -6.65 -19.21
N VAL N 52 64.47 -5.74 -20.10
CA VAL N 52 65.13 -4.52 -19.67
C VAL N 52 64.20 -3.72 -18.75
N ASN N 53 62.94 -3.59 -19.17
CA ASN N 53 61.92 -2.89 -18.40
C ASN N 53 61.63 -3.56 -17.04
N SER N 54 61.63 -4.89 -17.01
CA SER N 54 61.42 -5.64 -15.78
C SER N 54 62.56 -5.47 -14.79
N ILE N 55 63.77 -5.38 -15.32
CA ILE N 55 64.96 -5.22 -14.49
C ILE N 55 64.99 -3.82 -13.88
N ILE N 56 64.73 -2.81 -14.71
CA ILE N 56 64.69 -1.42 -14.27
C ILE N 56 63.60 -1.17 -13.21
N ASP N 57 62.47 -1.87 -13.32
CA ASP N 57 61.36 -1.74 -12.37
C ASP N 57 61.67 -2.38 -11.00
N LYS N 58 62.21 -3.60 -11.02
CA LYS N 58 62.54 -4.32 -9.78
C LYS N 58 63.60 -3.61 -8.94
N MET N 59 64.33 -2.67 -9.53
CA MET N 59 65.41 -1.99 -8.82
C MET N 59 64.97 -0.61 -8.30
N ASN N 60 63.67 -0.32 -8.37
CA ASN N 60 63.12 0.96 -7.91
C ASN N 60 62.84 1.03 -6.40
N THR N 61 62.66 -0.12 -5.78
CA THR N 61 62.43 -0.17 -4.35
C THR N 61 63.77 -0.27 -3.61
N GLN N 62 64.79 0.36 -4.20
CA GLN N 62 66.14 0.37 -3.65
C GLN N 62 66.35 1.38 -2.51
N PHE N 63 67.40 1.15 -1.73
CA PHE N 63 67.85 1.99 -0.62
C PHE N 63 68.25 3.43 -1.00
N GLU N 64 67.91 4.41 -0.17
CA GLU N 64 68.30 5.79 -0.41
C GLU N 64 69.00 6.37 0.81
N ALA N 65 70.30 6.64 0.68
CA ALA N 65 71.07 7.11 1.82
C ALA N 65 70.69 8.52 2.23
N VAL N 66 70.68 8.76 3.54
CA VAL N 66 70.33 10.07 4.08
C VAL N 66 71.45 10.57 4.97
N GLY N 67 71.80 11.84 4.83
CA GLY N 67 72.80 12.42 5.68
C GLY N 67 72.33 12.45 7.12
N ARG N 68 73.17 11.90 7.99
CA ARG N 68 72.96 11.98 9.43
C ARG N 68 74.30 12.25 10.09
N GLU N 69 74.30 13.19 11.02
CA GLU N 69 75.52 13.58 11.68
C GLU N 69 75.56 13.14 13.13
N PHE N 70 76.77 12.87 13.62
CA PHE N 70 76.99 12.46 15.01
C PHE N 70 78.20 13.17 15.62
N ASN N 71 78.19 13.32 16.94
CA ASN N 71 79.30 14.03 17.58
C ASN N 71 80.38 13.08 18.11
N ASN N 72 81.43 13.66 18.70
CA ASN N 72 82.63 12.93 19.09
C ASN N 72 82.42 11.85 20.15
N LEU N 73 81.28 11.86 20.83
CA LEU N 73 80.92 10.81 21.78
C LEU N 73 79.78 9.93 21.26
N GLU N 74 79.59 9.95 19.95
CA GLU N 74 78.59 9.10 19.33
C GLU N 74 79.25 8.23 18.28
N ARG N 75 80.52 7.90 18.56
CA ARG N 75 81.36 7.20 17.60
C ARG N 75 80.84 5.82 17.25
N ARG N 76 80.20 5.18 18.22
CA ARG N 76 79.63 3.88 18.02
C ARG N 76 78.47 3.93 17.03
N ILE N 77 77.53 4.83 17.29
CA ILE N 77 76.36 4.94 16.44
C ILE N 77 76.70 5.59 15.10
N GLU N 78 77.76 6.40 15.07
CA GLU N 78 78.22 6.97 13.80
C GLU N 78 78.68 5.83 12.91
N ASN N 79 79.43 4.93 13.54
CA ASN N 79 80.04 3.77 12.90
C ASN N 79 78.94 2.78 12.48
N LEU N 80 77.98 2.56 13.38
CA LEU N 80 76.82 1.71 13.10
C LEU N 80 76.06 2.29 11.92
N ASN N 81 75.88 3.60 11.95
CA ASN N 81 75.16 4.27 10.88
C ASN N 81 75.87 4.09 9.56
N LYS N 82 77.19 4.11 9.59
CA LYS N 82 78.00 3.97 8.38
C LYS N 82 77.93 2.53 7.84
N GLN N 83 77.99 1.56 8.75
CA GLN N 83 78.01 0.15 8.41
C GLN N 83 76.69 -0.20 7.76
N MET N 84 75.62 0.40 8.26
CA MET N 84 74.29 0.14 7.73
C MET N 84 74.19 0.72 6.34
N GLU N 85 74.66 1.95 6.17
CA GLU N 85 74.58 2.62 4.87
C GLU N 85 75.42 1.92 3.82
N ASP N 86 76.67 1.62 4.18
CA ASP N 86 77.55 0.89 3.29
C ASP N 86 77.01 -0.50 3.04
N GLY N 87 76.39 -1.08 4.06
CA GLY N 87 75.86 -2.43 3.96
C GLY N 87 74.82 -2.57 2.89
N PHE N 88 73.86 -1.65 2.89
CA PHE N 88 72.80 -1.69 1.89
C PHE N 88 73.36 -1.29 0.53
N LEU N 89 74.31 -0.36 0.49
CA LEU N 89 74.90 0.04 -0.79
C LEU N 89 75.63 -1.15 -1.42
N ASP N 90 76.29 -1.96 -0.59
CA ASP N 90 77.01 -3.12 -1.08
C ASP N 90 76.03 -4.21 -1.58
N VAL N 91 74.92 -4.34 -0.87
CA VAL N 91 73.90 -5.32 -1.20
C VAL N 91 73.29 -4.97 -2.54
N TRP N 92 72.91 -3.71 -2.72
CA TRP N 92 72.26 -3.35 -3.97
C TRP N 92 73.21 -3.30 -5.17
N THR N 93 74.51 -3.10 -4.95
CA THR N 93 75.40 -3.15 -6.11
C THR N 93 75.58 -4.61 -6.54
N TYR N 94 75.75 -5.49 -5.57
CA TYR N 94 75.77 -6.91 -5.85
C TYR N 94 74.47 -7.27 -6.56
N ASN N 95 73.33 -6.86 -6.02
CA ASN N 95 72.06 -7.19 -6.64
C ASN N 95 71.99 -6.72 -8.09
N ALA N 96 72.55 -5.54 -8.38
CA ALA N 96 72.49 -4.98 -9.73
C ALA N 96 73.49 -5.61 -10.68
N GLU N 97 74.74 -5.69 -10.23
CA GLU N 97 75.81 -6.25 -11.03
C GLU N 97 75.53 -7.71 -11.41
N LEU N 98 75.02 -8.47 -10.46
CA LEU N 98 74.78 -9.89 -10.66
C LEU N 98 73.58 -10.09 -11.56
N LEU N 99 72.55 -9.27 -11.35
CA LEU N 99 71.33 -9.38 -12.16
C LEU N 99 71.69 -9.10 -13.60
N VAL N 100 72.58 -8.14 -13.83
CA VAL N 100 72.99 -7.84 -15.19
C VAL N 100 73.77 -9.02 -15.83
N LEU N 101 74.74 -9.57 -15.10
CA LEU N 101 75.53 -10.69 -15.59
C LEU N 101 74.65 -11.90 -15.96
N MET N 102 73.71 -12.22 -15.08
CA MET N 102 72.84 -13.37 -15.26
C MET N 102 71.88 -13.18 -16.42
N GLU N 103 71.27 -12.00 -16.50
CA GLU N 103 70.32 -11.79 -17.57
C GLU N 103 71.02 -11.56 -18.91
N ASN N 104 72.26 -11.10 -18.87
CA ASN N 104 73.05 -10.95 -20.08
C ASN N 104 73.29 -12.32 -20.68
N GLU N 105 73.70 -13.24 -19.82
CA GLU N 105 73.93 -14.62 -20.19
C GLU N 105 72.64 -15.22 -20.75
N ARG N 106 71.52 -14.96 -20.08
CA ARG N 106 70.23 -15.50 -20.52
C ARG N 106 69.78 -14.84 -21.84
N THR N 107 70.11 -13.56 -22.02
CA THR N 107 69.74 -12.85 -23.23
C THR N 107 70.44 -13.47 -24.42
N LEU N 108 71.73 -13.72 -24.26
CA LEU N 108 72.51 -14.31 -25.34
C LEU N 108 71.98 -15.68 -25.73
N ASP N 109 71.65 -16.50 -24.73
CA ASP N 109 71.11 -17.83 -25.00
C ASP N 109 69.66 -17.73 -25.55
N PHE N 110 68.98 -16.65 -25.20
CA PHE N 110 67.65 -16.43 -25.74
C PHE N 110 67.71 -16.26 -27.26
N HIS N 111 68.69 -15.50 -27.73
CA HIS N 111 68.91 -15.32 -29.16
C HIS N 111 69.31 -16.67 -29.82
N ASP N 112 70.24 -17.38 -29.18
CA ASP N 112 70.71 -18.67 -29.69
C ASP N 112 69.54 -19.63 -29.87
N SER N 113 68.64 -19.66 -28.89
CA SER N 113 67.47 -20.51 -28.95
C SER N 113 66.51 -20.04 -30.04
N ASN N 114 66.46 -18.73 -30.25
CA ASN N 114 65.55 -18.20 -31.26
C ASN N 114 65.99 -18.61 -32.67
N VAL N 115 67.30 -18.66 -32.90
CA VAL N 115 67.84 -19.09 -34.20
C VAL N 115 67.61 -20.59 -34.40
N LYS N 116 67.94 -21.36 -33.38
CA LYS N 116 67.75 -22.78 -33.45
C LYS N 116 66.29 -23.14 -33.70
N ASN N 117 65.37 -22.39 -33.12
CA ASN N 117 63.95 -22.66 -33.32
C ASN N 117 63.49 -22.30 -34.73
N LEU N 118 64.03 -21.20 -35.25
CA LEU N 118 63.69 -20.77 -36.60
C LEU N 118 64.23 -21.81 -37.59
N TYR N 119 65.42 -22.34 -37.31
CA TYR N 119 66.02 -23.34 -38.16
C TYR N 119 65.11 -24.56 -38.19
N ASP N 120 64.66 -24.98 -37.02
CA ASP N 120 63.81 -26.15 -36.92
C ASP N 120 62.45 -25.95 -37.59
N LYS N 121 61.97 -24.72 -37.58
CA LYS N 121 60.68 -24.38 -38.17
C LYS N 121 60.75 -24.70 -39.66
N VAL N 122 61.87 -24.36 -40.27
CA VAL N 122 62.07 -24.64 -41.68
C VAL N 122 62.28 -26.11 -41.93
N ARG N 123 63.13 -26.73 -41.12
CA ARG N 123 63.45 -28.15 -41.24
C ARG N 123 62.20 -29.02 -41.23
N LEU N 124 61.31 -28.76 -40.28
CA LEU N 124 60.13 -29.61 -40.10
C LEU N 124 59.14 -29.43 -41.23
N GLN N 125 59.28 -28.34 -41.96
CA GLN N 125 58.44 -28.12 -43.12
C GLN N 125 58.96 -28.92 -44.31
N LEU N 126 60.27 -28.81 -44.55
CA LEU N 126 60.91 -29.38 -45.74
C LEU N 126 61.03 -30.90 -45.70
N ARG N 127 61.36 -31.44 -44.54
CA ARG N 127 61.55 -32.88 -44.35
C ARG N 127 62.48 -33.44 -45.41
N ASP N 128 62.08 -34.52 -46.07
CA ASP N 128 62.99 -35.14 -47.05
C ASP N 128 63.00 -34.46 -48.43
N ASN N 129 62.27 -33.37 -48.58
CA ASN N 129 62.33 -32.60 -49.82
C ASN N 129 63.61 -31.76 -49.94
N ALA N 130 64.45 -31.82 -48.93
CA ALA N 130 65.70 -31.07 -48.97
C ALA N 130 66.72 -31.72 -48.07
N LYS N 131 67.99 -31.38 -48.26
CA LYS N 131 69.03 -31.99 -47.46
C LYS N 131 69.66 -30.97 -46.48
N GLU N 132 69.85 -31.41 -45.23
CA GLU N 132 70.49 -30.59 -44.20
C GLU N 132 71.99 -30.56 -44.47
N LEU N 133 72.50 -29.45 -44.98
CA LEU N 133 73.94 -29.35 -45.26
C LEU N 133 74.76 -29.31 -43.95
N GLY N 134 74.16 -28.84 -42.86
CA GLY N 134 74.82 -28.83 -41.57
C GLY N 134 75.50 -27.53 -41.21
N ASN N 135 75.15 -26.47 -41.94
CA ASN N 135 75.76 -25.18 -41.70
C ASN N 135 74.70 -24.07 -41.67
N GLY N 136 73.44 -24.47 -41.52
CA GLY N 136 72.34 -23.53 -41.52
C GLY N 136 71.62 -23.52 -42.86
N CYS N 137 72.15 -24.26 -43.81
CA CYS N 137 71.57 -24.28 -45.14
C CYS N 137 70.88 -25.58 -45.53
N PHE N 138 69.81 -25.44 -46.32
CA PHE N 138 69.09 -26.58 -46.86
C PHE N 138 69.19 -26.61 -48.38
N GLU N 139 69.77 -27.67 -48.94
CA GLU N 139 69.79 -27.80 -50.40
C GLU N 139 68.55 -28.58 -50.84
N PHE N 140 67.74 -27.95 -51.68
CA PHE N 140 66.46 -28.53 -52.11
C PHE N 140 66.62 -29.68 -53.11
N TYR N 141 65.79 -30.71 -52.95
CA TYR N 141 65.77 -31.86 -53.88
C TYR N 141 64.81 -31.57 -55.03
N HIS N 142 64.42 -30.30 -55.15
CA HIS N 142 63.57 -29.87 -56.25
C HIS N 142 63.85 -28.42 -56.61
N LYS N 143 63.01 -27.86 -57.46
CA LYS N 143 63.14 -26.48 -57.86
C LYS N 143 62.33 -25.63 -56.90
N CYS N 144 62.97 -24.61 -56.33
CA CYS N 144 62.27 -23.70 -55.42
C CYS N 144 62.32 -22.28 -55.96
N ASP N 145 61.21 -21.87 -56.57
CA ASP N 145 61.08 -20.50 -57.09
C ASP N 145 60.88 -19.52 -55.94
N ASN N 146 60.88 -18.22 -56.25
CA ASN N 146 60.68 -17.20 -55.23
C ASN N 146 59.40 -17.41 -54.40
N GLU N 147 58.37 -17.88 -55.08
CA GLU N 147 57.06 -18.15 -54.49
C GLU N 147 57.15 -19.33 -53.54
N CYS N 148 58.00 -20.28 -53.90
CA CYS N 148 58.27 -21.46 -53.08
C CYS N 148 59.04 -21.01 -51.87
N MET N 149 60.04 -20.18 -52.11
CA MET N 149 60.83 -19.59 -51.04
C MET N 149 59.96 -18.82 -50.05
N GLU N 150 59.08 -17.98 -50.58
CA GLU N 150 58.22 -17.17 -49.73
C GLU N 150 57.30 -18.03 -48.90
N SER N 151 56.96 -19.21 -49.42
CA SER N 151 56.08 -20.14 -48.73
C SER N 151 56.82 -20.81 -47.59
N VAL N 152 58.13 -21.00 -47.78
CA VAL N 152 58.96 -21.61 -46.74
C VAL N 152 59.20 -20.61 -45.64
N LYS N 153 59.39 -19.34 -46.04
CA LYS N 153 59.66 -18.27 -45.09
C LYS N 153 58.47 -17.96 -44.18
N ASN N 154 57.25 -18.08 -44.71
CA ASN N 154 56.05 -17.77 -43.94
C ASN N 154 55.24 -19.00 -43.49
N GLY N 155 55.90 -20.16 -43.46
CA GLY N 155 55.36 -21.38 -42.88
C GLY N 155 54.22 -22.07 -43.60
N THR N 156 54.14 -21.91 -44.92
CA THR N 156 53.09 -22.53 -45.72
C THR N 156 53.68 -23.38 -46.84
N TYR N 157 54.89 -23.90 -46.65
CA TYR N 157 55.51 -24.76 -47.65
C TYR N 157 54.59 -25.92 -48.01
N ASP N 158 54.37 -26.16 -49.30
CA ASP N 158 53.51 -27.26 -49.66
C ASP N 158 54.36 -28.50 -49.95
N TYR N 159 54.66 -29.26 -48.88
CA TYR N 159 55.47 -30.47 -49.01
C TYR N 159 54.95 -31.44 -50.07
N PRO N 160 53.66 -31.83 -49.98
CA PRO N 160 53.26 -32.82 -50.97
C PRO N 160 53.27 -32.29 -52.40
N GLN N 161 53.13 -30.98 -52.61
CA GLN N 161 53.19 -30.46 -53.97
C GLN N 161 54.51 -30.82 -54.64
N TYR N 162 55.58 -30.86 -53.85
CA TYR N 162 56.91 -31.07 -54.39
C TYR N 162 57.44 -32.46 -54.07
N SER N 163 56.62 -33.24 -53.38
CA SER N 163 56.98 -34.56 -52.88
C SER N 163 57.52 -35.48 -53.98
N GLU N 164 56.78 -35.56 -55.09
CA GLU N 164 57.10 -36.46 -56.19
C GLU N 164 58.38 -36.03 -56.89
N GLU N 165 58.52 -34.74 -57.17
CA GLU N 165 59.73 -34.23 -57.85
C GLU N 165 60.97 -34.42 -57.00
N ALA N 166 60.77 -34.32 -55.68
CA ALA N 166 61.85 -34.48 -54.71
C ALA N 166 62.25 -35.93 -54.60
N ARG N 167 61.24 -36.78 -54.48
CA ARG N 167 61.46 -38.22 -54.35
C ARG N 167 62.28 -38.72 -55.51
N LEU N 168 61.92 -38.25 -56.69
CA LEU N 168 62.58 -38.66 -57.92
C LEU N 168 64.05 -38.26 -57.89
N ASN N 169 64.34 -37.05 -57.40
CA ASN N 169 65.72 -36.57 -57.30
C ASN N 169 66.50 -37.26 -56.17
N ARG N 170 65.77 -37.79 -55.19
CA ARG N 170 66.41 -38.52 -54.10
C ARG N 170 66.88 -39.85 -54.63
N GLU N 171 66.01 -40.51 -55.39
CA GLU N 171 66.28 -41.86 -55.85
C GLU N 171 67.21 -41.97 -57.05
N GLU N 172 67.33 -40.91 -57.84
CA GLU N 172 68.20 -41.02 -58.99
C GLU N 172 69.65 -40.87 -58.55
N ILE N 173 69.85 -40.12 -57.48
CA ILE N 173 71.19 -39.96 -56.90
C ILE N 173 71.36 -40.97 -55.79
N PRO O 3 77.01 -54.34 -40.06
CA PRO O 3 78.12 -54.52 -39.12
C PRO O 3 79.36 -53.73 -39.56
N GLY O 4 79.27 -52.42 -39.32
CA GLY O 4 80.20 -51.41 -39.82
C GLY O 4 80.90 -50.55 -38.73
N ASP O 5 81.87 -49.73 -39.12
CA ASP O 5 82.57 -48.83 -38.19
C ASP O 5 81.67 -47.83 -37.49
N GLN O 6 81.97 -47.53 -36.23
CA GLN O 6 81.17 -46.53 -35.51
C GLN O 6 81.95 -45.57 -34.61
N ILE O 7 81.38 -44.38 -34.42
CA ILE O 7 81.93 -43.39 -33.50
C ILE O 7 80.86 -42.96 -32.49
N CYS O 8 81.24 -42.87 -31.23
CA CYS O 8 80.27 -42.55 -30.17
C CYS O 8 80.68 -41.30 -29.44
N ILE O 9 79.69 -40.49 -29.09
CA ILE O 9 79.90 -39.29 -28.29
C ILE O 9 79.53 -39.59 -26.86
N GLY O 10 80.39 -39.16 -25.95
CA GLY O 10 80.15 -39.41 -24.53
C GLY O 10 80.85 -38.41 -23.64
N TYR O 11 80.70 -38.61 -22.35
CA TYR O 11 81.22 -37.68 -21.36
C TYR O 11 81.92 -38.42 -20.20
N HIS O 12 82.72 -37.68 -19.44
CA HIS O 12 83.53 -38.26 -18.37
C HIS O 12 82.69 -38.88 -17.26
N ALA O 13 83.26 -39.87 -16.57
CA ALA O 13 82.68 -40.43 -15.36
C ALA O 13 83.83 -40.97 -14.55
N ASN O 14 83.67 -40.99 -13.22
CA ASN O 14 84.76 -41.39 -12.32
C ASN O 14 84.25 -41.91 -11.00
N ASN O 15 85.19 -42.11 -10.08
CA ASN O 15 84.88 -42.69 -8.78
C ASN O 15 84.40 -41.68 -7.73
N SER O 16 84.01 -40.49 -8.20
CA SER O 16 83.60 -39.42 -7.30
C SER O 16 82.30 -39.69 -6.57
N THR O 17 82.25 -39.19 -5.35
CA THR O 17 81.09 -39.35 -4.50
C THR O 17 80.60 -37.99 -4.08
N GLU O 18 81.36 -36.98 -4.47
CA GLU O 18 81.05 -35.62 -4.09
C GLU O 18 79.68 -35.25 -4.60
N GLN O 19 78.80 -34.73 -3.72
CA GLN O 19 77.49 -34.30 -4.18
C GLN O 19 77.27 -32.82 -3.96
N VAL O 20 76.27 -32.30 -4.66
CA VAL O 20 75.99 -30.87 -4.66
C VAL O 20 74.50 -30.76 -4.82
N ASP O 21 73.97 -29.61 -4.42
CA ASP O 21 72.54 -29.37 -4.44
C ASP O 21 72.24 -28.34 -5.51
N THR O 22 71.00 -28.36 -6.02
CA THR O 22 70.52 -27.40 -7.01
C THR O 22 69.12 -27.00 -6.57
N ILE O 23 68.47 -26.11 -7.32
CA ILE O 23 67.09 -25.76 -6.94
C ILE O 23 66.12 -26.96 -7.06
N MET O 24 66.17 -27.70 -8.17
CA MET O 24 65.16 -28.74 -8.37
C MET O 24 65.54 -30.08 -7.77
N GLU O 25 66.82 -30.29 -7.52
CA GLU O 25 67.27 -31.60 -7.07
C GLU O 25 68.36 -31.48 -5.99
N LYS O 26 68.28 -32.33 -4.98
CA LYS O 26 69.23 -32.30 -3.86
C LYS O 26 70.11 -33.55 -3.84
N ASN O 27 71.32 -33.41 -3.29
CA ASN O 27 72.31 -34.50 -3.24
C ASN O 27 72.59 -35.07 -4.64
N VAL O 28 73.11 -34.24 -5.55
CA VAL O 28 73.42 -34.73 -6.89
C VAL O 28 74.90 -35.07 -6.98
N THR O 29 75.20 -36.36 -7.12
CA THR O 29 76.58 -36.79 -7.20
C THR O 29 77.18 -36.30 -8.50
N VAL O 30 78.41 -35.82 -8.42
CA VAL O 30 79.03 -35.05 -9.49
C VAL O 30 80.51 -35.47 -9.61
N THR O 31 81.12 -35.28 -10.77
CA THR O 31 82.48 -35.79 -10.99
C THR O 31 83.56 -34.94 -10.34
N HIS O 32 83.32 -33.63 -10.28
CA HIS O 32 84.23 -32.64 -9.71
C HIS O 32 83.44 -31.52 -9.06
N ALA O 33 83.83 -31.15 -7.86
CA ALA O 33 83.17 -30.11 -7.15
C ALA O 33 84.21 -29.27 -6.38
N GLN O 34 83.87 -28.03 -6.03
CA GLN O 34 84.75 -27.21 -5.21
C GLN O 34 84.08 -26.77 -3.88
N ASP O 35 84.71 -27.13 -2.78
CA ASP O 35 84.23 -26.67 -1.48
C ASP O 35 84.71 -25.23 -1.40
N ILE O 36 83.82 -24.32 -1.01
CA ILE O 36 84.19 -22.91 -0.92
C ILE O 36 83.90 -22.34 0.46
N LEU O 37 83.66 -23.23 1.41
CA LEU O 37 83.33 -22.85 2.77
C LEU O 37 84.33 -23.46 3.77
N GLU O 38 85.05 -22.59 4.48
CA GLU O 38 85.99 -23.04 5.52
C GLU O 38 85.27 -23.30 6.83
N LYS O 39 85.50 -24.47 7.41
CA LYS O 39 84.73 -24.88 8.59
C LYS O 39 85.61 -25.27 9.77
N THR O 40 86.88 -24.92 9.72
CA THR O 40 87.85 -25.33 10.74
C THR O 40 88.73 -24.20 11.27
N HIS O 41 89.08 -24.28 12.55
CA HIS O 41 90.00 -23.31 13.12
C HIS O 41 90.93 -23.98 14.12
N ASN O 42 92.03 -23.31 14.48
CA ASN O 42 92.98 -23.91 15.42
C ASN O 42 92.66 -23.69 16.90
N GLY O 43 91.53 -23.04 17.20
CA GLY O 43 91.07 -22.93 18.57
C GLY O 43 92.04 -22.17 19.48
N LYS O 44 92.88 -21.32 18.88
CA LYS O 44 93.92 -20.64 19.62
C LYS O 44 93.94 -19.14 19.35
N LEU O 45 94.38 -18.35 20.33
CA LEU O 45 94.58 -16.90 20.14
C LEU O 45 96.03 -16.68 19.69
N CYS O 46 96.21 -15.99 18.57
CA CYS O 46 97.52 -15.93 17.92
C CYS O 46 97.95 -14.53 17.56
N ASP O 47 99.20 -14.42 17.16
CA ASP O 47 99.73 -13.17 16.63
C ASP O 47 99.02 -12.92 15.31
N LEU O 48 98.84 -11.65 14.95
CA LEU O 48 98.28 -11.28 13.66
C LEU O 48 99.38 -10.63 12.83
N ASN O 49 99.95 -11.39 11.90
CA ASN O 49 101.11 -11.00 11.09
C ASN O 49 102.30 -10.69 11.99
N GLY O 50 102.55 -11.56 12.97
CA GLY O 50 103.72 -11.47 13.83
C GLY O 50 103.71 -10.39 14.90
N VAL O 51 102.55 -9.80 15.16
CA VAL O 51 102.44 -8.83 16.23
C VAL O 51 101.38 -9.32 17.23
N LYS O 52 101.87 -9.65 18.42
CA LYS O 52 101.09 -10.28 19.47
C LYS O 52 99.91 -9.41 19.93
N PRO O 53 98.79 -10.05 20.30
CA PRO O 53 97.66 -9.32 20.88
C PRO O 53 97.89 -8.96 22.36
N LEU O 54 97.09 -8.03 22.85
CA LEU O 54 97.05 -7.70 24.27
C LEU O 54 95.99 -8.55 24.93
N ILE O 55 96.39 -9.57 25.67
CA ILE O 55 95.43 -10.42 26.37
C ILE O 55 95.28 -10.00 27.82
N LEU O 56 94.09 -9.51 28.18
CA LEU O 56 93.90 -8.89 29.49
C LEU O 56 93.73 -9.87 30.65
N ARG O 57 93.70 -11.17 30.34
CA ARG O 57 93.43 -12.20 31.34
C ARG O 57 92.24 -11.80 32.24
N ASP O 58 92.48 -11.58 33.53
CA ASP O 58 91.37 -11.34 34.44
C ASP O 58 91.10 -9.84 34.63
N CYS O 59 91.82 -9.03 33.86
CA CYS O 59 91.63 -7.60 33.94
C CYS O 59 90.66 -7.13 32.89
N SER O 60 89.95 -6.06 33.21
CA SER O 60 89.05 -5.42 32.25
C SER O 60 89.84 -4.30 31.63
N VAL O 61 89.30 -3.70 30.59
CA VAL O 61 89.95 -2.53 30.01
C VAL O 61 90.03 -1.40 31.07
N ALA O 62 88.96 -1.21 31.83
CA ALA O 62 88.97 -0.21 32.89
C ALA O 62 90.11 -0.47 33.85
N GLY O 63 90.18 -1.68 34.37
CA GLY O 63 91.21 -2.06 35.33
C GLY O 63 92.61 -1.81 34.81
N TRP O 64 92.79 -2.09 33.52
CA TRP O 64 94.06 -1.86 32.87
C TRP O 64 94.37 -0.37 32.84
N LEU O 65 93.48 0.42 32.26
CA LEU O 65 93.79 1.81 32.03
C LEU O 65 93.96 2.60 33.33
N LEU O 66 93.08 2.34 34.29
CA LEU O 66 93.13 3.00 35.59
C LEU O 66 94.31 2.45 36.40
N GLY O 67 94.68 1.20 36.16
CA GLY O 67 95.80 0.66 36.88
C GLY O 67 95.38 -0.04 38.17
N ASN O 68 94.40 -0.93 38.06
CA ASN O 68 94.06 -1.78 39.20
C ASN O 68 95.32 -2.48 39.67
N PRO O 69 95.59 -2.43 40.97
CA PRO O 69 96.82 -3.07 41.47
C PRO O 69 96.98 -4.55 41.11
N MET O 70 95.88 -5.29 40.96
CA MET O 70 95.97 -6.71 40.57
C MET O 70 96.17 -6.87 39.05
N CYS O 71 96.34 -5.73 38.37
CA CYS O 71 96.59 -5.69 36.94
C CYS O 71 97.99 -5.14 36.60
N ASP O 72 98.99 -5.46 37.39
CA ASP O 72 100.31 -4.88 37.13
C ASP O 72 100.96 -5.47 35.88
N GLU O 73 100.43 -6.59 35.42
CA GLU O 73 100.98 -7.21 34.24
C GLU O 73 100.93 -6.24 33.07
N PHE O 74 100.00 -5.30 33.12
CA PHE O 74 99.78 -4.41 31.99
C PHE O 74 100.27 -3.00 32.27
N ILE O 75 101.20 -2.88 33.20
CA ILE O 75 101.74 -1.56 33.58
C ILE O 75 102.40 -0.86 32.38
N ASN O 76 103.03 -1.63 31.50
CA ASN O 76 103.68 -1.06 30.32
C ASN O 76 103.59 -1.99 29.14
N VAL O 77 102.46 -1.94 28.45
CA VAL O 77 102.21 -2.87 27.35
C VAL O 77 102.75 -2.35 26.03
N PRO O 78 103.35 -3.24 25.24
CA PRO O 78 103.87 -2.85 23.93
C PRO O 78 102.76 -2.84 22.88
N GLU O 79 103.13 -2.50 21.65
CA GLU O 79 102.19 -2.42 20.53
C GLU O 79 101.41 -3.74 20.43
N TRP O 80 100.14 -3.63 20.10
CA TRP O 80 99.31 -4.83 19.95
C TRP O 80 98.63 -4.87 18.57
N SER O 81 98.16 -6.07 18.22
CA SER O 81 97.37 -6.22 17.00
C SER O 81 95.88 -6.08 17.33
N TYR O 82 95.38 -6.97 18.19
CA TYR O 82 94.01 -6.88 18.69
C TYR O 82 93.99 -7.00 20.22
N ILE O 83 92.83 -6.77 20.83
CA ILE O 83 92.78 -6.81 22.29
C ILE O 83 91.78 -7.88 22.68
N VAL O 84 92.17 -8.71 23.64
CA VAL O 84 91.31 -9.79 24.08
C VAL O 84 90.88 -9.58 25.51
N GLU O 85 89.58 -9.59 25.73
CA GLU O 85 89.01 -9.41 27.06
C GLU O 85 87.99 -10.51 27.31
N LYS O 86 88.01 -11.09 28.51
CA LYS O 86 87.03 -12.12 28.90
C LYS O 86 85.66 -11.48 29.10
N ALA O 87 84.64 -12.31 29.25
CA ALA O 87 83.28 -11.78 29.34
C ALA O 87 83.08 -10.97 30.61
N SER O 88 83.46 -11.57 31.73
CA SER O 88 83.27 -10.96 33.03
C SER O 88 84.57 -10.96 33.80
N PRO O 89 85.48 -10.05 33.44
CA PRO O 89 86.80 -9.99 34.05
C PRO O 89 86.65 -9.79 35.56
N ALA O 90 87.52 -10.43 36.33
CA ALA O 90 87.43 -10.39 37.78
C ALA O 90 87.88 -9.03 38.31
N ASN O 91 88.98 -8.56 37.75
CA ASN O 91 89.58 -7.29 38.16
C ASN O 91 89.08 -6.14 37.30
N ASP O 92 87.98 -5.52 37.73
CA ASP O 92 87.44 -4.35 37.05
C ASP O 92 87.76 -3.14 37.92
N LEU O 93 86.73 -2.45 38.39
CA LEU O 93 86.91 -1.36 39.30
C LEU O 93 86.95 -1.97 40.69
N CYS O 94 88.15 -2.09 41.24
CA CYS O 94 88.32 -2.68 42.57
C CYS O 94 87.54 -1.87 43.59
N TYR O 95 87.68 -0.54 43.53
CA TYR O 95 86.82 0.33 44.31
C TYR O 95 85.58 0.46 43.47
N PRO O 96 84.41 0.13 44.05
CA PRO O 96 83.18 0.06 43.26
C PRO O 96 82.81 1.42 42.71
N GLY O 97 82.21 1.41 41.53
CA GLY O 97 81.83 2.66 40.90
C GLY O 97 81.54 2.50 39.43
N ASP O 98 81.72 3.59 38.68
CA ASP O 98 81.33 3.66 37.28
C ASP O 98 82.41 4.29 36.42
N PHE O 99 82.38 3.97 35.12
CA PHE O 99 83.31 4.56 34.15
C PHE O 99 82.53 5.28 33.06
N ASN O 100 82.56 6.61 33.09
CA ASN O 100 81.74 7.40 32.18
C ASN O 100 82.09 7.15 30.74
N ASP O 101 81.07 6.98 29.89
CA ASP O 101 81.29 6.70 28.47
C ASP O 101 82.28 5.58 28.28
N TYR O 102 82.13 4.50 29.05
CA TYR O 102 83.11 3.39 29.04
C TYR O 102 83.13 2.82 27.64
N GLU O 103 81.95 2.63 27.07
CA GLU O 103 81.85 2.06 25.74
C GLU O 103 82.47 2.95 24.65
N GLU O 104 82.25 4.26 24.72
CA GLU O 104 82.82 5.16 23.73
C GLU O 104 84.32 5.13 23.84
N LEU O 105 84.82 4.83 25.03
CA LEU O 105 86.26 4.73 25.22
C LEU O 105 86.79 3.42 24.66
N LYS O 106 86.06 2.33 24.87
CA LYS O 106 86.45 1.04 24.30
C LYS O 106 86.50 1.14 22.80
N HIS O 107 85.57 1.88 22.23
CA HIS O 107 85.52 2.03 20.79
C HIS O 107 86.78 2.72 20.29
N LEU O 108 87.20 3.77 21.01
CA LEU O 108 88.39 4.52 20.64
C LEU O 108 89.61 3.60 20.68
N LEU O 109 89.61 2.67 21.62
CA LEU O 109 90.70 1.73 21.77
C LEU O 109 90.82 0.86 20.52
N SER O 110 89.68 0.41 19.96
CA SER O 110 89.67 -0.46 18.79
C SER O 110 90.20 0.21 17.52
N ARG O 111 90.44 1.52 17.58
CA ARG O 111 91.05 2.25 16.48
C ARG O 111 92.48 2.60 16.86
N THR O 112 93.02 1.86 17.81
CA THR O 112 94.30 2.17 18.44
C THR O 112 95.18 0.94 18.61
N ASN O 113 96.48 1.09 18.37
CA ASN O 113 97.41 -0.03 18.49
C ASN O 113 98.46 0.11 19.58
N HIS O 114 98.75 1.35 19.98
CA HIS O 114 99.82 1.55 20.95
C HIS O 114 99.58 2.72 21.90
N PHE O 115 99.58 2.39 23.19
CA PHE O 115 99.55 3.41 24.22
C PHE O 115 100.91 3.49 24.88
N GLU O 116 101.50 4.69 24.93
CA GLU O 116 102.73 4.90 25.69
C GLU O 116 102.45 5.76 26.90
N LYS O 117 102.56 5.14 28.06
CA LYS O 117 102.24 5.80 29.33
C LYS O 117 103.29 6.86 29.70
N ILE O 118 102.83 8.02 30.14
CA ILE O 118 103.71 9.08 30.61
C ILE O 118 103.14 9.73 31.88
N GLN O 119 104.02 10.11 32.81
CA GLN O 119 103.59 10.74 34.07
C GLN O 119 103.21 12.19 33.84
N ILE O 120 101.95 12.51 34.10
CA ILE O 120 101.39 13.79 33.69
C ILE O 120 101.31 14.80 34.84
N ILE O 121 101.06 14.30 36.05
CA ILE O 121 101.14 15.11 37.26
C ILE O 121 101.86 14.25 38.29
N PRO O 122 103.14 14.54 38.55
CA PRO O 122 103.87 13.67 39.47
C PRO O 122 103.23 13.67 40.85
N LYS O 123 103.09 12.49 41.46
CA LYS O 123 102.45 12.34 42.76
C LYS O 123 103.14 13.20 43.84
N SER O 124 104.44 13.42 43.66
CA SER O 124 105.24 14.18 44.60
C SER O 124 104.82 15.64 44.67
N SER O 125 104.17 16.12 43.62
CA SER O 125 103.90 17.55 43.53
C SER O 125 102.70 18.00 44.35
N TRP O 126 102.08 17.09 45.10
CA TRP O 126 100.93 17.45 45.92
C TRP O 126 101.39 17.86 47.33
N SER O 127 101.90 19.07 47.44
CA SER O 127 102.54 19.57 48.65
C SER O 127 101.56 19.85 49.78
N ASN O 128 100.37 20.35 49.42
CA ASN O 128 99.39 20.73 50.42
C ASN O 128 98.24 19.74 50.55
N HIS O 129 98.43 18.54 50.00
CA HIS O 129 97.44 17.49 50.16
C HIS O 129 98.10 16.15 50.48
N ASP O 130 97.29 15.23 50.99
CA ASP O 130 97.73 13.89 51.33
C ASP O 130 97.57 12.93 50.14
N ALA O 131 98.70 12.54 49.55
CA ALA O 131 98.69 11.63 48.40
C ALA O 131 99.10 10.23 48.83
N SER O 132 98.97 9.96 50.12
CA SER O 132 99.44 8.71 50.74
C SER O 132 98.35 7.95 51.50
N SER O 133 97.32 8.66 51.98
CA SER O 133 96.20 7.99 52.67
C SER O 133 95.10 7.60 51.70
N GLY O 134 95.23 8.02 50.44
CA GLY O 134 94.25 7.67 49.43
C GLY O 134 94.29 6.21 49.02
N VAL O 135 93.80 5.36 49.90
CA VAL O 135 94.04 3.94 49.79
C VAL O 135 92.89 3.14 50.41
N SER O 136 92.59 1.98 49.83
CA SER O 136 91.44 1.17 50.28
C SER O 136 91.70 -0.31 50.28
N SER O 137 90.96 -1.02 51.12
CA SER O 137 91.07 -2.47 51.23
C SER O 137 90.32 -3.09 50.07
N ALA O 138 89.55 -2.26 49.37
CA ALA O 138 88.82 -2.71 48.19
C ALA O 138 89.80 -2.91 47.05
N CYS O 139 90.96 -2.27 47.15
CA CYS O 139 92.01 -2.38 46.15
C CYS O 139 93.31 -2.95 46.71
N PRO O 140 93.32 -4.24 47.08
CA PRO O 140 94.53 -4.82 47.67
C PRO O 140 95.62 -5.08 46.63
N TYR O 141 96.87 -4.77 46.99
CA TYR O 141 98.02 -5.15 46.17
C TYR O 141 98.57 -6.47 46.73
N HIS O 142 99.77 -6.39 47.30
CA HIS O 142 100.37 -7.52 47.98
C HIS O 142 100.04 -7.47 49.44
N GLY O 143 98.77 -7.72 49.77
CA GLY O 143 98.35 -7.66 51.16
C GLY O 143 98.14 -6.24 51.62
N ARG O 144 98.56 -5.29 50.79
CA ARG O 144 98.48 -3.90 51.15
C ARG O 144 97.20 -3.28 50.64
N SER O 145 96.53 -2.45 51.45
CA SER O 145 95.45 -1.65 50.91
C SER O 145 96.11 -0.69 49.94
N SER O 146 95.54 -0.53 48.76
CA SER O 146 96.17 0.30 47.74
C SER O 146 95.14 1.01 46.90
N PHE O 147 95.51 1.31 45.66
CA PHE O 147 94.62 2.05 44.79
C PHE O 147 95.09 2.02 43.36
N PHE O 148 94.20 2.42 42.44
CA PHE O 148 94.52 2.50 41.02
C PHE O 148 95.83 3.26 40.86
N ARG O 149 96.70 2.78 39.97
CA ARG O 149 98.07 3.29 39.93
C ARG O 149 98.28 4.52 39.06
N ASN O 150 97.35 4.80 38.18
CA ASN O 150 97.58 5.88 37.24
C ASN O 150 96.82 7.11 37.69
N VAL O 151 96.16 6.99 38.83
CA VAL O 151 95.28 8.05 39.28
C VAL O 151 95.38 8.13 40.81
N VAL O 152 95.37 9.34 41.37
CA VAL O 152 95.68 9.49 42.79
C VAL O 152 94.51 10.01 43.63
N TRP O 153 94.18 9.27 44.69
CA TRP O 153 93.09 9.63 45.59
C TRP O 153 93.57 10.69 46.63
N LEU O 154 93.52 11.96 46.24
CA LEU O 154 93.93 13.05 47.12
C LEU O 154 92.99 13.23 48.32
N ILE O 155 93.60 13.34 49.49
CA ILE O 155 92.93 13.49 50.77
C ILE O 155 93.46 14.72 51.49
N LYS O 156 92.64 15.30 52.38
CA LYS O 156 93.00 16.51 53.10
C LYS O 156 94.30 16.37 53.90
N LYS O 157 95.02 17.49 54.04
CA LYS O 157 96.29 17.53 54.76
C LYS O 157 96.28 18.65 55.77
N ASN O 158 96.71 18.33 56.99
CA ASN O 158 96.67 19.28 58.10
C ASN O 158 95.23 19.77 58.30
N SER O 159 94.27 18.84 58.17
CA SER O 159 92.84 19.15 58.31
C SER O 159 92.41 20.30 57.41
N ALA O 160 93.00 20.34 56.22
CA ALA O 160 92.70 21.37 55.23
C ALA O 160 92.70 20.80 53.78
N TYR O 161 91.76 21.25 52.97
CA TYR O 161 91.81 20.89 51.57
C TYR O 161 91.85 22.18 50.76
N PRO O 162 93.07 22.73 50.57
CA PRO O 162 93.20 23.96 49.79
C PRO O 162 92.74 23.68 48.38
N THR O 163 92.21 24.69 47.70
CA THR O 163 91.75 24.52 46.32
C THR O 163 92.91 24.22 45.37
N ILE O 164 92.76 23.17 44.58
CA ILE O 164 93.76 22.75 43.59
C ILE O 164 93.53 23.47 42.25
N LYS O 165 94.60 24.00 41.66
CA LYS O 165 94.54 24.56 40.31
C LYS O 165 95.75 24.08 39.53
N ARG O 166 95.60 22.94 38.85
CA ARG O 166 96.70 22.35 38.07
C ARG O 166 96.41 22.36 36.59
N SER O 167 97.47 22.40 35.81
CA SER O 167 97.37 22.53 34.38
C SER O 167 98.42 21.66 33.69
N TYR O 168 98.03 21.04 32.57
CA TYR O 168 98.97 20.30 31.77
C TYR O 168 98.84 20.65 30.30
N ASN O 169 99.94 21.07 29.68
CA ASN O 169 99.97 21.41 28.26
C ASN O 169 100.64 20.25 27.53
N ASN O 170 99.91 19.57 26.66
CA ASN O 170 100.47 18.44 25.92
C ASN O 170 101.56 18.94 24.99
N THR O 171 102.79 18.60 25.33
CA THR O 171 103.95 19.02 24.56
C THR O 171 104.40 17.91 23.65
N ASN O 172 103.73 16.76 23.76
CA ASN O 172 104.04 15.63 22.89
C ASN O 172 103.48 15.86 21.51
N GLN O 173 103.74 14.93 20.60
CA GLN O 173 103.36 15.07 19.21
C GLN O 173 102.05 14.32 18.98
N GLU O 174 101.62 13.62 20.01
CA GLU O 174 100.47 12.72 19.94
C GLU O 174 99.23 13.22 20.69
N ASP O 175 98.08 12.67 20.34
CA ASP O 175 96.89 12.90 21.15
C ASP O 175 97.14 12.21 22.49
N LEU O 176 96.51 12.69 23.55
CA LEU O 176 96.72 12.06 24.84
C LEU O 176 95.43 11.73 25.62
N LEU O 177 95.35 10.50 26.13
CA LEU O 177 94.19 10.04 26.88
C LEU O 177 94.43 10.32 28.35
N VAL O 178 93.60 11.19 28.93
CA VAL O 178 93.72 11.55 30.33
C VAL O 178 92.53 11.01 31.13
N LEU O 179 92.82 10.32 32.23
CA LEU O 179 91.77 9.75 33.08
C LEU O 179 91.74 10.46 34.45
N TRP O 180 90.54 10.66 35.01
CA TRP O 180 90.39 11.20 36.36
C TRP O 180 89.13 10.68 37.03
N GLY O 181 88.83 11.12 38.25
CA GLY O 181 87.67 10.57 38.96
C GLY O 181 87.04 11.45 40.02
N ILE O 182 85.88 11.02 40.52
CA ILE O 182 85.18 11.70 41.60
C ILE O 182 84.85 10.68 42.66
N HIS O 183 84.91 11.06 43.93
CA HIS O 183 84.54 10.11 44.96
C HIS O 183 83.16 10.48 45.46
N HIS O 184 82.29 9.48 45.52
CA HIS O 184 80.94 9.67 46.02
C HIS O 184 80.86 9.03 47.39
N PRO O 185 80.97 9.86 48.43
CA PRO O 185 81.03 9.37 49.81
C PRO O 185 79.69 8.84 50.28
N ASN O 186 79.67 8.24 51.46
CA ASN O 186 78.46 7.63 52.00
C ASN O 186 77.55 8.60 52.74
N ASP O 187 78.17 9.51 53.50
CA ASP O 187 77.44 10.46 54.31
C ASP O 187 78.27 11.73 54.56
N ALA O 188 77.65 12.73 55.17
CA ALA O 188 78.30 14.02 55.39
C ALA O 188 79.50 13.90 56.29
N ALA O 189 79.45 12.91 57.18
CA ALA O 189 80.55 12.68 58.11
C ALA O 189 81.80 12.30 57.34
N GLU O 190 81.70 11.21 56.56
CA GLU O 190 82.78 10.68 55.73
C GLU O 190 83.24 11.76 54.76
N GLN O 191 82.31 12.53 54.22
CA GLN O 191 82.67 13.66 53.36
C GLN O 191 83.63 14.59 54.07
N THR O 192 83.22 15.08 55.24
CA THR O 192 84.00 16.04 56.03
C THR O 192 85.32 15.45 56.53
N LYS O 193 85.31 14.15 56.82
CA LYS O 193 86.48 13.40 57.30
C LYS O 193 87.60 13.30 56.25
N LEU O 194 87.24 13.09 54.98
CA LEU O 194 88.20 12.87 53.89
C LEU O 194 88.67 14.18 53.25
N TYR O 195 87.71 15.05 52.94
CA TYR O 195 87.96 16.36 52.35
C TYR O 195 87.32 17.37 53.30
N GLN O 196 88.05 18.41 53.70
CA GLN O 196 87.58 19.22 54.80
C GLN O 196 86.27 19.91 54.46
N ASN O 197 86.23 20.48 53.27
CA ASN O 197 85.11 21.32 52.86
C ASN O 197 83.83 20.52 52.62
N PRO O 198 82.70 21.04 53.12
CA PRO O 198 81.43 20.31 53.13
C PRO O 198 80.73 20.24 51.77
N THR O 199 80.87 21.26 50.92
CA THR O 199 80.27 21.22 49.59
C THR O 199 81.34 21.42 48.54
N THR O 200 81.48 20.45 47.62
CA THR O 200 82.64 20.40 46.72
C THR O 200 82.32 20.28 45.24
N TYR O 201 83.37 20.44 44.43
CA TYR O 201 83.24 20.40 42.99
C TYR O 201 84.54 19.92 42.34
N ILE O 202 84.47 19.53 41.09
CA ILE O 202 85.68 19.24 40.31
C ILE O 202 85.46 19.89 38.98
N SER O 203 86.38 20.76 38.57
CA SER O 203 86.19 21.41 37.30
C SER O 203 87.32 21.04 36.35
N VAL O 204 86.94 20.67 35.12
CA VAL O 204 87.91 20.29 34.11
C VAL O 204 87.73 21.14 32.85
N GLY O 205 88.83 21.60 32.28
CA GLY O 205 88.77 22.43 31.10
C GLY O 205 89.79 22.13 30.00
N THR O 206 89.34 22.20 28.75
CA THR O 206 90.21 22.12 27.59
C THR O 206 89.54 23.02 26.59
N SER O 207 90.20 23.32 25.49
CA SER O 207 89.60 24.06 24.40
C SER O 207 88.23 23.51 23.99
N THR O 208 88.05 22.19 24.11
CA THR O 208 86.79 21.56 23.69
C THR O 208 85.97 21.00 24.87
N LEU O 209 86.65 20.56 25.94
CA LEU O 209 85.92 20.02 27.08
C LEU O 209 85.66 21.13 28.09
N ASN O 210 84.47 21.09 28.69
CA ASN O 210 84.13 21.96 29.80
C ASN O 210 83.13 21.25 30.69
N GLN O 211 83.59 20.82 31.86
CA GLN O 211 82.70 20.16 32.80
C GLN O 211 82.99 20.55 34.22
N ARG O 212 81.96 20.48 35.07
CA ARG O 212 82.14 20.72 36.49
C ARG O 212 81.35 19.64 37.23
N LEU O 213 82.08 18.74 37.87
CA LEU O 213 81.46 17.62 38.53
C LEU O 213 81.28 17.88 40.01
N VAL O 214 80.10 17.53 40.53
CA VAL O 214 79.83 17.66 41.96
C VAL O 214 79.33 16.32 42.47
N PRO O 215 79.95 15.82 43.55
CA PRO O 215 79.65 14.49 44.11
C PRO O 215 78.23 14.32 44.61
N GLU O 216 77.63 13.18 44.25
CA GLU O 216 76.29 12.84 44.67
C GLU O 216 76.29 11.83 45.80
N ILE O 217 76.21 12.35 47.03
CA ILE O 217 76.20 11.52 48.23
C ILE O 217 74.88 10.77 48.38
N ALA O 218 75.00 9.49 48.73
CA ALA O 218 73.85 8.63 48.98
C ALA O 218 74.32 7.48 49.84
N THR O 219 73.39 6.77 50.46
CA THR O 219 73.77 5.62 51.26
C THR O 219 73.53 4.38 50.41
N ARG O 220 74.60 3.60 50.18
CA ARG O 220 74.53 2.43 49.31
C ARG O 220 74.98 1.15 49.98
N PRO O 221 74.51 0.00 49.48
CA PRO O 221 74.95 -1.31 49.96
C PRO O 221 76.44 -1.52 49.70
N LYS O 222 77.06 -2.43 50.44
CA LYS O 222 78.49 -2.66 50.27
C LYS O 222 78.85 -3.51 49.04
N VAL O 223 79.78 -2.99 48.25
CA VAL O 223 80.34 -3.69 47.12
C VAL O 223 81.85 -3.70 47.28
N ASN O 224 82.44 -4.89 47.29
CA ASN O 224 83.84 -5.08 47.66
C ASN O 224 84.16 -4.43 48.99
N GLY O 225 83.23 -4.52 49.94
CA GLY O 225 83.45 -3.99 51.28
C GLY O 225 83.13 -2.52 51.41
N GLN O 226 83.22 -1.80 50.31
CA GLN O 226 82.98 -0.37 50.29
C GLN O 226 81.55 0.00 49.91
N SER O 227 81.01 1.04 50.52
CA SER O 227 79.66 1.51 50.18
C SER O 227 79.78 2.78 49.40
N GLY O 228 81.01 3.28 49.30
CA GLY O 228 81.26 4.49 48.53
C GLY O 228 81.41 4.16 47.07
N ARG O 229 81.49 5.19 46.25
CA ARG O 229 81.57 4.96 44.81
C ARG O 229 82.49 5.93 44.14
N MET O 230 83.18 5.46 43.11
CA MET O 230 84.02 6.35 42.35
C MET O 230 83.63 6.32 40.88
N GLU O 231 83.52 7.52 40.31
CA GLU O 231 83.07 7.67 38.94
C GLU O 231 84.18 8.25 38.11
N PHE O 232 84.57 7.54 37.06
CA PHE O 232 85.74 7.95 36.27
C PHE O 232 85.38 8.58 34.95
N PHE O 233 86.23 9.50 34.51
CA PHE O 233 85.99 10.29 33.31
C PHE O 233 87.23 10.35 32.44
N TRP O 234 87.03 10.74 31.19
CA TRP O 234 88.15 10.86 30.26
C TRP O 234 87.91 11.90 29.20
N THR O 235 88.99 12.27 28.50
CA THR O 235 88.89 13.12 27.33
C THR O 235 90.18 12.87 26.55
N ILE O 236 90.23 13.22 25.27
CA ILE O 236 91.50 13.12 24.57
C ILE O 236 91.98 14.53 24.33
N LEU O 237 93.22 14.75 24.74
CA LEU O 237 93.83 16.05 24.68
C LEU O 237 94.65 16.18 23.41
N LYS O 238 94.20 17.09 22.54
CA LYS O 238 94.87 17.34 21.25
C LYS O 238 96.33 17.82 21.46
N PRO O 239 97.22 17.51 20.50
CA PRO O 239 98.67 17.71 20.64
C PRO O 239 99.19 19.06 21.19
N ASN O 240 98.45 20.16 21.05
CA ASN O 240 98.92 21.44 21.64
C ASN O 240 97.92 22.08 22.55
N ASP O 241 96.96 21.29 23.03
CA ASP O 241 95.94 21.81 23.90
C ASP O 241 96.40 21.61 25.34
N ALA O 242 95.65 22.17 26.27
CA ALA O 242 96.02 22.03 27.65
C ALA O 242 94.77 21.66 28.42
N ILE O 243 94.95 20.92 29.50
CA ILE O 243 93.85 20.57 30.37
C ILE O 243 94.09 21.24 31.74
N ASN O 244 93.07 21.91 32.25
CA ASN O 244 93.18 22.65 33.51
C ASN O 244 92.24 22.08 34.55
N PHE O 245 92.79 21.54 35.63
CA PHE O 245 91.95 21.01 36.71
C PHE O 245 91.85 22.03 37.83
N GLU O 246 90.63 22.20 38.34
CA GLU O 246 90.46 22.98 39.54
C GLU O 246 89.44 22.29 40.41
N SER O 247 89.83 21.96 41.64
CA SER O 247 88.95 21.25 42.55
C SER O 247 89.18 21.54 44.03
N ASN O 248 88.12 21.36 44.82
CA ASN O 248 88.19 21.60 46.26
C ASN O 248 87.87 20.33 47.07
N GLY O 249 87.89 19.18 46.42
CA GLY O 249 87.67 17.93 47.13
C GLY O 249 87.16 16.83 46.24
N ASN O 250 87.20 15.60 46.72
CA ASN O 250 86.64 14.46 46.00
C ASN O 250 87.27 14.20 44.63
N PHE O 251 88.44 14.82 44.40
CA PHE O 251 89.14 14.73 43.14
C PHE O 251 90.04 13.50 43.15
N ILE O 252 89.89 12.66 42.15
CA ILE O 252 90.81 11.56 41.95
C ILE O 252 91.69 11.99 40.81
N ALA O 253 92.88 12.47 41.12
CA ALA O 253 93.69 13.17 40.14
C ALA O 253 94.52 12.23 39.26
N PRO O 254 94.76 12.66 38.01
CA PRO O 254 95.63 11.90 37.11
C PRO O 254 97.08 11.97 37.57
N GLU O 255 97.80 10.86 37.43
CA GLU O 255 99.26 10.92 37.48
C GLU O 255 99.75 10.52 36.10
N TYR O 256 99.30 9.37 35.61
CA TYR O 256 99.73 8.88 34.32
C TYR O 256 98.62 9.02 33.27
N ALA O 257 99.01 9.48 32.08
CA ALA O 257 98.11 9.53 30.93
C ALA O 257 98.71 8.70 29.79
N TYR O 258 97.96 8.54 28.70
CA TYR O 258 98.39 7.67 27.62
C TYR O 258 98.58 8.37 26.27
N LYS O 259 99.78 8.28 25.71
CA LYS O 259 100.03 8.79 24.37
C LYS O 259 99.46 7.83 23.33
N ILE O 260 98.66 8.33 22.40
CA ILE O 260 98.16 7.47 21.32
C ILE O 260 99.26 7.47 20.27
N VAL O 261 100.12 6.46 20.34
CA VAL O 261 101.30 6.39 19.48
C VAL O 261 100.95 5.91 18.08
N LYS O 262 100.30 4.74 18.02
CA LYS O 262 99.86 4.19 16.74
C LYS O 262 98.35 4.05 16.67
N LYS O 263 97.74 4.77 15.75
CA LYS O 263 96.34 4.58 15.41
C LYS O 263 96.23 3.60 14.25
N GLY O 264 95.31 2.64 14.35
CA GLY O 264 95.11 1.70 13.26
C GLY O 264 93.81 0.93 13.33
N ASP O 265 93.77 -0.19 12.62
CA ASP O 265 92.62 -1.09 12.62
C ASP O 265 92.87 -2.15 13.67
N SER O 266 91.98 -2.20 14.66
CA SER O 266 92.10 -3.16 15.72
C SER O 266 90.70 -3.52 16.16
N ALA O 267 90.61 -4.24 17.27
CA ALA O 267 89.34 -4.69 17.79
C ALA O 267 89.47 -5.17 19.24
N ILE O 268 88.36 -5.21 19.96
CA ILE O 268 88.37 -5.83 21.27
C ILE O 268 87.56 -7.12 21.16
N MET O 269 88.25 -8.25 21.14
CA MET O 269 87.57 -9.53 20.99
C MET O 269 87.13 -10.11 22.33
N LYS O 270 85.87 -10.52 22.40
CA LYS O 270 85.38 -11.20 23.60
C LYS O 270 85.67 -12.69 23.46
N SER O 271 86.58 -13.19 24.28
CA SER O 271 86.90 -14.62 24.29
C SER O 271 87.40 -15.05 25.65
N GLU O 272 87.19 -16.31 26.01
CA GLU O 272 87.60 -16.77 27.34
C GLU O 272 88.91 -17.51 27.32
N LEU O 273 89.49 -17.64 26.14
CA LEU O 273 90.71 -18.41 26.02
C LEU O 273 91.90 -17.47 26.05
N GLU O 274 93.08 -18.04 26.18
CA GLU O 274 94.30 -17.26 26.34
C GLU O 274 95.31 -17.57 25.23
N TYR O 275 96.49 -16.96 25.31
CA TYR O 275 97.49 -17.02 24.25
C TYR O 275 97.82 -18.45 23.79
N GLY O 276 98.26 -18.60 22.54
CA GLY O 276 98.54 -19.92 21.98
C GLY O 276 99.88 -20.04 21.27
N ASN O 277 100.63 -18.94 21.22
CA ASN O 277 102.00 -18.89 20.66
C ASN O 277 102.15 -19.12 19.17
N CYS O 278 101.06 -19.07 18.44
CA CYS O 278 101.11 -19.25 17.00
C CYS O 278 100.99 -17.92 16.28
N ASN O 279 100.98 -17.99 14.96
CA ASN O 279 100.79 -16.81 14.15
C ASN O 279 99.74 -17.10 13.09
N THR O 280 99.03 -16.05 12.67
CA THR O 280 97.98 -16.20 11.67
C THR O 280 97.76 -14.93 10.89
N LYS O 281 96.95 -15.03 9.83
CA LYS O 281 96.65 -13.85 9.04
C LYS O 281 95.20 -13.49 9.30
N CYS O 282 94.50 -14.40 9.98
CA CYS O 282 93.07 -14.25 10.27
C CYS O 282 92.76 -14.83 11.64
N GLN O 283 92.15 -14.00 12.48
CA GLN O 283 91.87 -14.36 13.87
C GLN O 283 90.39 -14.22 14.18
N THR O 284 89.92 -15.14 15.01
CA THR O 284 88.54 -15.24 15.43
C THR O 284 88.50 -15.40 16.96
N PRO O 285 87.40 -14.99 17.61
CA PRO O 285 87.30 -15.17 19.07
C PRO O 285 87.34 -16.64 19.51
N MET O 286 87.18 -17.55 18.56
CA MET O 286 87.18 -18.99 18.81
C MET O 286 88.45 -19.65 18.33
N GLY O 287 89.21 -18.98 17.47
CA GLY O 287 90.43 -19.55 16.94
C GLY O 287 90.91 -18.88 15.67
N ALA O 288 92.07 -19.28 15.15
CA ALA O 288 92.59 -18.62 13.95
C ALA O 288 92.21 -19.41 12.70
N ILE O 289 92.24 -18.77 11.55
CA ILE O 289 91.83 -19.45 10.33
C ILE O 289 92.99 -19.50 9.34
N ASN O 290 93.37 -20.69 8.92
CA ASN O 290 94.38 -20.82 7.88
C ASN O 290 93.69 -21.43 6.68
N SER O 291 93.25 -20.56 5.79
CA SER O 291 92.40 -21.02 4.72
C SER O 291 92.55 -20.16 3.49
N SER O 292 92.22 -20.73 2.35
CA SER O 292 92.28 -20.02 1.09
C SER O 292 90.88 -19.94 0.49
N MET O 293 89.95 -20.57 1.20
CA MET O 293 88.54 -20.53 0.86
C MET O 293 88.02 -19.10 0.87
N PRO O 294 86.99 -18.84 0.07
CA PRO O 294 86.38 -17.50 0.04
C PRO O 294 85.34 -17.28 1.15
N PHE O 295 84.90 -18.33 1.83
CA PHE O 295 83.89 -18.20 2.87
C PHE O 295 84.30 -19.00 4.09
N HIS O 296 83.75 -18.64 5.25
CA HIS O 296 83.93 -19.46 6.45
C HIS O 296 82.69 -19.34 7.33
N ASN O 297 82.56 -20.24 8.30
CA ASN O 297 81.38 -20.20 9.14
C ASN O 297 81.78 -20.28 10.60
N ILE O 298 83.00 -19.82 10.89
CA ILE O 298 83.53 -19.92 12.24
C ILE O 298 82.89 -18.90 13.18
N HIS O 299 83.02 -17.63 12.84
CA HIS O 299 82.51 -16.57 13.67
C HIS O 299 82.45 -15.30 12.84
N PRO O 300 81.38 -14.49 13.03
CA PRO O 300 81.18 -13.24 12.29
C PRO O 300 82.24 -12.19 12.61
N LEU O 301 82.80 -12.22 13.82
CA LEU O 301 83.71 -11.18 14.28
C LEU O 301 85.14 -11.57 14.06
N THR O 302 85.76 -11.06 13.01
CA THR O 302 87.14 -11.44 12.73
C THR O 302 87.99 -10.21 12.42
N ILE O 303 89.30 -10.42 12.47
CA ILE O 303 90.28 -9.38 12.19
C ILE O 303 91.41 -10.01 11.38
N GLY O 304 91.91 -9.27 10.41
CA GLY O 304 92.96 -9.78 9.54
C GLY O 304 92.44 -10.04 8.16
N GLU O 305 93.28 -10.60 7.29
CA GLU O 305 92.87 -11.05 5.96
C GLU O 305 91.95 -12.26 6.11
N CYS O 306 90.64 -12.10 5.94
CA CYS O 306 89.74 -13.20 6.23
C CYS O 306 88.77 -13.54 5.11
N PRO O 307 88.26 -14.77 5.12
CA PRO O 307 87.15 -15.15 4.24
C PRO O 307 85.91 -14.45 4.71
N LYS O 308 84.89 -14.40 3.87
CA LYS O 308 83.65 -13.73 4.22
C LYS O 308 82.80 -14.66 5.09
N TYR O 309 82.30 -14.14 6.20
CA TYR O 309 81.50 -14.98 7.09
C TYR O 309 80.14 -15.26 6.48
N VAL O 310 79.64 -16.45 6.71
CA VAL O 310 78.36 -16.86 6.15
C VAL O 310 77.80 -17.86 7.15
N LYS O 311 76.48 -17.93 7.29
CA LYS O 311 75.88 -18.82 8.28
C LYS O 311 75.59 -20.23 7.78
N SER O 312 76.32 -20.68 6.76
CA SER O 312 76.05 -21.97 6.15
C SER O 312 76.76 -23.10 6.83
N ASN O 313 76.13 -24.27 6.75
CA ASN O 313 76.78 -25.50 7.13
C ASN O 313 77.52 -26.08 5.93
N ARG O 314 77.17 -25.60 4.74
CA ARG O 314 77.68 -26.17 3.52
C ARG O 314 77.58 -25.23 2.33
N LEU O 315 78.67 -25.10 1.60
CA LEU O 315 78.68 -24.40 0.31
C LEU O 315 79.58 -25.14 -0.66
N VAL O 316 78.99 -25.84 -1.62
CA VAL O 316 79.79 -26.54 -2.63
C VAL O 316 79.28 -26.26 -4.04
N LEU O 317 80.18 -25.76 -4.87
CA LEU O 317 79.91 -25.50 -6.27
C LEU O 317 80.21 -26.76 -7.09
N ALA O 318 79.33 -27.07 -8.02
CA ALA O 318 79.61 -28.08 -9.01
C ALA O 318 80.61 -27.50 -9.99
N THR O 319 81.67 -28.25 -10.28
CA THR O 319 82.57 -27.80 -11.34
C THR O 319 82.52 -28.80 -12.49
N GLY O 320 82.51 -30.09 -12.15
CA GLY O 320 82.40 -31.13 -13.15
C GLY O 320 80.95 -31.35 -13.56
N LEU O 321 80.64 -32.53 -14.07
CA LEU O 321 79.27 -32.81 -14.53
C LEU O 321 78.65 -33.94 -13.73
N ARG O 322 77.38 -34.23 -14.01
CA ARG O 322 76.65 -35.29 -13.30
C ARG O 322 77.34 -36.64 -13.46
N ASN O 323 77.73 -37.23 -12.34
CA ASN O 323 78.46 -38.50 -12.39
C ASN O 323 77.47 -39.64 -12.47
N THR O 324 77.84 -40.65 -13.22
CA THR O 324 76.96 -41.77 -13.46
C THR O 324 77.35 -42.93 -12.56
N PRO O 325 76.35 -43.62 -12.00
CA PRO O 325 76.55 -44.70 -11.02
C PRO O 325 77.34 -45.87 -11.62
N GLY P 1 68.82 -34.42 -18.33
CA GLY P 1 68.83 -33.04 -17.89
C GLY P 1 68.10 -32.12 -18.85
N LEU P 2 68.36 -30.81 -18.79
CA LEU P 2 67.60 -29.89 -19.63
C LEU P 2 67.80 -30.17 -21.12
N PHE P 3 68.94 -30.73 -21.49
CA PHE P 3 69.27 -30.90 -22.92
C PHE P 3 69.27 -32.38 -23.36
N GLY P 4 68.86 -33.28 -22.46
CA GLY P 4 68.58 -34.66 -22.84
C GLY P 4 69.75 -35.54 -23.21
N ALA P 5 70.95 -34.99 -23.10
CA ALA P 5 72.15 -35.72 -23.46
C ALA P 5 72.69 -36.54 -22.27
N ILE P 6 73.29 -35.86 -21.30
CA ILE P 6 73.80 -36.50 -20.10
C ILE P 6 72.65 -37.15 -19.35
N ALA P 7 72.80 -38.44 -19.04
CA ALA P 7 71.75 -39.24 -18.43
C ALA P 7 70.42 -39.14 -19.22
N GLY P 8 70.53 -39.05 -20.54
CA GLY P 8 69.39 -38.93 -21.44
C GLY P 8 69.52 -39.94 -22.57
N PHE P 9 69.65 -39.47 -23.81
CA PHE P 9 69.82 -40.40 -24.92
C PHE P 9 71.20 -41.04 -24.88
N ILE P 10 72.13 -40.34 -24.26
CA ILE P 10 73.38 -40.98 -23.92
C ILE P 10 73.29 -41.39 -22.46
N GLU P 11 72.85 -42.60 -22.23
CA GLU P 11 72.69 -43.06 -20.87
C GLU P 11 74.07 -43.41 -20.40
N GLY P 12 74.50 -42.77 -19.32
CA GLY P 12 75.80 -43.04 -18.74
C GLY P 12 77.03 -42.41 -19.40
N GLY P 13 78.03 -42.19 -18.57
CA GLY P 13 79.32 -41.66 -18.97
C GLY P 13 80.39 -42.73 -19.03
N TRP P 14 81.57 -42.35 -19.50
CA TRP P 14 82.63 -43.30 -19.68
C TRP P 14 83.73 -43.17 -18.65
N GLN P 15 83.87 -44.19 -17.81
CA GLN P 15 85.00 -44.25 -16.90
C GLN P 15 86.30 -44.23 -17.70
N GLY P 16 86.25 -44.85 -18.88
CA GLY P 16 87.44 -45.10 -19.70
C GLY P 16 88.06 -43.83 -20.22
N MET P 17 87.22 -42.82 -20.44
CA MET P 17 87.72 -41.54 -20.88
C MET P 17 88.16 -40.69 -19.69
N VAL P 18 89.44 -40.34 -19.63
CA VAL P 18 89.97 -39.71 -18.43
C VAL P 18 90.68 -38.38 -18.70
N ASP P 19 90.92 -38.08 -19.97
CA ASP P 19 91.69 -36.89 -20.33
C ASP P 19 90.81 -35.70 -20.71
N GLY P 20 89.54 -35.77 -20.34
CA GLY P 20 88.62 -34.71 -20.65
C GLY P 20 87.21 -34.93 -20.15
N TRP P 21 86.37 -33.93 -20.36
CA TRP P 21 85.00 -34.00 -19.93
C TRP P 21 84.10 -34.60 -20.99
N TYR P 22 84.23 -34.14 -22.22
CA TYR P 22 83.41 -34.65 -23.31
C TYR P 22 84.32 -35.17 -24.40
N GLY P 23 83.88 -36.21 -25.09
CA GLY P 23 84.68 -36.69 -26.19
C GLY P 23 84.09 -37.85 -26.94
N TYR P 24 84.97 -38.58 -27.61
CA TYR P 24 84.55 -39.58 -28.56
C TYR P 24 85.10 -40.95 -28.23
N HIS P 25 84.35 -41.96 -28.63
CA HIS P 25 84.86 -43.32 -28.71
C HIS P 25 84.68 -43.80 -30.14
N HIS P 26 85.80 -44.05 -30.82
CA HIS P 26 85.74 -44.52 -32.18
C HIS P 26 85.93 -46.01 -32.22
N SER P 27 85.59 -46.61 -33.35
CA SER P 27 85.79 -48.03 -33.50
C SER P 27 85.89 -48.33 -34.99
N ASN P 28 87.10 -48.53 -35.47
CA ASN P 28 87.28 -48.93 -36.84
C ASN P 28 88.12 -50.19 -37.00
N GLU P 29 88.62 -50.40 -38.22
CA GLU P 29 89.39 -51.58 -38.53
C GLU P 29 90.79 -51.49 -37.89
N GLN P 30 91.33 -50.27 -37.85
CA GLN P 30 92.65 -50.03 -37.27
C GLN P 30 92.67 -50.22 -35.77
N GLY P 31 91.48 -50.30 -35.17
CA GLY P 31 91.37 -50.49 -33.73
C GLY P 31 90.43 -49.48 -33.13
N SER P 32 90.11 -49.68 -31.86
CA SER P 32 89.15 -48.83 -31.16
C SER P 32 89.84 -48.00 -30.07
N GLY P 33 89.14 -47.01 -29.52
CA GLY P 33 89.68 -46.19 -28.46
C GLY P 33 88.88 -44.97 -28.03
N TYR P 34 89.17 -44.50 -26.81
CA TYR P 34 88.58 -43.27 -26.28
C TYR P 34 89.50 -42.12 -26.65
N ALA P 35 88.93 -40.94 -26.83
CA ALA P 35 89.71 -39.75 -27.08
C ALA P 35 88.90 -38.55 -26.65
N ALA P 36 89.56 -37.59 -26.00
CA ALA P 36 88.87 -36.43 -25.49
C ALA P 36 88.83 -35.38 -26.57
N ASP P 37 87.70 -34.69 -26.71
CA ASP P 37 87.64 -33.53 -27.59
C ASP P 37 88.24 -32.36 -26.85
N LYS P 38 89.47 -31.98 -27.18
CA LYS P 38 90.16 -30.98 -26.38
C LYS P 38 89.48 -29.61 -26.37
N GLU P 39 88.93 -29.21 -27.50
CA GLU P 39 88.38 -27.87 -27.66
C GLU P 39 87.11 -27.59 -26.85
N SER P 40 86.14 -28.47 -26.92
CA SER P 40 84.90 -28.29 -26.20
C SER P 40 85.15 -28.54 -24.71
N THR P 41 86.14 -29.38 -24.41
CA THR P 41 86.51 -29.62 -23.02
C THR P 41 87.17 -28.37 -22.47
N GLN P 42 88.04 -27.74 -23.24
CA GLN P 42 88.74 -26.56 -22.76
C GLN P 42 87.75 -25.40 -22.54
N LYS P 43 86.80 -25.25 -23.48
CA LYS P 43 85.78 -24.21 -23.45
C LYS P 43 85.00 -24.26 -22.16
N ALA P 44 84.69 -25.49 -21.74
CA ALA P 44 83.95 -25.74 -20.52
C ALA P 44 84.77 -25.46 -19.27
N ILE P 45 86.04 -25.89 -19.31
CA ILE P 45 86.97 -25.66 -18.22
C ILE P 45 87.08 -24.16 -18.03
N ASP P 46 87.20 -23.44 -19.14
CA ASP P 46 87.26 -21.98 -19.08
C ASP P 46 85.99 -21.37 -18.52
N GLY P 47 84.85 -21.91 -18.91
CA GLY P 47 83.57 -21.36 -18.49
C GLY P 47 83.31 -21.57 -17.03
N VAL P 48 83.57 -22.79 -16.57
CA VAL P 48 83.33 -23.13 -15.18
C VAL P 48 84.33 -22.41 -14.27
N THR P 49 85.57 -22.28 -14.72
CA THR P 49 86.59 -21.57 -13.94
C THR P 49 86.31 -20.07 -13.83
N ASN P 50 85.91 -19.43 -14.92
CA ASN P 50 85.49 -18.02 -14.81
C ASN P 50 84.28 -17.86 -13.89
N LYS P 51 83.37 -18.84 -13.92
CA LYS P 51 82.15 -18.83 -13.11
C LYS P 51 82.48 -18.84 -11.64
N VAL P 52 83.36 -19.75 -11.26
CA VAL P 52 83.78 -19.85 -9.87
C VAL P 52 84.45 -18.53 -9.47
N ASN P 53 85.32 -18.02 -10.33
CA ASN P 53 85.95 -16.74 -10.06
C ASN P 53 84.96 -15.58 -9.96
N SER P 54 83.92 -15.55 -10.80
CA SER P 54 82.89 -14.50 -10.72
C SER P 54 82.07 -14.61 -9.44
N ILE P 55 81.82 -15.83 -9.00
CA ILE P 55 81.03 -16.05 -7.79
C ILE P 55 81.81 -15.55 -6.58
N ILE P 56 83.08 -15.91 -6.53
CA ILE P 56 83.95 -15.46 -5.47
C ILE P 56 84.15 -13.93 -5.50
N ASP P 57 84.21 -13.36 -6.69
CA ASP P 57 84.48 -11.93 -6.82
C ASP P 57 83.30 -11.08 -6.34
N LYS P 58 82.08 -11.41 -6.76
CA LYS P 58 80.89 -10.63 -6.36
C LYS P 58 80.62 -10.66 -4.85
N MET P 59 81.26 -11.59 -4.15
CA MET P 59 81.07 -11.72 -2.70
C MET P 59 82.22 -11.07 -1.94
N ASN P 60 83.09 -10.28 -2.59
CA ASN P 60 84.21 -9.66 -1.86
C ASN P 60 83.81 -8.38 -1.10
N THR P 61 82.76 -7.72 -1.58
CA THR P 61 82.24 -6.54 -0.90
C THR P 61 81.14 -6.96 0.05
N GLN P 62 81.32 -8.12 0.68
CA GLN P 62 80.33 -8.64 1.62
C GLN P 62 80.39 -7.85 2.93
N PHE P 63 79.31 -7.91 3.70
CA PHE P 63 79.23 -7.28 5.00
C PHE P 63 80.24 -7.88 5.96
N GLU P 64 80.84 -7.03 6.79
CA GLU P 64 81.80 -7.46 7.79
C GLU P 64 81.42 -6.91 9.15
N ALA P 65 81.11 -7.82 10.07
CA ALA P 65 80.68 -7.47 11.41
C ALA P 65 81.80 -6.89 12.26
N VAL P 66 81.43 -5.91 13.08
CA VAL P 66 82.35 -5.25 13.99
C VAL P 66 81.79 -5.30 15.41
N GLY P 67 82.66 -5.59 16.37
CA GLY P 67 82.26 -5.63 17.77
C GLY P 67 81.85 -4.27 18.30
N ARG P 68 80.66 -4.21 18.90
CA ARG P 68 80.21 -2.98 19.53
C ARG P 68 79.57 -3.26 20.88
N GLU P 69 79.92 -2.48 21.88
CA GLU P 69 79.37 -2.71 23.20
C GLU P 69 78.42 -1.58 23.62
N PHE P 70 77.41 -1.91 24.43
CA PHE P 70 76.42 -0.93 24.86
C PHE P 70 76.11 -1.17 26.33
N ASN P 71 75.69 -0.14 27.05
CA ASN P 71 75.45 -0.31 28.47
C ASN P 71 73.99 -0.65 28.76
N ASN P 72 73.66 -0.85 30.03
CA ASN P 72 72.35 -1.35 30.46
C ASN P 72 71.17 -0.43 30.08
N LEU P 73 71.48 0.81 29.72
CA LEU P 73 70.48 1.78 29.29
C LEU P 73 70.57 2.11 27.81
N GLU P 74 71.22 1.23 27.07
CA GLU P 74 71.33 1.35 25.63
C GLU P 74 70.81 0.06 24.97
N ARG P 75 69.84 -0.55 25.63
CA ARG P 75 69.32 -1.87 25.26
C ARG P 75 68.62 -1.83 23.90
N ARG P 76 68.01 -0.70 23.56
CA ARG P 76 67.35 -0.52 22.28
C ARG P 76 68.35 -0.55 21.13
N ILE P 77 69.38 0.29 21.22
CA ILE P 77 70.33 0.28 20.13
C ILE P 77 71.18 -0.96 20.14
N GLU P 78 71.28 -1.65 21.28
CA GLU P 78 72.06 -2.88 21.31
C GLU P 78 71.36 -3.86 20.43
N ASN P 79 70.05 -3.92 20.61
CA ASN P 79 69.15 -4.81 19.89
C ASN P 79 69.03 -4.37 18.42
N LEU P 80 68.95 -3.06 18.19
CA LEU P 80 68.93 -2.50 16.84
C LEU P 80 70.20 -2.93 16.10
N ASN P 81 71.32 -2.81 16.79
CA ASN P 81 72.62 -3.16 16.25
C ASN P 81 72.69 -4.63 15.92
N LYS P 82 72.13 -5.46 16.78
CA LYS P 82 72.18 -6.88 16.55
C LYS P 82 71.28 -7.24 15.37
N GLN P 83 70.11 -6.62 15.28
CA GLN P 83 69.16 -6.92 14.22
C GLN P 83 69.81 -6.52 12.91
N MET P 84 70.59 -5.44 12.93
CA MET P 84 71.29 -5.00 11.73
C MET P 84 72.38 -5.98 11.30
N GLU P 85 73.19 -6.45 12.26
CA GLU P 85 74.27 -7.38 11.95
C GLU P 85 73.70 -8.69 11.41
N ASP P 86 72.71 -9.23 12.10
CA ASP P 86 72.05 -10.44 11.66
C ASP P 86 71.33 -10.22 10.32
N GLY P 87 70.80 -9.03 10.10
CA GLY P 87 70.09 -8.77 8.87
C GLY P 87 71.01 -8.95 7.67
N PHE P 88 72.17 -8.33 7.74
CA PHE P 88 73.09 -8.40 6.64
C PHE P 88 73.71 -9.78 6.53
N LEU P 89 73.92 -10.42 7.68
CA LEU P 89 74.43 -11.76 7.64
C LEU P 89 73.41 -12.72 7.01
N ASP P 90 72.14 -12.51 7.30
CA ASP P 90 71.13 -13.38 6.71
C ASP P 90 71.01 -13.12 5.22
N VAL P 91 71.09 -11.84 4.82
CA VAL P 91 70.98 -11.48 3.42
C VAL P 91 72.16 -12.05 2.61
N TRP P 92 73.37 -11.91 3.10
CA TRP P 92 74.51 -12.41 2.35
C TRP P 92 74.59 -13.93 2.32
N THR P 93 74.02 -14.58 3.34
CA THR P 93 73.98 -16.03 3.37
C THR P 93 72.98 -16.53 2.37
N TYR P 94 71.81 -15.89 2.35
CA TYR P 94 70.81 -16.16 1.32
C TYR P 94 71.48 -15.96 -0.04
N ASN P 95 72.19 -14.85 -0.22
CA ASN P 95 72.84 -14.58 -1.48
C ASN P 95 73.81 -15.64 -1.99
N ALA P 96 74.57 -16.21 -1.07
CA ALA P 96 75.60 -17.18 -1.42
C ALA P 96 74.97 -18.52 -1.64
N GLU P 97 74.14 -18.92 -0.70
CA GLU P 97 73.51 -20.22 -0.80
C GLU P 97 72.68 -20.33 -2.09
N LEU P 98 71.97 -19.26 -2.42
CA LEU P 98 71.07 -19.30 -3.57
C LEU P 98 71.87 -19.21 -4.85
N LEU P 99 72.93 -18.39 -4.86
CA LEU P 99 73.74 -18.22 -6.05
C LEU P 99 74.35 -19.58 -6.41
N VAL P 100 74.79 -20.27 -5.39
CA VAL P 100 75.37 -21.56 -5.60
C VAL P 100 74.34 -22.53 -6.11
N LEU P 101 73.15 -22.54 -5.51
CA LEU P 101 72.11 -23.43 -6.00
C LEU P 101 71.76 -23.17 -7.45
N MET P 102 71.60 -21.89 -7.78
CA MET P 102 71.20 -21.50 -9.11
C MET P 102 72.28 -21.84 -10.15
N GLU P 103 73.53 -21.52 -9.82
CA GLU P 103 74.62 -21.71 -10.76
C GLU P 103 75.06 -23.18 -10.87
N ASN P 104 74.82 -23.95 -9.81
CA ASN P 104 75.05 -25.38 -9.83
C ASN P 104 74.16 -26.04 -10.87
N GLU P 105 72.90 -25.62 -10.85
CA GLU P 105 71.93 -26.09 -11.80
C GLU P 105 72.34 -25.73 -13.21
N ARG P 106 72.73 -24.47 -13.40
CA ARG P 106 73.07 -24.05 -14.74
C ARG P 106 74.36 -24.73 -15.22
N THR P 107 75.26 -25.03 -14.29
CA THR P 107 76.53 -25.68 -14.63
C THR P 107 76.32 -27.11 -15.15
N LEU P 108 75.46 -27.86 -14.48
CA LEU P 108 75.13 -29.20 -14.89
C LEU P 108 74.50 -29.19 -16.28
N ASP P 109 73.61 -28.22 -16.50
CA ASP P 109 72.93 -28.10 -17.78
C ASP P 109 73.90 -27.62 -18.88
N PHE P 110 74.93 -26.88 -18.47
CA PHE P 110 75.95 -26.37 -19.39
C PHE P 110 76.74 -27.53 -20.02
N HIS P 111 77.07 -28.50 -19.17
CA HIS P 111 77.76 -29.71 -19.54
C HIS P 111 76.87 -30.54 -20.46
N ASP P 112 75.60 -30.63 -20.09
CA ASP P 112 74.61 -31.34 -20.88
C ASP P 112 74.60 -30.73 -22.27
N SER P 113 74.59 -29.41 -22.29
CA SER P 113 74.53 -28.69 -23.54
C SER P 113 75.78 -28.91 -24.35
N ASN P 114 76.92 -28.98 -23.67
CA ASN P 114 78.16 -29.12 -24.39
C ASN P 114 78.26 -30.49 -25.05
N VAL P 115 77.77 -31.52 -24.36
CA VAL P 115 77.77 -32.85 -24.91
C VAL P 115 76.80 -32.89 -26.09
N LYS P 116 75.59 -32.38 -25.89
CA LYS P 116 74.60 -32.38 -26.96
C LYS P 116 75.10 -31.64 -28.19
N ASN P 117 75.85 -30.57 -28.01
CA ASN P 117 76.38 -29.86 -29.16
C ASN P 117 77.46 -30.69 -29.87
N LEU P 118 78.26 -31.41 -29.08
CA LEU P 118 79.35 -32.23 -29.61
C LEU P 118 78.74 -33.37 -30.38
N TYR P 119 77.63 -33.90 -29.88
CA TYR P 119 76.91 -34.96 -30.60
C TYR P 119 76.40 -34.45 -31.94
N ASP P 120 75.80 -33.26 -31.94
CA ASP P 120 75.26 -32.65 -33.14
C ASP P 120 76.34 -32.27 -34.16
N LYS P 121 77.54 -31.94 -33.67
CA LYS P 121 78.68 -31.54 -34.51
C LYS P 121 79.02 -32.69 -35.45
N VAL P 122 78.99 -33.89 -34.89
CA VAL P 122 79.25 -35.11 -35.63
C VAL P 122 78.05 -35.45 -36.50
N ARG P 123 76.86 -35.41 -35.90
CA ARG P 123 75.60 -35.68 -36.60
C ARG P 123 75.41 -34.83 -37.85
N LEU P 124 75.65 -33.53 -37.74
CA LEU P 124 75.38 -32.63 -38.86
C LEU P 124 76.35 -32.75 -40.00
N GLN P 125 77.51 -33.34 -39.71
CA GLN P 125 78.54 -33.62 -40.70
C GLN P 125 78.25 -34.90 -41.45
N LEU P 126 77.94 -35.93 -40.67
CA LEU P 126 77.78 -37.29 -41.17
C LEU P 126 76.55 -37.49 -42.02
N ARG P 127 75.44 -36.84 -41.65
CA ARG P 127 74.20 -36.94 -42.43
C ARG P 127 73.80 -38.41 -42.71
N ASP P 128 73.50 -38.73 -43.96
CA ASP P 128 73.10 -40.10 -44.30
C ASP P 128 74.26 -41.09 -44.53
N ASN P 129 75.49 -40.62 -44.36
CA ASN P 129 76.67 -41.49 -44.45
C ASN P 129 76.83 -42.37 -43.21
N ALA P 130 75.94 -42.19 -42.25
CA ALA P 130 75.98 -42.99 -41.04
C ALA P 130 74.60 -43.09 -40.46
N LYS P 131 74.37 -44.08 -39.60
CA LYS P 131 73.05 -44.23 -39.04
C LYS P 131 73.11 -43.83 -37.55
N GLU P 132 72.15 -43.01 -37.13
CA GLU P 132 72.04 -42.61 -35.73
C GLU P 132 71.50 -43.82 -35.00
N LEU P 133 72.32 -44.46 -34.17
CA LEU P 133 71.82 -45.59 -33.40
C LEU P 133 70.80 -45.12 -32.34
N GLY P 134 70.91 -43.87 -31.93
CA GLY P 134 69.94 -43.30 -31.01
C GLY P 134 70.43 -43.43 -29.58
N ASN P 135 71.71 -43.71 -29.43
CA ASN P 135 72.31 -43.88 -28.11
C ASN P 135 73.63 -43.13 -27.99
N GLY P 136 73.86 -42.21 -28.91
CA GLY P 136 75.08 -41.42 -28.92
C GLY P 136 76.08 -41.93 -29.93
N CYS P 137 75.76 -43.04 -30.56
CA CYS P 137 76.71 -43.63 -31.49
C CYS P 137 76.23 -43.47 -32.93
N PHE P 138 77.18 -43.34 -33.85
CA PHE P 138 76.87 -43.33 -35.26
C PHE P 138 77.53 -44.51 -35.91
N GLU P 139 76.75 -45.39 -36.49
CA GLU P 139 77.34 -46.50 -37.25
C GLU P 139 77.53 -46.04 -38.68
N PHE P 140 78.77 -46.07 -39.16
CA PHE P 140 79.10 -45.59 -40.50
C PHE P 140 78.61 -46.51 -41.61
N TYR P 141 78.16 -45.94 -42.72
CA TYR P 141 77.76 -46.75 -43.86
C TYR P 141 78.95 -46.95 -44.80
N HIS P 142 80.12 -46.54 -44.34
CA HIS P 142 81.33 -46.73 -45.14
C HIS P 142 82.51 -46.91 -44.21
N LYS P 143 83.70 -47.00 -44.82
CA LYS P 143 84.89 -47.30 -44.06
C LYS P 143 85.47 -46.05 -43.48
N CYS P 144 85.73 -46.07 -42.18
CA CYS P 144 86.29 -44.88 -41.57
C CYS P 144 87.64 -45.19 -40.91
N ASP P 145 88.71 -44.88 -41.64
CA ASP P 145 90.03 -45.10 -41.10
C ASP P 145 90.29 -44.03 -40.04
N ASN P 146 91.42 -44.12 -39.36
CA ASN P 146 91.79 -43.14 -38.34
C ASN P 146 91.77 -41.68 -38.83
N GLU P 147 92.16 -41.45 -40.09
CA GLU P 147 92.14 -40.10 -40.68
C GLU P 147 90.71 -39.62 -40.94
N CYS P 148 89.82 -40.57 -41.24
CA CYS P 148 88.41 -40.28 -41.44
C CYS P 148 87.88 -39.87 -40.09
N MET P 149 88.20 -40.68 -39.08
CA MET P 149 87.83 -40.37 -37.70
C MET P 149 88.37 -39.02 -37.27
N GLU P 150 89.64 -38.76 -37.55
CA GLU P 150 90.20 -37.49 -37.11
C GLU P 150 89.50 -36.33 -37.82
N SER P 151 88.97 -36.59 -39.01
CA SER P 151 88.29 -35.54 -39.76
C SER P 151 86.91 -35.20 -39.18
N VAL P 152 86.21 -36.18 -38.60
CA VAL P 152 84.92 -35.86 -38.03
C VAL P 152 85.15 -35.11 -36.72
N LYS P 153 86.16 -35.54 -35.97
CA LYS P 153 86.47 -34.97 -34.68
C LYS P 153 86.92 -33.51 -34.77
N ASN P 154 87.58 -33.15 -35.87
CA ASN P 154 88.05 -31.77 -36.04
C ASN P 154 87.22 -30.94 -37.01
N GLY P 155 86.02 -31.42 -37.33
CA GLY P 155 85.06 -30.69 -38.14
C GLY P 155 85.44 -30.49 -39.61
N THR P 156 86.20 -31.43 -40.17
CA THR P 156 86.64 -31.31 -41.55
C THR P 156 86.22 -32.53 -42.38
N TYR P 157 85.19 -33.22 -41.93
CA TYR P 157 84.66 -34.39 -42.64
C TYR P 157 84.22 -34.04 -44.07
N ASP P 158 84.72 -34.83 -45.03
CA ASP P 158 84.36 -34.63 -46.44
C ASP P 158 83.20 -35.54 -46.84
N TYR P 159 81.97 -35.08 -46.61
CA TYR P 159 80.79 -35.88 -46.91
C TYR P 159 80.72 -36.44 -48.33
N PRO P 160 80.83 -35.58 -49.36
CA PRO P 160 80.59 -36.13 -50.70
C PRO P 160 81.62 -37.17 -51.12
N GLN P 161 82.82 -37.08 -50.56
CA GLN P 161 83.89 -38.03 -50.84
C GLN P 161 83.53 -39.49 -50.53
N TYR P 162 82.74 -39.70 -49.48
CA TYR P 162 82.40 -41.04 -49.04
C TYR P 162 80.94 -41.40 -49.31
N SER P 163 80.20 -40.46 -49.88
CA SER P 163 78.77 -40.62 -50.12
C SER P 163 78.49 -41.87 -50.96
N GLU P 164 79.28 -42.05 -52.01
CA GLU P 164 79.03 -43.13 -52.94
C GLU P 164 79.14 -44.48 -52.24
N GLU P 165 80.23 -44.66 -51.49
CA GLU P 165 80.44 -45.93 -50.78
C GLU P 165 79.38 -46.19 -49.72
N ALA P 166 78.90 -45.11 -49.10
CA ALA P 166 77.89 -45.17 -48.06
C ALA P 166 76.53 -45.50 -48.64
N ARG P 167 76.18 -44.82 -49.73
CA ARG P 167 74.90 -45.10 -50.36
C ARG P 167 74.82 -46.56 -50.79
N LEU P 168 75.91 -47.08 -51.36
CA LEU P 168 75.94 -48.46 -51.86
C LEU P 168 75.68 -49.43 -50.72
N ASN P 169 76.33 -49.19 -49.59
CA ASN P 169 76.13 -50.05 -48.42
C ASN P 169 74.79 -49.80 -47.74
N ARG P 170 74.25 -48.60 -47.88
CA ARG P 170 72.96 -48.28 -47.29
C ARG P 170 71.79 -48.91 -48.06
N GLU P 171 71.85 -48.85 -49.38
CA GLU P 171 70.73 -49.29 -50.22
C GLU P 171 70.64 -50.81 -50.34
N GLU P 172 71.75 -51.49 -50.06
CA GLU P 172 71.83 -52.96 -50.11
C GLU P 172 71.37 -53.66 -48.81
N ILE P 173 71.43 -52.96 -47.68
CA ILE P 173 70.96 -53.52 -46.41
C ILE P 173 69.47 -53.21 -46.23
N PRO Q 3 48.24 -43.42 -44.27
CA PRO Q 3 47.28 -44.51 -44.11
C PRO Q 3 47.84 -45.48 -43.06
N GLY Q 4 48.50 -44.93 -42.05
CA GLY Q 4 49.21 -45.76 -41.08
C GLY Q 4 48.99 -45.46 -39.58
N ASP Q 5 49.31 -46.44 -38.75
CA ASP Q 5 49.24 -46.31 -37.31
C ASP Q 5 50.15 -45.17 -36.89
N GLN Q 6 49.74 -44.37 -35.91
CA GLN Q 6 50.64 -43.30 -35.50
C GLN Q 6 50.66 -43.03 -34.00
N ILE Q 7 51.77 -42.47 -33.50
CA ILE Q 7 51.83 -42.05 -32.10
C ILE Q 7 52.25 -40.59 -31.99
N CYS Q 8 51.63 -39.86 -31.06
CA CYS Q 8 51.89 -38.42 -30.89
C CYS Q 8 52.39 -38.07 -29.50
N ILE Q 9 53.34 -37.13 -29.43
CA ILE Q 9 53.80 -36.62 -28.15
C ILE Q 9 53.08 -35.30 -27.88
N GLY Q 10 52.61 -35.13 -26.66
CA GLY Q 10 51.92 -33.90 -26.30
C GLY Q 10 51.88 -33.58 -24.82
N TYR Q 11 51.25 -32.47 -24.50
CA TYR Q 11 51.31 -32.02 -23.14
C TYR Q 11 49.95 -31.52 -22.63
N HIS Q 12 49.78 -31.48 -21.30
CA HIS Q 12 48.50 -31.19 -20.66
C HIS Q 12 47.92 -29.82 -20.99
N ALA Q 13 46.60 -29.74 -20.97
CA ALA Q 13 45.93 -28.46 -21.11
C ALA Q 13 44.59 -28.50 -20.36
N ASN Q 14 44.16 -27.37 -19.84
CA ASN Q 14 42.92 -27.35 -19.07
C ASN Q 14 42.19 -26.03 -19.06
N ASN Q 15 41.12 -25.98 -18.29
CA ASN Q 15 40.25 -24.81 -18.29
C ASN Q 15 40.75 -23.69 -17.32
N SER Q 16 42.01 -23.79 -16.90
CA SER Q 16 42.62 -22.83 -15.98
C SER Q 16 42.84 -21.46 -16.54
N THR Q 17 42.68 -20.46 -15.68
CA THR Q 17 42.90 -19.08 -16.07
C THR Q 17 43.96 -18.45 -15.19
N GLU Q 18 44.49 -19.23 -14.24
CA GLU Q 18 45.50 -18.72 -13.33
C GLU Q 18 46.69 -18.24 -14.16
N GLN Q 19 47.13 -17.02 -13.85
CA GLN Q 19 48.22 -16.35 -14.56
C GLN Q 19 49.48 -16.17 -13.72
N VAL Q 20 50.59 -15.98 -14.41
CA VAL Q 20 51.91 -15.99 -13.78
C VAL Q 20 52.83 -15.02 -14.52
N ASP Q 21 53.84 -14.52 -13.83
CA ASP Q 21 54.78 -13.56 -14.42
C ASP Q 21 56.19 -14.11 -14.50
N THR Q 22 56.93 -13.64 -15.51
CA THR Q 22 58.34 -13.99 -15.72
C THR Q 22 59.11 -12.72 -16.07
N ILE Q 23 60.41 -12.85 -16.28
CA ILE Q 23 61.20 -11.67 -16.65
C ILE Q 23 60.76 -11.11 -17.99
N MET Q 24 60.58 -11.99 -18.98
CA MET Q 24 60.32 -11.55 -20.35
C MET Q 24 58.84 -11.37 -20.67
N GLU Q 25 57.97 -12.00 -19.89
CA GLU Q 25 56.55 -11.96 -20.24
C GLU Q 25 55.69 -11.83 -18.99
N LYS Q 26 54.61 -11.07 -19.12
CA LYS Q 26 53.68 -10.88 -18.03
C LYS Q 26 52.32 -11.50 -18.35
N ASN Q 27 51.60 -11.87 -17.30
CA ASN Q 27 50.26 -12.44 -17.40
C ASN Q 27 50.25 -13.65 -18.31
N VAL Q 28 51.03 -14.66 -17.94
CA VAL Q 28 51.10 -15.90 -18.70
C VAL Q 28 50.17 -16.93 -18.11
N THR Q 29 49.12 -17.24 -18.86
CA THR Q 29 48.17 -18.25 -18.42
C THR Q 29 48.86 -19.62 -18.44
N VAL Q 30 48.60 -20.36 -17.39
CA VAL Q 30 49.41 -21.52 -17.05
C VAL Q 30 48.43 -22.58 -16.55
N THR Q 31 48.78 -23.86 -16.57
CA THR Q 31 47.78 -24.87 -16.17
C THR Q 31 47.61 -25.00 -14.66
N HIS Q 32 48.71 -24.79 -13.95
CA HIS Q 32 48.72 -24.93 -12.52
C HIS Q 32 49.67 -23.92 -11.89
N ALA Q 33 49.18 -23.24 -10.86
CA ALA Q 33 50.02 -22.28 -10.16
C ALA Q 33 49.81 -22.40 -8.67
N GLN Q 34 50.81 -21.99 -7.90
CA GLN Q 34 50.67 -21.95 -6.46
C GLN Q 34 50.84 -20.51 -5.98
N ASP Q 35 49.80 -20.01 -5.32
CA ASP Q 35 49.90 -18.71 -4.66
C ASP Q 35 50.70 -18.90 -3.36
N ILE Q 36 51.65 -18.01 -3.11
CA ILE Q 36 52.44 -18.18 -1.91
C ILE Q 36 52.40 -16.94 -1.00
N LEU Q 37 51.40 -16.09 -1.24
CA LEU Q 37 51.26 -14.84 -0.51
C LEU Q 37 49.93 -14.75 0.18
N GLU Q 38 49.99 -14.59 1.51
CA GLU Q 38 48.78 -14.39 2.29
C GLU Q 38 48.38 -12.94 2.32
N LYS Q 39 47.11 -12.66 2.01
CA LYS Q 39 46.59 -11.29 1.92
C LYS Q 39 45.40 -11.08 2.87
N THR Q 40 45.20 -12.00 3.80
CA THR Q 40 44.01 -11.97 4.63
C THR Q 40 44.26 -12.11 6.14
N HIS Q 41 43.51 -11.32 6.90
CA HIS Q 41 43.57 -11.36 8.36
C HIS Q 41 42.19 -11.13 8.90
N ASN Q 42 41.94 -11.51 10.15
CA ASN Q 42 40.59 -11.34 10.70
C ASN Q 42 40.30 -9.96 11.31
N GLY Q 43 41.24 -9.04 11.22
CA GLY Q 43 40.99 -7.68 11.62
C GLY Q 43 40.69 -7.55 13.10
N LYS Q 44 41.20 -8.49 13.88
CA LYS Q 44 40.94 -8.55 15.30
C LYS Q 44 42.20 -8.84 16.11
N LEU Q 45 42.22 -8.35 17.35
CA LEU Q 45 43.29 -8.66 18.31
C LEU Q 45 42.90 -9.88 19.10
N CYS Q 46 43.78 -10.87 19.20
CA CYS Q 46 43.41 -12.16 19.77
C CYS Q 46 44.41 -12.67 20.76
N ASP Q 47 44.02 -13.75 21.42
CA ASP Q 47 44.95 -14.47 22.26
C ASP Q 47 46.01 -15.02 21.31
N LEU Q 48 47.22 -15.20 21.82
CA LEU Q 48 48.29 -15.83 21.07
C LEU Q 48 48.57 -17.18 21.72
N ASN Q 49 48.03 -18.24 21.12
CA ASN Q 49 48.10 -19.58 21.68
C ASN Q 49 47.49 -19.66 23.07
N GLY Q 50 46.25 -19.20 23.21
CA GLY Q 50 45.52 -19.37 24.45
C GLY Q 50 46.02 -18.47 25.57
N VAL Q 51 46.81 -17.48 25.18
CA VAL Q 51 47.32 -16.49 26.12
C VAL Q 51 46.85 -15.10 25.71
N LYS Q 52 45.92 -14.54 26.50
CA LYS Q 52 45.30 -13.26 26.18
C LYS Q 52 46.34 -12.15 26.21
N PRO Q 53 46.21 -11.17 25.31
CA PRO Q 53 47.14 -10.03 25.35
C PRO Q 53 46.73 -9.05 26.42
N LEU Q 54 47.65 -8.19 26.87
CA LEU Q 54 47.30 -7.10 27.79
C LEU Q 54 46.95 -5.86 26.98
N ILE Q 55 45.65 -5.55 26.88
CA ILE Q 55 45.18 -4.38 26.15
C ILE Q 55 44.96 -3.22 27.11
N LEU Q 56 45.80 -2.19 26.98
CA LEU Q 56 45.85 -1.09 27.94
C LEU Q 56 44.71 -0.11 27.74
N ARG Q 57 43.91 -0.37 26.71
CA ARG Q 57 42.83 0.52 26.30
C ARG Q 57 43.34 1.95 26.26
N ASP Q 58 42.86 2.80 27.16
CA ASP Q 58 43.22 4.20 27.14
C ASP Q 58 44.35 4.55 28.08
N CYS Q 59 44.97 3.53 28.68
CA CYS Q 59 46.10 3.76 29.55
C CYS Q 59 47.42 3.60 28.80
N SER Q 60 48.42 4.31 29.29
CA SER Q 60 49.75 4.22 28.77
C SER Q 60 50.51 3.21 29.61
N VAL Q 61 51.71 2.86 29.18
CA VAL Q 61 52.51 1.98 30.01
C VAL Q 61 52.79 2.71 31.32
N ALA Q 62 53.16 3.97 31.21
CA ALA Q 62 53.41 4.78 32.40
C ALA Q 62 52.19 4.82 33.32
N GLY Q 63 51.03 5.10 32.74
CA GLY Q 63 49.80 5.17 33.49
C GLY Q 63 49.51 3.90 34.25
N TRP Q 64 49.81 2.79 33.60
CA TRP Q 64 49.60 1.47 34.21
C TRP Q 64 50.57 1.26 35.38
N LEU Q 65 51.85 1.40 35.09
CA LEU Q 65 52.86 1.03 36.08
C LEU Q 65 52.85 1.95 37.28
N LEU Q 66 52.66 3.25 37.06
CA LEU Q 66 52.62 4.23 38.17
C LEU Q 66 51.31 4.12 38.97
N GLY Q 67 50.26 3.66 38.32
CA GLY Q 67 48.97 3.47 38.94
C GLY Q 67 48.06 4.68 38.84
N ASN Q 68 48.01 5.25 37.64
CA ASN Q 68 47.08 6.33 37.37
C ASN Q 68 45.69 5.87 37.79
N PRO Q 69 45.01 6.70 38.59
CA PRO Q 69 43.73 6.34 39.17
C PRO Q 69 42.68 5.95 38.12
N MET Q 70 42.78 6.51 36.91
CA MET Q 70 41.80 6.12 35.87
C MET Q 70 42.15 4.78 35.22
N CYS Q 71 43.21 4.14 35.67
CA CYS Q 71 43.67 2.90 35.05
C CYS Q 71 43.51 1.68 35.96
N ASP Q 72 42.42 1.64 36.70
CA ASP Q 72 42.25 0.59 37.69
C ASP Q 72 42.00 -0.80 37.10
N GLU Q 73 41.60 -0.84 35.84
CA GLU Q 73 41.37 -2.12 35.17
C GLU Q 73 42.63 -3.00 35.26
N PHE Q 74 43.78 -2.35 35.34
CA PHE Q 74 45.05 -3.03 35.26
C PHE Q 74 45.79 -3.05 36.58
N ILE Q 75 45.05 -2.94 37.67
CA ILE Q 75 45.65 -2.97 39.01
C ILE Q 75 46.37 -4.29 39.29
N ASN Q 76 45.85 -5.39 38.75
CA ASN Q 76 46.47 -6.71 38.92
C ASN Q 76 46.32 -7.54 37.68
N VAL Q 77 47.20 -7.35 36.71
CA VAL Q 77 47.08 -8.04 35.44
C VAL Q 77 47.75 -9.42 35.48
N PRO Q 78 47.11 -10.41 34.85
CA PRO Q 78 47.71 -11.73 34.77
C PRO Q 78 48.73 -11.78 33.63
N GLU Q 79 49.37 -12.94 33.47
CA GLU Q 79 50.35 -13.14 32.41
C GLU Q 79 49.76 -12.75 31.04
N TRP Q 80 50.57 -12.14 30.20
CA TRP Q 80 50.13 -11.75 28.87
C TRP Q 80 51.03 -12.30 27.78
N SER Q 81 50.49 -12.35 26.56
CA SER Q 81 51.28 -12.75 25.42
C SER Q 81 51.94 -11.50 24.86
N TYR Q 82 51.14 -10.58 24.40
CA TYR Q 82 51.68 -9.32 23.91
C TYR Q 82 50.91 -8.17 24.51
N ILE Q 83 51.41 -6.96 24.29
CA ILE Q 83 50.78 -5.78 24.87
C ILE Q 83 50.38 -4.88 23.73
N VAL Q 84 49.19 -4.32 23.85
CA VAL Q 84 48.62 -3.37 22.90
C VAL Q 84 48.43 -1.99 23.55
N GLU Q 85 49.00 -0.97 22.92
CA GLU Q 85 48.85 0.38 23.44
C GLU Q 85 48.40 1.26 22.31
N LYS Q 86 47.44 2.14 22.58
CA LYS Q 86 47.02 3.05 21.55
C LYS Q 86 48.12 4.06 21.23
N ALA Q 87 47.93 4.80 20.14
CA ALA Q 87 48.94 5.73 19.65
C ALA Q 87 49.13 6.82 20.64
N SER Q 88 48.02 7.42 21.05
CA SER Q 88 48.03 8.52 21.99
C SER Q 88 47.02 8.26 23.10
N PRO Q 89 47.36 7.37 24.05
CA PRO Q 89 46.47 6.96 25.13
C PRO Q 89 46.10 8.17 25.94
N ALA Q 90 44.87 8.27 26.45
CA ALA Q 90 44.45 9.47 27.19
C ALA Q 90 45.07 9.55 28.57
N ASN Q 91 45.04 8.44 29.31
CA ASN Q 91 45.49 8.37 30.69
C ASN Q 91 46.98 8.01 30.81
N ASP Q 92 47.84 9.01 30.76
CA ASP Q 92 49.27 8.80 30.93
C ASP Q 92 49.68 9.35 32.32
N LEU Q 93 50.55 10.36 32.34
CA LEU Q 93 50.92 10.99 33.59
C LEU Q 93 49.87 12.07 33.89
N CYS Q 94 48.88 11.72 34.72
CA CYS Q 94 47.78 12.63 35.08
C CYS Q 94 48.31 13.90 35.71
N TYR Q 95 49.24 13.76 36.66
CA TYR Q 95 50.01 14.92 37.12
C TYR Q 95 51.18 15.05 36.18
N PRO Q 96 51.32 16.21 35.52
CA PRO Q 96 52.31 16.42 34.46
C PRO Q 96 53.74 16.33 34.92
N GLY Q 97 54.60 15.84 34.03
CA GLY Q 97 56.02 15.68 34.32
C GLY Q 97 56.72 14.76 33.35
N ASP Q 98 57.77 14.10 33.80
CA ASP Q 98 58.59 13.26 32.93
C ASP Q 98 58.84 11.88 33.52
N PHE Q 99 59.13 10.94 32.62
CA PHE Q 99 59.47 9.56 32.99
C PHE Q 99 60.82 9.21 32.38
N ASN Q 100 61.88 9.20 33.19
CA ASN Q 100 63.24 8.99 32.69
C ASN Q 100 63.45 7.62 32.07
N ASP Q 101 64.17 7.57 30.96
CA ASP Q 101 64.44 6.31 30.25
C ASP Q 101 63.18 5.49 29.97
N TYR Q 102 62.09 6.17 29.63
CA TYR Q 102 60.79 5.54 29.47
C TYR Q 102 60.86 4.50 28.38
N GLU Q 103 61.48 4.91 27.26
CA GLU Q 103 61.59 4.06 26.10
C GLU Q 103 62.39 2.82 26.46
N GLU Q 104 63.48 2.98 27.19
CA GLU Q 104 64.26 1.84 27.65
C GLU Q 104 63.43 0.99 28.62
N LEU Q 105 62.45 1.59 29.30
CA LEU Q 105 61.58 0.80 30.17
C LEU Q 105 60.54 0.08 29.35
N LYS Q 106 59.99 0.73 28.34
CA LYS Q 106 59.04 0.04 27.47
C LYS Q 106 59.73 -1.15 26.79
N HIS Q 107 61.03 -1.02 26.48
CA HIS Q 107 61.80 -2.10 25.87
C HIS Q 107 61.90 -3.29 26.80
N LEU Q 108 62.20 -3.01 28.06
CA LEU Q 108 62.31 -4.04 29.09
C LEU Q 108 60.99 -4.76 29.24
N LEU Q 109 59.90 -4.01 29.09
CA LEU Q 109 58.55 -4.60 29.12
C LEU Q 109 58.36 -5.58 28.00
N SER Q 110 58.81 -5.19 26.82
CA SER Q 110 58.60 -6.01 25.63
C SER Q 110 59.32 -7.34 25.75
N ARG Q 111 60.20 -7.48 26.74
CA ARG Q 111 60.91 -8.73 27.00
C ARG Q 111 60.35 -9.44 28.23
N THR Q 112 59.10 -9.13 28.58
CA THR Q 112 58.51 -9.69 29.79
C THR Q 112 57.07 -10.04 29.54
N ASN Q 113 56.60 -11.11 30.18
CA ASN Q 113 55.24 -11.57 30.01
C ASN Q 113 54.40 -11.41 31.27
N HIS Q 114 55.06 -11.30 32.43
CA HIS Q 114 54.33 -11.27 33.68
C HIS Q 114 54.94 -10.39 34.78
N PHE Q 115 54.16 -9.40 35.22
CA PHE Q 115 54.47 -8.55 36.38
C PHE Q 115 53.57 -8.94 37.51
N GLU Q 116 54.15 -9.21 38.67
CA GLU Q 116 53.35 -9.42 39.88
C GLU Q 116 53.62 -8.29 40.85
N LYS Q 117 52.59 -7.51 41.11
CA LYS Q 117 52.73 -6.34 41.95
C LYS Q 117 52.93 -6.76 43.40
N ILE Q 118 53.88 -6.12 44.09
CA ILE Q 118 54.11 -6.38 45.51
C ILE Q 118 54.32 -5.10 46.29
N GLN Q 119 53.82 -5.08 47.51
CA GLN Q 119 54.01 -3.95 48.39
C GLN Q 119 55.39 -3.98 49.03
N ILE Q 120 56.21 -2.97 48.77
CA ILE Q 120 57.56 -3.00 49.34
C ILE Q 120 57.70 -2.03 50.52
N ILE Q 121 57.03 -0.89 50.46
CA ILE Q 121 56.95 -0.01 51.63
C ILE Q 121 55.53 0.46 51.77
N PRO Q 122 54.81 -0.11 52.76
CA PRO Q 122 53.39 0.13 53.00
C PRO Q 122 53.08 1.59 53.25
N LYS Q 123 52.01 2.07 52.61
CA LYS Q 123 51.55 3.46 52.73
C LYS Q 123 51.30 3.80 54.20
N SER Q 124 50.92 2.78 54.96
CA SER Q 124 50.64 2.94 56.37
C SER Q 124 51.87 3.26 57.22
N SER Q 125 53.04 2.86 56.76
CA SER Q 125 54.24 2.94 57.59
C SER Q 125 54.84 4.34 57.67
N TRP Q 126 54.19 5.33 57.07
CA TRP Q 126 54.73 6.69 57.11
C TRP Q 126 54.20 7.42 58.34
N SER Q 127 54.82 7.11 59.47
CA SER Q 127 54.36 7.54 60.79
C SER Q 127 54.51 9.03 61.04
N ASN Q 128 55.58 9.62 60.53
CA ASN Q 128 55.85 11.04 60.77
C ASN Q 128 55.66 11.89 59.53
N HIS Q 129 54.97 11.35 58.55
CA HIS Q 129 54.66 12.12 57.36
C HIS Q 129 53.21 11.96 56.98
N ASP Q 130 52.74 12.89 56.18
CA ASP Q 130 51.35 12.88 55.72
C ASP Q 130 51.20 12.09 54.40
N ALA Q 131 50.54 10.94 54.51
CA ALA Q 131 50.36 10.06 53.37
C ALA Q 131 48.95 10.10 52.81
N SER Q 132 48.23 11.19 53.04
CA SER Q 132 46.84 11.24 52.62
C SER Q 132 46.50 12.44 51.77
N SER Q 133 47.18 13.56 52.01
CA SER Q 133 46.87 14.77 51.26
C SER Q 133 47.66 14.83 49.96
N GLY Q 134 48.58 13.87 49.78
CA GLY Q 134 49.38 13.80 48.56
C GLY Q 134 48.50 13.39 47.40
N VAL Q 135 47.70 14.35 46.96
CA VAL Q 135 46.57 14.12 46.09
C VAL Q 135 46.29 15.37 45.24
N SER Q 136 45.80 15.19 44.02
CA SER Q 136 45.58 16.31 43.10
C SER Q 136 44.35 16.21 42.21
N SER Q 137 43.89 17.36 41.75
CA SER Q 137 42.73 17.39 40.92
C SER Q 137 43.12 17.01 39.50
N ALA Q 138 44.42 16.95 39.25
CA ALA Q 138 44.93 16.54 37.95
C ALA Q 138 44.78 15.05 37.80
N CYS Q 139 44.67 14.37 38.94
CA CYS Q 139 44.52 12.92 38.93
C CYS Q 139 43.22 12.48 39.57
N PRO Q 140 42.09 12.80 38.94
CA PRO Q 140 40.79 12.47 39.54
C PRO Q 140 40.46 10.99 39.53
N TYR Q 141 39.89 10.50 40.62
CA TYR Q 141 39.32 9.17 40.62
C TYR Q 141 37.83 9.33 40.34
N HIS Q 142 37.01 9.01 41.33
CA HIS Q 142 35.57 9.13 41.14
C HIS Q 142 35.13 10.52 41.58
N GLY Q 143 35.54 11.51 40.79
CA GLY Q 143 35.20 12.90 41.06
C GLY Q 143 36.02 13.49 42.19
N ARG Q 144 36.65 12.63 42.99
CA ARG Q 144 37.43 13.11 44.11
C ARG Q 144 38.89 13.13 43.69
N SER Q 145 39.63 14.14 44.13
CA SER Q 145 41.06 14.23 43.82
C SER Q 145 41.85 13.08 44.40
N SER Q 146 42.77 12.57 43.60
CA SER Q 146 43.58 11.41 43.94
C SER Q 146 44.99 11.49 43.37
N PHE Q 147 45.61 10.34 43.16
CA PHE Q 147 46.99 10.31 42.72
C PHE Q 147 47.37 8.91 42.27
N PHE Q 148 48.52 8.78 41.59
CA PHE Q 148 49.05 7.49 41.20
C PHE Q 148 49.02 6.56 42.41
N ARG Q 149 48.59 5.33 42.17
CA ARG Q 149 48.27 4.38 43.25
C ARG Q 149 49.42 3.49 43.73
N ASN Q 150 50.54 3.44 43.00
CA ASN Q 150 51.65 2.56 43.38
C ASN Q 150 52.78 3.40 43.95
N VAL Q 151 52.53 4.67 44.04
CA VAL Q 151 53.56 5.61 44.40
C VAL Q 151 52.91 6.63 45.36
N VAL Q 152 53.65 7.07 46.37
CA VAL Q 152 53.05 7.89 47.43
C VAL Q 152 53.60 9.30 47.49
N TRP Q 153 52.73 10.29 47.37
CA TRP Q 153 53.14 11.68 47.43
C TRP Q 153 53.21 12.15 48.87
N LEU Q 154 54.34 11.90 49.53
CA LEU Q 154 54.52 12.30 50.92
C LEU Q 154 54.54 13.82 51.09
N ILE Q 155 53.73 14.34 52.02
CA ILE Q 155 53.71 15.78 52.31
C ILE Q 155 53.93 16.01 53.83
N LYS Q 156 54.40 17.20 54.22
CA LYS Q 156 54.73 17.47 55.63
C LYS Q 156 53.60 17.22 56.64
N LYS Q 157 54.00 16.89 57.87
CA LYS Q 157 53.04 16.60 58.95
C LYS Q 157 53.39 17.42 60.17
N ASN Q 158 52.42 18.13 60.75
CA ASN Q 158 52.71 19.02 61.88
C ASN Q 158 53.80 20.01 61.55
N SER Q 159 53.72 20.59 60.36
CA SER Q 159 54.67 21.58 59.90
C SER Q 159 56.14 21.12 60.01
N ALA Q 160 56.36 19.83 59.86
CA ALA Q 160 57.69 19.26 59.85
C ALA Q 160 57.76 18.05 58.91
N TYR Q 161 58.84 17.99 58.16
CA TYR Q 161 59.14 16.88 57.26
C TYR Q 161 60.48 16.26 57.64
N PRO Q 162 60.46 15.32 58.58
CA PRO Q 162 61.69 14.66 59.03
C PRO Q 162 62.34 13.90 57.87
N THR Q 163 63.65 13.76 57.94
CA THR Q 163 64.41 13.06 56.93
C THR Q 163 63.97 11.62 56.84
N ILE Q 164 63.66 11.20 55.62
CA ILE Q 164 63.25 9.85 55.37
C ILE Q 164 64.47 9.03 55.08
N LYS Q 165 64.53 7.89 55.74
CA LYS Q 165 65.54 6.88 55.49
C LYS Q 165 64.85 5.55 55.48
N ARG Q 166 64.44 5.09 54.29
CA ARG Q 166 63.82 3.78 54.13
C ARG Q 166 64.68 2.90 53.25
N SER Q 167 64.61 1.60 53.50
CA SER Q 167 65.43 0.64 52.78
C SER Q 167 64.62 -0.62 52.49
N TYR Q 168 64.78 -1.18 51.30
CA TYR Q 168 64.11 -2.42 50.96
C TYR Q 168 65.08 -3.39 50.30
N ASN Q 169 65.15 -4.61 50.84
CA ASN Q 169 66.03 -5.65 50.30
C ASN Q 169 65.22 -6.63 49.45
N ASN Q 170 65.56 -6.77 48.18
CA ASN Q 170 64.84 -7.72 47.34
C ASN Q 170 65.14 -9.15 47.81
N THR Q 171 64.16 -9.78 48.45
CA THR Q 171 64.32 -11.15 48.95
C THR Q 171 63.64 -12.17 48.06
N ASN Q 172 62.98 -11.70 47.00
CA ASN Q 172 62.35 -12.60 46.07
C ASN Q 172 63.42 -13.22 45.20
N GLN Q 173 63.01 -14.11 44.30
CA GLN Q 173 63.94 -14.81 43.45
C GLN Q 173 64.00 -14.12 42.08
N GLU Q 174 63.13 -13.13 41.89
CA GLU Q 174 63.00 -12.46 40.60
C GLU Q 174 63.61 -11.06 40.62
N ASP Q 175 63.86 -10.52 39.44
CA ASP Q 175 64.20 -9.11 39.33
C ASP Q 175 63.00 -8.35 39.84
N LEU Q 176 63.22 -7.13 40.31
CA LEU Q 176 62.13 -6.31 40.76
C LEU Q 176 62.15 -4.93 40.14
N LEU Q 177 61.02 -4.52 39.59
CA LEU Q 177 60.95 -3.21 38.97
C LEU Q 177 60.52 -2.24 40.05
N VAL Q 178 61.36 -1.28 40.37
CA VAL Q 178 61.01 -0.27 41.35
C VAL Q 178 60.89 1.10 40.69
N LEU Q 179 59.75 1.76 40.93
CA LEU Q 179 59.51 3.11 40.42
C LEU Q 179 59.43 4.12 41.58
N TRP Q 180 59.98 5.31 41.39
CA TRP Q 180 59.76 6.40 42.35
C TRP Q 180 59.81 7.72 41.62
N GLY Q 181 59.60 8.82 42.36
CA GLY Q 181 59.56 10.12 41.74
C GLY Q 181 60.01 11.28 42.64
N ILE Q 182 60.16 12.44 42.01
CA ILE Q 182 60.52 13.66 42.70
C ILE Q 182 59.58 14.76 42.28
N HIS Q 183 59.23 15.66 43.20
CA HIS Q 183 58.33 16.75 42.85
C HIS Q 183 59.06 18.06 42.63
N HIS Q 184 58.78 18.69 41.50
CA HIS Q 184 59.33 19.98 41.15
C HIS Q 184 58.22 21.04 41.26
N PRO Q 185 58.18 21.75 42.38
CA PRO Q 185 57.12 22.72 42.71
C PRO Q 185 57.22 23.99 41.88
N ASN Q 186 56.26 24.91 42.07
CA ASN Q 186 56.23 26.16 41.33
C ASN Q 186 57.13 27.27 41.84
N ASP Q 187 57.14 27.44 43.16
CA ASP Q 187 57.86 28.55 43.77
C ASP Q 187 58.26 28.13 45.18
N ALA Q 188 59.05 28.96 45.84
CA ALA Q 188 59.54 28.59 47.16
C ALA Q 188 58.37 28.49 48.11
N ALA Q 189 57.32 29.27 47.84
CA ALA Q 189 56.13 29.25 48.69
C ALA Q 189 55.52 27.86 48.65
N GLU Q 190 55.18 27.37 47.47
CA GLU Q 190 54.59 26.03 47.38
C GLU Q 190 55.56 25.00 47.98
N GLN Q 191 56.85 25.18 47.75
CA GLN Q 191 57.90 24.31 48.32
C GLN Q 191 57.78 24.19 49.85
N THR Q 192 57.74 25.33 50.55
CA THR Q 192 57.62 25.34 52.00
C THR Q 192 56.29 24.77 52.48
N LYS Q 193 55.25 25.08 51.70
CA LYS Q 193 53.89 24.69 52.02
C LYS Q 193 53.72 23.18 52.09
N LEU Q 194 54.36 22.46 51.17
CA LEU Q 194 54.19 21.02 51.09
C LEU Q 194 55.20 20.26 51.94
N TYR Q 195 56.46 20.64 51.83
CA TYR Q 195 57.54 20.02 52.60
C TYR Q 195 58.12 21.20 53.33
N GLN Q 196 58.31 21.09 54.63
CA GLN Q 196 58.60 22.31 55.37
C GLN Q 196 59.91 22.93 54.87
N ASN Q 197 60.89 22.06 54.65
CA ASN Q 197 62.26 22.45 54.33
C ASN Q 197 62.43 23.10 52.97
N PRO Q 198 63.20 24.19 52.91
CA PRO Q 198 63.32 25.01 51.70
C PRO Q 198 64.24 24.40 50.68
N THR Q 199 65.29 23.71 51.15
CA THR Q 199 66.24 23.09 50.25
C THR Q 199 66.34 21.60 50.57
N THR Q 200 66.03 20.77 49.58
CA THR Q 200 65.82 19.35 49.79
C THR Q 200 66.51 18.48 48.77
N TYR Q 201 66.48 17.18 48.99
CA TYR Q 201 67.15 16.24 48.13
C TYR Q 201 66.46 14.87 48.19
N ILE Q 202 66.77 14.02 47.22
CA ILE Q 202 66.37 12.63 47.25
C ILE Q 202 67.57 11.83 46.80
N SER Q 203 68.06 10.92 47.63
CA SER Q 203 69.22 10.14 47.22
C SER Q 203 68.79 8.67 47.18
N VAL Q 204 69.19 7.98 46.11
CA VAL Q 204 68.84 6.57 45.96
C VAL Q 204 70.11 5.78 45.77
N GLY Q 205 70.20 4.64 46.42
CA GLY Q 205 71.40 3.83 46.37
C GLY Q 205 71.12 2.36 46.11
N THR Q 206 71.96 1.78 45.28
CA THR Q 206 71.82 0.39 44.89
C THR Q 206 73.25 -0.08 44.70
N SER Q 207 73.47 -1.38 44.60
CA SER Q 207 74.79 -1.88 44.25
C SER Q 207 75.29 -1.21 42.99
N THR Q 208 74.39 -0.89 42.07
CA THR Q 208 74.76 -0.28 40.80
C THR Q 208 74.23 1.17 40.63
N LEU Q 209 73.09 1.49 41.26
CA LEU Q 209 72.51 2.83 41.13
C LEU Q 209 73.06 3.77 42.20
N ASN Q 210 73.34 5.00 41.79
CA ASN Q 210 73.72 6.05 42.72
C ASN Q 210 73.28 7.42 42.22
N GLN Q 211 72.27 7.99 42.87
CA GLN Q 211 71.87 9.32 42.49
C GLN Q 211 71.42 10.17 43.66
N ARG Q 212 71.60 11.47 43.51
CA ARG Q 212 71.12 12.45 44.44
C ARG Q 212 70.46 13.50 43.59
N LEU Q 213 69.14 13.57 43.72
CA LEU Q 213 68.29 14.45 42.95
C LEU Q 213 67.97 15.67 43.76
N VAL Q 214 67.99 16.83 43.11
CA VAL Q 214 67.58 18.04 43.76
C VAL Q 214 66.45 18.66 42.94
N PRO Q 215 65.34 19.00 43.60
CA PRO Q 215 64.15 19.56 42.98
C PRO Q 215 64.45 20.90 42.33
N GLU Q 216 63.91 21.05 41.13
CA GLU Q 216 64.11 22.26 40.36
C GLU Q 216 62.86 23.15 40.40
N ILE Q 217 62.82 24.09 41.34
CA ILE Q 217 61.66 24.98 41.49
C ILE Q 217 61.57 26.00 40.34
N ALA Q 218 60.42 26.04 39.67
CA ALA Q 218 60.18 26.99 38.59
C ALA Q 218 58.70 27.07 38.22
N THR Q 219 58.31 28.12 37.51
CA THR Q 219 56.94 28.19 37.06
C THR Q 219 56.82 27.77 35.60
N ARG Q 220 55.99 26.75 35.38
CA ARG Q 220 55.78 26.16 34.08
C ARG Q 220 54.33 26.42 33.80
N PRO Q 221 53.97 26.42 32.52
CA PRO Q 221 52.56 26.60 32.18
C PRO Q 221 51.71 25.49 32.78
N LYS Q 222 50.41 25.73 32.89
CA LYS Q 222 49.54 24.72 33.48
C LYS Q 222 49.19 23.64 32.47
N VAL Q 223 49.39 22.40 32.90
CA VAL Q 223 49.00 21.22 32.17
C VAL Q 223 48.14 20.42 33.13
N ASN Q 224 46.91 20.14 32.74
CA ASN Q 224 45.93 19.54 33.65
C ASN Q 224 45.84 20.31 34.93
N GLY Q 225 45.85 21.64 34.85
CA GLY Q 225 45.66 22.47 36.03
C GLY Q 225 46.94 22.73 36.82
N GLN Q 226 47.92 21.85 36.67
CA GLN Q 226 49.13 21.96 37.46
C GLN Q 226 50.25 22.73 36.78
N SER Q 227 50.92 23.58 37.56
CA SER Q 227 52.03 24.35 37.01
C SER Q 227 53.33 23.81 37.59
N GLY Q 228 53.21 22.82 38.48
CA GLY Q 228 54.36 22.06 38.94
C GLY Q 228 54.58 20.88 37.99
N ARG Q 229 55.63 20.12 38.22
CA ARG Q 229 55.95 18.94 37.40
C ARG Q 229 56.46 17.82 38.27
N MET Q 230 56.20 16.58 37.89
CA MET Q 230 56.78 15.46 38.64
C MET Q 230 57.65 14.60 37.73
N GLU Q 231 58.83 14.23 38.20
CA GLU Q 231 59.80 13.50 37.39
C GLU Q 231 60.02 12.10 37.96
N PHE Q 232 59.81 11.09 37.11
CA PHE Q 232 59.85 9.71 37.56
C PHE Q 232 61.11 8.95 37.17
N PHE Q 233 61.48 8.01 38.01
CA PHE Q 233 62.69 7.26 37.78
C PHE Q 233 62.39 5.79 38.00
N TRP Q 234 63.27 4.94 37.51
CA TRP Q 234 63.11 3.52 37.76
C TRP Q 234 64.47 2.86 37.77
N THR Q 235 64.52 1.66 38.32
CA THR Q 235 65.70 0.84 38.32
C THR Q 235 65.17 -0.55 38.51
N ILE Q 236 66.02 -1.53 38.20
CA ILE Q 236 65.68 -2.91 38.43
C ILE Q 236 66.53 -3.30 39.62
N LEU Q 237 65.89 -3.87 40.64
CA LEU Q 237 66.65 -4.27 41.82
C LEU Q 237 66.91 -5.79 41.75
N LYS Q 238 68.19 -6.16 41.55
CA LYS Q 238 68.58 -7.57 41.39
C LYS Q 238 68.25 -8.37 42.64
N PRO Q 239 67.94 -9.67 42.47
CA PRO Q 239 67.40 -10.59 43.47
C PRO Q 239 67.97 -10.60 44.89
N ASN Q 240 69.18 -10.14 45.17
CA ASN Q 240 69.60 -10.06 46.57
C ASN Q 240 70.15 -8.70 46.99
N ASP Q 241 69.82 -7.70 46.19
CA ASP Q 241 70.31 -6.35 46.37
C ASP Q 241 69.29 -5.55 47.16
N ALA Q 242 69.65 -4.35 47.57
CA ALA Q 242 68.72 -3.52 48.30
C ALA Q 242 68.76 -2.10 47.78
N ILE Q 243 67.63 -1.42 47.87
CA ILE Q 243 67.56 -0.03 47.45
C ILE Q 243 67.35 0.86 48.67
N ASN Q 244 68.14 1.92 48.76
CA ASN Q 244 68.13 2.84 49.90
C ASN Q 244 67.68 4.24 49.50
N PHE Q 245 66.54 4.66 50.05
CA PHE Q 245 66.00 5.99 49.82
C PHE Q 245 66.32 6.86 51.01
N GLU Q 246 66.80 8.06 50.74
CA GLU Q 246 66.96 9.03 51.79
C GLU Q 246 66.47 10.34 51.25
N SER Q 247 65.52 10.96 51.93
CA SER Q 247 64.99 12.21 51.40
C SER Q 247 64.54 13.17 52.46
N ASN Q 248 64.56 14.42 52.03
CA ASN Q 248 64.38 15.56 52.87
C ASN Q 248 63.14 16.36 52.48
N GLY Q 249 62.45 15.88 51.45
CA GLY Q 249 61.23 16.50 50.97
C GLY Q 249 61.08 16.19 49.51
N ASN Q 250 59.92 16.50 48.94
CA ASN Q 250 59.70 16.33 47.50
C ASN Q 250 59.82 14.89 47.00
N PHE Q 251 59.81 13.93 47.92
CA PHE Q 251 59.98 12.51 47.61
C PHE Q 251 58.62 11.95 47.25
N ILE Q 252 58.51 11.32 46.08
CA ILE Q 252 57.30 10.59 45.77
C ILE Q 252 57.69 9.13 45.89
N ALA Q 253 57.32 8.53 47.02
CA ALA Q 253 57.87 7.24 47.45
C ALA Q 253 57.19 6.02 46.84
N PRO Q 254 57.97 4.95 46.69
CA PRO Q 254 57.33 3.73 46.23
C PRO Q 254 56.41 3.14 47.31
N GLU Q 255 55.27 2.60 46.89
CA GLU Q 255 54.51 1.70 47.73
C GLU Q 255 54.55 0.30 47.11
N TYR Q 256 54.17 0.23 45.83
CA TYR Q 256 54.14 -1.04 45.11
C TYR Q 256 55.28 -1.14 44.13
N ALA Q 257 55.87 -2.32 44.10
CA ALA Q 257 56.87 -2.60 43.11
C ALA Q 257 56.36 -3.77 42.28
N TYR Q 258 57.09 -4.10 41.22
CA TYR Q 258 56.69 -5.20 40.33
C TYR Q 258 57.75 -6.30 40.23
N LYS Q 259 57.38 -7.51 40.62
CA LYS Q 259 58.24 -8.68 40.42
C LYS Q 259 58.18 -9.07 38.93
N ILE Q 260 59.35 -9.22 38.31
CA ILE Q 260 59.37 -9.69 36.91
C ILE Q 260 59.37 -11.21 36.96
N VAL Q 261 58.18 -11.77 36.90
CA VAL Q 261 57.95 -13.18 37.15
C VAL Q 261 58.33 -14.03 35.94
N LYS Q 262 57.82 -13.67 34.78
CA LYS Q 262 58.14 -14.41 33.57
C LYS Q 262 58.80 -13.50 32.53
N LYS Q 263 60.04 -13.80 32.19
CA LYS Q 263 60.70 -13.16 31.06
C LYS Q 263 60.49 -14.04 29.82
N GLY Q 264 60.18 -13.41 28.69
CA GLY Q 264 60.05 -14.12 27.44
C GLY Q 264 60.09 -13.16 26.28
N ASP Q 265 59.63 -13.63 25.12
CA ASP Q 265 59.56 -12.77 23.95
C ASP Q 265 58.14 -12.26 23.82
N SER Q 266 58.05 -10.94 23.79
CA SER Q 266 56.77 -10.29 23.71
C SER Q 266 56.94 -9.03 22.89
N ALA Q 267 55.95 -8.16 22.96
CA ALA Q 267 56.00 -6.94 22.18
C ALA Q 267 54.97 -5.94 22.69
N ILE Q 268 55.23 -4.67 22.40
CA ILE Q 268 54.25 -3.64 22.65
C ILE Q 268 53.73 -3.18 21.30
N MET Q 269 52.53 -3.65 20.97
CA MET Q 269 51.93 -3.35 19.69
C MET Q 269 51.11 -2.09 19.75
N LYS Q 270 51.34 -1.21 18.80
CA LYS Q 270 50.54 -0.02 18.63
C LYS Q 270 49.33 -0.33 17.76
N SER Q 271 48.16 -0.33 18.38
CA SER Q 271 46.92 -0.54 17.65
C SER Q 271 45.78 0.18 18.35
N GLU Q 272 44.76 0.52 17.59
CA GLU Q 272 43.63 1.24 18.12
C GLU Q 272 42.47 0.28 18.33
N LEU Q 273 42.73 -1.00 18.12
CA LEU Q 273 41.69 -2.01 18.27
C LEU Q 273 41.67 -2.56 19.68
N GLU Q 274 40.60 -3.28 20.02
CA GLU Q 274 40.50 -3.92 21.32
C GLU Q 274 40.26 -5.41 21.15
N TYR Q 275 40.11 -6.11 22.26
CA TYR Q 275 40.00 -7.55 22.29
C TYR Q 275 38.94 -8.07 21.31
N GLY Q 276 39.12 -9.31 20.84
CA GLY Q 276 38.23 -9.88 19.85
C GLY Q 276 37.71 -11.25 20.23
N ASN Q 277 38.17 -11.75 21.37
CA ASN Q 277 37.72 -13.02 21.94
C ASN Q 277 38.10 -14.24 21.11
N CYS Q 278 39.00 -14.01 20.17
CA CYS Q 278 39.49 -15.07 19.31
C CYS Q 278 40.90 -15.55 19.68
N ASN Q 279 41.37 -16.53 18.95
CA ASN Q 279 42.71 -17.06 19.15
C ASN Q 279 43.45 -17.18 17.81
N THR Q 280 44.78 -17.08 17.85
CA THR Q 280 45.59 -17.18 16.64
C THR Q 280 46.99 -17.63 16.95
N LYS Q 281 47.76 -17.94 15.91
CA LYS Q 281 49.16 -18.34 16.04
C LYS Q 281 50.02 -17.20 15.53
N CYS Q 282 49.37 -16.25 14.88
CA CYS Q 282 50.09 -15.13 14.30
C CYS Q 282 49.26 -13.86 14.34
N GLN Q 283 49.82 -12.81 14.96
CA GLN Q 283 49.09 -11.58 15.18
C GLN Q 283 49.82 -10.38 14.58
N THR Q 284 49.04 -9.45 14.06
CA THR Q 284 49.55 -8.20 13.55
C THR Q 284 48.70 -7.12 14.21
N PRO Q 285 49.19 -5.86 14.23
CA PRO Q 285 48.44 -4.72 14.74
C PRO Q 285 47.13 -4.43 13.97
N MET Q 286 46.95 -5.08 12.82
CA MET Q 286 45.76 -4.88 12.00
C MET Q 286 44.78 -6.06 12.11
N GLY Q 287 45.27 -7.18 12.61
CA GLY Q 287 44.44 -8.37 12.70
C GLY Q 287 45.27 -9.64 12.80
N ALA Q 288 44.59 -10.78 12.94
CA ALA Q 288 45.30 -12.04 13.10
C ALA Q 288 45.40 -12.80 11.78
N ILE Q 289 46.37 -13.69 11.73
CA ILE Q 289 46.64 -14.45 10.51
C ILE Q 289 46.48 -15.96 10.74
N ASN Q 290 45.61 -16.56 9.93
CA ASN Q 290 45.44 -18.00 9.92
C ASN Q 290 45.85 -18.50 8.55
N SER Q 291 47.10 -18.90 8.41
CA SER Q 291 47.63 -19.18 7.08
C SER Q 291 48.75 -20.21 7.00
N SER Q 292 48.93 -20.78 5.82
CA SER Q 292 50.02 -21.71 5.59
C SER Q 292 50.97 -21.16 4.54
N MET Q 293 50.62 -19.98 4.02
CA MET Q 293 51.48 -19.28 3.08
C MET Q 293 52.83 -18.97 3.70
N PRO Q 294 53.87 -18.97 2.87
CA PRO Q 294 55.18 -18.64 3.42
C PRO Q 294 55.37 -17.13 3.51
N PHE Q 295 54.46 -16.38 2.88
CA PHE Q 295 54.57 -14.93 2.88
C PHE Q 295 53.25 -14.25 3.18
N HIS Q 296 53.33 -13.04 3.74
CA HIS Q 296 52.15 -12.21 3.90
C HIS Q 296 52.58 -10.76 3.73
N ASN Q 297 51.59 -9.91 3.46
CA ASN Q 297 51.81 -8.50 3.22
C ASN Q 297 50.85 -7.66 4.06
N ILE Q 298 50.50 -8.20 5.22
CA ILE Q 298 49.52 -7.57 6.10
C ILE Q 298 50.11 -6.35 6.81
N HIS Q 299 51.17 -6.62 7.56
CA HIS Q 299 51.86 -5.62 8.35
C HIS Q 299 53.23 -6.19 8.72
N PRO Q 300 54.28 -5.36 8.70
CA PRO Q 300 55.64 -5.84 8.96
C PRO Q 300 55.82 -6.35 10.39
N LEU Q 301 55.05 -5.79 11.31
CA LEU Q 301 55.23 -6.10 12.72
C LEU Q 301 54.30 -7.21 13.13
N THR Q 302 54.84 -8.39 13.40
CA THR Q 302 54.01 -9.54 13.77
C THR Q 302 54.55 -10.20 15.03
N ILE Q 303 53.78 -11.08 15.66
CA ILE Q 303 54.29 -11.87 16.77
C ILE Q 303 53.67 -13.28 16.72
N GLY Q 304 54.46 -14.31 17.00
CA GLY Q 304 53.98 -15.67 16.93
C GLY Q 304 54.58 -16.37 15.72
N GLU Q 305 54.18 -17.62 15.46
CA GLU Q 305 54.65 -18.34 14.27
C GLU Q 305 53.98 -17.75 13.02
N CYS Q 306 54.73 -16.95 12.25
CA CYS Q 306 54.12 -16.16 11.18
C CYS Q 306 54.73 -16.33 9.81
N PRO Q 307 53.97 -15.99 8.77
CA PRO Q 307 54.62 -15.97 7.46
C PRO Q 307 55.60 -14.81 7.42
N LYS Q 308 56.51 -14.83 6.45
CA LYS Q 308 57.47 -13.77 6.31
C LYS Q 308 56.85 -12.56 5.64
N TYR Q 309 57.05 -11.38 6.23
CA TYR Q 309 56.47 -10.17 5.68
C TYR Q 309 57.16 -9.75 4.38
N VAL Q 310 56.38 -9.20 3.48
CA VAL Q 310 56.90 -8.79 2.19
C VAL Q 310 55.97 -7.73 1.69
N LYS Q 311 56.47 -6.79 0.90
CA LYS Q 311 55.65 -5.68 0.43
C LYS Q 311 54.92 -5.90 -0.90
N SER Q 312 54.69 -7.16 -1.29
CA SER Q 312 54.07 -7.39 -2.59
C SER Q 312 52.57 -7.44 -2.58
N ASN Q 313 51.99 -7.04 -3.69
CA ASN Q 313 50.57 -7.19 -3.94
C ASN Q 313 50.28 -8.59 -4.48
N ARG Q 314 51.33 -9.30 -4.93
CA ARG Q 314 51.21 -10.61 -5.60
C ARG Q 314 52.52 -11.42 -5.66
N LEU Q 315 52.46 -12.69 -5.23
CA LEU Q 315 53.56 -13.63 -5.42
C LEU Q 315 52.96 -15.00 -5.78
N VAL Q 316 53.06 -15.36 -7.05
CA VAL Q 316 52.50 -16.62 -7.53
C VAL Q 316 53.54 -17.43 -8.29
N LEU Q 317 53.80 -18.65 -7.83
CA LEU Q 317 54.74 -19.52 -8.55
C LEU Q 317 54.05 -20.29 -9.68
N ALA Q 318 54.72 -20.37 -10.83
CA ALA Q 318 54.24 -21.29 -11.85
C ALA Q 318 54.61 -22.66 -11.35
N THR Q 319 53.66 -23.58 -11.38
CA THR Q 319 53.96 -24.99 -11.11
C THR Q 319 53.72 -25.87 -12.34
N GLY Q 320 52.60 -25.65 -13.03
CA GLY Q 320 52.30 -26.34 -14.27
C GLY Q 320 52.96 -25.66 -15.46
N LEU Q 321 52.42 -25.88 -16.65
CA LEU Q 321 53.01 -25.35 -17.87
C LEU Q 321 52.10 -24.39 -18.59
N ARG Q 322 52.62 -23.77 -19.65
CA ARG Q 322 51.85 -22.79 -20.42
C ARG Q 322 50.59 -23.43 -20.96
N ASN Q 323 49.46 -22.85 -20.59
CA ASN Q 323 48.17 -23.40 -20.96
C ASN Q 323 47.77 -22.92 -22.34
N THR Q 324 47.08 -23.76 -23.09
CA THR Q 324 46.76 -23.39 -24.46
C THR Q 324 45.32 -22.91 -24.47
N PRO Q 325 45.08 -21.81 -25.21
CA PRO Q 325 43.82 -21.04 -25.18
C PRO Q 325 42.59 -21.84 -25.61
N GLY R 1 58.79 -21.64 -26.78
CA GLY R 1 59.64 -21.32 -25.65
C GLY R 1 61.09 -21.58 -26.01
N LEU R 2 61.94 -21.71 -24.99
CA LEU R 2 63.37 -21.87 -25.21
C LEU R 2 63.69 -23.11 -25.98
N PHE R 3 62.81 -24.10 -25.85
CA PHE R 3 63.06 -25.44 -26.31
C PHE R 3 62.17 -25.88 -27.50
N GLY R 4 61.38 -24.95 -28.03
CA GLY R 4 60.68 -25.14 -29.28
C GLY R 4 59.52 -26.13 -29.36
N ALA R 5 59.26 -26.81 -28.25
CA ALA R 5 58.21 -27.83 -28.21
C ALA R 5 56.83 -27.29 -27.83
N ILE R 6 56.66 -26.94 -26.56
CA ILE R 6 55.40 -26.38 -26.06
C ILE R 6 55.09 -25.09 -26.81
N ALA R 7 53.87 -25.01 -27.36
CA ALA R 7 53.48 -23.88 -28.21
C ALA R 7 54.54 -23.64 -29.30
N GLY R 8 55.13 -24.73 -29.78
CA GLY R 8 56.20 -24.67 -30.75
C GLY R 8 55.95 -25.64 -31.89
N PHE R 9 56.78 -26.65 -32.05
CA PHE R 9 56.50 -27.60 -33.10
C PHE R 9 55.28 -28.45 -32.74
N ILE R 10 54.99 -28.56 -31.45
CA ILE R 10 53.70 -29.07 -31.00
C ILE R 10 52.80 -27.91 -30.64
N GLU R 11 51.99 -27.43 -31.59
CA GLU R 11 51.18 -26.22 -31.38
C GLU R 11 49.87 -26.42 -30.62
N GLY R 12 49.97 -26.66 -29.32
CA GLY R 12 48.78 -26.80 -28.49
C GLY R 12 48.81 -28.02 -27.59
N GLY R 13 48.17 -27.86 -26.44
CA GLY R 13 48.09 -28.91 -25.46
C GLY R 13 46.79 -29.64 -25.63
N TRP R 14 46.65 -30.75 -24.90
CA TRP R 14 45.48 -31.61 -25.01
C TRP R 14 44.59 -31.54 -23.79
N GLN R 15 43.36 -31.10 -23.98
CA GLN R 15 42.37 -31.15 -22.90
C GLN R 15 42.16 -32.61 -22.51
N GLY R 16 42.35 -33.50 -23.49
CA GLY R 16 42.05 -34.91 -23.34
C GLY R 16 42.92 -35.71 -22.41
N MET R 17 44.19 -35.34 -22.31
CA MET R 17 45.08 -36.01 -21.37
C MET R 17 44.95 -35.36 -19.97
N VAL R 18 44.54 -36.11 -18.97
CA VAL R 18 44.18 -35.50 -17.69
C VAL R 18 44.93 -36.06 -16.50
N ASP R 19 45.59 -37.20 -16.71
CA ASP R 19 46.31 -37.89 -15.65
C ASP R 19 47.83 -37.64 -15.66
N GLY R 20 48.25 -36.57 -16.31
CA GLY R 20 49.66 -36.22 -16.36
C GLY R 20 49.93 -34.94 -17.13
N TRP R 21 51.18 -34.47 -17.05
CA TRP R 21 51.55 -33.20 -17.68
C TRP R 21 51.92 -33.41 -19.12
N TYR R 22 52.69 -34.48 -19.33
CA TYR R 22 53.15 -34.85 -20.63
C TYR R 22 52.70 -36.26 -20.88
N GLY R 23 52.43 -36.56 -22.15
CA GLY R 23 52.14 -37.95 -22.48
C GLY R 23 51.87 -38.16 -23.95
N TYR R 24 51.16 -39.24 -24.26
CA TYR R 24 50.98 -39.67 -25.64
C TYR R 24 49.54 -39.83 -26.10
N HIS R 25 49.28 -39.58 -27.38
CA HIS R 25 48.04 -40.02 -28.02
C HIS R 25 48.33 -40.91 -29.20
N HIS R 26 47.95 -42.18 -29.08
CA HIS R 26 48.17 -43.11 -30.18
C HIS R 26 46.92 -43.38 -30.99
N SER R 27 47.11 -43.97 -32.17
CA SER R 27 46.01 -44.34 -33.07
C SER R 27 46.43 -45.55 -33.91
N ASN R 28 45.94 -46.72 -33.50
CA ASN R 28 46.20 -47.91 -34.29
C ASN R 28 44.90 -48.63 -34.65
N GLU R 29 45.00 -49.86 -35.15
CA GLU R 29 43.81 -50.55 -35.65
C GLU R 29 42.91 -50.98 -34.49
N GLN R 30 43.50 -51.27 -33.34
CA GLN R 30 42.74 -51.63 -32.13
C GLN R 30 41.97 -50.46 -31.51
N GLY R 31 42.28 -49.24 -31.93
CA GLY R 31 41.60 -48.06 -31.44
C GLY R 31 42.55 -47.00 -30.93
N SER R 32 42.04 -45.81 -30.62
CA SER R 32 42.89 -44.69 -30.19
C SER R 32 42.66 -44.29 -28.73
N GLY R 33 43.55 -43.45 -28.20
CA GLY R 33 43.41 -42.97 -26.82
C GLY R 33 44.59 -42.15 -26.30
N TYR R 34 44.34 -41.37 -25.26
CA TYR R 34 45.38 -40.61 -24.58
C TYR R 34 45.98 -41.40 -23.42
N ALA R 35 47.25 -41.16 -23.13
CA ALA R 35 47.87 -41.76 -21.97
C ALA R 35 49.02 -40.88 -21.52
N ALA R 36 49.13 -40.73 -20.21
CA ALA R 36 50.18 -39.88 -19.72
C ALA R 36 51.44 -40.70 -19.57
N ASP R 37 52.58 -40.14 -19.97
CA ASP R 37 53.84 -40.76 -19.64
C ASP R 37 54.15 -40.45 -18.18
N LYS R 38 53.92 -41.41 -17.29
CA LYS R 38 54.04 -41.14 -15.84
C LYS R 38 55.46 -40.80 -15.41
N GLU R 39 56.45 -41.44 -16.04
CA GLU R 39 57.83 -41.29 -15.59
C GLU R 39 58.31 -39.86 -15.80
N SER R 40 58.08 -39.29 -16.98
CA SER R 40 58.53 -37.92 -17.18
C SER R 40 57.65 -36.95 -16.38
N THR R 41 56.39 -37.35 -16.14
CA THR R 41 55.50 -36.47 -15.40
C THR R 41 55.97 -36.43 -13.96
N GLN R 42 56.30 -37.59 -13.42
CA GLN R 42 56.71 -37.68 -12.03
C GLN R 42 58.00 -36.91 -11.81
N LYS R 43 58.94 -37.03 -12.74
CA LYS R 43 60.21 -36.30 -12.66
C LYS R 43 59.97 -34.78 -12.59
N ALA R 44 59.00 -34.32 -13.39
CA ALA R 44 58.62 -32.93 -13.45
C ALA R 44 57.91 -32.52 -12.16
N ILE R 45 57.00 -33.38 -11.70
CA ILE R 45 56.30 -33.14 -10.44
C ILE R 45 57.32 -33.06 -9.29
N ASP R 46 58.27 -33.98 -9.27
CA ASP R 46 59.32 -34.00 -8.27
C ASP R 46 60.20 -32.76 -8.36
N GLY R 47 60.45 -32.29 -9.58
CA GLY R 47 61.31 -31.14 -9.78
C GLY R 47 60.66 -29.85 -9.35
N VAL R 48 59.41 -29.64 -9.74
CA VAL R 48 58.71 -28.41 -9.41
C VAL R 48 58.44 -28.35 -7.92
N THR R 49 58.13 -29.49 -7.32
CA THR R 49 57.89 -29.54 -5.90
C THR R 49 59.13 -29.18 -5.06
N ASN R 50 60.29 -29.73 -5.43
CA ASN R 50 61.54 -29.35 -4.75
C ASN R 50 61.83 -27.86 -4.92
N LYS R 51 61.54 -27.35 -6.11
CA LYS R 51 61.76 -25.95 -6.42
C LYS R 51 60.92 -25.06 -5.51
N VAL R 52 59.65 -25.40 -5.39
CA VAL R 52 58.75 -24.60 -4.60
C VAL R 52 59.23 -24.59 -3.15
N ASN R 53 59.58 -25.77 -2.66
CA ASN R 53 60.09 -25.92 -1.31
C ASN R 53 61.44 -25.21 -1.06
N SER R 54 62.32 -25.22 -2.05
CA SER R 54 63.65 -24.59 -1.94
C SER R 54 63.50 -23.09 -1.80
N ILE R 55 62.48 -22.59 -2.49
CA ILE R 55 62.14 -21.18 -2.48
C ILE R 55 61.61 -20.76 -1.12
N ILE R 56 60.66 -21.54 -0.59
CA ILE R 56 60.14 -21.29 0.74
C ILE R 56 61.18 -21.45 1.87
N ASP R 57 62.08 -22.41 1.73
CA ASP R 57 63.12 -22.67 2.74
C ASP R 57 64.20 -21.58 2.75
N LYS R 58 64.68 -21.18 1.57
CA LYS R 58 65.68 -20.12 1.52
C LYS R 58 65.17 -18.81 2.10
N MET R 59 63.86 -18.68 2.28
CA MET R 59 63.28 -17.44 2.77
C MET R 59 62.90 -17.45 4.26
N ASN R 60 63.28 -18.48 5.00
CA ASN R 60 62.90 -18.57 6.43
C ASN R 60 63.82 -17.78 7.37
N THR R 61 65.05 -17.54 6.95
CA THR R 61 65.96 -16.73 7.75
C THR R 61 65.86 -15.29 7.28
N GLN R 62 64.66 -14.89 6.89
CA GLN R 62 64.40 -13.53 6.43
C GLN R 62 64.33 -12.58 7.62
N PHE R 63 64.50 -11.28 7.37
CA PHE R 63 64.39 -10.24 8.38
C PHE R 63 63.01 -10.12 9.05
N GLU R 64 62.99 -9.90 10.35
CA GLU R 64 61.72 -9.72 11.06
C GLU R 64 61.73 -8.41 11.82
N ALA R 65 60.83 -7.50 11.45
CA ALA R 65 60.79 -6.17 12.06
C ALA R 65 60.38 -6.24 13.53
N VAL R 66 60.98 -5.39 14.36
CA VAL R 66 60.64 -5.35 15.78
C VAL R 66 60.23 -3.94 16.17
N GLY R 67 59.19 -3.84 16.98
CA GLY R 67 58.77 -2.55 17.46
C GLY R 67 59.82 -1.93 18.34
N ARG R 68 60.20 -0.69 18.03
CA ARG R 68 61.10 0.11 18.87
C ARG R 68 60.65 1.52 18.96
N GLU R 69 60.67 2.05 20.19
CA GLU R 69 60.23 3.41 20.40
C GLU R 69 61.36 4.35 20.74
N PHE R 70 61.21 5.60 20.33
CA PHE R 70 62.20 6.63 20.56
C PHE R 70 61.50 7.94 20.92
N ASN R 71 62.18 8.82 21.67
CA ASN R 71 61.56 10.09 22.04
C ASN R 71 61.94 11.24 21.10
N ASN R 72 61.42 12.42 21.43
CA ASN R 72 61.51 13.60 20.58
C ASN R 72 62.93 14.09 20.32
N LEU R 73 63.86 13.63 21.15
CA LEU R 73 65.25 14.02 21.00
C LEU R 73 66.12 12.87 20.54
N GLU R 74 65.50 11.86 19.96
CA GLU R 74 66.19 10.70 19.40
C GLU R 74 65.79 10.50 17.96
N ARG R 75 65.48 11.60 17.29
CA ARG R 75 64.96 11.54 15.94
C ARG R 75 66.00 10.95 15.00
N ARG R 76 67.28 11.16 15.29
CA ARG R 76 68.35 10.63 14.43
C ARG R 76 68.34 9.12 14.45
N ILE R 77 68.36 8.53 15.63
CA ILE R 77 68.44 7.08 15.64
C ILE R 77 67.11 6.43 15.26
N GLU R 78 66.01 7.17 15.46
CA GLU R 78 64.68 6.71 15.04
C GLU R 78 64.64 6.61 13.54
N ASN R 79 65.17 7.64 12.90
CA ASN R 79 65.19 7.71 11.45
C ASN R 79 66.08 6.58 10.89
N LEU R 80 67.18 6.31 11.58
CA LEU R 80 68.08 5.21 11.25
C LEU R 80 67.35 3.86 11.34
N ASN R 81 66.61 3.71 12.42
CA ASN R 81 65.89 2.49 12.70
C ASN R 81 64.85 2.25 11.61
N LYS R 82 64.20 3.32 11.19
CA LYS R 82 63.16 3.21 10.17
C LYS R 82 63.83 2.86 8.85
N GLN R 83 64.99 3.47 8.59
CA GLN R 83 65.71 3.27 7.34
C GLN R 83 66.23 1.87 7.29
N MET R 84 66.65 1.37 8.44
CA MET R 84 67.17 0.01 8.51
C MET R 84 66.06 -1.00 8.23
N GLU R 85 64.90 -0.80 8.88
CA GLU R 85 63.76 -1.70 8.69
C GLU R 85 63.20 -1.63 7.28
N ASP R 86 62.97 -0.44 6.76
CA ASP R 86 62.51 -0.33 5.39
C ASP R 86 63.57 -0.92 4.46
N GLY R 87 64.83 -0.78 4.86
CA GLY R 87 65.96 -1.26 4.10
C GLY R 87 65.94 -2.76 3.86
N PHE R 88 65.73 -3.53 4.92
CA PHE R 88 65.69 -4.97 4.81
C PHE R 88 64.40 -5.44 4.17
N LEU R 89 63.31 -4.75 4.49
CA LEU R 89 62.02 -5.10 3.94
C LEU R 89 62.05 -4.92 2.42
N ASP R 90 62.75 -3.89 1.94
CA ASP R 90 62.87 -3.66 0.50
C ASP R 90 63.76 -4.70 -0.16
N VAL R 91 64.79 -5.13 0.56
CA VAL R 91 65.72 -6.12 0.06
C VAL R 91 65.01 -7.47 -0.08
N TRP R 92 64.31 -7.89 0.97
CA TRP R 92 63.69 -9.20 0.94
C TRP R 92 62.49 -9.27 -0.01
N THR R 93 61.84 -8.14 -0.27
CA THR R 93 60.75 -8.18 -1.24
C THR R 93 61.35 -8.30 -2.63
N TYR R 94 62.41 -7.56 -2.88
CA TYR R 94 63.10 -7.67 -4.15
C TYR R 94 63.52 -9.13 -4.34
N ASN R 95 64.16 -9.68 -3.31
CA ASN R 95 64.62 -11.06 -3.36
C ASN R 95 63.51 -12.06 -3.62
N ALA R 96 62.33 -11.81 -3.07
CA ALA R 96 61.24 -12.75 -3.21
C ALA R 96 60.61 -12.63 -4.61
N GLU R 97 60.29 -11.41 -4.98
CA GLU R 97 59.68 -11.12 -6.26
C GLU R 97 60.57 -11.58 -7.41
N LEU R 98 61.88 -11.35 -7.27
CA LEU R 98 62.86 -11.67 -8.31
C LEU R 98 63.13 -13.18 -8.44
N LEU R 99 63.19 -13.87 -7.30
CA LEU R 99 63.38 -15.31 -7.30
C LEU R 99 62.18 -15.93 -7.99
N VAL R 100 60.99 -15.43 -7.66
CA VAL R 100 59.77 -15.96 -8.25
C VAL R 100 59.69 -15.72 -9.76
N LEU R 101 59.99 -14.50 -10.20
CA LEU R 101 59.99 -14.18 -11.62
C LEU R 101 60.94 -15.10 -12.40
N MET R 102 62.13 -15.28 -11.86
CA MET R 102 63.17 -16.04 -12.52
C MET R 102 62.83 -17.52 -12.58
N GLU R 103 62.37 -18.09 -11.47
CA GLU R 103 62.10 -19.51 -11.45
C GLU R 103 60.83 -19.88 -12.21
N ASN R 104 59.92 -18.92 -12.33
CA ASN R 104 58.73 -19.07 -13.14
C ASN R 104 59.15 -19.26 -14.58
N GLU R 105 60.09 -18.42 -15.01
CA GLU R 105 60.57 -18.50 -16.38
C GLU R 105 61.18 -19.87 -16.62
N ARG R 106 62.00 -20.30 -15.68
CA ARG R 106 62.69 -21.57 -15.74
C ARG R 106 61.73 -22.77 -15.63
N THR R 107 60.63 -22.60 -14.93
CA THR R 107 59.65 -23.67 -14.79
C THR R 107 58.94 -23.92 -16.10
N LEU R 108 58.55 -22.83 -16.76
CA LEU R 108 57.91 -22.94 -18.04
C LEU R 108 58.91 -23.57 -19.02
N ASP R 109 60.16 -23.16 -18.95
CA ASP R 109 61.19 -23.69 -19.85
C ASP R 109 61.55 -25.13 -19.52
N PHE R 110 61.46 -25.48 -18.25
CA PHE R 110 61.71 -26.85 -17.79
C PHE R 110 60.68 -27.78 -18.38
N HIS R 111 59.44 -27.31 -18.42
CA HIS R 111 58.36 -28.07 -19.01
C HIS R 111 58.56 -28.22 -20.51
N ASP R 112 58.92 -27.12 -21.17
CA ASP R 112 59.15 -27.14 -22.60
C ASP R 112 60.20 -28.22 -22.89
N SER R 113 61.26 -28.22 -22.09
CA SER R 113 62.35 -29.16 -22.29
C SER R 113 61.89 -30.59 -21.98
N ASN R 114 61.02 -30.76 -21.01
CA ASN R 114 60.60 -32.12 -20.68
C ASN R 114 59.82 -32.71 -21.86
N VAL R 115 59.01 -31.87 -22.50
CA VAL R 115 58.21 -32.27 -23.63
C VAL R 115 59.14 -32.58 -24.82
N LYS R 116 60.07 -31.68 -25.10
CA LYS R 116 61.03 -31.91 -26.19
C LYS R 116 61.87 -33.15 -25.98
N ASN R 117 62.22 -33.44 -24.74
CA ASN R 117 63.01 -34.62 -24.46
C ASN R 117 62.18 -35.89 -24.69
N LEU R 118 60.90 -35.81 -24.36
CA LEU R 118 60.00 -36.94 -24.47
C LEU R 118 59.82 -37.24 -25.95
N TYR R 119 59.68 -36.18 -26.74
CA TYR R 119 59.55 -36.30 -28.18
C TYR R 119 60.78 -36.99 -28.77
N ASP R 120 61.96 -36.55 -28.36
CA ASP R 120 63.18 -37.14 -28.89
C ASP R 120 63.33 -38.59 -28.46
N LYS R 121 62.82 -38.91 -27.27
CA LYS R 121 62.95 -40.25 -26.71
C LYS R 121 62.29 -41.22 -27.67
N VAL R 122 61.14 -40.81 -28.20
CA VAL R 122 60.42 -41.60 -29.18
C VAL R 122 61.12 -41.59 -30.55
N ARG R 123 61.45 -40.40 -31.03
CA ARG R 123 62.12 -40.23 -32.32
C ARG R 123 63.39 -41.09 -32.47
N LEU R 124 64.26 -41.10 -31.46
CA LEU R 124 65.55 -41.76 -31.54
C LEU R 124 65.38 -43.28 -31.50
N GLN R 125 64.22 -43.73 -31.02
CA GLN R 125 63.88 -45.15 -30.97
C GLN R 125 63.35 -45.63 -32.31
N LEU R 126 62.41 -44.88 -32.85
CA LEU R 126 61.72 -45.28 -34.05
C LEU R 126 62.61 -45.18 -35.31
N ARG R 127 63.49 -44.19 -35.35
CA ARG R 127 64.39 -43.94 -36.47
C ARG R 127 63.61 -43.92 -37.78
N ASP R 128 64.06 -44.69 -38.78
CA ASP R 128 63.38 -44.72 -40.09
C ASP R 128 62.17 -45.67 -40.17
N ASN R 129 61.84 -46.35 -39.06
CA ASN R 129 60.65 -47.21 -38.99
C ASN R 129 59.35 -46.41 -38.91
N ALA R 130 59.48 -45.08 -38.90
CA ALA R 130 58.36 -44.17 -38.81
C ALA R 130 58.71 -42.85 -39.48
N LYS R 131 57.68 -42.07 -39.78
CA LYS R 131 57.87 -40.80 -40.49
C LYS R 131 57.57 -39.64 -39.53
N GLU R 132 58.47 -38.66 -39.41
CA GLU R 132 58.20 -37.47 -38.57
C GLU R 132 57.24 -36.54 -39.26
N LEU R 133 56.00 -36.47 -38.79
CA LEU R 133 55.02 -35.60 -39.44
C LEU R 133 55.35 -34.13 -39.21
N GLY R 134 56.07 -33.83 -38.13
CA GLY R 134 56.52 -32.46 -37.89
C GLY R 134 55.58 -31.67 -37.01
N ASN R 135 54.72 -32.37 -36.29
CA ASN R 135 53.71 -31.77 -35.46
C ASN R 135 53.69 -32.47 -34.13
N GLY R 136 54.70 -33.28 -33.88
CA GLY R 136 54.71 -34.05 -32.65
C GLY R 136 54.26 -35.48 -32.84
N CYS R 137 53.81 -35.81 -34.04
CA CYS R 137 53.32 -37.16 -34.30
C CYS R 137 54.30 -37.94 -35.13
N PHE R 138 54.31 -39.23 -34.91
CA PHE R 138 55.06 -40.16 -35.75
C PHE R 138 54.11 -41.12 -36.43
N GLU R 139 54.11 -41.13 -37.77
CA GLU R 139 53.35 -42.13 -38.54
C GLU R 139 54.26 -43.34 -38.79
N PHE R 140 53.83 -44.51 -38.32
CA PHE R 140 54.63 -45.73 -38.38
C PHE R 140 54.69 -46.31 -39.79
N TYR R 141 55.83 -46.88 -40.19
CA TYR R 141 55.87 -47.55 -41.50
C TYR R 141 55.49 -48.99 -41.35
N HIS R 142 54.96 -49.34 -40.19
CA HIS R 142 54.55 -50.71 -39.95
C HIS R 142 53.36 -50.75 -39.03
N LYS R 143 52.90 -51.94 -38.68
CA LYS R 143 51.76 -51.97 -37.79
C LYS R 143 52.20 -52.04 -36.37
N CYS R 144 51.66 -51.11 -35.59
CA CYS R 144 52.00 -51.00 -34.20
C CYS R 144 50.76 -51.27 -33.37
N ASP R 145 50.68 -52.49 -32.83
CA ASP R 145 49.58 -52.84 -31.93
C ASP R 145 49.79 -52.22 -30.54
N ASN R 146 48.86 -52.47 -29.64
CA ASN R 146 48.99 -51.95 -28.29
C ASN R 146 50.31 -52.32 -27.59
N GLU R 147 50.82 -53.53 -27.82
CA GLU R 147 52.07 -53.90 -27.13
C GLU R 147 53.26 -53.16 -27.72
N CYS R 148 53.21 -52.91 -29.02
CA CYS R 148 54.24 -52.12 -29.69
C CYS R 148 54.19 -50.68 -29.22
N MET R 149 52.99 -50.12 -29.22
CA MET R 149 52.78 -48.75 -28.73
C MET R 149 53.31 -48.62 -27.30
N GLU R 150 52.97 -49.60 -26.47
CA GLU R 150 53.34 -49.58 -25.08
C GLU R 150 54.86 -49.66 -24.94
N SER R 151 55.48 -50.31 -25.92
CA SER R 151 56.92 -50.50 -25.91
C SER R 151 57.58 -49.18 -26.23
N VAL R 152 56.92 -48.38 -27.06
CA VAL R 152 57.51 -47.10 -27.43
C VAL R 152 57.48 -46.16 -26.22
N LYS R 153 56.37 -46.22 -25.50
CA LYS R 153 56.14 -45.34 -24.36
C LYS R 153 57.14 -45.67 -23.26
N ASN R 154 57.50 -46.95 -23.11
CA ASN R 154 58.42 -47.31 -22.04
C ASN R 154 59.86 -47.62 -22.43
N GLY R 155 60.28 -47.13 -23.59
CA GLY R 155 61.67 -47.28 -23.99
C GLY R 155 62.09 -48.71 -24.34
N THR R 156 61.19 -49.55 -24.83
CA THR R 156 61.62 -50.90 -25.20
C THR R 156 61.27 -51.24 -26.64
N TYR R 157 61.06 -50.23 -27.48
CA TYR R 157 60.73 -50.43 -28.89
C TYR R 157 61.78 -51.33 -29.52
N ASP R 158 61.33 -52.36 -30.23
CA ASP R 158 62.25 -53.29 -30.87
C ASP R 158 62.43 -52.95 -32.33
N TYR R 159 63.32 -52.00 -32.60
CA TYR R 159 63.54 -51.51 -33.95
C TYR R 159 63.78 -52.63 -34.99
N PRO R 160 64.72 -53.55 -34.71
CA PRO R 160 64.98 -54.53 -35.77
C PRO R 160 63.80 -55.46 -36.05
N GLN R 161 62.93 -55.67 -35.08
CA GLN R 161 61.74 -56.53 -35.25
C GLN R 161 60.83 -56.04 -36.39
N TYR R 162 60.80 -54.74 -36.58
CA TYR R 162 59.91 -54.12 -37.53
C TYR R 162 60.62 -53.52 -38.73
N SER R 163 61.96 -53.59 -38.69
CA SER R 163 62.79 -52.90 -39.68
C SER R 163 62.41 -53.31 -41.08
N GLU R 164 62.26 -54.63 -41.29
CA GLU R 164 61.97 -55.16 -42.61
C GLU R 164 60.55 -54.78 -43.03
N GLU R 165 59.57 -54.96 -42.15
CA GLU R 165 58.21 -54.57 -42.48
C GLU R 165 58.13 -53.06 -42.75
N ALA R 166 58.96 -52.28 -42.07
CA ALA R 166 58.96 -50.86 -42.30
C ALA R 166 59.65 -50.55 -43.64
N ARG R 167 60.79 -51.18 -43.88
CA ARG R 167 61.49 -50.90 -45.13
C ARG R 167 60.62 -51.13 -46.37
N LEU R 168 59.88 -52.21 -46.38
CA LEU R 168 59.01 -52.50 -47.51
C LEU R 168 57.97 -51.42 -47.69
N ASN R 169 57.30 -51.02 -46.61
CA ASN R 169 56.24 -50.03 -46.77
C ASN R 169 56.84 -48.67 -47.09
N ARG R 170 58.10 -48.49 -46.68
CA ARG R 170 58.80 -47.24 -46.90
C ARG R 170 59.14 -47.16 -48.38
N GLU R 171 59.61 -48.27 -48.94
CA GLU R 171 60.04 -48.32 -50.34
C GLU R 171 58.88 -48.43 -51.33
N GLU R 172 57.69 -48.84 -50.87
CA GLU R 172 56.52 -48.98 -51.76
C GLU R 172 55.95 -47.61 -52.06
N ILE R 173 56.21 -46.67 -51.17
CA ILE R 173 55.79 -45.30 -51.37
C ILE R 173 56.90 -44.71 -52.20
C1 NAG S . -71.69 -0.94 40.30
C2 NAG S . -70.22 -0.60 40.53
C3 NAG S . -69.31 -1.81 40.37
C4 NAG S . -69.83 -3.00 41.15
C5 NAG S . -71.31 -3.26 40.85
C6 NAG S . -71.90 -4.40 41.69
C7 NAG S . -69.71 1.71 40.01
C8 NAG S . -68.58 2.50 39.40
N2 NAG S . -69.83 0.45 39.61
O3 NAG S . -67.97 -1.51 40.73
O4 NAG S . -69.05 -4.11 40.79
O5 NAG S . -72.08 -2.09 41.03
O6 NAG S . -71.74 -4.21 43.08
O7 NAG S . -70.47 2.22 40.82
C1 NAG S . -68.31 -4.59 41.93
C2 NAG S . -68.31 -6.12 41.86
C3 NAG S . -67.44 -6.76 42.93
C4 NAG S . -66.08 -6.08 43.04
C5 NAG S . -66.33 -4.57 43.16
C6 NAG S . -65.04 -3.80 43.39
C7 NAG S . -70.17 -7.37 40.96
C8 NAG S . -71.24 -8.34 41.34
N2 NAG S . -69.65 -6.66 41.96
O3 NAG S . -67.33 -8.13 42.59
O4 NAG S . -65.33 -6.49 44.19
O5 NAG S . -66.99 -4.09 42.00
O6 NAG S . -65.35 -2.64 44.13
O7 NAG S . -69.79 -7.22 39.80
C1 NAG T . -96.60 37.45 15.01
C2 NAG T . -97.04 36.52 16.13
C3 NAG T . -98.36 35.83 15.83
C4 NAG T . -99.41 36.83 15.33
C5 NAG T . -98.83 37.67 14.17
C6 NAG T . -99.81 38.69 13.55
C7 NAG T . -95.37 35.46 17.54
C8 NAG T . -94.38 34.35 17.73
N2 NAG T . -95.98 35.54 16.37
O3 NAG T . -98.80 35.09 16.94
O4 NAG T . -100.58 36.10 14.98
O5 NAG T . -97.63 38.32 14.57
O6 NAG T . -100.54 39.42 14.52
O7 NAG T . -95.60 36.26 18.46
C1 NAG T . -101.78 36.71 15.49
C2 NAG T . -102.95 36.22 14.65
C3 NAG T . -104.23 36.95 15.07
C4 NAG T . -104.44 36.75 16.57
C5 NAG T . -103.20 37.14 17.37
C6 NAG T . -103.37 36.75 18.84
C7 NAG T . -102.67 35.30 12.42
C8 NAG T . -101.47 35.11 11.53
N2 NAG T . -102.67 36.35 13.23
O3 NAG T . -105.34 36.48 14.33
O4 NAG T . -105.55 37.50 17.03
O5 NAG T . -102.02 36.50 16.87
O6 NAG T . -102.73 35.50 19.08
O7 NAG T . -103.61 34.50 12.38
C1 NAG U . -67.26 -26.18 -10.68
C2 NAG U . -68.54 -26.95 -10.40
C3 NAG U . -68.82 -26.79 -8.92
C4 NAG U . -67.59 -26.83 -7.99
C5 NAG U . -66.19 -26.86 -8.65
C6 NAG U . -65.36 -28.03 -8.12
C7 NAG U . -70.79 -27.16 -11.40
C8 NAG U . -71.96 -26.40 -11.95
N2 NAG U . -69.66 -26.47 -11.20
O3 NAG U . -69.75 -27.78 -8.53
O4 NAG U . -67.52 -25.67 -7.16
O5 NAG U . -66.18 -26.86 -10.06
O6 NAG U . -63.98 -27.73 -8.19
O7 NAG U . -70.92 -28.36 -11.15
C1 NAG U . -68.26 -25.50 -5.97
C2 NAG U . -69.30 -26.64 -5.74
C3 NAG U . -68.88 -27.54 -4.58
C4 NAG U . -67.38 -27.77 -4.65
C5 NAG U . -66.64 -26.45 -4.40
C6 NAG U . -65.26 -26.46 -5.04
C7 NAG U . -71.45 -25.93 -6.72
C8 NAG U . -71.51 -24.56 -7.34
N2 NAG U . -70.65 -26.10 -5.64
O3 NAG U . -69.57 -28.77 -4.69
O4 NAG U . -66.95 -28.76 -3.73
O5 NAG U . -67.40 -25.33 -4.85
O6 NAG U . -64.60 -27.69 -4.80
O7 NAG U . -72.14 -26.83 -7.20
C1 NAG V . -4.54 -5.29 46.15
C2 NAG V . -3.03 -5.14 46.37
C3 NAG V . -2.36 -6.51 46.27
C4 NAG V . -3.01 -7.51 47.20
C5 NAG V . -4.53 -7.59 46.97
C6 NAG V . -5.26 -8.53 47.96
C7 NAG V . -2.29 -2.91 45.66
C8 NAG V . -1.56 -2.09 44.63
N2 NAG V . -2.37 -4.22 45.44
O3 NAG V . -0.98 -6.44 46.56
O4 NAG V . -2.38 -8.72 46.89
O5 NAG V . -5.12 -6.29 46.97
O6 NAG V . -5.46 -8.01 49.27
O7 NAG V . -2.80 -2.34 46.64
C1 NAG V . -1.91 -9.37 48.08
C2 NAG V . -1.62 -10.79 47.64
C3 NAG V . -0.93 -11.64 48.70
C4 NAG V . 0.04 -10.88 49.61
C5 NAG V . -0.41 -9.44 49.88
C6 NAG V . 0.67 -8.64 50.59
C7 NAG V . -3.14 -11.74 46.01
C8 NAG V . -4.32 -12.63 45.78
N2 NAG V . -2.88 -11.42 47.26
O3 NAG V . -0.24 -12.66 48.01
O4 NAG V . 0.18 -11.59 50.83
O5 NAG V . -0.78 -8.77 48.69
O6 NAG V . 0.26 -7.29 50.62
O7 NAG V . -2.44 -11.34 45.06
C1 NAG W . -23.52 35.08 18.88
C2 NAG W . -24.10 34.20 19.98
C3 NAG W . -25.43 33.61 19.56
C4 NAG W . -26.38 34.67 19.03
C5 NAG W . -25.73 35.62 18.02
C6 NAG W . -26.62 36.83 17.64
C7 NAG W . -22.83 33.01 21.65
C8 NAG W . -22.51 31.65 22.20
N2 NAG W . -23.22 33.11 20.37
O3 NAG W . -25.97 32.93 20.68
O4 NAG W . -27.45 33.98 18.42
O5 NAG W . -24.44 36.07 18.43
O6 NAG W . -26.59 37.90 18.56
O7 NAG W . -22.75 34.02 22.33
C1 NAG W . -28.67 34.21 19.12
C2 NAG W . -29.81 33.97 18.14
C3 NAG W . -31.16 34.14 18.80
C4 NAG W . -31.26 33.38 20.14
C5 NAG W . -30.01 33.64 20.99
C6 NAG W . -30.02 32.77 22.25
C7 NAG W . -29.58 34.44 15.75
C8 NAG W . -29.87 35.43 14.66
N2 NAG W . -29.70 34.88 17.00
O3 NAG W . -32.13 33.69 17.88
O4 NAG W . -32.40 33.79 20.88
O5 NAG W . -28.83 33.38 20.26
O6 NAG W . -29.68 31.45 21.92
O7 NAG W . -29.24 33.28 15.48
C1 NAG X . 48.37 30.95 25.45
C2 NAG X . 48.06 30.09 26.66
C3 NAG X . 46.65 29.53 26.56
C4 NAG X . 45.62 30.65 26.39
C5 NAG X . 46.04 31.68 25.30
C6 NAG X . 45.23 32.99 25.35
C7 NAG X . 49.39 28.60 27.98
C8 NAG X . 50.57 27.69 28.06
N2 NAG X . 49.06 29.05 26.78
O3 NAG X . 46.31 28.74 27.68
O4 NAG X . 44.44 29.97 26.05
O5 NAG X . 47.42 32.01 25.36
O6 NAG X . 45.93 34.12 25.84
O7 NAG X . 48.76 28.90 28.99
C1 NAG X . 43.22 30.55 26.56
C2 NAG X . 42.18 30.28 25.47
C3 NAG X . 40.71 30.24 25.92
C4 NAG X . 40.48 29.90 27.41
C5 NAG X . 41.58 30.51 28.27
C6 NAG X . 41.36 30.10 29.73
C7 NAG X . 43.17 30.98 23.36
C8 NAG X . 43.33 32.07 22.33
N2 NAG X . 42.35 31.22 24.37
O3 NAG X . 40.08 29.27 25.10
O4 NAG X . 39.23 30.37 27.92
O5 NAG X . 42.86 30.09 27.83
O6 NAG X . 42.54 30.31 30.48
O7 NAG X . 43.81 29.93 23.24
C1 NAG Y . 69.60 -8.63 51.64
C2 NAG Y . 71.10 -8.43 51.78
C3 NAG Y . 71.84 -9.77 51.74
C4 NAG Y . 71.22 -10.78 52.69
C5 NAG Y . 69.69 -10.78 52.67
C6 NAG Y . 69.11 -11.62 53.82
C7 NAG Y . 71.95 -6.27 51.10
C8 NAG Y . 73.10 -5.65 50.36
N2 NAG Y . 71.58 -7.51 50.76
O3 NAG Y . 73.20 -9.59 52.08
O4 NAG Y . 71.70 -12.06 52.33
O5 NAG Y . 69.17 -9.46 52.71
O6 NAG Y . 68.75 -10.79 54.92
O7 NAG Y . 71.38 -5.65 51.97
C1 NAG Y . 72.59 -12.55 53.34
C2 NAG Y . 72.35 -14.05 53.54
C3 NAG Y . 73.26 -14.63 54.63
C4 NAG Y . 74.71 -14.17 54.45
C5 NAG Y . 74.71 -12.65 54.28
C6 NAG Y . 76.11 -12.04 54.20
C7 NAG Y . 70.24 -15.12 53.12
C8 NAG Y . 68.98 -15.67 53.72
N2 NAG Y . 70.96 -14.31 53.88
O3 NAG Y . 73.13 -16.03 54.63
O4 NAG Y . 75.50 -14.58 55.56
O5 NAG Y . 73.96 -12.31 53.13
O6 NAG Y . 75.99 -10.64 54.29
O7 NAG Y . 70.59 -15.40 51.99
C1 MAN Y . 76.25 -15.80 55.31
C2 MAN Y . 77.58 -15.51 54.61
C3 MAN Y . 78.42 -16.78 54.63
C4 MAN Y . 77.67 -17.99 54.05
C5 MAN Y . 76.18 -18.04 54.37
C6 MAN Y . 75.86 -18.99 55.53
O2 MAN Y . 78.27 -14.46 55.24
O3 MAN Y . 78.87 -17.06 55.94
O4 MAN Y . 77.84 -18.04 52.65
O5 MAN Y . 75.55 -16.78 54.55
O6 MAN Y . 75.02 -20.02 55.06
C1 NAG Z . 56.97 -51.92 -21.53
C2 NAG Z . 56.63 -52.87 -20.37
C3 NAG Z . 56.84 -54.33 -20.77
C4 NAG Z . 56.02 -54.64 -22.02
C5 NAG Z . 56.43 -53.67 -23.12
C6 NAG Z . 55.67 -53.87 -24.43
C7 NAG Z . 58.56 -52.20 -18.89
C8 NAG Z . 58.81 -51.10 -17.90
N2 NAG Z . 57.28 -52.53 -19.09
O3 NAG Z . 56.46 -55.22 -19.75
O4 NAG Z . 56.27 -55.98 -22.42
O5 NAG Z . 56.27 -52.33 -22.69
O6 NAG Z . 54.30 -54.07 -24.19
O7 NAG Z . 59.51 -52.74 -19.46
C1 NAG Z . 55.06 -56.77 -22.44
C2 NAG Z . 55.33 -58.07 -23.19
C3 NAG Z . 53.98 -58.66 -23.50
C4 NAG Z . 53.25 -58.98 -22.19
C5 NAG Z . 53.45 -57.95 -21.06
C6 NAG Z . 53.60 -58.67 -19.73
C7 NAG Z . 57.41 -58.14 -24.42
C8 NAG Z . 58.24 -57.49 -25.50
N2 NAG Z . 56.11 -57.86 -24.39
O3 NAG Z . 54.17 -59.84 -24.26
O4 NAG Z . 51.84 -59.06 -22.44
O5 NAG Z . 54.56 -57.07 -21.16
O6 NAG Z . 54.92 -59.14 -19.59
O7 NAG Z . 57.96 -58.87 -23.60
C1 NAG AA . -93.11 -0.84 -27.82
C2 NAG AA . -92.95 0.50 -28.54
C3 NAG AA . -93.66 1.60 -27.77
C4 NAG AA . -94.97 1.22 -27.03
C5 NAG AA . -95.24 -0.29 -26.90
C6 NAG AA . -96.72 -0.65 -27.06
C7 NAG AA . -91.14 1.49 -29.84
C8 NAG AA . -90.82 2.96 -29.76
N2 NAG AA . -91.57 0.90 -28.72
O3 NAG AA . -93.90 2.60 -28.73
O4 NAG AA . -95.00 1.70 -25.69
O5 NAG AA . -94.50 -1.10 -27.81
O6 NAG AA . -97.01 -1.84 -26.34
O7 NAG AA . -91.00 0.88 -30.89
C1 NAG BA . -53.43 5.00 -31.90
C2 NAG BA . -52.07 4.59 -31.36
C3 NAG BA . -51.52 5.75 -30.53
C4 NAG BA . -51.70 7.14 -31.18
C5 NAG BA . -52.79 7.28 -32.25
C6 NAG BA . -52.29 8.18 -33.39
C7 NAG BA . -51.17 2.44 -30.54
C8 NAG BA . -51.52 1.08 -29.98
N2 NAG BA . -52.14 3.35 -30.58
O3 NAG BA . -50.15 5.49 -30.32
O4 NAG BA . -51.99 8.14 -30.18
O5 NAG BA . -53.24 6.07 -32.81
O6 NAG BA . -53.26 8.33 -34.41
O7 NAG BA . -50.03 2.65 -30.93
C1 NAG CA . -44.21 36.11 15.10
C2 NAG CA . -45.09 37.28 14.69
C3 NAG CA . -44.65 37.92 13.36
C4 NAG CA . -43.13 38.08 13.24
C5 NAG CA . -42.36 36.85 13.75
C6 NAG CA . -40.82 37.04 13.75
C7 NAG CA . -47.44 37.46 15.36
C8 NAG CA . -48.70 37.86 14.64
N2 NAG CA . -46.49 36.87 14.64
O3 NAG CA . -45.31 39.17 13.21
O4 NAG CA . -42.79 38.31 11.89
O5 NAG CA . -42.82 36.45 15.04
O6 NAG CA . -40.33 37.87 14.79
O7 NAG CA . -47.32 37.71 16.57
C1 NAG DA . -41.20 -10.37 -5.15
C2 NAG DA . -40.01 -9.56 -4.65
C3 NAG DA . -39.14 -10.43 -3.76
C4 NAG DA . -38.72 -11.70 -4.52
C5 NAG DA . -39.92 -12.39 -5.14
C6 NAG DA . -39.97 -13.87 -4.73
C7 NAG DA . -38.47 -7.95 -5.70
C8 NAG DA . -38.90 -6.76 -6.50
N2 NAG DA . -39.23 -9.05 -5.78
O3 NAG DA . -39.88 -10.74 -2.59
O4 NAG DA . -37.77 -11.38 -5.53
O5 NAG DA . -41.13 -11.74 -4.75
O6 NAG DA . -41.20 -14.45 -5.11
O7 NAG DA . -37.44 -7.91 -5.01
C1 NAG EA . 28.75 28.64 23.70
C2 NAG EA . 27.90 29.88 23.46
C3 NAG EA . 28.45 30.68 22.27
C4 NAG EA . 29.95 30.96 22.43
C5 NAG EA . 30.75 29.68 22.75
C6 NAG EA . 32.22 29.96 23.08
C7 NAG EA . 25.46 29.92 23.96
C8 NAG EA . 24.13 29.91 23.26
N2 NAG EA . 26.50 29.49 23.25
O3 NAG EA . 27.75 31.88 22.10
O4 NAG EA . 30.44 31.55 21.25
O5 NAG EA . 30.15 28.91 23.79
O6 NAG EA . 32.44 30.80 24.20
O7 NAG EA . 25.54 30.31 25.13
C1 NAG FA . 1.80 -31.23 -4.41
C2 NAG FA . 0.54 -31.55 -3.58
C3 NAG FA . 0.86 -31.48 -2.10
C4 NAG FA . 1.97 -32.47 -1.77
C5 NAG FA . 3.22 -32.24 -2.64
C6 NAG FA . 4.20 -33.40 -2.48
C7 NAG FA . -1.62 -31.03 -4.63
C8 NAG FA . -2.97 -30.59 -4.13
N2 NAG FA . -0.56 -30.66 -3.90
O3 NAG FA . -0.29 -31.76 -1.32
O4 NAG FA . 2.26 -32.37 -0.39
O5 NAG FA . 2.90 -32.05 -4.02
O6 NAG FA . 5.32 -33.31 -3.34
O7 NAG FA . -1.53 -31.69 -5.66
C1 NAG GA . -20.24 -3.21 -23.01
C2 NAG GA . -20.07 -1.75 -23.47
C3 NAG GA . -20.98 -0.76 -22.72
C4 NAG GA . -22.42 -1.30 -22.70
C5 NAG GA . -22.41 -2.69 -22.05
C6 NAG GA . -23.82 -3.25 -21.94
C7 NAG GA . -18.09 -0.73 -24.43
C8 NAG GA . -17.34 0.54 -24.13
N2 NAG GA . -18.68 -1.33 -23.41
O3 NAG GA . -20.93 0.50 -23.34
O4 NAG GA . -23.30 -0.40 -22.03
O5 NAG GA . -21.60 -3.57 -22.81
O6 NAG GA . -23.77 -4.55 -21.39
O7 NAG GA . -18.16 -1.19 -25.57
C1 NAG HA . 20.10 -1.35 -24.53
C2 NAG HA . 21.21 -1.87 -23.64
C3 NAG HA . 21.75 -0.72 -22.81
C4 NAG HA . 22.03 0.56 -23.62
C5 NAG HA . 21.08 0.78 -24.82
C6 NAG HA . 21.68 1.70 -25.87
C7 NAG HA . 21.48 -4.10 -22.69
C8 NAG HA . 21.55 -4.75 -21.33
N2 NAG HA . 20.80 -2.96 -22.77
O3 NAG HA . 22.92 -1.25 -22.19
O4 NAG HA . 21.77 1.76 -22.90
O5 NAG HA . 20.64 -0.42 -25.42
O6 NAG HA . 20.82 2.80 -26.13
O7 NAG HA . 22.03 -4.62 -23.67
C1 NAG IA . 1.35 22.53 -24.21
C2 NAG IA . 1.45 23.98 -24.70
C3 NAG IA . 2.58 24.18 -25.70
C4 NAG IA . 2.45 23.18 -26.85
C5 NAG IA . 2.29 21.77 -26.30
C6 NAG IA . 3.44 20.89 -26.80
C7 NAG IA . 0.06 25.73 -25.59
C8 NAG IA . -0.54 26.08 -26.92
N2 NAG IA . 0.21 24.44 -25.30
O3 NAG IA . 3.85 24.02 -25.08
O4 NAG IA . 1.34 23.51 -27.67
O5 NAG IA . 2.31 21.74 -24.88
O6 NAG IA . 3.28 19.60 -26.28
O7 NAG IA . 0.40 26.61 -24.81
C1 NAG JA . 88.07 -6.50 -21.12
C2 NAG JA . 89.35 -6.84 -20.35
C3 NAG JA . 89.90 -5.58 -19.68
C4 NAG JA . 90.07 -4.46 -20.70
C5 NAG JA . 88.84 -4.30 -21.60
C6 NAG JA . 89.16 -3.35 -22.77
C7 NAG JA . 89.91 -9.01 -19.31
C8 NAG JA . 89.28 -10.34 -19.61
N2 NAG JA . 89.12 -7.94 -19.43
O3 NAG JA . 91.14 -5.83 -19.04
O4 NAG JA . 90.35 -3.25 -20.03
O5 NAG JA . 88.37 -5.53 -22.12
O6 NAG JA . 88.05 -3.30 -23.65
O7 NAG JA . 91.09 -8.94 -18.98
C1 NAG KA . 68.99 17.82 -19.51
C2 NAG KA . 68.27 18.97 -20.23
C3 NAG KA . 68.91 19.30 -21.58
C4 NAG KA . 69.20 18.05 -22.42
C5 NAG KA . 69.67 16.85 -21.58
C6 NAG KA . 70.83 16.13 -22.25
C7 NAG KA . 65.92 19.63 -20.28
C8 NAG KA . 64.51 19.16 -20.09
N2 NAG KA . 66.86 18.68 -20.38
O3 NAG KA . 70.07 20.08 -21.41
O4 NAG KA . 68.05 17.67 -23.16
O5 NAG KA . 70.05 17.27 -20.28
O6 NAG KA . 71.21 15.02 -21.47
O7 NAG KA . 66.19 20.82 -20.33
C1 NAG LA . 100.78 24.90 25.03
C2 NAG LA . 100.02 26.16 24.61
C3 NAG LA . 100.40 26.57 23.19
C4 NAG LA . 101.90 26.76 23.07
C5 NAG LA . 102.68 25.54 23.61
C6 NAG LA . 104.20 25.81 23.67
C7 NAG LA . 97.85 26.44 25.75
C8 NAG LA . 96.66 27.28 25.40
N2 NAG LA . 98.58 25.99 24.73
O3 NAG LA . 99.70 27.74 22.79
O4 NAG LA . 102.19 26.95 21.71
O5 NAG LA . 102.18 25.09 24.87
O6 NAG LA . 104.67 26.29 24.92
O7 NAG LA . 98.11 26.17 26.93
C1 NAG MA . 71.74 -35.76 1.43
C2 NAG MA . 70.41 -36.13 2.08
C3 NAG MA . 70.50 -35.73 3.56
C4 NAG MA . 71.64 -36.48 4.23
C5 NAG MA . 72.95 -36.44 3.43
C6 NAG MA . 73.90 -37.53 3.95
C7 NAG MA . 68.27 -36.28 0.90
C8 NAG MA . 67.22 -35.58 0.07
N2 NAG MA . 69.29 -35.54 1.36
O3 NAG MA . 69.29 -35.99 4.27
O4 NAG MA . 71.84 -35.95 5.53
O5 NAG MA . 72.75 -36.58 2.01
O6 NAG MA . 75.10 -37.60 3.20
O7 NAG MA . 68.14 -37.48 1.14
C1 NAG NA . 48.03 -8.33 -16.10
C2 NAG NA . 48.09 -6.90 -16.68
C3 NAG NA . 47.45 -5.88 -15.72
C4 NAG NA . 46.04 -6.34 -15.30
C5 NAG NA . 46.17 -7.72 -14.64
C6 NAG NA . 44.83 -8.25 -14.09
C7 NAG NA . 49.91 -6.64 -18.29
C8 NAG NA . 51.04 -5.75 -18.72
N2 NAG NA . 49.44 -6.51 -17.04
O3 NAG NA . 47.40 -4.59 -16.31
O4 NAG NA . 45.41 -5.41 -14.45
O5 NAG NA . 46.74 -8.65 -15.56
O6 NAG NA . 44.33 -9.30 -14.89
O7 NAG NA . 49.45 -7.46 -19.08
#